data_3FCS
#
_entry.id   3FCS
#
_cell.length_a   81.300
_cell.length_b   81.300
_cell.length_c   654.623
_cell.angle_alpha   90.00
_cell.angle_beta   90.00
_cell.angle_gamma   90.00
#
_symmetry.space_group_name_H-M   'P 41'
#
loop_
_entity.id
_entity.type
_entity.pdbx_description
1 polymer 'Integrin, alpha 2b'
2 polymer 'Integrin beta-3'
3 branched 2-acetamido-2-deoxy-beta-D-glucopyranose-(1-4)-2-acetamido-2-deoxy-beta-D-glucopyranose
4 branched alpha-D-mannopyranose-(1-3)-alpha-D-mannopyranose-(1-4)-2-acetamido-2-deoxy-beta-D-glucopyranose-(1-4)-2-acetamido-2-deoxy-beta-D-glucopyranose
5 branched alpha-D-mannopyranose-(1-4)-2-acetamido-2-deoxy-beta-D-glucopyranose-(1-4)-2-acetamido-2-deoxy-beta-D-glucopyranose
6 branched alpha-D-mannopyranose-(1-2)-alpha-D-mannopyranose-(1-3)-alpha-D-mannopyranose-(1-4)-2-acetamido-2-deoxy-beta-D-glucopyranose-(1-4)-2-acetamido-2-deoxy-beta-D-glucopyranose
7 non-polymer 'CALCIUM ION'
8 non-polymer 2-acetamido-2-deoxy-beta-D-glucopyranose
9 non-polymer IMIDAZOLE
10 non-polymer 'MAGNESIUM ION'
11 water water
#
loop_
_entity_poly.entity_id
_entity_poly.type
_entity_poly.pdbx_seq_one_letter_code
_entity_poly.pdbx_strand_id
1 'polypeptide(L)'
;LNLDPVQLTFYAGPNGSQFGFSLDFHKDSHGRVAIVVGAPRTLGPSQEETGGVFLCPWRAEGGQCPSLLFDLRDETRNVG
SQTLQTFKARQGLGASVVSWSDVIVACAPWQHWNVLEKTEEAEKTPVGSCFLAQPESGRRAEYSPCRGNTLSRIYVENDF
SWDKRYCEAGFSSVVTQAGELVLGAPGGYYFLGLLAQAPVADIFSSYRPGILLWHVSSQSLSFDSSNPEYFDGYWGYSVA
VGEFDGDLNTTEYVVGAPTWSWTLGAVEILDSYYQRLHRLRGEQMASYFGHSVAVTDVNGDGRHDLLVGAPLYMESRADR
KLAEVGRVYLFLQPRGPHALGAPSLLLTGTQLYGRFGSAIAPLGDLDRDGYNDIAVAAPYGGPSGRGQVLVFLGQSEGLR
SRPSQVLDSPFPTGSAFGFSLRGAVDIDDNGYPDLIVGAYGANQVAVYRAQPVVKASVQLLVQDSLNPAVKSCVLPQTKT
PVSCFNIQMCVGATGHNIPQKLSLNAELQLDRQKPRQGRRVLLLGSQQAGTTLNLDLGGKHSPICHTTMAFLRDEADFRD
KLSPIVLSLNVSLPPTEAGMAPAVVLHGDTHVQEQTRIVLDCGEDDVCVPQLQLTASVTGSPLLVGADNVLELQMDAANE
GEGAYEAELAVHLPQGAHYMRALSNVEGFERLICNQKKENETRVVLCELGNPMKKNAQIGIAMLVSVGNLEEAGESVSFQ
LQIRSKNSQNPNSKIVLLDVPVRAEAQVELRGNSFPASLVVAAEEGEREQNSLDSWGPKVEHTYELHNNGPGTVNGLHLS
IHLPGQSQPSDLLYILDIQPQGGLQCFPQPPVNPLKVDWGLPIPSPSPIHPAHHKRDRRQIFLPEPEQPSRLQDPVLVSC
DSAPCTVVQCDLQEMARGQRAMVTVLAFLWLPSLYQRPLDQFVLQSHAWFNVSSLPYAVPPLSLPRGEAQVWTQLLRAC
;
A,C
2 'polypeptide(L)'
;GPNICTTRGVSSCQQCLAVSPMCAWCSDEALPLGSPRCDLKENLLKDNCAPESIEFPVSEARVLEDRPLSDKGSGDSSQV
TQVSPQRIALRLRPDDSKNFSIQVRQVEDYPVDIYYLMDLSYSMKDDLWSIQNLGTKLATQMRKLTSNLRIGFGAFVDKP
VSPYMYISPPEALENPCYDMKTTCLPMFGYKHVLTLTDQVTRFNEEVKKQSVSRNRDAPEGGFDAIMQATVCDEKIGWRN
DASHLLVFTTDAKTHIALDGRLAGIVQPNDGQCHVGSDNHYSASTTMDYPSLGLMTEKLSQKNINLIFAVTENVVNLYQN
YSELIPGTTVGVLSMDSSNVLQLIVDAYGKIRSKVELEVRDLPEELSLSFNATCLNNEVIPGLKSCMGLKIGDTVSFSIE
AKVRGCPQEKEKSFTIKPVGFKDSLIVQVTFDCDCACQAQAEPNSHRCNNGNGTFECGVCRCGPGWLGSQCECSEEDYRP
SQQDECSPREGQPVCSQRGECLCGQCVCHSSDFGKITGKYCECDDFSCVRYKGEMCSGHGQCSCGDCLCDSDWTGYYCNC
TTRTDTCMSSNGLLCSGRGKCECGSCVCIQPGSYGDTCEKCPTCPDACTFKKECVECKKFDRGALHDENTCNRYCRDEIE
SVKELKDTGKDAVNCTYKNEDDCVVRFQYYEDSSGKSILYVVEEPECCKG
;
B,D
#
loop_
_chem_comp.id
_chem_comp.type
_chem_comp.name
_chem_comp.formula
CA non-polymer 'CALCIUM ION' 'Ca 2'
IMD non-polymer IMIDAZOLE 'C3 H5 N2 1'
MAN D-saccharide, alpha linking alpha-D-mannopyranose 'C6 H12 O6'
MG non-polymer 'MAGNESIUM ION' 'Mg 2'
NAG D-saccharide, beta linking 2-acetamido-2-deoxy-beta-D-glucopyranose 'C8 H15 N O6'
#
# COMPACT_ATOMS: atom_id res chain seq x y z
N LEU A 1 -39.81 -21.18 28.33
CA LEU A 1 -39.04 -20.80 27.12
C LEU A 1 -39.18 -21.81 26.01
N ASN A 2 -39.29 -23.09 26.37
CA ASN A 2 -39.24 -24.16 25.38
C ASN A 2 -40.40 -25.15 25.43
N LEU A 3 -41.54 -24.71 25.95
CA LEU A 3 -42.77 -25.52 25.88
C LEU A 3 -43.39 -25.37 24.49
N ASP A 4 -43.83 -26.49 23.93
CA ASP A 4 -44.43 -26.51 22.59
C ASP A 4 -45.86 -25.99 22.67
N PRO A 5 -46.12 -24.79 22.11
CA PRO A 5 -47.46 -24.21 22.20
C PRO A 5 -48.43 -24.68 21.12
N VAL A 6 -47.91 -25.32 20.07
CA VAL A 6 -48.73 -25.74 18.94
C VAL A 6 -49.24 -27.17 19.13
N GLN A 7 -48.32 -28.10 19.39
CA GLN A 7 -48.66 -29.51 19.53
C GLN A 7 -49.07 -29.81 20.97
N LEU A 8 -50.30 -29.43 21.31
CA LEU A 8 -50.84 -29.66 22.65
C LEU A 8 -51.64 -30.95 22.69
N THR A 9 -51.83 -31.48 23.90
CA THR A 9 -52.61 -32.70 24.12
C THR A 9 -53.77 -32.42 25.06
N PHE A 10 -54.98 -32.73 24.62
CA PHE A 10 -56.19 -32.42 25.38
C PHE A 10 -56.86 -33.66 25.94
N TYR A 11 -56.99 -33.71 27.27
CA TYR A 11 -57.81 -34.73 27.93
C TYR A 11 -59.11 -34.06 28.38
N ALA A 12 -60.22 -34.76 28.19
CA ALA A 12 -61.54 -34.22 28.53
C ALA A 12 -62.30 -35.16 29.44
N GLY A 13 -63.13 -34.59 30.29
CA GLY A 13 -64.00 -35.35 31.18
C GLY A 13 -65.45 -34.99 30.96
N PRO A 14 -66.37 -35.66 31.68
CA PRO A 14 -67.80 -35.42 31.54
C PRO A 14 -68.19 -33.94 31.70
N ASN A 15 -69.21 -33.50 30.97
CA ASN A 15 -69.67 -32.13 31.06
C ASN A 15 -70.25 -31.84 32.44
N GLY A 16 -69.82 -30.73 33.04
CA GLY A 16 -70.30 -30.33 34.36
C GLY A 16 -69.60 -31.02 35.51
N SER A 17 -68.53 -31.75 35.23
CA SER A 17 -67.80 -32.49 36.25
C SER A 17 -66.66 -31.69 36.87
N GLN A 18 -66.34 -30.55 36.26
CA GLN A 18 -65.18 -29.73 36.66
C GLN A 18 -63.89 -30.53 36.60
N PHE A 19 -63.80 -31.41 35.60
CA PHE A 19 -62.61 -32.19 35.32
C PHE A 19 -61.42 -31.25 35.15
N GLY A 20 -60.39 -31.46 35.96
CA GLY A 20 -59.19 -30.61 35.92
C GLY A 20 -59.16 -29.54 37.00
N PHE A 21 -60.03 -29.65 37.99
CA PHE A 21 -60.00 -28.76 39.15
C PHE A 21 -58.69 -28.94 39.92
N SER A 22 -58.18 -30.16 39.91
CA SER A 22 -56.88 -30.46 40.47
C SER A 22 -56.21 -31.54 39.64
N LEU A 23 -54.89 -31.64 39.74
CA LEU A 23 -54.16 -32.63 38.96
C LEU A 23 -52.76 -32.89 39.52
N ASP A 24 -52.18 -34.02 39.08
CA ASP A 24 -50.85 -34.41 39.49
C ASP A 24 -50.32 -35.52 38.58
N PHE A 25 -49.00 -35.61 38.45
CA PHE A 25 -48.38 -36.69 37.71
C PHE A 25 -48.36 -37.91 38.60
N HIS A 26 -48.60 -39.07 38.02
CA HIS A 26 -48.51 -40.33 38.74
C HIS A 26 -47.61 -41.30 38.01
N LYS A 27 -46.71 -41.94 38.75
CA LYS A 27 -45.73 -42.86 38.19
C LYS A 27 -45.99 -44.25 38.76
N ASP A 28 -46.30 -45.21 37.89
CA ASP A 28 -46.55 -46.59 38.34
C ASP A 28 -45.25 -47.27 38.76
N SER A 29 -45.36 -48.48 39.30
CA SER A 29 -44.19 -49.24 39.71
C SER A 29 -43.27 -49.53 38.53
N HIS A 30 -43.88 -49.72 37.36
CA HIS A 30 -43.12 -50.01 36.14
C HIS A 30 -42.47 -48.76 35.53
N GLY A 31 -42.79 -47.59 36.07
CA GLY A 31 -42.10 -46.35 35.69
C GLY A 31 -42.89 -45.42 34.78
N ARG A 32 -43.86 -45.95 34.04
CA ARG A 32 -44.67 -45.13 33.14
C ARG A 32 -45.37 -44.00 33.89
N VAL A 33 -45.35 -42.81 33.31
CA VAL A 33 -45.99 -41.64 33.90
C VAL A 33 -47.41 -41.49 33.38
N ALA A 34 -48.34 -41.24 34.30
CA ALA A 34 -49.74 -40.97 33.96
C ALA A 34 -50.19 -39.72 34.69
N ILE A 35 -51.41 -39.27 34.39
CA ILE A 35 -51.93 -38.05 34.98
C ILE A 35 -53.18 -38.33 35.80
N VAL A 36 -53.13 -38.00 37.10
CA VAL A 36 -54.29 -38.05 37.95
C VAL A 36 -55.04 -36.73 37.81
N VAL A 37 -56.33 -36.81 37.50
CA VAL A 37 -57.15 -35.62 37.31
C VAL A 37 -58.41 -35.70 38.16
N GLY A 38 -58.70 -34.63 38.89
CA GLY A 38 -59.85 -34.58 39.79
C GLY A 38 -61.03 -33.86 39.18
N ALA A 39 -62.23 -34.41 39.40
CA ALA A 39 -63.47 -33.86 38.85
C ALA A 39 -64.53 -33.83 39.93
N PRO A 40 -64.54 -32.76 40.75
CA PRO A 40 -65.32 -32.70 41.99
C PRO A 40 -66.83 -32.46 41.86
N ARG A 41 -67.39 -32.50 40.66
CA ARG A 41 -68.86 -32.47 40.51
C ARG A 41 -69.36 -33.59 39.60
N THR A 42 -68.53 -34.61 39.41
CA THR A 42 -68.93 -35.77 38.65
C THR A 42 -70.15 -36.36 39.35
N LEU A 43 -71.11 -36.86 38.57
CA LEU A 43 -72.29 -37.46 39.14
C LEU A 43 -71.94 -38.82 39.70
N GLY A 44 -72.57 -39.17 40.82
CA GLY A 44 -72.36 -40.45 41.48
C GLY A 44 -73.38 -41.48 41.05
N PRO A 45 -73.68 -42.46 41.92
CA PRO A 45 -74.62 -43.53 41.59
C PRO A 45 -76.08 -43.12 41.69
N SER A 46 -76.42 -42.32 42.71
CA SER A 46 -77.79 -41.91 42.97
C SER A 46 -78.19 -40.64 42.21
N GLN A 47 -77.50 -40.37 41.11
CA GLN A 47 -77.77 -39.20 40.25
C GLN A 47 -77.54 -37.88 40.99
N GLU A 48 -76.46 -37.81 41.76
CA GLU A 48 -76.12 -36.60 42.52
C GLU A 48 -74.61 -36.37 42.48
N GLU A 49 -74.20 -35.12 42.62
CA GLU A 49 -72.78 -34.78 42.56
C GLU A 49 -72.03 -35.30 43.79
N THR A 50 -71.06 -36.16 43.55
CA THR A 50 -70.19 -36.66 44.62
C THR A 50 -68.70 -36.45 44.30
N GLY A 51 -68.41 -36.02 43.07
CA GLY A 51 -67.03 -35.90 42.62
C GLY A 51 -66.51 -37.22 42.07
N GLY A 52 -65.34 -37.17 41.43
CA GLY A 52 -64.73 -38.35 40.85
C GLY A 52 -63.25 -38.15 40.57
N VAL A 53 -62.55 -39.25 40.30
CA VAL A 53 -61.12 -39.19 39.99
C VAL A 53 -60.79 -40.05 38.79
N PHE A 54 -60.13 -39.45 37.80
CA PHE A 54 -59.72 -40.17 36.61
C PHE A 54 -58.21 -40.40 36.61
N LEU A 55 -57.77 -41.40 35.87
CA LEU A 55 -56.35 -41.67 35.73
C LEU A 55 -56.01 -41.77 34.25
N CYS A 56 -55.51 -40.67 33.70
CA CYS A 56 -55.22 -40.59 32.27
C CYS A 56 -53.84 -41.16 31.99
N PRO A 57 -53.76 -42.12 31.07
CA PRO A 57 -52.46 -42.58 30.61
C PRO A 57 -51.93 -41.61 29.57
N TRP A 58 -50.61 -41.58 29.39
CA TRP A 58 -50.00 -40.64 28.46
C TRP A 58 -50.18 -41.06 27.01
N ARG A 59 -51.04 -40.34 26.30
CA ARG A 59 -51.17 -40.49 24.86
C ARG A 59 -51.03 -39.12 24.22
N ALA A 60 -50.25 -39.03 23.15
CA ALA A 60 -50.02 -37.76 22.46
C ALA A 60 -51.33 -37.13 21.98
N GLU A 61 -52.28 -37.96 21.57
CA GLU A 61 -53.56 -37.48 21.06
C GLU A 61 -54.52 -37.04 22.17
N GLY A 62 -54.32 -37.55 23.38
CA GLY A 62 -55.21 -37.26 24.50
C GLY A 62 -56.52 -38.02 24.37
N GLY A 63 -57.56 -37.54 25.03
CA GLY A 63 -58.90 -38.13 24.91
C GLY A 63 -59.62 -38.34 26.22
N GLN A 64 -60.48 -39.35 26.27
CA GLN A 64 -61.24 -39.68 27.47
C GLN A 64 -60.40 -40.61 28.35
N CYS A 65 -60.51 -40.44 29.67
CA CYS A 65 -59.74 -41.25 30.61
C CYS A 65 -60.67 -42.17 31.39
N PRO A 66 -60.12 -43.30 31.88
CA PRO A 66 -60.88 -44.15 32.79
C PRO A 66 -60.94 -43.53 34.18
N SER A 67 -61.93 -43.91 34.97
CA SER A 67 -62.07 -43.39 36.34
C SER A 67 -61.67 -44.46 37.35
N LEU A 68 -61.15 -44.00 38.49
CA LEU A 68 -60.85 -44.89 39.61
C LEU A 68 -62.13 -45.09 40.42
N LEU A 69 -62.46 -46.36 40.70
CA LEU A 69 -63.67 -46.68 41.46
C LEU A 69 -63.49 -46.32 42.94
N PHE A 70 -64.45 -45.59 43.49
CA PHE A 70 -64.45 -45.27 44.92
C PHE A 70 -65.83 -45.47 45.52
N ASP A 71 -65.89 -45.87 46.79
CA ASP A 71 -67.15 -46.03 47.47
C ASP A 71 -67.83 -44.67 47.63
N LEU A 72 -68.91 -44.48 46.88
CA LEU A 72 -69.69 -43.25 46.94
C LEU A 72 -71.00 -43.45 47.70
N ARG A 73 -71.11 -44.56 48.41
CA ARG A 73 -72.31 -44.85 49.21
C ARG A 73 -72.19 -44.18 50.57
N ASP A 74 -73.32 -43.83 51.16
CA ASP A 74 -73.35 -43.32 52.53
C ASP A 74 -73.29 -44.48 53.50
N GLU A 75 -72.51 -44.34 54.57
CA GLU A 75 -72.41 -45.37 55.58
C GLU A 75 -73.21 -44.99 56.82
N THR A 76 -73.72 -46.00 57.51
CA THR A 76 -74.37 -45.82 58.80
C THR A 76 -74.02 -47.00 59.69
N ARG A 77 -73.35 -46.71 60.81
CA ARG A 77 -72.93 -47.75 61.74
C ARG A 77 -73.32 -47.39 63.17
N ASN A 78 -74.05 -48.30 63.81
CA ASN A 78 -74.49 -48.08 65.19
C ASN A 78 -73.49 -48.68 66.18
N VAL A 79 -72.92 -47.82 67.01
CA VAL A 79 -71.97 -48.24 68.03
C VAL A 79 -72.45 -47.78 69.40
N GLY A 80 -73.06 -48.71 70.13
CA GLY A 80 -73.65 -48.39 71.43
C GLY A 80 -74.85 -47.47 71.26
N SER A 81 -74.88 -46.41 72.05
CA SER A 81 -75.96 -45.43 72.00
C SER A 81 -75.86 -44.54 70.77
N GLN A 82 -74.64 -44.39 70.25
CA GLN A 82 -74.38 -43.47 69.14
C GLN A 82 -74.69 -44.10 67.78
N THR A 83 -74.94 -43.24 66.80
CA THR A 83 -75.15 -43.65 65.42
C THR A 83 -74.31 -42.78 64.49
N LEU A 84 -73.31 -43.39 63.87
CA LEU A 84 -72.38 -42.67 62.99
C LEU A 84 -72.96 -42.55 61.57
N GLN A 85 -72.83 -41.37 60.98
CA GLN A 85 -73.38 -41.10 59.65
C GLN A 85 -72.38 -40.35 58.77
N THR A 86 -72.17 -40.83 57.55
CA THR A 86 -71.36 -40.14 56.55
C THR A 86 -72.26 -39.72 55.39
N PHE A 87 -72.04 -38.51 54.87
CA PHE A 87 -72.86 -37.98 53.79
C PHE A 87 -71.98 -37.51 52.63
N LYS A 88 -72.03 -38.25 51.53
CA LYS A 88 -71.13 -38.01 50.39
C LYS A 88 -71.76 -37.17 49.29
N ALA A 89 -72.98 -36.67 49.51
CA ALA A 89 -73.61 -35.78 48.56
C ALA A 89 -72.84 -34.47 48.50
N ARG A 90 -72.45 -34.07 47.30
CA ARG A 90 -71.67 -32.84 47.08
C ARG A 90 -70.41 -32.79 47.95
N GLN A 91 -69.79 -33.95 48.15
CA GLN A 91 -68.57 -34.05 48.94
C GLN A 91 -67.36 -33.45 48.21
N GLY A 92 -67.44 -33.38 46.88
CA GLY A 92 -66.39 -32.77 46.07
C GLY A 92 -65.14 -33.62 45.95
N LEU A 93 -65.33 -34.93 45.80
CA LEU A 93 -64.22 -35.84 45.64
C LEU A 93 -63.38 -35.40 44.44
N GLY A 94 -62.06 -35.34 44.64
CA GLY A 94 -61.16 -34.88 43.59
C GLY A 94 -60.94 -33.38 43.60
N ALA A 95 -61.43 -32.70 44.64
CA ALA A 95 -61.17 -31.28 44.80
C ALA A 95 -59.68 -31.05 45.03
N SER A 96 -59.00 -32.08 45.50
CA SER A 96 -57.54 -32.09 45.52
C SER A 96 -57.08 -33.53 45.28
N VAL A 97 -55.99 -33.67 44.55
CA VAL A 97 -55.39 -34.97 44.30
C VAL A 97 -53.89 -34.85 44.42
N VAL A 98 -53.23 -35.92 44.86
CA VAL A 98 -51.78 -35.92 44.95
C VAL A 98 -51.28 -37.36 44.92
N SER A 99 -50.20 -37.58 44.19
CA SER A 99 -49.60 -38.89 44.06
C SER A 99 -48.36 -38.99 44.92
N TRP A 100 -48.08 -40.20 45.40
CA TRP A 100 -46.80 -40.49 46.05
C TRP A 100 -46.48 -41.97 45.86
N SER A 101 -45.24 -42.26 45.49
CA SER A 101 -44.82 -43.62 45.19
C SER A 101 -45.82 -44.25 44.21
N ASP A 102 -46.42 -45.37 44.59
CA ASP A 102 -47.43 -46.02 43.76
C ASP A 102 -48.83 -45.82 44.37
N VAL A 103 -49.05 -44.68 44.99
CA VAL A 103 -50.31 -44.38 45.66
C VAL A 103 -50.89 -43.06 45.19
N ILE A 104 -52.21 -43.02 45.09
CA ILE A 104 -52.93 -41.79 44.76
C ILE A 104 -53.83 -41.43 45.92
N VAL A 105 -53.87 -40.15 46.27
CA VAL A 105 -54.68 -39.65 47.36
C VAL A 105 -55.65 -38.60 46.82
N ALA A 106 -56.95 -38.89 46.89
CA ALA A 106 -57.99 -37.96 46.45
C ALA A 106 -58.91 -37.61 47.62
N CYS A 107 -59.19 -36.33 47.81
CA CYS A 107 -59.96 -35.88 48.97
C CYS A 107 -61.32 -35.27 48.60
N ALA A 108 -62.26 -35.37 49.53
CA ALA A 108 -63.55 -34.71 49.40
C ALA A 108 -63.72 -33.77 50.59
N PRO A 109 -63.29 -32.50 50.44
CA PRO A 109 -63.32 -31.52 51.53
C PRO A 109 -64.69 -31.34 52.18
N TRP A 110 -65.74 -31.35 51.38
CA TRP A 110 -67.08 -31.06 51.89
C TRP A 110 -67.92 -32.31 52.13
N GLN A 111 -67.27 -33.43 52.46
CA GLN A 111 -67.99 -34.61 52.92
C GLN A 111 -68.49 -34.35 54.33
N HIS A 112 -69.80 -34.33 54.50
CA HIS A 112 -70.40 -34.07 55.80
C HIS A 112 -70.43 -35.31 56.68
N TRP A 113 -70.75 -35.12 57.95
CA TRP A 113 -70.68 -36.17 58.94
C TRP A 113 -71.42 -35.75 60.19
N ASN A 114 -72.12 -36.70 60.81
CA ASN A 114 -72.92 -36.42 62.01
C ASN A 114 -73.00 -37.65 62.92
N VAL A 115 -73.13 -37.41 64.22
CA VAL A 115 -73.31 -38.46 65.19
C VAL A 115 -74.60 -38.20 65.98
N LEU A 116 -75.49 -39.18 65.98
CA LEU A 116 -76.77 -39.05 66.68
C LEU A 116 -76.75 -39.83 67.99
N GLU A 117 -77.35 -39.26 69.03
CA GLU A 117 -77.49 -39.95 70.31
C GLU A 117 -78.78 -39.49 70.98
N LYS A 118 -79.81 -40.33 70.90
CA LYS A 118 -81.14 -40.02 71.43
C LYS A 118 -81.62 -38.65 70.93
N THR A 119 -81.81 -37.70 71.84
CA THR A 119 -82.30 -36.38 71.46
C THR A 119 -81.20 -35.53 70.84
N GLU A 120 -79.99 -35.69 71.33
CA GLU A 120 -78.89 -34.80 70.97
C GLU A 120 -78.16 -35.27 69.70
N GLU A 121 -77.27 -34.42 69.21
CA GLU A 121 -76.46 -34.73 68.03
C GLU A 121 -75.13 -33.97 68.09
N ALA A 122 -74.22 -34.33 67.19
CA ALA A 122 -72.92 -33.65 67.08
C ALA A 122 -72.93 -32.65 65.92
N GLU A 123 -74.10 -32.45 65.31
CA GLU A 123 -74.29 -31.54 64.17
C GLU A 123 -73.68 -32.04 62.87
N LYS A 124 -74.47 -31.95 61.80
CA LYS A 124 -74.07 -32.39 60.47
C LYS A 124 -73.12 -31.38 59.85
N THR A 125 -71.82 -31.69 59.85
CA THR A 125 -70.80 -30.72 59.47
C THR A 125 -69.77 -31.27 58.47
N PRO A 126 -69.20 -30.39 57.63
CA PRO A 126 -68.24 -30.80 56.61
C PRO A 126 -66.85 -31.08 57.18
N VAL A 127 -66.68 -32.25 57.78
CA VAL A 127 -65.40 -32.64 58.38
C VAL A 127 -64.32 -32.91 57.35
N GLY A 128 -64.73 -33.25 56.13
CA GLY A 128 -63.79 -33.59 55.07
C GLY A 128 -63.33 -35.04 55.15
N SER A 129 -62.78 -35.55 54.05
CA SER A 129 -62.31 -36.93 54.00
C SER A 129 -61.42 -37.17 52.77
N CYS A 130 -60.53 -38.14 52.86
CA CYS A 130 -59.66 -38.49 51.74
C CYS A 130 -59.72 -39.97 51.45
N PHE A 131 -59.74 -40.31 50.16
CA PHE A 131 -59.73 -41.69 49.70
C PHE A 131 -58.35 -42.01 49.15
N LEU A 132 -57.77 -43.11 49.60
CA LEU A 132 -56.44 -43.52 49.13
C LEU A 132 -56.58 -44.76 48.27
N ALA A 133 -55.79 -44.82 47.19
CA ALA A 133 -55.88 -45.92 46.24
C ALA A 133 -54.52 -46.35 45.70
N GLN A 134 -54.36 -47.66 45.51
CA GLN A 134 -53.16 -48.24 44.93
C GLN A 134 -53.57 -49.05 43.70
N PRO A 135 -53.67 -48.39 42.54
CA PRO A 135 -54.25 -48.95 41.32
C PRO A 135 -53.86 -50.39 41.02
N GLU A 136 -52.57 -50.68 41.02
CA GLU A 136 -52.06 -51.97 40.56
C GLU A 136 -52.47 -53.15 41.45
N SER A 137 -52.59 -52.90 42.75
CA SER A 137 -53.08 -53.92 43.68
C SER A 137 -54.59 -53.82 43.86
N GLY A 138 -55.13 -52.63 43.66
CA GLY A 138 -56.57 -52.40 43.84
C GLY A 138 -56.92 -52.12 45.29
N ARG A 139 -55.91 -51.92 46.13
CA ARG A 139 -56.13 -51.62 47.54
C ARG A 139 -56.71 -50.23 47.71
N ARG A 140 -57.59 -50.09 48.69
CA ARG A 140 -58.20 -48.81 49.00
C ARG A 140 -58.06 -48.51 50.48
N ALA A 141 -58.22 -47.23 50.84
CA ALA A 141 -58.19 -46.82 52.23
C ALA A 141 -58.86 -45.47 52.35
N GLU A 142 -59.16 -45.07 53.58
CA GLU A 142 -59.73 -43.76 53.84
C GLU A 142 -59.04 -43.08 55.01
N TYR A 143 -59.05 -41.75 54.98
CA TYR A 143 -58.47 -40.95 56.05
C TYR A 143 -59.32 -39.71 56.29
N SER A 144 -59.77 -39.55 57.54
CA SER A 144 -60.66 -38.45 57.91
C SER A 144 -60.46 -38.12 59.39
N PRO A 145 -59.42 -37.35 59.70
CA PRO A 145 -58.97 -37.14 61.08
C PRO A 145 -59.82 -36.17 61.90
N CYS A 146 -60.79 -35.50 61.28
CA CYS A 146 -61.61 -34.53 61.98
C CYS A 146 -62.96 -35.10 62.43
N ARG A 147 -63.17 -36.40 62.25
CA ARG A 147 -64.38 -37.05 62.74
C ARG A 147 -64.28 -37.24 64.25
N GLY A 148 -65.26 -36.72 64.98
CA GLY A 148 -65.33 -36.91 66.43
C GLY A 148 -66.67 -37.51 66.81
N ASN A 149 -66.83 -37.80 68.10
CA ASN A 149 -68.11 -38.30 68.61
C ASN A 149 -68.56 -37.55 69.86
N THR A 150 -68.23 -36.27 69.92
CA THR A 150 -68.68 -35.40 71.01
C THR A 150 -69.97 -34.71 70.60
N LEU A 151 -70.92 -34.61 71.52
CA LEU A 151 -72.22 -34.01 71.24
C LEU A 151 -72.13 -32.49 71.14
N SER A 152 -73.16 -31.88 70.57
CA SER A 152 -73.20 -30.43 70.37
C SER A 152 -73.16 -29.65 71.68
N ARG A 153 -73.73 -30.23 72.73
CA ARG A 153 -73.80 -29.57 74.04
C ARG A 153 -72.42 -29.31 74.64
N ILE A 154 -71.49 -30.25 74.47
CA ILE A 154 -70.17 -30.16 75.11
C ILE A 154 -69.30 -29.04 74.52
N TYR A 155 -69.41 -28.81 73.21
CA TYR A 155 -68.67 -27.74 72.57
C TYR A 155 -69.09 -26.37 73.10
N VAL A 156 -70.40 -26.18 73.24
CA VAL A 156 -70.96 -24.91 73.73
C VAL A 156 -70.47 -24.62 75.15
N GLU A 157 -70.42 -25.66 75.98
CA GLU A 157 -69.95 -25.52 77.36
C GLU A 157 -68.47 -25.18 77.43
N ASN A 158 -67.70 -25.55 76.41
CA ASN A 158 -66.26 -25.26 76.37
C ASN A 158 -65.90 -24.17 75.34
N ASP A 159 -66.86 -23.30 75.03
CA ASP A 159 -66.63 -22.19 74.11
C ASP A 159 -66.05 -22.62 72.77
N PHE A 160 -66.56 -23.74 72.24
CA PHE A 160 -66.13 -24.26 70.95
C PHE A 160 -64.61 -24.42 70.85
N SER A 161 -64.01 -24.95 71.90
CA SER A 161 -62.57 -25.18 71.94
C SER A 161 -62.25 -26.51 71.27
N TRP A 162 -61.17 -26.53 70.49
CA TRP A 162 -60.75 -27.73 69.76
C TRP A 162 -61.91 -28.32 68.95
N ASP A 163 -62.57 -27.47 68.17
CA ASP A 163 -63.74 -27.87 67.39
C ASP A 163 -63.33 -28.19 65.95
N LYS A 164 -63.22 -29.49 65.64
CA LYS A 164 -62.78 -29.92 64.31
C LYS A 164 -63.94 -30.24 63.37
N ARG A 165 -65.15 -29.85 63.75
CA ARG A 165 -66.35 -30.23 63.00
C ARG A 165 -66.39 -29.69 61.58
N TYR A 166 -65.75 -28.55 61.33
CA TYR A 166 -65.84 -27.87 60.02
C TYR A 166 -64.51 -27.89 59.28
N CYS A 167 -63.60 -28.77 59.69
CA CYS A 167 -62.27 -28.91 59.09
C CYS A 167 -62.22 -28.71 57.59
N GLU A 168 -63.03 -29.48 56.88
CA GLU A 168 -62.89 -29.64 55.44
C GLU A 168 -61.47 -30.09 55.12
N ALA A 169 -61.05 -31.18 55.75
CA ALA A 169 -59.72 -31.73 55.55
C ALA A 169 -59.56 -32.25 54.13
N GLY A 170 -58.45 -31.89 53.50
CA GLY A 170 -58.18 -32.26 52.11
C GLY A 170 -58.36 -31.08 51.17
N PHE A 171 -58.86 -29.97 51.69
CA PHE A 171 -58.94 -28.72 50.95
C PHE A 171 -57.64 -28.53 50.17
N SER A 172 -56.53 -28.63 50.88
CA SER A 172 -55.21 -28.71 50.25
C SER A 172 -54.53 -29.97 50.76
N SER A 173 -53.58 -30.46 49.98
CA SER A 173 -52.87 -31.68 50.34
C SER A 173 -51.47 -31.71 49.74
N VAL A 174 -50.59 -32.45 50.39
CA VAL A 174 -49.23 -32.64 49.92
C VAL A 174 -48.65 -33.85 50.66
N VAL A 175 -47.73 -34.56 50.02
CA VAL A 175 -47.11 -35.71 50.64
C VAL A 175 -45.60 -35.55 50.61
N THR A 176 -44.95 -35.88 51.73
CA THR A 176 -43.50 -35.78 51.84
C THR A 176 -42.84 -36.93 51.09
N GLN A 177 -41.54 -36.80 50.84
N GLN A 177 -41.54 -36.80 50.84
CA GLN A 177 -40.79 -37.88 50.19
CA GLN A 177 -40.79 -37.88 50.19
C GLN A 177 -40.67 -39.10 51.09
C GLN A 177 -40.67 -39.10 51.09
N ALA A 178 -40.75 -38.88 52.41
CA ALA A 178 -40.74 -39.97 53.38
C ALA A 178 -42.08 -40.72 53.42
N GLY A 179 -43.11 -40.12 52.82
CA GLY A 179 -44.43 -40.75 52.71
C GLY A 179 -45.41 -40.31 53.78
N GLU A 180 -45.37 -39.02 54.10
CA GLU A 180 -46.24 -38.46 55.14
C GLU A 180 -47.26 -37.52 54.53
N LEU A 181 -48.52 -37.96 54.52
CA LEU A 181 -49.60 -37.17 53.95
C LEU A 181 -49.97 -36.00 54.87
N VAL A 182 -49.80 -34.78 54.36
CA VAL A 182 -50.15 -33.59 55.11
C VAL A 182 -51.39 -32.94 54.49
N LEU A 183 -52.49 -32.93 55.24
CA LEU A 183 -53.74 -32.33 54.78
C LEU A 183 -53.92 -30.95 55.39
N GLY A 184 -54.31 -29.99 54.57
CA GLY A 184 -54.72 -28.68 55.05
C GLY A 184 -56.22 -28.65 55.27
N ALA A 185 -56.64 -28.15 56.43
CA ALA A 185 -58.05 -28.04 56.78
C ALA A 185 -58.34 -26.65 57.30
N PRO A 186 -58.68 -25.71 56.41
CA PRO A 186 -58.84 -24.30 56.79
C PRO A 186 -60.05 -24.03 57.69
N GLY A 187 -61.01 -24.94 57.72
CA GLY A 187 -62.20 -24.76 58.55
C GLY A 187 -62.05 -25.25 59.99
N GLY A 188 -60.90 -25.86 60.29
CA GLY A 188 -60.66 -26.45 61.61
C GLY A 188 -60.68 -25.44 62.75
N TYR A 189 -60.91 -25.95 63.95
CA TYR A 189 -60.98 -25.12 65.16
C TYR A 189 -61.83 -23.88 64.91
N TYR A 190 -63.05 -24.11 64.46
CA TYR A 190 -64.00 -23.03 64.18
C TYR A 190 -63.46 -22.01 63.19
N PHE A 191 -62.97 -22.51 62.06
CA PHE A 191 -62.50 -21.68 60.94
C PHE A 191 -61.20 -20.93 61.23
N LEU A 192 -60.44 -21.43 62.20
CA LEU A 192 -59.09 -20.95 62.44
C LEU A 192 -58.17 -21.63 61.44
N GLY A 193 -58.36 -22.93 61.27
CA GLY A 193 -57.58 -23.71 60.33
C GLY A 193 -56.60 -24.62 61.04
N LEU A 194 -56.43 -25.84 60.52
CA LEU A 194 -55.51 -26.80 61.12
C LEU A 194 -54.89 -27.72 60.08
N LEU A 195 -53.80 -28.38 60.45
CA LEU A 195 -53.13 -29.34 59.60
C LEU A 195 -53.19 -30.72 60.22
N ALA A 196 -53.39 -31.73 59.36
CA ALA A 196 -53.43 -33.12 59.81
C ALA A 196 -52.41 -33.94 59.05
N GLN A 197 -51.49 -34.56 59.77
CA GLN A 197 -50.43 -35.34 59.16
C GLN A 197 -50.47 -36.78 59.62
N ALA A 198 -50.15 -37.71 58.72
CA ALA A 198 -50.04 -39.12 59.05
C ALA A 198 -49.29 -39.85 57.92
N PRO A 199 -48.49 -40.86 58.26
CA PRO A 199 -47.82 -41.64 57.23
C PRO A 199 -48.80 -42.51 56.43
N VAL A 200 -48.61 -42.57 55.12
CA VAL A 200 -49.53 -43.30 54.25
C VAL A 200 -49.62 -44.78 54.61
N ALA A 201 -48.47 -45.40 54.86
CA ALA A 201 -48.42 -46.81 55.26
C ALA A 201 -49.33 -47.10 56.46
N ASP A 202 -49.36 -46.17 57.42
CA ASP A 202 -50.15 -46.34 58.62
C ASP A 202 -51.65 -46.11 58.37
N ILE A 203 -51.97 -45.28 57.39
CA ILE A 203 -53.37 -45.06 57.02
C ILE A 203 -53.98 -46.33 56.43
N PHE A 204 -53.21 -47.03 55.59
CA PHE A 204 -53.68 -48.27 54.98
C PHE A 204 -53.81 -49.39 55.99
N SER A 205 -52.78 -49.59 56.81
CA SER A 205 -52.78 -50.66 57.81
C SER A 205 -53.82 -50.40 58.91
N SER A 206 -54.05 -49.13 59.23
CA SER A 206 -55.02 -48.76 60.26
C SER A 206 -56.47 -48.83 59.77
N TYR A 207 -56.66 -48.84 58.46
CA TYR A 207 -58.01 -48.80 57.89
C TYR A 207 -58.78 -50.10 58.12
N ARG A 208 -60.07 -49.94 58.46
CA ARG A 208 -60.97 -51.07 58.66
C ARG A 208 -62.35 -50.72 58.09
N PRO A 209 -62.76 -51.43 57.02
CA PRO A 209 -64.10 -51.22 56.45
C PRO A 209 -65.20 -51.48 57.48
N GLY A 210 -66.16 -50.58 57.54
CA GLY A 210 -67.27 -50.70 58.50
C GLY A 210 -67.01 -49.96 59.80
N ILE A 211 -65.81 -49.43 59.96
CA ILE A 211 -65.46 -48.61 61.12
C ILE A 211 -65.25 -47.18 60.65
N LEU A 212 -66.22 -46.32 60.92
CA LEU A 212 -66.18 -44.94 60.45
C LEU A 212 -65.29 -44.09 61.35
N LEU A 213 -65.38 -44.31 62.65
CA LEU A 213 -64.60 -43.54 63.62
C LEU A 213 -63.44 -44.37 64.15
N TRP A 214 -62.21 -43.95 63.85
CA TRP A 214 -61.02 -44.58 64.39
C TRP A 214 -59.87 -43.58 64.37
N HIS A 215 -58.78 -43.95 65.03
CA HIS A 215 -57.61 -43.08 65.13
C HIS A 215 -56.37 -43.78 64.58
N VAL A 216 -55.57 -43.03 63.83
CA VAL A 216 -54.35 -43.58 63.23
C VAL A 216 -53.15 -43.28 64.13
N SER A 217 -53.15 -43.87 65.32
CA SER A 217 -52.06 -43.73 66.29
C SER A 217 -51.00 -42.69 65.92
N SER A 218 -50.26 -42.94 64.84
CA SER A 218 -49.11 -42.13 64.46
C SER A 218 -49.42 -40.77 63.81
N GLN A 219 -50.68 -40.36 63.79
CA GLN A 219 -51.02 -39.07 63.20
C GLN A 219 -50.74 -37.93 64.17
N SER A 220 -50.73 -36.71 63.65
CA SER A 220 -50.47 -35.52 64.46
C SER A 220 -51.13 -34.30 63.84
N LEU A 221 -51.82 -33.53 64.67
CA LEU A 221 -52.54 -32.34 64.21
C LEU A 221 -51.95 -31.08 64.82
N SER A 222 -52.25 -29.94 64.19
CA SER A 222 -51.84 -28.65 64.71
C SER A 222 -52.73 -28.28 65.88
N PHE A 223 -52.47 -27.12 66.48
CA PHE A 223 -53.15 -26.74 67.71
C PHE A 223 -54.12 -25.57 67.56
N ASP A 224 -54.98 -25.40 68.54
CA ASP A 224 -55.95 -24.33 68.59
C ASP A 224 -55.29 -23.09 69.19
N SER A 225 -56.00 -21.97 69.19
CA SER A 225 -55.47 -20.73 69.72
C SER A 225 -56.57 -19.81 70.23
N SER A 226 -56.21 -18.92 71.15
CA SER A 226 -57.13 -17.89 71.64
C SER A 226 -56.71 -16.51 71.13
N ASN A 227 -55.74 -16.49 70.21
CA ASN A 227 -55.24 -15.24 69.62
C ASN A 227 -56.20 -14.76 68.53
N PRO A 228 -56.72 -13.52 68.66
CA PRO A 228 -57.63 -12.96 67.65
C PRO A 228 -57.07 -12.91 66.24
N GLU A 229 -55.75 -12.75 66.11
CA GLU A 229 -55.10 -12.68 64.81
C GLU A 229 -55.45 -13.87 63.91
N TYR A 230 -55.59 -15.04 64.51
CA TYR A 230 -55.81 -16.28 63.76
C TYR A 230 -57.28 -16.59 63.45
N PHE A 231 -58.21 -15.91 64.13
CA PHE A 231 -59.62 -16.20 63.93
C PHE A 231 -60.03 -15.94 62.49
N ASP A 232 -60.70 -16.93 61.89
CA ASP A 232 -61.16 -16.84 60.49
C ASP A 232 -60.00 -16.62 59.52
N GLY A 233 -58.84 -17.22 59.82
CA GLY A 233 -57.65 -17.05 58.99
C GLY A 233 -57.52 -18.10 57.89
N TYR A 234 -58.30 -19.17 58.00
CA TYR A 234 -58.25 -20.28 57.05
C TYR A 234 -56.84 -20.84 56.88
N TRP A 235 -56.17 -21.01 58.02
CA TRP A 235 -54.84 -21.60 58.09
C TRP A 235 -54.86 -23.00 57.47
N GLY A 236 -54.13 -23.17 56.38
CA GLY A 236 -54.11 -24.45 55.65
C GLY A 236 -54.94 -24.45 54.37
N TYR A 237 -55.31 -23.26 53.91
CA TYR A 237 -55.96 -23.06 52.62
C TYR A 237 -55.08 -23.65 51.53
N SER A 238 -53.77 -23.61 51.76
CA SER A 238 -52.80 -24.24 50.88
C SER A 238 -51.69 -24.83 51.75
N VAL A 239 -50.94 -25.79 51.19
CA VAL A 239 -49.85 -26.41 51.92
C VAL A 239 -48.72 -26.80 50.98
N ALA A 240 -47.52 -26.93 51.54
CA ALA A 240 -46.36 -27.38 50.78
C ALA A 240 -45.29 -27.83 51.77
N VAL A 241 -44.23 -28.45 51.25
CA VAL A 241 -43.15 -28.94 52.09
C VAL A 241 -41.80 -28.51 51.53
N GLY A 242 -40.78 -28.56 52.38
CA GLY A 242 -39.43 -28.22 51.94
C GLY A 242 -38.41 -28.32 53.05
N GLU A 243 -37.30 -27.60 52.86
CA GLU A 243 -36.20 -27.60 53.80
C GLU A 243 -35.83 -26.16 54.10
N PHE A 244 -36.01 -25.75 55.35
CA PHE A 244 -35.77 -24.37 55.74
C PHE A 244 -35.03 -24.20 57.06
N ASP A 245 -34.68 -25.30 57.73
CA ASP A 245 -34.04 -25.22 59.04
C ASP A 245 -32.57 -25.68 59.05
N GLY A 246 -32.12 -26.29 57.95
CA GLY A 246 -30.73 -26.75 57.85
C GLY A 246 -30.57 -28.24 58.08
N ASP A 247 -31.30 -28.77 59.05
CA ASP A 247 -31.27 -30.20 59.35
C ASP A 247 -32.08 -30.96 58.29
N LEU A 248 -31.39 -31.84 57.57
CA LEU A 248 -32.01 -32.62 56.50
C LEU A 248 -32.87 -33.76 57.04
N ASN A 249 -32.64 -34.16 58.28
CA ASN A 249 -33.42 -35.24 58.90
C ASN A 249 -34.89 -34.86 59.04
N THR A 250 -35.15 -33.65 59.55
CA THR A 250 -36.50 -33.14 59.69
C THR A 250 -37.00 -32.56 58.38
N THR A 251 -38.32 -32.37 58.27
CA THR A 251 -38.92 -31.71 57.12
C THR A 251 -39.86 -30.62 57.61
N GLU A 252 -39.86 -29.49 56.90
CA GLU A 252 -40.61 -28.31 57.32
C GLU A 252 -41.87 -28.15 56.49
N TYR A 253 -42.94 -27.68 57.14
CA TYR A 253 -44.20 -27.42 56.46
C TYR A 253 -44.29 -25.96 56.04
N VAL A 254 -45.06 -25.70 54.98
CA VAL A 254 -45.35 -24.34 54.55
C VAL A 254 -46.86 -24.20 54.40
N VAL A 255 -47.44 -23.28 55.16
CA VAL A 255 -48.89 -23.16 55.25
C VAL A 255 -49.37 -21.77 54.87
N GLY A 256 -50.50 -21.71 54.17
CA GLY A 256 -51.11 -20.44 53.79
C GLY A 256 -52.37 -20.15 54.59
N ALA A 257 -52.43 -18.96 55.17
CA ALA A 257 -53.62 -18.49 55.87
C ALA A 257 -54.04 -17.16 55.24
N PRO A 258 -54.79 -17.23 54.13
CA PRO A 258 -55.03 -16.07 53.29
C PRO A 258 -55.92 -14.97 53.87
N THR A 259 -56.57 -15.22 55.00
CA THR A 259 -57.36 -14.19 55.65
C THR A 259 -56.90 -13.94 57.08
N TRP A 260 -55.65 -14.31 57.37
CA TRP A 260 -55.07 -14.15 58.70
C TRP A 260 -55.01 -12.69 59.11
N SER A 261 -55.17 -12.45 60.41
CA SER A 261 -55.12 -11.10 60.97
C SER A 261 -56.01 -10.13 60.21
N TRP A 262 -57.32 -10.34 60.30
CA TRP A 262 -58.31 -9.46 59.69
C TRP A 262 -58.04 -9.26 58.20
N THR A 263 -57.99 -10.38 57.49
CA THR A 263 -57.81 -10.42 56.04
C THR A 263 -56.51 -9.80 55.54
N LEU A 264 -55.52 -9.66 56.43
CA LEU A 264 -54.21 -9.18 56.01
C LEU A 264 -53.50 -10.27 55.22
N GLY A 265 -53.68 -11.51 55.64
CA GLY A 265 -53.08 -12.67 54.97
C GLY A 265 -51.71 -12.98 55.53
N ALA A 266 -51.37 -14.27 55.56
CA ALA A 266 -50.07 -14.69 56.08
C ALA A 266 -49.68 -16.08 55.62
N VAL A 267 -48.36 -16.29 55.49
CA VAL A 267 -47.80 -17.61 55.22
C VAL A 267 -46.78 -17.94 56.31
N GLU A 268 -46.90 -19.12 56.90
CA GLU A 268 -46.01 -19.54 57.98
C GLU A 268 -45.17 -20.75 57.60
N ILE A 269 -43.93 -20.78 58.07
CA ILE A 269 -43.08 -21.96 57.93
C ILE A 269 -42.91 -22.61 59.30
N LEU A 270 -43.25 -23.89 59.39
CA LEU A 270 -43.29 -24.60 60.67
C LEU A 270 -42.44 -25.86 60.60
N ASP A 271 -42.01 -26.35 61.77
CA ASP A 271 -41.30 -27.62 61.84
C ASP A 271 -42.31 -28.77 61.93
N SER A 272 -41.82 -30.00 61.94
CA SER A 272 -42.68 -31.19 61.98
C SER A 272 -43.60 -31.22 63.20
N TYR A 273 -43.21 -30.52 64.27
CA TYR A 273 -44.05 -30.42 65.47
C TYR A 273 -44.88 -29.13 65.46
N TYR A 274 -45.08 -28.54 64.29
CA TYR A 274 -45.96 -27.39 64.10
C TYR A 274 -45.56 -26.14 64.90
N GLN A 275 -44.26 -25.96 65.13
CA GLN A 275 -43.76 -24.74 65.77
C GLN A 275 -43.35 -23.74 64.68
N ARG A 276 -43.74 -22.49 64.85
N ARG A 276 -43.74 -22.48 64.85
CA ARG A 276 -43.48 -21.45 63.87
CA ARG A 276 -43.49 -21.46 63.85
C ARG A 276 -41.98 -21.14 63.76
C ARG A 276 -42.00 -21.10 63.75
N LEU A 277 -41.46 -21.18 62.53
CA LEU A 277 -40.07 -20.79 62.28
C LEU A 277 -40.04 -19.38 61.71
N HIS A 278 -40.89 -19.13 60.73
CA HIS A 278 -41.08 -17.78 60.19
C HIS A 278 -42.57 -17.54 59.91
N ARG A 279 -42.95 -16.27 59.84
CA ARG A 279 -44.27 -15.86 59.40
C ARG A 279 -44.10 -14.72 58.40
N LEU A 280 -44.62 -14.90 57.19
CA LEU A 280 -44.56 -13.87 56.17
C LEU A 280 -45.90 -13.16 56.09
N ARG A 281 -45.90 -11.86 56.35
CA ARG A 281 -47.12 -11.09 56.43
C ARG A 281 -47.54 -10.60 55.05
N GLY A 282 -48.85 -10.54 54.83
CA GLY A 282 -49.38 -9.99 53.59
C GLY A 282 -49.18 -8.49 53.50
N GLU A 283 -49.10 -7.99 52.28
CA GLU A 283 -48.81 -6.57 52.02
C GLU A 283 -50.06 -5.70 52.08
N GLN A 284 -51.20 -6.28 51.71
CA GLN A 284 -52.41 -5.51 51.48
C GLN A 284 -53.63 -6.33 51.87
N MET A 285 -54.59 -5.69 52.53
CA MET A 285 -55.79 -6.36 53.01
C MET A 285 -56.65 -6.83 51.84
N ALA A 286 -57.25 -8.01 52.02
CA ALA A 286 -58.12 -8.61 51.01
C ALA A 286 -57.40 -9.00 49.72
N SER A 287 -56.07 -9.15 49.79
CA SER A 287 -55.29 -9.54 48.62
C SER A 287 -55.15 -11.06 48.53
N TYR A 288 -55.61 -11.75 49.56
CA TYR A 288 -55.50 -13.21 49.63
C TYR A 288 -54.07 -13.70 49.50
N PHE A 289 -53.16 -13.01 50.19
CA PHE A 289 -51.77 -13.43 50.30
C PHE A 289 -51.74 -14.77 51.02
N GLY A 290 -51.21 -15.78 50.34
CA GLY A 290 -51.19 -17.14 50.88
C GLY A 290 -52.20 -18.05 50.22
N HIS A 291 -52.84 -17.57 49.16
CA HIS A 291 -53.74 -18.40 48.37
C HIS A 291 -52.96 -19.56 47.73
N SER A 292 -51.73 -19.28 47.32
CA SER A 292 -50.86 -20.31 46.74
C SER A 292 -49.48 -20.25 47.36
N VAL A 293 -48.86 -21.41 47.55
CA VAL A 293 -47.49 -21.52 48.02
C VAL A 293 -46.74 -22.54 47.18
N ALA A 294 -45.49 -22.25 46.88
CA ALA A 294 -44.64 -23.18 46.13
C ALA A 294 -43.25 -23.17 46.74
N VAL A 295 -42.55 -24.29 46.63
CA VAL A 295 -41.21 -24.41 47.18
C VAL A 295 -40.26 -25.00 46.14
N THR A 296 -39.24 -24.24 45.79
CA THR A 296 -38.19 -24.70 44.88
C THR A 296 -36.97 -23.81 45.00
N ASP A 297 -35.80 -24.36 44.72
CA ASP A 297 -34.57 -23.58 44.67
C ASP A 297 -34.46 -22.98 43.28
N VAL A 298 -34.74 -21.69 43.17
CA VAL A 298 -34.74 -21.02 41.87
C VAL A 298 -33.39 -20.43 41.50
N ASN A 299 -32.61 -20.00 42.50
CA ASN A 299 -31.32 -19.37 42.23
C ASN A 299 -30.14 -20.34 42.19
N GLY A 300 -30.43 -21.64 42.32
CA GLY A 300 -29.44 -22.69 42.10
C GLY A 300 -28.29 -22.71 43.09
N ASP A 301 -28.61 -22.54 44.37
CA ASP A 301 -27.60 -22.62 45.43
C ASP A 301 -27.90 -23.75 46.42
N GLY A 302 -28.86 -24.60 46.08
CA GLY A 302 -29.22 -25.73 46.94
C GLY A 302 -30.38 -25.46 47.87
N ARG A 303 -30.44 -24.25 48.41
CA ARG A 303 -31.45 -23.90 49.42
C ARG A 303 -32.81 -23.57 48.80
N HIS A 304 -33.87 -24.20 49.31
CA HIS A 304 -35.22 -23.97 48.82
C HIS A 304 -35.62 -22.51 49.00
N ASP A 305 -36.32 -21.97 47.99
CA ASP A 305 -36.86 -20.63 48.07
C ASP A 305 -38.39 -20.72 48.12
N LEU A 306 -39.02 -19.69 48.65
CA LEU A 306 -40.48 -19.68 48.80
C LEU A 306 -41.15 -18.68 47.86
N LEU A 307 -42.23 -19.13 47.21
CA LEU A 307 -43.07 -18.26 46.41
C LEU A 307 -44.45 -18.19 47.04
N VAL A 308 -45.03 -17.00 47.09
CA VAL A 308 -46.35 -16.80 47.67
C VAL A 308 -47.26 -16.06 46.69
N GLY A 309 -48.53 -16.48 46.62
CA GLY A 309 -49.49 -15.88 45.71
C GLY A 309 -50.53 -15.02 46.43
N ALA A 310 -50.84 -13.87 45.83
CA ALA A 310 -51.90 -12.98 46.31
C ALA A 310 -52.73 -12.53 45.11
N PRO A 311 -53.63 -13.40 44.64
CA PRO A 311 -54.34 -13.20 43.37
C PRO A 311 -55.22 -11.94 43.32
N LEU A 312 -55.67 -11.47 44.47
CA LEU A 312 -56.54 -10.30 44.51
C LEU A 312 -55.77 -9.02 44.85
N TYR A 313 -54.45 -9.04 44.69
CA TYR A 313 -53.65 -7.85 44.96
C TYR A 313 -54.03 -6.72 44.01
N MET A 314 -54.22 -5.53 44.57
CA MET A 314 -54.58 -4.35 43.78
C MET A 314 -53.40 -3.40 43.72
N GLU A 315 -53.14 -2.85 42.54
CA GLU A 315 -52.15 -1.80 42.35
C GLU A 315 -52.87 -0.51 41.94
N SER A 316 -52.11 0.58 41.84
CA SER A 316 -52.68 1.87 41.46
C SER A 316 -52.55 2.12 39.96
N ARG A 317 -53.49 2.89 39.42
CA ARG A 317 -53.46 3.31 38.02
C ARG A 317 -54.11 4.69 37.89
N ALA A 318 -53.73 5.42 36.85
CA ALA A 318 -54.25 6.76 36.61
C ALA A 318 -55.77 6.82 36.78
N ASP A 319 -56.49 6.00 36.02
CA ASP A 319 -57.95 5.98 36.07
C ASP A 319 -58.51 4.89 36.99
N ARG A 320 -57.68 4.38 37.89
CA ARG A 320 -58.10 3.31 38.80
C ARG A 320 -57.19 3.18 40.01
N LYS A 321 -57.66 3.66 41.16
CA LYS A 321 -56.92 3.50 42.41
C LYS A 321 -56.81 2.03 42.79
N LEU A 322 -57.94 1.33 42.75
CA LEU A 322 -57.98 -0.08 43.10
C LEU A 322 -58.03 -0.94 41.83
N ALA A 323 -56.86 -1.16 41.24
CA ALA A 323 -56.76 -1.99 40.05
C ALA A 323 -56.30 -3.39 40.42
N GLU A 324 -57.25 -4.30 40.59
CA GLU A 324 -56.97 -5.69 40.94
C GLU A 324 -56.29 -6.40 39.78
N VAL A 325 -55.13 -7.00 40.05
CA VAL A 325 -54.38 -7.73 39.03
C VAL A 325 -53.76 -9.04 39.53
N GLY A 326 -53.33 -9.07 40.79
CA GLY A 326 -52.66 -10.24 41.36
C GLY A 326 -51.16 -10.00 41.48
N ARG A 327 -50.53 -10.69 42.42
CA ARG A 327 -49.10 -10.51 42.66
C ARG A 327 -48.45 -11.75 43.26
N VAL A 328 -47.25 -12.08 42.79
CA VAL A 328 -46.46 -13.19 43.32
C VAL A 328 -45.22 -12.65 44.04
N TYR A 329 -44.89 -13.27 45.17
CA TYR A 329 -43.76 -12.84 45.99
C TYR A 329 -42.69 -13.92 46.03
N LEU A 330 -41.42 -13.51 45.89
CA LEU A 330 -40.29 -14.43 45.92
C LEU A 330 -39.37 -14.14 47.10
N PHE A 331 -39.18 -15.15 47.94
CA PHE A 331 -38.26 -15.06 49.07
C PHE A 331 -37.13 -16.07 48.91
N LEU A 332 -35.91 -15.58 48.73
CA LEU A 332 -34.74 -16.45 48.67
C LEU A 332 -34.28 -16.79 50.08
N GLN A 333 -33.99 -18.08 50.32
CA GLN A 333 -33.52 -18.52 51.63
C GLN A 333 -32.02 -18.26 51.75
N PRO A 334 -31.63 -17.45 52.74
CA PRO A 334 -30.22 -17.11 52.95
C PRO A 334 -29.47 -18.19 53.72
N ARG A 335 -28.16 -17.99 53.90
CA ARG A 335 -27.32 -18.90 54.67
C ARG A 335 -27.63 -18.83 56.17
N GLY A 336 -27.28 -19.90 56.88
CA GLY A 336 -27.38 -19.92 58.34
C GLY A 336 -28.82 -19.86 58.83
N PRO A 337 -29.01 -19.33 60.05
CA PRO A 337 -30.32 -19.21 60.68
C PRO A 337 -30.99 -17.84 60.47
N HIS A 338 -30.52 -17.08 59.48
CA HIS A 338 -31.09 -15.77 59.19
C HIS A 338 -32.56 -15.90 58.79
N ALA A 339 -33.38 -14.94 59.22
CA ALA A 339 -34.79 -14.94 58.89
C ALA A 339 -35.01 -14.46 57.45
N LEU A 340 -36.01 -15.03 56.79
CA LEU A 340 -36.39 -14.58 55.46
C LEU A 340 -36.84 -13.13 55.53
N GLY A 341 -36.09 -12.23 54.88
CA GLY A 341 -36.37 -10.81 54.93
C GLY A 341 -37.47 -10.40 53.98
N ALA A 342 -37.35 -9.20 53.43
CA ALA A 342 -38.31 -8.71 52.45
C ALA A 342 -38.21 -9.53 51.16
N PRO A 343 -39.23 -9.45 50.30
CA PRO A 343 -39.20 -10.18 49.05
C PRO A 343 -37.98 -9.82 48.21
N SER A 344 -37.36 -10.84 47.60
CA SER A 344 -36.26 -10.61 46.67
C SER A 344 -36.78 -10.19 45.31
N LEU A 345 -38.04 -10.52 45.03
CA LEU A 345 -38.67 -10.13 43.76
C LEU A 345 -40.19 -10.05 43.88
N LEU A 346 -40.77 -9.13 43.13
CA LEU A 346 -42.22 -8.98 43.05
C LEU A 346 -42.64 -9.09 41.59
N LEU A 347 -43.48 -10.08 41.30
CA LEU A 347 -44.08 -10.22 39.98
C LEU A 347 -45.54 -9.80 40.09
N THR A 348 -45.97 -8.89 39.22
CA THR A 348 -47.33 -8.35 39.30
C THR A 348 -48.06 -8.46 37.96
N GLY A 349 -49.28 -8.97 38.01
CA GLY A 349 -50.10 -9.14 36.82
C GLY A 349 -50.47 -7.82 36.16
N THR A 350 -50.78 -7.88 34.87
CA THR A 350 -51.08 -6.68 34.08
C THR A 350 -52.55 -6.58 33.70
N GLN A 351 -53.23 -7.72 33.61
CA GLN A 351 -54.63 -7.73 33.24
C GLN A 351 -55.51 -7.49 34.47
N LEU A 352 -56.58 -6.73 34.28
CA LEU A 352 -57.51 -6.42 35.36
C LEU A 352 -58.35 -7.65 35.68
N TYR A 353 -58.48 -7.95 36.98
CA TYR A 353 -59.23 -9.12 37.47
C TYR A 353 -58.69 -10.45 36.93
N GLY A 354 -57.40 -10.51 36.67
CA GLY A 354 -56.79 -11.71 36.08
C GLY A 354 -56.50 -12.82 37.08
N ARG A 355 -56.28 -12.46 38.33
CA ARG A 355 -55.94 -13.40 39.40
C ARG A 355 -54.59 -14.05 39.17
N PHE A 356 -53.64 -13.22 38.78
CA PHE A 356 -52.25 -13.61 38.65
C PHE A 356 -51.76 -14.10 40.01
N GLY A 357 -51.34 -15.36 40.08
CA GLY A 357 -50.82 -15.92 41.33
C GLY A 357 -51.76 -16.89 42.03
N SER A 358 -52.88 -17.22 41.40
CA SER A 358 -53.80 -18.20 41.97
C SER A 358 -53.23 -19.63 41.92
N ALA A 359 -52.24 -19.85 41.05
CA ALA A 359 -51.53 -21.12 41.00
C ALA A 359 -50.05 -20.87 40.70
N ILE A 360 -49.17 -21.59 41.38
CA ILE A 360 -47.73 -21.47 41.17
C ILE A 360 -47.11 -22.85 41.16
N ALA A 361 -46.53 -23.24 40.01
CA ALA A 361 -45.99 -24.58 39.85
C ALA A 361 -44.48 -24.55 39.61
N PRO A 362 -43.72 -25.24 40.45
CA PRO A 362 -42.31 -25.47 40.15
C PRO A 362 -42.18 -26.34 38.91
N LEU A 363 -41.34 -25.93 37.96
CA LEU A 363 -41.23 -26.65 36.69
C LEU A 363 -39.99 -27.53 36.64
N GLY A 364 -39.14 -27.44 37.67
CA GLY A 364 -37.82 -28.02 37.60
C GLY A 364 -36.98 -27.16 36.68
N ASP A 365 -35.99 -27.74 36.03
CA ASP A 365 -35.19 -27.00 35.06
C ASP A 365 -35.75 -27.26 33.66
N LEU A 366 -36.63 -26.35 33.23
CA LEU A 366 -37.36 -26.51 31.98
C LEU A 366 -36.46 -26.45 30.75
N ASP A 367 -35.41 -25.64 30.81
CA ASP A 367 -34.49 -25.49 29.69
C ASP A 367 -33.11 -26.08 29.95
N ARG A 368 -32.92 -26.69 31.11
CA ARG A 368 -31.66 -27.35 31.47
C ARG A 368 -30.47 -26.40 31.43
N ASP A 369 -30.67 -25.17 31.90
CA ASP A 369 -29.60 -24.18 31.94
C ASP A 369 -28.89 -24.16 33.29
N GLY A 370 -29.39 -24.95 34.23
CA GLY A 370 -28.78 -25.07 35.56
C GLY A 370 -29.64 -24.56 36.69
N TYR A 371 -30.65 -23.74 36.36
CA TYR A 371 -31.52 -23.14 37.37
C TYR A 371 -32.96 -23.60 37.20
N ASN A 372 -33.63 -23.86 38.32
CA ASN A 372 -35.03 -24.28 38.29
C ASN A 372 -35.95 -23.11 37.96
N ASP A 373 -37.09 -23.44 37.37
CA ASP A 373 -38.02 -22.45 36.84
C ASP A 373 -39.41 -22.68 37.40
N ILE A 374 -40.25 -21.64 37.33
CA ILE A 374 -41.63 -21.74 37.80
C ILE A 374 -42.63 -21.32 36.73
N ALA A 375 -43.87 -21.74 36.93
CA ALA A 375 -44.99 -21.30 36.11
C ALA A 375 -46.01 -20.65 37.02
N VAL A 376 -46.51 -19.50 36.63
CA VAL A 376 -47.52 -18.79 37.41
C VAL A 376 -48.77 -18.67 36.56
N ALA A 377 -49.93 -18.80 37.19
CA ALA A 377 -51.19 -18.87 36.46
C ALA A 377 -52.06 -17.64 36.69
N ALA A 378 -52.70 -17.19 35.61
CA ALA A 378 -53.68 -16.12 35.67
C ALA A 378 -54.97 -16.63 35.00
N PRO A 379 -55.83 -17.32 35.76
CA PRO A 379 -57.03 -17.97 35.24
C PRO A 379 -57.94 -17.10 34.39
N TYR A 380 -57.83 -15.78 34.54
CA TYR A 380 -58.64 -14.85 33.77
C TYR A 380 -57.77 -13.74 33.17
N GLY A 381 -56.50 -14.07 32.90
CA GLY A 381 -55.55 -13.11 32.33
C GLY A 381 -55.60 -13.07 30.82
N GLY A 382 -54.77 -12.20 30.25
CA GLY A 382 -54.77 -11.97 28.81
C GLY A 382 -55.81 -10.93 28.43
N PRO A 383 -55.56 -10.19 27.32
CA PRO A 383 -56.49 -9.17 26.84
C PRO A 383 -57.94 -9.65 26.69
N SER A 384 -58.10 -10.93 26.35
CA SER A 384 -59.43 -11.52 26.22
C SER A 384 -60.03 -11.85 27.59
N GLY A 385 -59.18 -12.22 28.53
CA GLY A 385 -59.62 -12.62 29.85
C GLY A 385 -59.84 -14.12 29.94
N ARG A 386 -59.49 -14.82 28.87
CA ARG A 386 -59.71 -16.27 28.79
C ARG A 386 -58.75 -17.08 29.66
N GLY A 387 -57.63 -16.47 30.05
CA GLY A 387 -56.67 -17.12 30.95
C GLY A 387 -55.27 -17.23 30.37
N GLN A 388 -54.26 -17.15 31.24
CA GLN A 388 -52.86 -17.23 30.83
C GLN A 388 -52.02 -18.01 31.84
N VAL A 389 -50.89 -18.52 31.36
CA VAL A 389 -49.91 -19.16 32.22
C VAL A 389 -48.54 -18.65 31.79
N LEU A 390 -47.85 -17.96 32.70
CA LEU A 390 -46.57 -17.32 32.39
C LEU A 390 -45.41 -18.07 33.03
N VAL A 391 -44.38 -18.35 32.23
CA VAL A 391 -43.20 -19.06 32.71
C VAL A 391 -42.09 -18.09 33.06
N PHE A 392 -41.44 -18.32 34.19
CA PHE A 392 -40.31 -17.52 34.64
C PHE A 392 -39.10 -18.41 34.90
N LEU A 393 -37.97 -18.07 34.28
CA LEU A 393 -36.78 -18.90 34.37
C LEU A 393 -35.90 -18.49 35.55
N GLY A 394 -35.18 -19.46 36.10
CA GLY A 394 -34.27 -19.22 37.21
C GLY A 394 -32.98 -18.60 36.75
N GLN A 395 -32.37 -17.81 37.62
CA GLN A 395 -31.11 -17.15 37.33
C GLN A 395 -30.24 -17.15 38.59
N SER A 396 -29.05 -16.58 38.48
CA SER A 396 -28.12 -16.52 39.61
C SER A 396 -28.69 -15.74 40.80
N GLU A 397 -29.52 -14.74 40.51
CA GLU A 397 -30.08 -13.87 41.56
C GLU A 397 -31.56 -14.15 41.84
N GLY A 398 -32.02 -15.36 41.50
CA GLY A 398 -33.41 -15.75 41.75
C GLY A 398 -34.18 -16.02 40.48
N LEU A 399 -35.04 -15.08 40.10
CA LEU A 399 -35.87 -15.22 38.91
C LEU A 399 -35.78 -13.99 38.03
N ARG A 400 -36.08 -14.18 36.74
CA ARG A 400 -36.17 -13.08 35.81
C ARG A 400 -37.47 -12.34 36.07
N SER A 401 -37.44 -11.02 35.98
CA SER A 401 -38.63 -10.21 36.20
C SER A 401 -39.59 -10.35 35.01
N ARG A 402 -39.05 -10.57 33.82
CA ARG A 402 -39.87 -10.76 32.62
C ARG A 402 -40.05 -12.23 32.31
N PRO A 403 -41.23 -12.61 31.80
CA PRO A 403 -41.46 -14.00 31.46
C PRO A 403 -40.79 -14.38 30.13
N SER A 404 -40.34 -15.62 30.03
CA SER A 404 -39.69 -16.11 28.82
C SER A 404 -40.72 -16.72 27.86
N GLN A 405 -41.90 -17.02 28.38
CA GLN A 405 -42.94 -17.69 27.58
C GLN A 405 -44.32 -17.49 28.19
N VAL A 406 -45.29 -17.11 27.37
CA VAL A 406 -46.67 -16.91 27.81
C VAL A 406 -47.61 -17.82 27.04
N LEU A 407 -48.38 -18.62 27.78
CA LEU A 407 -49.30 -19.59 27.20
C LEU A 407 -50.75 -19.11 27.32
N ASP A 408 -51.36 -18.77 26.19
CA ASP A 408 -52.75 -18.30 26.18
C ASP A 408 -53.73 -19.48 26.22
N SER A 409 -54.89 -19.26 26.83
CA SER A 409 -55.88 -20.31 27.00
C SER A 409 -56.48 -20.77 25.67
N PRO A 410 -56.39 -22.08 25.38
CA PRO A 410 -56.99 -22.61 24.16
C PRO A 410 -58.48 -22.93 24.33
N PHE A 411 -59.05 -22.61 25.49
CA PHE A 411 -60.44 -22.91 25.77
C PHE A 411 -61.29 -21.63 25.77
N PRO A 412 -62.62 -21.78 25.71
CA PRO A 412 -63.48 -20.60 25.69
C PRO A 412 -63.57 -19.91 27.05
N THR A 413 -64.23 -18.76 27.09
CA THR A 413 -64.32 -17.94 28.28
C THR A 413 -64.91 -18.72 29.47
N GLY A 414 -64.35 -18.48 30.64
CA GLY A 414 -64.84 -19.07 31.88
C GLY A 414 -64.28 -20.45 32.18
N SER A 415 -63.27 -20.88 31.44
CA SER A 415 -62.69 -22.21 31.64
C SER A 415 -61.83 -22.31 32.90
N ALA A 416 -61.35 -21.16 33.38
CA ALA A 416 -60.42 -21.11 34.51
C ALA A 416 -59.09 -21.78 34.16
N PHE A 417 -58.65 -21.59 32.92
CA PHE A 417 -57.38 -22.12 32.43
C PHE A 417 -56.24 -21.66 33.33
N GLY A 418 -55.60 -22.63 33.99
CA GLY A 418 -54.48 -22.33 34.89
C GLY A 418 -54.89 -22.22 36.36
N PHE A 419 -56.05 -22.75 36.71
CA PHE A 419 -56.48 -22.76 38.11
C PHE A 419 -55.71 -23.82 38.86
N SER A 420 -55.27 -24.86 38.14
CA SER A 420 -54.40 -25.88 38.72
C SER A 420 -53.24 -26.17 37.77
N LEU A 421 -52.06 -26.38 38.33
CA LEU A 421 -50.84 -26.60 37.54
C LEU A 421 -49.92 -27.62 38.20
N ARG A 422 -49.23 -28.39 37.39
CA ARG A 422 -48.17 -29.29 37.85
C ARG A 422 -47.07 -29.40 36.81
N GLY A 423 -45.83 -29.33 37.25
CA GLY A 423 -44.68 -29.50 36.37
C GLY A 423 -43.62 -30.38 37.01
N ALA A 424 -42.39 -30.26 36.54
CA ALA A 424 -41.24 -30.93 37.13
C ALA A 424 -41.14 -32.41 36.76
N VAL A 425 -41.97 -32.87 35.83
CA VAL A 425 -42.02 -34.29 35.48
C VAL A 425 -41.98 -34.49 33.97
N ASP A 426 -41.10 -35.38 33.52
CA ASP A 426 -40.96 -35.69 32.11
C ASP A 426 -41.95 -36.79 31.71
N ILE A 427 -43.01 -36.41 30.99
CA ILE A 427 -44.09 -37.35 30.67
C ILE A 427 -43.81 -38.18 29.41
N ASP A 428 -43.00 -37.66 28.51
CA ASP A 428 -42.72 -38.35 27.24
C ASP A 428 -41.26 -38.84 27.15
N ASP A 429 -40.53 -38.74 28.27
CA ASP A 429 -39.20 -39.31 28.37
C ASP A 429 -38.22 -38.74 27.35
N ASN A 430 -38.25 -37.43 27.17
CA ASN A 430 -37.31 -36.76 26.26
C ASN A 430 -36.21 -36.00 27.01
N GLY A 431 -36.23 -36.05 28.34
CA GLY A 431 -35.18 -35.44 29.15
C GLY A 431 -35.52 -34.05 29.66
N TYR A 432 -36.68 -33.53 29.27
CA TYR A 432 -37.10 -32.19 29.69
C TYR A 432 -38.45 -32.26 30.38
N PRO A 433 -38.59 -31.59 31.54
CA PRO A 433 -39.83 -31.64 32.31
C PRO A 433 -40.96 -30.91 31.61
N ASP A 434 -42.18 -31.38 31.82
CA ASP A 434 -43.34 -30.88 31.09
C ASP A 434 -44.35 -30.22 32.03
N LEU A 435 -45.41 -29.66 31.45
CA LEU A 435 -46.40 -28.90 32.20
C LEU A 435 -47.83 -29.34 31.88
N ILE A 436 -48.61 -29.59 32.91
CA ILE A 436 -50.04 -29.84 32.73
C ILE A 436 -50.83 -28.71 33.37
N VAL A 437 -51.84 -28.24 32.65
CA VAL A 437 -52.65 -27.09 33.06
C VAL A 437 -54.12 -27.48 33.09
N GLY A 438 -54.76 -27.27 34.24
CA GLY A 438 -56.17 -27.58 34.39
C GLY A 438 -57.04 -26.45 33.92
N ALA A 439 -58.23 -26.79 33.43
CA ALA A 439 -59.25 -25.81 33.08
C ALA A 439 -60.62 -26.41 33.41
N TYR A 440 -60.98 -26.36 34.69
CA TYR A 440 -62.18 -27.05 35.19
C TYR A 440 -63.46 -26.51 34.59
N GLY A 441 -63.48 -25.22 34.23
CA GLY A 441 -64.64 -24.61 33.59
C GLY A 441 -64.93 -25.21 32.22
N ALA A 442 -63.89 -25.69 31.55
CA ALA A 442 -64.04 -26.35 30.25
C ALA A 442 -64.01 -27.87 30.38
N ASN A 443 -63.95 -28.36 31.62
CA ASN A 443 -63.89 -29.80 31.89
C ASN A 443 -62.78 -30.49 31.10
N GLN A 444 -61.61 -29.86 31.06
CA GLN A 444 -60.49 -30.40 30.30
C GLN A 444 -59.14 -30.13 30.95
N VAL A 445 -58.13 -30.84 30.47
CA VAL A 445 -56.75 -30.66 30.89
C VAL A 445 -55.86 -30.53 29.66
N ALA A 446 -55.01 -29.51 29.64
CA ALA A 446 -54.05 -29.32 28.55
C ALA A 446 -52.67 -29.82 28.97
N VAL A 447 -51.90 -30.35 28.02
CA VAL A 447 -50.54 -30.81 28.30
C VAL A 447 -49.52 -30.18 27.36
N TYR A 448 -48.56 -29.46 27.92
CA TYR A 448 -47.48 -28.84 27.15
C TYR A 448 -46.18 -29.63 27.35
N ARG A 449 -45.49 -29.92 26.26
CA ARG A 449 -44.23 -30.66 26.31
C ARG A 449 -43.04 -29.74 26.08
N ALA A 450 -41.97 -29.98 26.82
CA ALA A 450 -40.74 -29.21 26.67
C ALA A 450 -39.93 -29.74 25.48
N GLN A 451 -39.57 -28.83 24.57
CA GLN A 451 -38.74 -29.19 23.42
C GLN A 451 -37.26 -29.13 23.80
N PRO A 452 -36.41 -29.91 23.12
CA PRO A 452 -34.97 -29.86 23.40
C PRO A 452 -34.39 -28.48 23.07
N VAL A 453 -33.48 -28.02 23.93
CA VAL A 453 -32.91 -26.69 23.81
C VAL A 453 -31.48 -26.75 23.28
N VAL A 454 -31.28 -26.21 22.08
CA VAL A 454 -29.96 -26.21 21.45
C VAL A 454 -29.22 -24.90 21.73
N LYS A 455 -28.07 -25.01 22.40
CA LYS A 455 -27.27 -23.84 22.74
C LYS A 455 -26.18 -23.59 21.68
N ALA A 456 -26.44 -22.62 20.80
CA ALA A 456 -25.51 -22.32 19.70
C ALA A 456 -24.35 -21.46 20.18
N SER A 457 -23.17 -21.76 19.67
CA SER A 457 -21.98 -20.95 19.92
C SER A 457 -21.42 -20.48 18.58
N VAL A 458 -21.02 -19.21 18.52
CA VAL A 458 -20.50 -18.62 17.30
C VAL A 458 -19.25 -17.82 17.59
N GLN A 459 -18.32 -17.84 16.64
CA GLN A 459 -17.04 -17.15 16.79
C GLN A 459 -16.52 -16.79 15.40
N LEU A 460 -15.80 -15.68 15.32
CA LEU A 460 -15.33 -15.16 14.05
C LEU A 460 -13.92 -14.61 14.21
N LEU A 461 -12.96 -15.20 13.53
CA LEU A 461 -11.56 -14.81 13.71
C LEU A 461 -10.96 -14.21 12.44
N VAL A 462 -10.45 -12.99 12.55
CA VAL A 462 -9.87 -12.28 11.42
C VAL A 462 -8.67 -11.46 11.86
N GLN A 463 -7.83 -11.06 10.90
CA GLN A 463 -6.67 -10.24 11.18
C GLN A 463 -7.09 -8.88 11.73
N ASP A 464 -6.26 -8.30 12.57
CA ASP A 464 -6.57 -7.00 13.17
C ASP A 464 -6.29 -5.85 12.20
N SER A 465 -5.53 -6.10 11.15
CA SER A 465 -5.22 -5.07 10.16
C SER A 465 -4.89 -5.66 8.79
N LEU A 466 -5.30 -4.96 7.74
CA LEU A 466 -5.08 -5.39 6.38
C LEU A 466 -4.17 -4.41 5.65
N ASN A 467 -3.17 -4.94 4.93
CA ASN A 467 -2.22 -4.11 4.21
C ASN A 467 -2.45 -4.20 2.70
N PRO A 468 -3.01 -3.15 2.08
CA PRO A 468 -3.24 -3.18 0.64
C PRO A 468 -1.97 -3.44 -0.15
N ALA A 469 -0.87 -2.86 0.28
CA ALA A 469 0.41 -2.95 -0.42
C ALA A 469 1.00 -4.36 -0.46
N VAL A 470 0.44 -5.29 0.31
CA VAL A 470 0.87 -6.69 0.28
C VAL A 470 -0.17 -7.54 -0.47
N LYS A 471 0.20 -7.97 -1.67
CA LYS A 471 -0.66 -8.78 -2.52
C LYS A 471 -0.04 -10.15 -2.74
N SER A 472 -0.55 -11.16 -2.03
CA SER A 472 0.02 -12.50 -2.08
C SER A 472 -0.86 -13.51 -2.83
N CYS A 473 -2.10 -13.12 -3.14
CA CYS A 473 -3.00 -13.99 -3.89
C CYS A 473 -3.25 -13.43 -5.28
N VAL A 474 -3.85 -14.26 -6.13
CA VAL A 474 -4.32 -13.82 -7.43
C VAL A 474 -5.76 -14.31 -7.61
N LEU A 475 -6.58 -13.50 -8.26
CA LEU A 475 -7.94 -13.91 -8.58
C LEU A 475 -7.91 -15.19 -9.42
N PRO A 476 -8.69 -16.20 -9.02
CA PRO A 476 -8.70 -17.47 -9.75
C PRO A 476 -8.90 -17.30 -11.25
N GLN A 477 -8.33 -18.21 -12.03
CA GLN A 477 -8.44 -18.20 -13.49
C GLN A 477 -7.63 -17.07 -14.12
N THR A 478 -7.83 -15.84 -13.66
CA THR A 478 -6.98 -14.72 -14.06
C THR A 478 -5.69 -14.78 -13.27
N LYS A 479 -4.87 -13.74 -13.38
CA LYS A 479 -3.67 -13.61 -12.56
C LYS A 479 -3.52 -12.17 -12.10
N THR A 480 -4.56 -11.65 -11.46
CA THR A 480 -4.56 -10.28 -10.95
C THR A 480 -4.22 -10.29 -9.47
N PRO A 481 -3.01 -9.80 -9.11
CA PRO A 481 -2.61 -9.81 -7.71
C PRO A 481 -3.62 -9.10 -6.80
N VAL A 482 -3.91 -9.70 -5.65
CA VAL A 482 -4.86 -9.14 -4.70
C VAL A 482 -4.38 -9.32 -3.27
N SER A 483 -4.64 -8.31 -2.43
CA SER A 483 -4.32 -8.41 -1.02
C SER A 483 -5.38 -9.25 -0.33
N CYS A 484 -5.04 -10.50 -0.06
CA CYS A 484 -5.98 -11.48 0.50
C CYS A 484 -5.75 -11.71 1.99
N PHE A 485 -6.74 -12.29 2.66
CA PHE A 485 -6.64 -12.60 4.08
C PHE A 485 -7.65 -13.66 4.49
N ASN A 486 -7.27 -14.52 5.42
CA ASN A 486 -8.13 -15.61 5.88
C ASN A 486 -9.22 -15.11 6.82
N ILE A 487 -10.34 -15.82 6.83
CA ILE A 487 -11.40 -15.58 7.79
C ILE A 487 -11.85 -16.93 8.33
N GLN A 488 -11.78 -17.11 9.64
CA GLN A 488 -12.23 -18.34 10.26
C GLN A 488 -13.53 -18.11 11.00
N MET A 489 -14.45 -19.06 10.85
CA MET A 489 -15.72 -19.00 11.53
C MET A 489 -15.99 -20.35 12.19
N CYS A 490 -16.28 -20.31 13.49
CA CYS A 490 -16.51 -21.53 14.26
C CYS A 490 -17.89 -21.53 14.88
N VAL A 491 -18.66 -22.57 14.58
CA VAL A 491 -20.00 -22.73 15.14
C VAL A 491 -20.09 -24.04 15.90
N GLY A 492 -20.61 -23.98 17.13
CA GLY A 492 -20.86 -25.17 17.92
C GLY A 492 -22.31 -25.22 18.36
N ALA A 493 -22.74 -26.37 18.87
CA ALA A 493 -24.12 -26.56 19.27
C ALA A 493 -24.20 -27.62 20.35
N THR A 494 -24.64 -27.23 21.54
CA THR A 494 -24.73 -28.15 22.68
C THR A 494 -26.16 -28.21 23.22
N GLY A 495 -26.40 -29.15 24.13
CA GLY A 495 -27.71 -29.34 24.72
C GLY A 495 -28.00 -30.81 24.94
N HIS A 496 -28.98 -31.11 25.80
CA HIS A 496 -29.30 -32.50 26.12
C HIS A 496 -30.36 -33.06 25.17
N ASN A 497 -30.20 -34.34 24.83
CA ASN A 497 -31.14 -35.06 23.96
C ASN A 497 -31.47 -34.34 22.66
N ILE A 498 -30.51 -33.55 22.16
CA ILE A 498 -30.67 -32.88 20.87
C ILE A 498 -30.46 -33.92 19.78
N PRO A 499 -31.15 -33.76 18.64
CA PRO A 499 -31.18 -34.82 17.63
C PRO A 499 -29.80 -35.10 17.03
N GLN A 500 -29.49 -36.38 16.81
CA GLN A 500 -28.22 -36.78 16.24
C GLN A 500 -28.08 -36.33 14.78
N LYS A 501 -29.22 -36.06 14.14
CA LYS A 501 -29.23 -35.48 12.82
C LYS A 501 -29.63 -34.00 12.91
N LEU A 502 -28.66 -33.17 13.27
CA LEU A 502 -28.89 -31.74 13.47
C LEU A 502 -27.99 -30.94 12.53
N SER A 503 -28.55 -29.90 11.92
CA SER A 503 -27.79 -29.05 11.03
C SER A 503 -28.18 -27.59 11.22
N LEU A 504 -27.25 -26.69 10.90
CA LEU A 504 -27.48 -25.25 11.00
C LEU A 504 -26.92 -24.53 9.78
N ASN A 505 -27.60 -23.46 9.37
CA ASN A 505 -27.10 -22.60 8.31
C ASN A 505 -26.29 -21.46 8.91
N ALA A 506 -25.12 -21.18 8.32
CA ALA A 506 -24.25 -20.13 8.82
C ALA A 506 -23.96 -19.09 7.72
N GLU A 507 -24.59 -17.92 7.84
CA GLU A 507 -24.41 -16.85 6.86
C GLU A 507 -23.25 -15.93 7.25
N LEU A 508 -22.32 -15.74 6.32
CA LEU A 508 -21.16 -14.85 6.52
C LEU A 508 -21.28 -13.63 5.61
N GLN A 509 -21.18 -12.43 6.19
CA GLN A 509 -21.26 -11.20 5.42
C GLN A 509 -20.03 -10.31 5.62
N LEU A 510 -19.38 -9.94 4.52
CA LEU A 510 -18.18 -9.14 4.57
C LEU A 510 -18.52 -7.66 4.37
N ASP A 511 -17.99 -6.81 5.23
CA ASP A 511 -18.20 -5.37 5.12
C ASP A 511 -19.71 -5.08 5.20
N ARG A 512 -20.34 -5.63 6.22
CA ARG A 512 -21.80 -5.58 6.37
CA ARG A 512 -21.80 -5.58 6.37
C ARG A 512 -22.37 -4.16 6.35
N GLN A 513 -21.69 -3.22 6.98
CA GLN A 513 -22.22 -1.87 7.16
C GLN A 513 -22.30 -1.06 5.86
N LYS A 514 -21.44 -1.38 4.89
CA LYS A 514 -21.44 -0.68 3.61
C LYS A 514 -22.61 -1.14 2.74
N PRO A 515 -22.99 -0.32 1.74
CA PRO A 515 -24.10 -0.71 0.86
C PRO A 515 -23.76 -1.87 -0.06
N ARG A 516 -24.78 -2.41 -0.73
CA ARG A 516 -24.61 -3.59 -1.58
C ARG A 516 -23.48 -3.45 -2.58
N GLN A 517 -23.42 -2.30 -3.25
CA GLN A 517 -22.42 -2.05 -4.29
C GLN A 517 -21.27 -1.19 -3.77
N GLY A 518 -21.04 -1.20 -2.46
CA GLY A 518 -19.93 -0.47 -1.87
C GLY A 518 -19.01 -1.34 -1.01
N ARG A 519 -19.17 -2.65 -1.10
CA ARG A 519 -18.44 -3.58 -0.25
C ARG A 519 -16.96 -3.62 -0.64
N ARG A 520 -16.10 -3.26 0.30
CA ARG A 520 -14.67 -3.08 0.01
C ARG A 520 -13.89 -4.39 -0.01
N VAL A 521 -14.43 -5.43 0.62
CA VAL A 521 -13.82 -6.75 0.58
C VAL A 521 -14.79 -7.79 0.04
N LEU A 522 -14.26 -8.82 -0.61
CA LEU A 522 -15.07 -9.88 -1.20
C LEU A 522 -14.37 -11.23 -1.03
N LEU A 523 -15.11 -12.31 -1.26
CA LEU A 523 -14.57 -13.65 -1.14
C LEU A 523 -13.77 -13.98 -2.40
N LEU A 524 -12.61 -14.63 -2.24
CA LEU A 524 -11.71 -14.89 -3.36
C LEU A 524 -12.34 -15.82 -4.39
N GLY A 525 -13.07 -16.83 -3.93
CA GLY A 525 -13.71 -17.78 -4.82
C GLY A 525 -14.85 -17.18 -5.63
N SER A 526 -15.92 -16.81 -4.96
CA SER A 526 -17.13 -16.31 -5.64
C SER A 526 -17.08 -14.82 -5.97
N GLN A 527 -16.19 -14.08 -5.30
CA GLN A 527 -16.12 -12.62 -5.44
C GLN A 527 -17.44 -11.95 -5.07
N GLN A 528 -18.13 -12.55 -4.09
CA GLN A 528 -19.36 -12.00 -3.55
C GLN A 528 -19.08 -11.47 -2.15
N ALA A 529 -20.02 -10.68 -1.62
CA ALA A 529 -19.87 -10.09 -0.30
C ALA A 529 -20.32 -11.05 0.82
N GLY A 530 -20.89 -12.19 0.47
CA GLY A 530 -21.30 -13.17 1.47
C GLY A 530 -21.67 -14.54 0.93
N THR A 531 -21.75 -15.51 1.83
CA THR A 531 -22.16 -16.88 1.50
C THR A 531 -22.86 -17.49 2.71
N THR A 532 -23.61 -18.55 2.47
CA THR A 532 -24.22 -19.33 3.53
C THR A 532 -23.65 -20.74 3.52
N LEU A 533 -23.33 -21.26 4.71
CA LEU A 533 -22.81 -22.61 4.83
C LEU A 533 -23.81 -23.50 5.55
N ASN A 534 -23.82 -24.79 5.19
CA ASN A 534 -24.65 -25.78 5.87
C ASN A 534 -23.75 -26.69 6.70
N LEU A 535 -23.65 -26.39 7.99
CA LEU A 535 -22.79 -27.11 8.90
C LEU A 535 -23.53 -28.29 9.53
N ASP A 536 -22.91 -29.46 9.48
CA ASP A 536 -23.49 -30.67 10.07
C ASP A 536 -22.96 -30.86 11.49
N LEU A 537 -23.74 -30.39 12.46
CA LEU A 537 -23.38 -30.49 13.88
C LEU A 537 -23.96 -31.75 14.53
N GLY A 538 -24.53 -32.64 13.71
CA GLY A 538 -25.18 -33.84 14.22
C GLY A 538 -24.24 -34.75 14.99
N GLY A 539 -24.38 -34.73 16.32
CA GLY A 539 -23.56 -35.57 17.20
C GLY A 539 -22.16 -35.03 17.46
N LYS A 540 -21.84 -33.90 16.84
CA LYS A 540 -20.50 -33.30 16.99
C LYS A 540 -20.42 -32.58 18.33
N HIS A 541 -19.74 -33.20 19.29
CA HIS A 541 -19.60 -32.63 20.62
C HIS A 541 -18.78 -31.34 20.57
N SER A 542 -17.87 -31.26 19.59
CA SER A 542 -17.03 -30.09 19.41
C SER A 542 -17.69 -29.11 18.45
N PRO A 543 -17.21 -27.85 18.43
CA PRO A 543 -17.65 -26.89 17.43
C PRO A 543 -16.92 -27.08 16.10
N ILE A 544 -17.55 -26.70 15.00
CA ILE A 544 -16.97 -26.85 13.67
C ILE A 544 -16.35 -25.55 13.18
N CYS A 545 -15.08 -25.60 12.79
CA CYS A 545 -14.39 -24.44 12.25
C CYS A 545 -14.10 -24.62 10.77
N HIS A 546 -14.36 -23.57 9.99
CA HIS A 546 -14.04 -23.56 8.58
C HIS A 546 -13.45 -22.20 8.22
N THR A 547 -12.36 -22.21 7.47
CA THR A 547 -11.71 -20.96 7.07
C THR A 547 -11.95 -20.71 5.59
N THR A 548 -12.18 -19.45 5.24
CA THR A 548 -12.31 -19.04 3.85
C THR A 548 -11.26 -17.97 3.58
N MET A 549 -11.22 -17.47 2.34
CA MET A 549 -10.27 -16.44 1.97
C MET A 549 -10.97 -15.27 1.27
N ALA A 550 -10.80 -14.08 1.83
CA ALA A 550 -11.35 -12.87 1.24
C ALA A 550 -10.22 -12.04 0.65
N PHE A 551 -10.56 -10.93 0.02
CA PHE A 551 -9.55 -10.03 -0.53
C PHE A 551 -10.08 -8.61 -0.60
N LEU A 552 -9.16 -7.65 -0.49
CA LEU A 552 -9.50 -6.24 -0.54
C LEU A 552 -9.52 -5.79 -1.99
N ARG A 553 -10.55 -5.03 -2.37
CA ARG A 553 -10.69 -4.57 -3.74
C ARG A 553 -9.56 -3.62 -4.12
N ASP A 554 -9.46 -3.32 -5.41
CA ASP A 554 -8.41 -2.43 -5.91
C ASP A 554 -8.43 -1.10 -5.17
N GLU A 555 -7.26 -0.51 -5.00
CA GLU A 555 -7.11 0.72 -4.23
C GLU A 555 -8.00 1.85 -4.77
N ALA A 556 -7.99 2.02 -6.08
CA ALA A 556 -8.75 3.09 -6.74
C ALA A 556 -10.25 2.79 -6.82
N ASP A 557 -10.63 1.55 -6.55
CA ASP A 557 -12.03 1.15 -6.66
C ASP A 557 -12.90 1.61 -5.48
N PHE A 558 -12.29 2.03 -4.38
CA PHE A 558 -13.05 2.58 -3.25
C PHE A 558 -12.28 3.67 -2.48
N ARG A 559 -13.02 4.62 -1.93
CA ARG A 559 -12.43 5.80 -1.31
C ARG A 559 -12.23 5.65 0.20
N ASP A 560 -13.17 5.03 0.88
CA ASP A 560 -13.13 4.96 2.34
C ASP A 560 -12.01 4.02 2.81
N LYS A 561 -11.02 4.58 3.49
CA LYS A 561 -9.91 3.80 4.04
C LYS A 561 -9.90 3.81 5.57
N LEU A 562 -10.66 4.72 6.18
CA LEU A 562 -10.66 4.87 7.63
C LEU A 562 -11.66 3.91 8.26
N SER A 563 -12.90 3.97 7.77
CA SER A 563 -14.00 3.17 8.31
C SER A 563 -13.58 1.71 8.48
N PRO A 564 -13.98 1.09 9.60
CA PRO A 564 -13.63 -0.32 9.82
C PRO A 564 -14.50 -1.26 9.00
N ILE A 565 -13.93 -2.40 8.61
CA ILE A 565 -14.63 -3.40 7.81
C ILE A 565 -15.28 -4.43 8.73
N VAL A 566 -16.61 -4.41 8.80
CA VAL A 566 -17.35 -5.27 9.74
C VAL A 566 -17.69 -6.63 9.13
N LEU A 567 -17.40 -7.69 9.87
CA LEU A 567 -17.73 -9.06 9.47
C LEU A 567 -18.79 -9.63 10.40
N SER A 568 -19.81 -10.26 9.84
CA SER A 568 -20.91 -10.82 10.64
C SER A 568 -21.17 -12.29 10.33
N LEU A 569 -21.58 -13.03 11.35
CA LEU A 569 -21.89 -14.45 11.22
C LEU A 569 -23.24 -14.74 11.87
N ASN A 570 -24.20 -15.14 11.05
CA ASN A 570 -25.56 -15.39 11.53
C ASN A 570 -25.93 -16.87 11.38
N VAL A 571 -26.34 -17.48 12.48
CA VAL A 571 -26.66 -18.91 12.52
C VAL A 571 -28.14 -19.14 12.77
N SER A 572 -28.74 -20.05 11.99
CA SER A 572 -30.16 -20.36 12.15
C SER A 572 -30.43 -21.82 11.82
N LEU A 573 -31.61 -22.29 12.22
CA LEU A 573 -32.06 -23.64 11.87
C LEU A 573 -32.68 -23.62 10.47
N PRO A 574 -32.50 -24.70 9.70
CA PRO A 574 -33.18 -24.79 8.42
C PRO A 574 -34.70 -24.75 8.59
N PRO A 575 -35.44 -24.49 7.50
CA PRO A 575 -36.90 -24.49 7.62
C PRO A 575 -37.48 -25.91 7.72
N THR A 576 -38.67 -26.02 8.29
CA THR A 576 -39.34 -27.32 8.39
C THR A 576 -40.02 -27.66 7.07
N GLU A 577 -40.24 -28.96 6.85
CA GLU A 577 -40.76 -29.43 5.57
C GLU A 577 -42.29 -29.33 5.49
N ALA A 578 -42.85 -29.71 4.35
CA ALA A 578 -44.29 -29.62 4.11
C ALA A 578 -45.10 -30.31 5.21
N GLY A 579 -45.81 -29.52 5.99
CA GLY A 579 -46.58 -30.02 7.13
C GLY A 579 -46.20 -29.33 8.44
N MET A 580 -45.00 -28.75 8.46
CA MET A 580 -44.47 -28.01 9.62
C MET A 580 -44.25 -28.93 10.83
N ALA A 581 -44.07 -28.33 12.01
CA ALA A 581 -43.83 -29.06 13.25
C ALA A 581 -42.35 -29.06 13.60
N PRO A 582 -41.85 -27.95 14.19
CA PRO A 582 -40.44 -27.80 14.54
C PRO A 582 -40.04 -28.61 15.77
N ALA A 583 -38.91 -29.29 15.70
CA ALA A 583 -38.48 -30.22 16.76
C ALA A 583 -37.87 -29.48 17.95
N VAL A 584 -36.77 -28.79 17.71
CA VAL A 584 -36.00 -28.17 18.78
C VAL A 584 -36.15 -26.65 18.81
N VAL A 585 -35.58 -26.03 19.84
CA VAL A 585 -35.56 -24.58 19.98
C VAL A 585 -34.11 -24.11 20.08
N LEU A 586 -33.77 -23.11 19.27
CA LEU A 586 -32.39 -22.64 19.15
C LEU A 586 -32.19 -21.31 19.86
N HIS A 587 -31.32 -21.31 20.88
N HIS A 587 -31.33 -21.29 20.88
CA HIS A 587 -30.97 -20.11 21.63
CA HIS A 587 -30.95 -20.03 21.52
C HIS A 587 -29.46 -20.04 21.85
C HIS A 587 -29.47 -20.05 21.87
N GLY A 588 -29.01 -19.00 22.55
CA GLY A 588 -27.60 -18.82 22.84
C GLY A 588 -27.08 -17.69 21.97
N ASP A 589 -25.83 -17.79 21.57
CA ASP A 589 -25.23 -16.80 20.69
C ASP A 589 -25.34 -17.28 19.26
N THR A 590 -26.33 -16.76 18.53
CA THR A 590 -26.55 -17.13 17.13
C THR A 590 -26.06 -16.06 16.15
N HIS A 591 -25.67 -14.90 16.67
CA HIS A 591 -25.16 -13.82 15.85
C HIS A 591 -23.97 -13.17 16.53
N VAL A 592 -22.97 -12.79 15.74
CA VAL A 592 -21.77 -12.16 16.25
C VAL A 592 -21.09 -11.36 15.15
N GLN A 593 -20.53 -10.21 15.50
CA GLN A 593 -19.81 -9.37 14.55
C GLN A 593 -18.42 -9.08 15.06
N GLU A 594 -17.44 -9.18 14.18
CA GLU A 594 -16.07 -8.72 14.47
C GLU A 594 -15.66 -7.81 13.34
N GLN A 595 -14.48 -7.20 13.44
CA GLN A 595 -14.04 -6.28 12.39
C GLN A 595 -12.54 -6.28 12.16
N THR A 596 -12.16 -5.72 11.03
CA THR A 596 -10.76 -5.47 10.68
C THR A 596 -10.69 -4.12 10.00
N ARG A 597 -9.49 -3.65 9.71
CA ARG A 597 -9.34 -2.38 8.99
C ARG A 597 -8.03 -2.29 8.22
N ILE A 598 -7.97 -1.31 7.33
CA ILE A 598 -6.78 -1.05 6.55
C ILE A 598 -5.73 -0.38 7.44
N VAL A 599 -4.47 -0.78 7.28
CA VAL A 599 -3.38 -0.29 8.11
C VAL A 599 -3.31 1.22 8.05
N LEU A 600 -3.07 1.85 9.19
CA LEU A 600 -3.05 3.31 9.28
C LEU A 600 -2.28 3.81 10.50
N ASP A 601 -1.17 4.50 10.24
CA ASP A 601 -0.35 5.13 11.28
C ASP A 601 0.27 4.13 12.25
N CYS A 602 0.77 3.02 11.72
CA CYS A 602 1.43 2.01 12.55
C CYS A 602 2.96 2.04 12.42
N GLY A 603 3.48 3.09 11.80
CA GLY A 603 4.93 3.23 11.63
C GLY A 603 5.42 2.48 10.40
N GLU A 604 6.75 2.41 10.26
CA GLU A 604 7.35 1.83 9.06
C GLU A 604 7.21 0.31 8.97
N ASP A 605 6.88 -0.33 10.09
CA ASP A 605 6.63 -1.77 10.11
C ASP A 605 5.15 -2.10 9.90
N ASP A 606 4.32 -1.07 9.80
CA ASP A 606 2.89 -1.22 9.53
C ASP A 606 2.16 -2.15 10.52
N VAL A 607 2.62 -2.16 11.77
CA VAL A 607 2.01 -2.98 12.82
C VAL A 607 1.83 -2.13 14.08
N CYS A 608 0.57 -1.81 14.39
CA CYS A 608 0.26 -0.92 15.51
C CYS A 608 0.43 -1.62 16.85
N VAL A 609 1.36 -1.10 17.66
CA VAL A 609 1.66 -1.65 18.98
C VAL A 609 1.42 -0.57 20.04
N PRO A 610 0.29 -0.65 20.76
CA PRO A 610 -0.05 0.37 21.76
C PRO A 610 0.77 0.32 23.06
N GLN A 611 0.74 1.42 23.81
CA GLN A 611 1.29 1.49 25.16
C GLN A 611 0.18 2.01 26.07
N LEU A 612 -0.76 1.13 26.42
CA LEU A 612 -1.92 1.53 27.20
C LEU A 612 -1.59 1.70 28.70
N GLN A 613 -1.82 2.91 29.21
CA GLN A 613 -1.57 3.23 30.61
C GLN A 613 -2.88 3.43 31.36
N LEU A 614 -2.89 3.08 32.64
CA LEU A 614 -4.08 3.23 33.48
C LEU A 614 -3.71 3.53 34.92
N THR A 615 -4.31 4.60 35.45
CA THR A 615 -4.22 4.92 36.87
C THR A 615 -5.63 5.17 37.38
N ALA A 616 -5.87 4.87 38.65
CA ALA A 616 -7.22 4.99 39.21
C ALA A 616 -7.21 5.30 40.70
N SER A 617 -8.37 5.72 41.19
CA SER A 617 -8.58 6.00 42.61
C SER A 617 -10.08 6.03 42.91
N VAL A 618 -10.43 5.95 44.18
CA VAL A 618 -11.84 5.92 44.59
C VAL A 618 -12.17 7.07 45.54
N THR A 619 -13.30 7.72 45.31
CA THR A 619 -13.77 8.79 46.19
C THR A 619 -14.93 8.28 47.05
N GLY A 620 -14.99 8.76 48.29
CA GLY A 620 -15.99 8.31 49.26
C GLY A 620 -15.69 6.90 49.73
N SER A 621 -14.43 6.65 50.06
CA SER A 621 -13.88 5.30 50.19
C SER A 621 -14.47 4.45 51.34
N PRO A 622 -14.57 5.03 52.56
CA PRO A 622 -15.03 4.15 53.64
C PRO A 622 -16.44 3.63 53.40
N LEU A 623 -16.55 2.37 53.00
CA LEU A 623 -17.84 1.74 52.74
C LEU A 623 -18.56 1.40 54.03
N LEU A 624 -19.73 1.99 54.23
CA LEU A 624 -20.52 1.77 55.44
C LEU A 624 -21.31 0.46 55.36
N VAL A 625 -21.13 -0.41 56.34
CA VAL A 625 -21.79 -1.71 56.36
C VAL A 625 -23.29 -1.56 56.61
N GLY A 626 -24.08 -2.26 55.81
CA GLY A 626 -25.53 -2.19 55.92
C GLY A 626 -26.07 -0.85 55.44
N ALA A 627 -25.40 -0.27 54.46
CA ALA A 627 -25.76 1.04 53.95
C ALA A 627 -26.01 1.00 52.45
N ASP A 628 -26.37 2.15 51.89
CA ASP A 628 -26.65 2.28 50.47
C ASP A 628 -25.53 3.04 49.79
N ASN A 629 -24.32 2.51 49.91
CA ASN A 629 -23.11 3.19 49.44
C ASN A 629 -23.15 3.52 47.95
N VAL A 630 -22.47 4.60 47.58
CA VAL A 630 -22.34 4.99 46.18
C VAL A 630 -20.92 5.51 45.93
N LEU A 631 -20.01 4.61 45.56
CA LEU A 631 -18.63 4.99 45.24
C LEU A 631 -18.56 5.65 43.88
N GLU A 632 -17.51 6.44 43.68
CA GLU A 632 -17.21 6.97 42.36
C GLU A 632 -15.78 6.61 41.99
N LEU A 633 -15.64 5.75 40.98
CA LEU A 633 -14.33 5.35 40.50
C LEU A 633 -13.79 6.42 39.56
N GLN A 634 -12.66 7.02 39.93
CA GLN A 634 -12.00 8.00 39.07
C GLN A 634 -10.74 7.38 38.48
N MET A 635 -10.65 7.37 37.16
CA MET A 635 -9.59 6.64 36.48
C MET A 635 -9.19 7.33 35.18
N ASP A 636 -7.88 7.47 34.99
CA ASP A 636 -7.30 8.13 33.83
C ASP A 636 -6.62 7.10 32.92
N ALA A 637 -7.14 6.96 31.71
CA ALA A 637 -6.62 6.02 30.73
C ALA A 637 -5.91 6.75 29.61
N ALA A 638 -4.73 6.27 29.22
CA ALA A 638 -3.95 6.92 28.18
C ALA A 638 -3.17 5.91 27.34
N ASN A 639 -2.92 6.26 26.08
CA ASN A 639 -2.09 5.46 25.18
C ASN A 639 -0.93 6.30 24.69
N GLU A 640 0.28 5.94 25.11
CA GLU A 640 1.50 6.63 24.68
C GLU A 640 2.17 5.88 23.52
N GLY A 641 1.49 4.86 23.00
CA GLY A 641 1.97 4.11 21.85
C GLY A 641 1.04 4.32 20.67
N GLU A 642 1.00 3.34 19.77
CA GLU A 642 0.24 3.47 18.53
C GLU A 642 -1.20 3.04 18.74
N GLY A 643 -2.03 3.26 17.72
CA GLY A 643 -3.48 3.05 17.81
C GLY A 643 -3.92 1.71 18.37
N ALA A 644 -4.89 1.75 19.29
CA ALA A 644 -5.46 0.55 19.88
C ALA A 644 -6.87 0.35 19.35
N TYR A 645 -7.10 -0.75 18.64
CA TYR A 645 -8.38 -0.99 18.00
C TYR A 645 -9.40 -1.51 19.00
N GLU A 646 -10.66 -1.10 18.83
CA GLU A 646 -11.73 -1.48 19.76
C GLU A 646 -11.26 -1.38 21.21
N ALA A 647 -10.70 -0.23 21.57
CA ALA A 647 -10.21 0.00 22.91
C ALA A 647 -11.39 0.16 23.86
N GLU A 648 -11.29 -0.46 25.03
CA GLU A 648 -12.36 -0.38 26.03
C GLU A 648 -11.85 -0.63 27.44
N LEU A 649 -12.40 0.11 28.40
CA LEU A 649 -12.09 -0.10 29.80
C LEU A 649 -12.92 -1.25 30.35
N ALA A 650 -12.28 -2.13 31.11
CA ALA A 650 -12.95 -3.28 31.69
C ALA A 650 -12.84 -3.24 33.21
N VAL A 651 -13.94 -2.88 33.87
CA VAL A 651 -13.97 -2.82 35.33
C VAL A 651 -14.72 -4.02 35.90
N HIS A 652 -14.01 -4.84 36.68
CA HIS A 652 -14.62 -6.01 37.32
C HIS A 652 -15.20 -5.61 38.68
N LEU A 653 -16.50 -5.74 38.82
CA LEU A 653 -17.20 -5.36 40.05
C LEU A 653 -17.17 -6.52 41.05
N PRO A 654 -17.21 -6.19 42.34
CA PRO A 654 -17.41 -7.21 43.38
C PRO A 654 -18.87 -7.62 43.52
N GLN A 655 -19.15 -8.55 44.43
CA GLN A 655 -20.50 -9.09 44.60
C GLN A 655 -21.55 -8.02 44.92
N GLY A 656 -21.18 -7.02 45.71
CA GLY A 656 -22.13 -6.00 46.14
C GLY A 656 -22.35 -4.86 45.16
N ALA A 657 -21.41 -4.67 44.24
CA ALA A 657 -21.38 -3.48 43.38
C ALA A 657 -22.29 -3.59 42.17
N HIS A 658 -22.87 -2.45 41.78
CA HIS A 658 -23.70 -2.35 40.58
C HIS A 658 -23.41 -1.07 39.81
N TYR A 659 -23.27 -1.19 38.51
CA TYR A 659 -22.98 -0.04 37.64
C TYR A 659 -24.18 0.90 37.59
N MET A 660 -23.94 2.18 37.82
CA MET A 660 -25.00 3.18 37.76
C MET A 660 -24.86 4.02 36.49
N ARG A 661 -23.74 4.73 36.39
CA ARG A 661 -23.54 5.72 35.33
C ARG A 661 -22.05 5.95 35.14
N ALA A 662 -21.68 6.46 33.97
CA ALA A 662 -20.28 6.79 33.67
C ALA A 662 -20.17 8.11 32.89
N LEU A 663 -19.06 8.82 33.09
CA LEU A 663 -18.78 10.08 32.40
C LEU A 663 -17.32 10.15 32.00
N SER A 664 -17.00 11.08 31.09
CA SER A 664 -15.62 11.30 30.66
C SER A 664 -15.38 12.76 30.32
N ASN A 665 -14.09 13.13 30.21
CA ASN A 665 -13.68 14.52 29.99
C ASN A 665 -13.22 14.79 28.56
N VAL A 666 -14.09 14.52 27.59
CA VAL A 666 -13.77 14.73 26.18
C VAL A 666 -14.80 15.65 25.52
N GLU A 667 -14.40 16.90 25.27
CA GLU A 667 -15.30 17.87 24.65
C GLY A 668 -17.19 14.33 22.20
N PHE A 669 -16.96 13.58 23.28
N PHE A 669 -17.37 14.01 23.47
CA PHE A 669 -17.97 12.66 23.82
CA PHE A 669 -17.89 12.70 23.86
C PHE A 669 -18.07 12.77 25.34
C PHE A 669 -18.08 12.70 25.37
N GLU A 670 -19.24 13.19 25.82
CA GLU A 670 -19.47 13.42 27.24
C GLU A 670 -19.78 12.13 28.01
N ARG A 671 -20.88 11.47 27.65
CA ARG A 671 -21.26 10.20 28.27
CA ARG A 671 -21.24 10.20 28.27
C ARG A 671 -20.66 9.04 27.48
N LEU A 672 -20.15 8.04 28.20
CA LEU A 672 -19.54 6.88 27.57
C LEU A 672 -20.57 5.81 27.22
N ILE A 673 -20.30 5.04 26.17
CA ILE A 673 -21.12 3.90 25.80
C ILE A 673 -20.67 2.68 26.62
N CYS A 674 -21.32 2.45 27.75
CA CYS A 674 -20.96 1.35 28.64
C CYS A 674 -22.02 0.24 28.59
N ASN A 675 -21.57 -0.99 28.76
CA ASN A 675 -22.45 -2.15 28.75
C ASN A 675 -22.00 -3.17 29.79
N GLN A 676 -22.85 -3.39 30.80
CA GLN A 676 -22.53 -4.32 31.87
C GLN A 676 -22.68 -5.76 31.38
N LYS A 677 -21.58 -6.50 31.45
CA LYS A 677 -21.54 -7.88 30.98
C LYS A 677 -21.44 -8.84 32.16
N LYS A 678 -22.49 -9.63 32.37
CA LYS A 678 -22.53 -10.61 33.44
C LYS A 678 -22.11 -11.98 32.91
N GLU A 679 -21.73 -12.02 31.63
CA GLU A 679 -21.29 -13.25 30.99
C GLU A 679 -20.00 -13.78 31.62
N ASN A 680 -19.09 -12.87 31.93
CA ASN A 680 -17.87 -13.22 32.65
C ASN A 680 -18.22 -13.70 34.05
N GLU A 681 -17.43 -14.63 34.58
CA GLU A 681 -17.69 -15.24 35.89
C GLU A 681 -18.16 -14.20 36.92
N THR A 682 -17.53 -13.02 36.90
CA THR A 682 -17.92 -11.92 37.77
C THR A 682 -18.57 -10.80 36.95
N ARG A 683 -19.25 -9.89 37.64
CA ARG A 683 -19.93 -8.77 36.99
C ARG A 683 -18.90 -7.80 36.44
N VAL A 684 -18.93 -7.58 35.12
CA VAL A 684 -17.95 -6.72 34.46
C VAL A 684 -18.63 -5.59 33.70
N VAL A 685 -18.05 -4.38 33.78
CA VAL A 685 -18.53 -3.24 33.02
C VAL A 685 -17.52 -2.85 31.95
N LEU A 686 -17.96 -2.74 30.71
CA LEU A 686 -17.09 -2.42 29.59
C LEU A 686 -17.53 -1.13 28.90
N CYS A 687 -16.67 -0.12 28.91
CA CYS A 687 -16.94 1.16 28.26
C CYS A 687 -15.97 1.38 27.11
N GLU A 688 -16.50 1.83 25.98
CA GLU A 688 -15.70 2.07 24.78
C GLU A 688 -14.79 3.30 24.95
N LEU A 689 -13.51 3.12 24.70
CA LEU A 689 -12.53 4.20 24.81
C LEU A 689 -12.13 4.79 23.45
N GLY A 690 -12.39 4.05 22.37
CA GLY A 690 -12.09 4.53 21.03
C GLY A 690 -11.68 3.43 20.07
N ASN A 691 -12.02 3.63 18.79
CA ASN A 691 -11.77 2.64 17.76
C ASN A 691 -11.22 3.29 16.49
N PRO A 692 -9.89 3.52 16.45
CA PRO A 692 -8.90 3.21 17.48
C PRO A 692 -8.81 4.28 18.55
N MET A 693 -8.11 3.94 19.63
CA MET A 693 -7.70 4.92 20.63
C MET A 693 -6.35 5.45 20.17
N LYS A 694 -6.35 6.66 19.61
CA LYS A 694 -5.18 7.22 18.94
C LYS A 694 -3.98 7.40 19.86
N LYS A 695 -2.82 7.62 19.25
CA LYS A 695 -1.57 7.86 19.98
C LYS A 695 -1.66 9.16 20.79
N ASN A 696 -1.11 9.13 21.99
CA ASN A 696 -1.15 10.27 22.91
C ASN A 696 -2.58 10.70 23.30
N ALA A 697 -3.54 9.79 23.13
CA ALA A 697 -4.91 10.03 23.58
C ALA A 697 -4.98 9.75 25.07
N GLN A 698 -5.70 10.58 25.80
CA GLN A 698 -5.81 10.42 27.25
C GLN A 698 -7.21 10.76 27.76
N ILE A 699 -7.95 9.73 28.13
CA ILE A 699 -9.33 9.86 28.60
C ILE A 699 -9.43 9.68 30.11
N GLY A 700 -10.00 10.67 30.78
CA GLY A 700 -10.34 10.55 32.19
C GLY A 700 -11.78 10.06 32.31
N ILE A 701 -12.01 9.07 33.16
CA ILE A 701 -13.33 8.48 33.31
C ILE A 701 -13.81 8.52 34.76
N ALA A 702 -15.03 8.99 34.95
CA ALA A 702 -15.68 8.98 36.26
C ALA A 702 -16.89 8.06 36.19
N MET A 703 -16.90 7.03 37.03
CA MET A 703 -17.98 6.04 37.02
C MET A 703 -18.59 5.89 38.41
N LEU A 704 -19.89 6.15 38.50
CA LEU A 704 -20.63 5.93 39.72
C LEU A 704 -21.00 4.46 39.84
N VAL A 705 -20.86 3.91 41.05
CA VAL A 705 -21.10 2.50 41.31
C VAL A 705 -21.73 2.33 42.69
N SER A 706 -22.93 1.76 42.73
CA SER A 706 -23.63 1.53 43.99
C SER A 706 -23.24 0.20 44.58
N VAL A 707 -22.45 0.22 45.65
CA VAL A 707 -22.10 -0.99 46.38
C VAL A 707 -23.24 -1.32 47.34
N GLY A 708 -24.10 -2.24 46.92
CA GLY A 708 -25.28 -2.61 47.70
C GLY A 708 -24.96 -3.41 48.94
N ASN A 709 -26.01 -3.87 49.62
CA ASN A 709 -25.87 -4.57 50.89
C ASN A 709 -25.12 -5.90 50.75
N LEU A 710 -23.87 -5.90 51.20
CA LEU A 710 -23.07 -7.11 51.26
C LEU A 710 -22.59 -7.27 52.69
N GLU A 711 -23.29 -8.12 53.44
CA GLU A 711 -23.01 -8.31 54.86
C GLU A 711 -21.86 -9.30 55.07
N GLU A 712 -21.53 -10.05 54.02
CA GLU A 712 -20.46 -11.02 54.07
C GLU A 712 -19.36 -10.66 53.06
N ALA A 713 -18.98 -9.39 53.05
CA ALA A 713 -17.95 -8.88 52.16
C ALA A 713 -16.56 -8.98 52.78
N GLY A 714 -16.50 -8.80 54.10
CA GLY A 714 -15.23 -8.85 54.83
C GLY A 714 -14.74 -7.46 55.17
N GLU A 715 -13.46 -7.36 55.51
CA GLU A 715 -12.86 -6.08 55.90
C GLU A 715 -12.72 -5.10 54.73
N SER A 716 -12.69 -5.63 53.50
CA SER A 716 -12.59 -4.79 52.31
C SER A 716 -13.09 -5.54 51.07
N VAL A 717 -13.44 -4.78 50.03
CA VAL A 717 -13.83 -5.35 48.75
C VAL A 717 -12.85 -4.89 47.66
N SER A 718 -12.66 -5.72 46.65
CA SER A 718 -11.67 -5.45 45.61
C SER A 718 -12.30 -5.11 44.26
N PHE A 719 -11.86 -3.99 43.70
CA PHE A 719 -12.20 -3.61 42.33
C PHE A 719 -10.98 -3.86 41.44
N GLN A 720 -11.21 -4.31 40.21
CA GLN A 720 -10.15 -4.58 39.26
C GLN A 720 -10.44 -3.87 37.95
N LEU A 721 -9.45 -3.14 37.45
CA LEU A 721 -9.64 -2.31 36.25
C LEU A 721 -8.52 -2.58 35.25
N GLN A 722 -8.87 -2.56 33.97
CA GLN A 722 -7.89 -2.76 32.89
C GLN A 722 -8.45 -2.25 31.57
N ILE A 723 -7.56 -1.73 30.73
CA ILE A 723 -7.91 -1.33 29.36
C ILE A 723 -7.58 -2.49 28.41
N ARG A 724 -8.54 -2.87 27.58
CA ARG A 724 -8.37 -3.96 26.63
C ARG A 724 -8.50 -3.47 25.19
N SER A 725 -7.77 -4.13 24.28
CA SER A 725 -7.87 -3.84 22.85
C SER A 725 -7.79 -5.15 22.06
N LYS A 726 -7.98 -5.05 20.75
CA LYS A 726 -8.01 -6.21 19.87
C LYS A 726 -6.69 -6.42 19.12
N ASN A 727 -5.69 -5.59 19.39
CA ASN A 727 -4.41 -5.68 18.67
C ASN A 727 -3.67 -6.98 18.98
N SER A 728 -2.73 -7.34 18.10
CA SER A 728 -1.96 -8.57 18.25
C SER A 728 -0.81 -8.40 19.22
N GLN A 729 -0.14 -7.25 19.13
CA GLN A 729 0.99 -6.94 20.00
C GLN A 729 0.56 -5.99 21.12
N ASN A 730 1.00 -6.30 22.34
CA ASN A 730 0.78 -5.43 23.49
C ASN A 730 -0.65 -4.86 23.53
N PRO A 731 -1.66 -5.74 23.65
CA PRO A 731 -3.06 -5.33 23.54
C PRO A 731 -3.63 -4.67 24.79
N ASN A 732 -3.23 -5.14 25.97
CA ASN A 732 -3.86 -4.71 27.21
C ASN A 732 -2.92 -3.90 28.12
N SER A 733 -3.51 -3.02 28.91
CA SER A 733 -2.77 -2.27 29.92
C SER A 733 -2.57 -3.16 31.15
N LYS A 734 -1.76 -2.68 32.08
CA LYS A 734 -1.57 -3.39 33.36
C LYS A 734 -2.88 -3.43 34.14
N ILE A 735 -2.98 -4.38 35.05
CA ILE A 735 -4.18 -4.56 35.87
C ILE A 735 -4.08 -3.72 37.14
N VAL A 736 -4.95 -2.72 37.24
CA VAL A 736 -4.99 -1.89 38.45
C VAL A 736 -6.04 -2.44 39.42
N LEU A 737 -5.62 -2.70 40.65
CA LEU A 737 -6.53 -3.19 41.68
C LEU A 737 -6.74 -2.13 42.76
N LEU A 738 -7.99 -1.94 43.14
CA LEU A 738 -8.34 -0.99 44.20
C LEU A 738 -9.03 -1.72 45.35
N ASP A 739 -8.46 -1.61 46.54
CA ASP A 739 -9.04 -2.23 47.72
C ASP A 739 -9.73 -1.19 48.58
N VAL A 740 -11.04 -1.07 48.44
CA VAL A 740 -11.83 -0.13 49.23
C VAL A 740 -12.22 -0.78 50.56
N PRO A 741 -11.87 -0.12 51.68
CA PRO A 741 -12.11 -0.68 53.01
C PRO A 741 -13.58 -0.60 53.45
N VAL A 742 -13.98 -1.54 54.31
CA VAL A 742 -15.35 -1.64 54.78
C VAL A 742 -15.43 -1.57 56.30
N ARG A 743 -16.21 -0.63 56.82
CA ARG A 743 -16.36 -0.45 58.26
C ARG A 743 -17.79 -0.03 58.60
N ALA A 744 -18.34 -0.62 59.67
CA ALA A 744 -19.72 -0.31 60.10
C ALA A 744 -19.78 0.94 60.98
N GLU A 745 -20.83 1.72 60.80
CA GLU A 745 -21.06 2.92 61.59
C GLU A 745 -22.50 2.97 62.08
N ALA A 746 -22.72 3.61 63.22
CA ALA A 746 -24.05 3.78 63.77
C ALA A 746 -24.20 5.16 64.38
N GLN A 747 -25.42 5.69 64.33
CA GLN A 747 -25.73 7.01 64.86
C GLN A 747 -27.04 6.98 65.61
N VAL A 748 -26.95 6.84 66.93
CA VAL A 748 -28.12 6.83 67.78
C VAL A 748 -28.37 8.24 68.29
N GLU A 749 -29.63 8.69 68.21
CA GLU A 749 -30.01 10.00 68.71
C GLU A 749 -30.92 9.86 69.92
N LEU A 750 -30.65 10.67 70.95
CA LEU A 750 -31.46 10.71 72.16
C LEU A 750 -32.17 12.05 72.22
N ARG A 751 -33.49 12.02 72.30
CA ARG A 751 -34.29 13.24 72.42
C ARG A 751 -35.11 13.22 73.71
N GLY A 752 -35.48 14.39 74.20
CA GLY A 752 -36.28 14.49 75.42
C GLY A 752 -37.17 15.72 75.45
N ASN A 753 -38.32 15.60 76.11
CA ASN A 753 -39.23 16.72 76.33
C ASN A 753 -40.19 16.43 77.48
N SER A 754 -40.69 17.48 78.11
CA SER A 754 -41.61 17.35 79.22
C SER A 754 -43.05 17.64 78.80
N PHE A 755 -43.99 17.02 79.49
CA PHE A 755 -45.40 17.17 79.19
C PHE A 755 -46.21 17.34 80.47
N PRO A 756 -46.70 18.56 80.75
CA PRO A 756 -46.58 19.76 79.91
C PRO A 756 -45.20 20.40 79.98
N ALA A 757 -45.00 21.45 79.18
CA ALA A 757 -43.74 22.19 79.19
C ALA A 757 -43.71 23.09 80.41
N SER A 758 -44.56 24.11 80.43
CA SER A 758 -44.72 24.97 81.60
C SER A 758 -45.89 24.45 82.43
N LEU A 759 -45.90 24.81 83.70
CA LEU A 759 -46.94 24.34 84.61
C LEU A 759 -47.20 25.36 85.72
N VAL A 760 -48.33 26.08 85.62
CA VAL A 760 -48.75 27.00 86.67
C VAL A 760 -49.57 26.25 87.72
N VAL A 761 -49.59 26.78 88.94
CA VAL A 761 -50.23 26.09 90.05
C VAL A 761 -51.29 26.96 90.72
N ALA A 762 -52.36 26.31 91.19
CA ALA A 762 -53.44 26.99 91.93
C ALA A 762 -53.09 27.03 93.43
N ALA A 763 -53.97 27.66 94.21
CA ALA A 763 -53.75 27.86 95.64
C ALA A 763 -53.58 26.54 96.40
N SER A 775 -56.10 16.56 96.23
CA SER A 775 -55.12 15.82 97.02
C SER A 775 -53.79 15.72 96.27
N TRP A 776 -53.85 15.22 95.04
CA TRP A 776 -52.67 15.10 94.19
C TRP A 776 -52.34 16.44 93.55
N GLY A 777 -51.04 16.75 93.45
CA GLY A 777 -50.59 17.94 92.72
C GLY A 777 -50.69 17.72 91.23
N PRO A 778 -50.26 18.73 90.44
CA PRO A 778 -50.34 18.62 88.99
C PRO A 778 -49.34 17.60 88.43
N LYS A 779 -49.77 16.85 87.41
CA LYS A 779 -48.93 15.80 86.85
C LYS A 779 -47.89 16.39 85.90
N VAL A 780 -46.75 15.73 85.78
CA VAL A 780 -45.72 16.10 84.84
C VAL A 780 -45.04 14.83 84.32
N GLU A 781 -44.78 14.79 83.01
CA GLU A 781 -44.12 13.64 82.39
C GLU A 781 -42.84 14.08 81.68
N HIS A 782 -41.77 13.30 81.86
CA HIS A 782 -40.53 13.51 81.13
C HIS A 782 -40.28 12.30 80.24
N THR A 783 -40.32 12.51 78.93
CA THR A 783 -40.23 11.41 77.97
C THR A 783 -38.97 11.49 77.11
N TYR A 784 -38.15 10.44 77.18
CA TYR A 784 -36.96 10.34 76.35
C TYR A 784 -37.21 9.34 75.22
N GLU A 785 -36.55 9.56 74.08
CA GLU A 785 -36.67 8.64 72.94
C GLU A 785 -35.30 8.37 72.32
N LEU A 786 -35.07 7.12 71.93
CA LEU A 786 -33.84 6.73 71.22
C LEU A 786 -34.17 6.33 69.79
N HIS A 787 -33.28 6.68 68.86
CA HIS A 787 -33.48 6.38 67.44
C HIS A 787 -32.17 6.05 66.76
N ASN A 788 -32.02 4.79 66.37
CA ASN A 788 -30.88 4.35 65.58
C ASN A 788 -31.10 4.72 64.12
N ASN A 789 -30.46 5.80 63.69
CA ASN A 789 -30.58 6.28 62.32
C ASN A 789 -29.47 5.71 61.42
N GLY A 790 -28.26 5.61 61.97
CA GLY A 790 -27.09 5.20 61.20
C GLY A 790 -27.20 3.81 60.61
N PRO A 791 -26.34 3.49 59.62
CA PRO A 791 -26.44 2.25 58.85
C PRO A 791 -26.37 0.97 59.68
N GLY A 792 -25.41 0.91 60.61
CA GLY A 792 -25.14 -0.30 61.36
C GLY A 792 -26.12 -0.58 62.48
N THR A 793 -26.34 -1.87 62.74
CA THR A 793 -27.14 -2.30 63.89
C THR A 793 -26.30 -2.15 65.15
N VAL A 794 -26.98 -1.92 66.27
CA VAL A 794 -26.30 -1.75 67.55
C VAL A 794 -26.82 -2.74 68.58
N ASN A 795 -25.90 -3.32 69.35
CA ASN A 795 -26.24 -4.28 70.39
C ASN A 795 -25.74 -3.82 71.75
N GLY A 796 -26.46 -4.20 72.80
CA GLY A 796 -26.10 -3.83 74.17
C GLY A 796 -26.19 -2.33 74.40
N LEU A 797 -27.37 -1.77 74.20
CA LEU A 797 -27.61 -0.36 74.43
C LEU A 797 -28.10 -0.14 75.86
N HIS A 798 -27.35 0.63 76.64
CA HIS A 798 -27.69 0.91 78.02
C HIS A 798 -28.05 2.37 78.23
N LEU A 799 -29.23 2.60 78.80
CA LEU A 799 -29.72 3.96 79.06
C LEU A 799 -29.90 4.18 80.55
N SER A 800 -29.40 5.31 81.06
CA SER A 800 -29.50 5.63 82.48
C SER A 800 -30.10 7.02 82.68
N ILE A 801 -31.29 7.07 83.29
CA ILE A 801 -31.98 8.33 83.53
C ILE A 801 -31.82 8.76 84.98
N HIS A 802 -31.50 10.04 85.18
CA HIS A 802 -31.35 10.61 86.51
C HIS A 802 -32.51 11.54 86.82
N LEU A 803 -33.32 11.16 87.80
CA LEU A 803 -34.51 11.92 88.19
C LEU A 803 -34.33 12.47 89.61
N PRO A 804 -34.67 13.76 89.80
CA PRO A 804 -34.45 14.42 91.09
C PRO A 804 -35.36 13.93 92.21
N GLY A 805 -34.77 13.61 93.36
CA GLY A 805 -35.54 13.16 94.51
C GLY A 805 -35.82 11.67 94.48
N GLN A 806 -36.10 11.10 95.64
CA GLN A 806 -36.37 9.67 95.76
C GLN A 806 -37.82 9.42 96.18
N SER A 807 -38.72 10.26 95.70
CA SER A 807 -40.17 10.15 95.98
C SER A 807 -40.46 10.13 97.48
N GLN A 808 -39.77 10.97 98.22
CA GLN A 808 -39.91 11.04 99.67
C GLN A 808 -40.85 12.18 100.05
N PRO A 809 -41.41 12.14 101.28
CA PRO A 809 -42.30 13.23 101.71
C PRO A 809 -41.60 14.59 101.76
N SER A 810 -40.27 14.58 101.81
CA SER A 810 -39.47 15.81 101.81
C SER A 810 -39.13 16.28 100.39
N ASP A 811 -39.25 15.39 99.41
CA ASP A 811 -38.95 15.72 98.02
C ASP A 811 -40.06 16.54 97.37
N LEU A 812 -39.75 17.14 96.22
CA LEU A 812 -40.70 17.99 95.51
C LEU A 812 -41.53 17.18 94.52
N LEU A 813 -40.89 16.20 93.89
CA LEU A 813 -41.56 15.33 92.92
C LEU A 813 -41.83 13.94 93.48
N TYR A 814 -42.97 13.38 93.12
CA TYR A 814 -43.29 12.00 93.45
C TYR A 814 -43.41 11.21 92.15
N ILE A 815 -42.50 10.25 91.96
CA ILE A 815 -42.48 9.46 90.73
C ILE A 815 -43.51 8.35 90.80
N LEU A 816 -44.48 8.39 89.89
CA LEU A 816 -45.55 7.38 89.85
C LEU A 816 -45.11 6.11 89.16
N ASP A 817 -44.82 6.22 87.86
CA ASP A 817 -44.59 5.05 87.03
C ASP A 817 -43.57 5.35 85.95
N ILE A 818 -42.89 4.31 85.50
CA ILE A 818 -41.99 4.39 84.37
C ILE A 818 -42.52 3.47 83.29
N GLN A 819 -42.66 4.01 82.07
CA GLN A 819 -43.28 3.28 80.97
C GLN A 819 -42.32 3.17 79.78
N PRO A 820 -41.46 2.14 79.77
CA PRO A 820 -40.56 1.92 78.64
C PRO A 820 -41.25 1.19 77.49
N GLN A 821 -40.75 1.39 76.28
CA GLN A 821 -41.33 0.76 75.09
C GLN A 821 -40.24 0.40 74.06
N GLY A 822 -40.58 -0.53 73.17
CA GLY A 822 -39.66 -0.97 72.13
C GLY A 822 -38.67 -2.02 72.61
N GLY A 823 -39.13 -2.91 73.48
CA GLY A 823 -38.29 -4.00 74.00
C GLY A 823 -37.26 -3.55 75.02
N LEU A 824 -37.49 -2.37 75.60
CA LEU A 824 -36.57 -1.80 76.58
C LEU A 824 -37.08 -2.12 77.98
N GLN A 825 -36.19 -2.57 78.86
CA GLN A 825 -36.54 -2.91 80.24
C GLN A 825 -35.74 -2.07 81.21
N CYS A 826 -36.43 -1.46 82.17
CA CYS A 826 -35.80 -0.51 83.09
C CYS A 826 -35.95 -0.90 84.55
N PHE A 827 -34.97 -0.50 85.36
CA PHE A 827 -34.98 -0.79 86.79
C PHE A 827 -34.57 0.46 87.57
N PRO A 828 -35.53 1.04 88.33
CA PRO A 828 -35.25 2.25 89.10
C PRO A 828 -34.55 1.96 90.42
N GLN A 829 -33.77 2.94 90.90
CA GLN A 829 -33.06 2.81 92.16
C GLN A 829 -32.88 4.20 92.80
N PRO A 830 -33.58 4.47 93.92
CA PRO A 830 -34.49 3.58 94.64
C PRO A 830 -35.80 3.36 93.90
N PRO A 831 -36.68 2.50 94.42
CA PRO A 831 -37.97 2.26 93.79
C PRO A 831 -38.78 3.54 93.63
N VAL A 832 -39.62 3.59 92.59
CA VAL A 832 -40.56 4.70 92.41
C VAL A 832 -41.92 4.29 92.96
N ASN A 833 -42.71 5.28 93.36
CA ASN A 833 -44.02 5.04 93.97
C ASN A 833 -43.96 4.02 95.11
N PRO A 834 -43.38 4.42 96.26
CA PRO A 834 -43.34 3.53 97.43
C PRO A 834 -44.72 3.21 98.01
N LEU A 835 -45.70 4.07 97.75
CA LEU A 835 -47.08 3.83 98.16
C LEU A 835 -47.78 2.94 97.13
N LYS A 836 -49.09 2.76 97.27
CA LYS A 836 -49.87 1.99 96.29
C LYS A 836 -50.07 2.83 95.02
N VAL A 837 -51.29 3.34 94.80
CA VAL A 837 -51.57 4.34 93.75
C VAL A 837 -51.47 3.79 92.32
N ASP A 838 -52.24 4.41 91.41
CA ASP A 838 -52.22 4.04 89.99
C ASP A 838 -51.23 4.91 89.21
N TRP A 839 -51.22 4.79 87.89
CA TRP A 839 -50.34 5.59 87.05
N ASP A 874 -35.33 34.76 91.71
CA ASP A 874 -34.57 34.05 90.69
C ASP A 874 -35.05 32.61 90.53
N PRO A 875 -34.75 31.98 89.38
CA PRO A 875 -35.18 30.61 89.15
C PRO A 875 -34.39 29.58 89.96
N VAL A 876 -35.09 28.80 90.77
CA VAL A 876 -34.47 27.76 91.59
C VAL A 876 -34.30 26.50 90.76
N LEU A 877 -33.04 26.14 90.46
CA LEU A 877 -32.76 24.96 89.65
C LEU A 877 -32.84 23.69 90.48
N VAL A 878 -33.99 23.03 90.43
CA VAL A 878 -34.18 21.75 91.12
C VAL A 878 -33.72 20.62 90.20
N SER A 879 -32.53 20.10 90.46
CA SER A 879 -31.95 19.06 89.62
C SER A 879 -31.36 17.95 90.48
N CYS A 880 -30.94 16.89 89.80
CA CYS A 880 -30.34 15.73 90.46
C CYS A 880 -29.01 16.06 91.14
N ASP A 881 -28.36 17.13 90.68
CA ASP A 881 -27.11 17.60 91.29
C ASP A 881 -27.33 18.15 92.69
N SER A 882 -28.52 18.71 92.94
CA SER A 882 -28.83 19.31 94.23
C SER A 882 -29.27 18.25 95.25
N ALA A 883 -30.45 17.68 95.02
CA ALA A 883 -31.06 16.75 95.97
C ALA A 883 -30.70 15.29 95.67
N PRO A 884 -31.18 14.35 96.51
CA PRO A 884 -31.01 12.93 96.22
C PRO A 884 -31.63 12.54 94.89
N CYS A 885 -31.28 11.37 94.36
CA CYS A 885 -31.62 11.03 92.98
C CYS A 885 -32.08 9.60 92.78
N THR A 886 -33.06 9.42 91.89
CA THR A 886 -33.52 8.10 91.49
C THR A 886 -32.97 7.75 90.12
N VAL A 887 -31.93 6.93 90.09
CA VAL A 887 -31.31 6.54 88.83
C VAL A 887 -32.02 5.34 88.22
N VAL A 888 -32.69 5.58 87.09
CA VAL A 888 -33.33 4.51 86.34
C VAL A 888 -32.38 4.01 85.26
N GLN A 889 -32.12 2.71 85.26
CA GLN A 889 -31.22 2.10 84.28
C GLN A 889 -31.97 1.12 83.38
N CYS A 890 -31.76 1.25 82.07
CA CYS A 890 -32.46 0.42 81.09
C CYS A 890 -31.49 -0.37 80.22
N ASP A 891 -32.02 -1.39 79.54
CA ASP A 891 -31.23 -2.25 78.68
C ASP A 891 -31.98 -2.61 77.42
N LEU A 892 -31.28 -2.61 76.30
CA LEU A 892 -31.83 -3.08 75.03
C LEU A 892 -30.78 -3.96 74.33
N GLN A 893 -31.18 -5.19 74.03
CA GLN A 893 -30.24 -6.20 73.54
C GLN A 893 -29.82 -5.95 72.09
N GLU A 894 -30.70 -5.37 71.30
CA GLU A 894 -30.44 -5.16 69.88
C GLU A 894 -31.39 -4.12 69.30
N MET A 895 -30.88 -3.32 68.36
CA MET A 895 -31.65 -2.25 67.75
C MET A 895 -31.27 -2.08 66.28
N ALA A 896 -32.22 -2.38 65.39
CA ALA A 896 -31.98 -2.34 63.96
C ALA A 896 -32.02 -0.92 63.42
N ARG A 897 -31.81 -0.78 62.11
CA ARG A 897 -31.82 0.51 61.44
C ARG A 897 -33.24 1.06 61.39
N GLY A 898 -33.40 2.34 61.76
CA GLY A 898 -34.71 2.98 61.77
C GLY A 898 -35.59 2.61 62.96
N GLN A 899 -35.11 1.68 63.79
CA GLN A 899 -35.86 1.22 64.95
C GLN A 899 -35.81 2.28 66.05
N ARG A 900 -36.85 2.31 66.89
CA ARG A 900 -36.95 3.30 67.95
C ARG A 900 -37.30 2.65 69.28
N ALA A 901 -37.15 3.43 70.35
CA ALA A 901 -37.51 3.00 71.69
C ALA A 901 -37.61 4.22 72.58
N MET A 902 -38.64 4.27 73.42
CA MET A 902 -38.88 5.43 74.27
C MET A 902 -39.24 5.04 75.69
N VAL A 903 -38.91 5.91 76.63
CA VAL A 903 -39.26 5.72 78.03
C VAL A 903 -39.92 7.00 78.54
N THR A 904 -41.09 6.83 79.14
CA THR A 904 -41.83 7.96 79.70
C THR A 904 -41.87 7.83 81.22
N VAL A 905 -41.40 8.86 81.91
CA VAL A 905 -41.44 8.89 83.37
C VAL A 905 -42.58 9.77 83.85
N LEU A 906 -43.47 9.20 84.65
CA LEU A 906 -44.64 9.92 85.14
C LEU A 906 -44.41 10.35 86.58
N ALA A 907 -44.87 11.56 86.92
CA ALA A 907 -44.71 12.09 88.27
C ALA A 907 -45.69 13.24 88.51
N PHE A 908 -45.75 13.71 89.77
CA PHE A 908 -46.51 14.90 90.11
C PHE A 908 -45.88 15.61 91.30
N LEU A 909 -46.22 16.88 91.47
CA LEU A 909 -45.65 17.69 92.53
C LEU A 909 -46.27 17.36 93.87
N TRP A 910 -45.45 17.42 94.91
CA TRP A 910 -45.91 17.20 96.28
C TRP A 910 -46.22 18.56 96.89
N LEU A 911 -47.51 18.87 97.01
CA LEU A 911 -47.95 20.21 97.38
C LEU A 911 -47.30 20.76 98.65
N PRO A 912 -47.25 19.93 99.72
CA PRO A 912 -46.59 20.39 100.93
C PRO A 912 -45.15 20.86 100.70
N SER A 913 -44.39 20.10 99.92
CA SER A 913 -43.02 20.47 99.58
C SER A 913 -42.99 21.72 98.70
N LEU A 914 -43.95 21.83 97.80
CA LEU A 914 -44.01 22.95 96.87
C LEU A 914 -44.31 24.27 97.58
N TYR A 915 -45.12 24.22 98.63
CA TYR A 915 -45.50 25.44 99.35
C TYR A 915 -44.53 25.80 100.48
N GLN A 916 -43.52 24.96 100.69
CA GLN A 916 -42.29 25.40 101.33
C GLN A 916 -41.56 26.21 100.25
N ARG A 917 -41.34 27.49 100.52
CA ARG A 917 -40.95 28.45 99.48
C ARG A 917 -42.16 28.75 98.58
N PRO A 918 -43.19 29.41 99.13
CA PRO A 918 -44.43 29.66 98.39
C PRO A 918 -44.36 30.77 97.32
N LEU A 919 -43.19 31.38 97.14
CA LEU A 919 -43.04 32.44 96.14
C LEU A 919 -41.82 32.22 95.24
N ASP A 920 -41.37 30.98 95.11
CA ASP A 920 -40.20 30.67 94.28
C ASP A 920 -40.60 30.20 92.89
N GLN A 921 -39.68 30.34 91.94
CA GLN A 921 -39.86 29.86 90.59
C GLN A 921 -38.97 28.65 90.37
N PHE A 922 -39.57 27.47 90.27
CA PHE A 922 -38.81 26.22 90.18
C PHE A 922 -38.62 25.77 88.73
N VAL A 923 -37.53 25.04 88.51
CA VAL A 923 -37.23 24.44 87.21
C VAL A 923 -36.76 23.00 87.42
N LEU A 924 -37.64 22.05 87.10
CA LEU A 924 -37.34 20.63 87.31
C LEU A 924 -36.52 20.07 86.15
N GLN A 925 -35.32 19.58 86.48
CA GLN A 925 -34.38 19.10 85.48
C GLN A 925 -34.11 17.61 85.64
N SER A 926 -34.04 16.90 84.53
CA SER A 926 -33.62 15.51 84.50
C SER A 926 -32.50 15.37 83.48
N HIS A 927 -31.74 14.29 83.59
CA HIS A 927 -30.60 14.06 82.68
C HIS A 927 -30.53 12.59 82.30
N ALA A 928 -30.13 12.32 81.06
CA ALA A 928 -30.06 10.95 80.56
C ALA A 928 -28.76 10.71 79.78
N TRP A 929 -28.07 9.63 80.13
CA TRP A 929 -26.87 9.20 79.41
CA TRP A 929 -26.88 9.20 79.41
C TRP A 929 -27.16 7.88 78.69
N PHE A 930 -26.47 7.67 77.57
CA PHE A 930 -26.62 6.41 76.82
C PHE A 930 -25.31 6.02 76.14
N ASN A 931 -25.17 4.72 75.89
CA ASN A 931 -24.02 4.18 75.16
C ASN A 931 -24.36 2.84 74.53
N VAL A 932 -23.46 2.33 73.70
CA VAL A 932 -23.65 1.06 73.01
C VAL A 932 -22.44 0.16 73.23
N SER A 933 -22.69 -1.13 73.40
CA SER A 933 -21.63 -2.10 73.66
C SER A 933 -20.83 -2.44 72.41
N SER A 934 -21.51 -2.97 71.39
CA SER A 934 -20.85 -3.37 70.15
C SER A 934 -21.83 -3.39 68.98
N LEU A 935 -21.29 -3.57 67.78
CA LEU A 935 -22.09 -3.75 66.58
C LEU A 935 -21.81 -5.14 66.01
N PRO A 936 -22.86 -5.86 65.59
CA PRO A 936 -22.68 -7.23 65.12
C PRO A 936 -22.17 -7.30 63.69
N TYR A 937 -20.85 -7.16 63.51
CA TYR A 937 -20.24 -7.19 62.19
C TYR A 937 -18.82 -7.73 62.22
N ALA A 938 -18.25 -7.95 61.04
CA ALA A 938 -16.91 -8.53 60.90
C ALA A 938 -15.84 -7.59 61.45
N VAL A 939 -15.58 -6.49 60.74
CA VAL A 939 -14.55 -5.53 61.12
C VAL A 939 -15.09 -4.12 61.02
N PRO A 940 -15.64 -3.59 62.14
CA PRO A 940 -16.15 -2.22 62.17
C PRO A 940 -15.37 -1.29 63.12
N PRO A 941 -14.13 -0.94 62.75
CA PRO A 941 -13.35 -0.03 63.59
C PRO A 941 -13.67 1.45 63.32
N LEU A 942 -14.70 1.97 63.99
CA LEU A 942 -15.02 3.39 63.90
C LEU A 942 -15.20 4.00 65.29
N SER A 943 -16.43 3.99 65.79
CA SER A 943 -16.73 4.60 67.08
C SER A 943 -18.11 4.17 67.56
N LEU A 944 -18.18 3.67 68.80
CA LEU A 944 -19.44 3.22 69.37
C LEU A 944 -20.31 4.43 69.72
N PRO A 945 -21.60 4.38 69.35
CA PRO A 945 -22.50 5.49 69.65
C PRO A 945 -22.56 5.84 71.14
N ARG A 946 -22.61 7.13 71.44
CA ARG A 946 -22.78 7.61 72.79
C ARG A 946 -23.45 8.98 72.75
N GLY A 947 -23.95 9.44 73.89
CA GLY A 947 -24.54 10.76 73.97
C GLY A 947 -25.29 11.01 75.26
N GLU A 948 -25.99 12.14 75.31
CA GLU A 948 -26.71 12.57 76.49
C GLU A 948 -27.83 13.52 76.11
N ALA A 949 -28.83 13.60 76.97
CA ALA A 949 -29.96 14.50 76.75
C ALA A 949 -30.42 15.08 78.09
N GLN A 950 -31.32 16.04 78.02
CA GLN A 950 -31.73 16.81 79.19
C GLN A 950 -33.12 17.40 78.98
N VAL A 951 -33.99 17.24 79.97
CA VAL A 951 -35.36 17.74 79.90
C VAL A 951 -35.65 18.70 81.05
N TRP A 952 -36.22 19.86 80.72
CA TRP A 952 -36.58 20.85 81.72
C TRP A 952 -38.09 20.98 81.82
N THR A 953 -38.56 21.35 83.00
CA THR A 953 -39.96 21.72 83.21
C THR A 953 -39.98 22.87 84.19
N GLN A 954 -40.61 23.98 83.81
CA GLN A 954 -40.66 25.14 84.68
C GLN A 954 -41.99 25.23 85.41
N LEU A 955 -41.95 25.74 86.64
CA LEU A 955 -43.15 25.94 87.44
C LEU A 955 -43.37 27.42 87.68
N LEU A 956 -44.62 27.86 87.58
CA LEU A 956 -44.96 29.27 87.69
C LEU A 956 -46.00 29.52 88.77
N ARG A 957 -45.96 30.73 89.34
CA ARG A 957 -46.87 31.12 90.41
C ARG A 957 -48.13 31.78 89.86
N ALA A 958 -49.29 31.27 90.28
CA ALA A 958 -50.58 31.78 89.82
C ALA A 958 -51.44 32.19 91.01
N CYS A 959 -52.43 33.05 90.74
CA CYS A 959 -53.33 33.56 91.78
C CYS A 959 -54.78 33.24 91.42
N GLY B 1 -30.24 31.00 16.55
CA GLY B 1 -28.99 30.19 16.74
C GLY B 1 -29.26 28.70 16.66
N PRO B 2 -28.20 27.88 16.89
CA PRO B 2 -28.35 26.42 16.84
C PRO B 2 -29.28 25.90 17.93
N ASN B 3 -30.07 24.87 17.59
CA ASN B 3 -30.99 24.28 18.53
C ASN B 3 -31.42 22.87 18.13
N ILE B 4 -32.17 22.22 19.01
CA ILE B 4 -32.64 20.84 18.80
C ILE B 4 -33.31 20.63 17.45
N CYS B 5 -34.01 21.65 16.96
CA CYS B 5 -34.73 21.56 15.68
C CYS B 5 -33.77 21.44 14.50
N THR B 6 -32.79 22.34 14.44
CA THR B 6 -31.88 22.42 13.30
C THR B 6 -31.01 21.18 13.17
N THR B 7 -30.34 20.81 14.25
CA THR B 7 -29.36 19.74 14.22
C THR B 7 -29.95 18.39 14.60
N ARG B 8 -31.07 18.04 13.97
CA ARG B 8 -31.68 16.73 14.15
C ARG B 8 -32.48 16.34 12.91
N GLY B 9 -33.79 16.58 12.95
CA GLY B 9 -34.68 16.16 11.88
C GLY B 9 -34.82 17.21 10.80
N VAL B 10 -33.92 17.17 9.82
CA VAL B 10 -33.99 18.06 8.66
C VAL B 10 -34.28 17.24 7.40
N SER B 11 -35.21 16.31 7.52
CA SER B 11 -35.59 15.44 6.41
C SER B 11 -36.98 15.79 5.90
N SER B 12 -37.98 15.72 6.78
CA SER B 12 -39.36 15.97 6.39
C SER B 12 -40.03 16.98 7.33
N CYS B 13 -41.24 17.40 6.98
CA CYS B 13 -42.02 18.29 7.81
C CYS B 13 -42.54 17.58 9.04
N GLN B 14 -42.92 16.32 8.89
CA GLN B 14 -43.47 15.55 10.00
C GLN B 14 -42.41 15.25 11.06
N GLN B 15 -41.21 14.87 10.62
CA GLN B 15 -40.12 14.63 11.55
C GLN B 15 -39.78 15.87 12.36
N CYS B 16 -39.82 17.02 11.69
CA CYS B 16 -39.53 18.30 12.32
C CYS B 16 -40.43 18.54 13.51
N LEU B 17 -41.74 18.32 13.32
CA LEU B 17 -42.70 18.51 14.40
C LEU B 17 -42.50 17.49 15.52
N ALA B 18 -42.05 16.29 15.15
CA ALA B 18 -41.83 15.22 16.13
C ALA B 18 -40.60 15.47 17.00
N VAL B 19 -39.69 16.32 16.54
CA VAL B 19 -38.47 16.62 17.30
C VAL B 19 -38.77 17.34 18.62
N SER B 20 -39.65 18.33 18.57
CA SER B 20 -39.99 19.12 19.76
C SER B 20 -41.22 19.99 19.48
N PRO B 21 -42.01 20.30 20.53
CA PRO B 21 -43.16 21.20 20.39
C PRO B 21 -42.82 22.62 19.94
N MET B 22 -41.56 23.03 20.10
CA MET B 22 -41.14 24.37 19.73
C MET B 22 -40.62 24.46 18.29
N CYS B 23 -40.53 23.33 17.60
CA CYS B 23 -40.00 23.32 16.24
C CYS B 23 -41.07 23.69 15.21
N ALA B 24 -40.73 24.64 14.34
CA ALA B 24 -41.59 25.01 13.21
C ALA B 24 -40.91 24.58 11.92
N TRP B 25 -41.69 24.47 10.86
CA TRP B 25 -41.20 24.04 9.55
C TRP B 25 -41.62 25.02 8.46
N CYS B 26 -40.70 25.29 7.55
CA CYS B 26 -40.91 26.25 6.46
C CYS B 26 -40.99 25.51 5.12
N SER B 27 -42.11 25.65 4.42
CA SER B 27 -42.31 24.96 3.15
C SER B 27 -42.04 25.86 1.95
N ASP B 28 -41.59 27.08 2.22
CA ASP B 28 -41.32 28.05 1.16
C ASP B 28 -40.18 27.59 0.26
N GLU B 29 -40.46 27.42 -1.02
CA GLU B 29 -39.46 26.96 -1.98
C GLU B 29 -38.38 28.02 -2.22
N ALA B 30 -38.71 29.28 -1.91
CA ALA B 30 -37.79 30.39 -2.10
C ALA B 30 -36.72 30.49 -1.01
N LEU B 31 -36.89 29.71 0.07
CA LEU B 31 -35.93 29.71 1.18
C LEU B 31 -34.50 29.47 0.67
N PRO B 32 -33.53 30.29 1.11
CA PRO B 32 -32.15 30.12 0.68
C PRO B 32 -31.65 28.70 0.88
N LEU B 33 -30.99 28.15 -0.14
CA LEU B 33 -30.46 26.79 -0.07
C LEU B 33 -29.32 26.71 0.94
N GLY B 34 -29.62 26.17 2.12
CA GLY B 34 -28.63 26.06 3.19
C GLY B 34 -29.24 26.35 4.55
N SER B 35 -29.95 27.47 4.65
CA SER B 35 -30.61 27.86 5.90
C SER B 35 -31.49 26.73 6.41
N PRO B 36 -31.60 26.60 7.74
CA PRO B 36 -32.35 25.47 8.31
C PRO B 36 -33.85 25.58 8.06
N ARG B 37 -34.44 24.53 7.50
CA ARG B 37 -35.85 24.51 7.20
C ARG B 37 -36.66 24.21 8.45
N CYS B 38 -36.08 23.41 9.34
CA CYS B 38 -36.69 23.07 10.62
C CYS B 38 -36.00 23.85 11.74
N ASP B 39 -36.70 24.85 12.27
CA ASP B 39 -36.13 25.72 13.29
C ASP B 39 -37.27 26.34 14.11
N LEU B 40 -36.94 27.29 14.98
CA LEU B 40 -37.94 28.04 15.71
C LEU B 40 -38.66 29.00 14.77
N LYS B 41 -39.92 29.30 15.07
CA LYS B 41 -40.71 30.19 14.23
C LYS B 41 -40.02 31.55 14.07
N GLU B 42 -39.45 32.07 15.14
CA GLU B 42 -38.79 33.37 15.11
C GLU B 42 -37.60 33.35 14.16
N ASN B 43 -36.88 32.25 14.12
CA ASN B 43 -35.72 32.11 13.25
C ASN B 43 -36.08 31.93 11.78
N LEU B 44 -37.17 31.20 11.52
CA LEU B 44 -37.66 31.06 10.15
C LEU B 44 -38.08 32.41 9.60
N LEU B 45 -38.81 33.18 10.41
CA LEU B 45 -39.25 34.51 10.02
C LEU B 45 -38.08 35.45 9.76
N LYS B 46 -37.02 35.34 10.57
CA LYS B 46 -35.83 36.16 10.38
C LYS B 46 -35.07 35.81 9.10
N ASP B 47 -35.38 34.66 8.50
CA ASP B 47 -34.93 34.32 7.16
C ASP B 47 -36.07 34.53 6.14
N ASN B 48 -37.01 35.41 6.48
CA ASN B 48 -38.10 35.78 5.61
C ASN B 48 -38.86 34.60 5.00
N CYS B 49 -39.13 33.58 5.81
CA CYS B 49 -39.96 32.48 5.36
C CYS B 49 -41.40 32.97 5.22
N ALA B 50 -42.07 32.54 4.15
CA ALA B 50 -43.45 32.93 3.89
C ALA B 50 -44.36 32.50 5.05
N PRO B 51 -44.93 33.48 5.78
CA PRO B 51 -45.78 33.18 6.93
C PRO B 51 -46.81 32.07 6.66
N GLU B 52 -47.53 32.14 5.54
CA GLU B 52 -48.53 31.13 5.23
C GLU B 52 -47.91 29.76 4.93
N SER B 53 -46.61 29.76 4.60
CA SER B 53 -45.87 28.53 4.38
C SER B 53 -45.34 27.91 5.67
N ILE B 54 -45.36 28.66 6.76
CA ILE B 54 -44.85 28.15 8.04
C ILE B 54 -45.82 27.16 8.68
N GLU B 55 -45.33 25.95 8.94
CA GLU B 55 -46.08 24.95 9.66
C GLU B 55 -45.65 24.97 11.12
N PHE B 56 -46.51 25.53 11.98
CA PHE B 56 -46.24 25.59 13.41
C PHE B 56 -47.55 25.54 14.19
N PRO B 57 -48.09 24.32 14.38
CA PRO B 57 -49.30 24.18 15.16
C PRO B 57 -49.01 24.34 16.66
N VAL B 58 -49.99 24.85 17.39
CA VAL B 58 -49.86 25.02 18.83
C VAL B 58 -51.00 24.28 19.51
N SER B 59 -50.66 23.52 20.56
CA SER B 59 -51.66 22.76 21.30
C SER B 59 -52.61 23.72 22.01
N GLU B 60 -53.89 23.33 22.11
CA GLU B 60 -54.89 24.17 22.74
C GLU B 60 -55.99 23.36 23.44
N ALA B 61 -56.83 24.07 24.19
CA ALA B 61 -57.95 23.46 24.91
C ALA B 61 -59.19 24.33 24.81
N ARG B 62 -59.95 24.18 23.73
CA ARG B 62 -61.15 24.96 23.51
C ARG B 62 -62.30 24.44 24.36
N VAL B 63 -62.90 25.33 25.15
CA VAL B 63 -64.06 24.99 25.97
C VAL B 63 -65.30 24.87 25.09
N LEU B 64 -65.95 23.71 25.14
CA LEU B 64 -67.17 23.49 24.37
C LEU B 64 -68.40 23.88 25.20
N GLU B 65 -68.50 23.31 26.39
CA GLU B 65 -69.59 23.61 27.31
C GLU B 65 -69.06 24.28 28.56
N ASP B 66 -69.73 25.35 29.00
CA ASP B 66 -69.30 26.11 30.16
C ASP B 66 -70.50 26.70 30.90
N ARG B 67 -71.35 25.83 31.43
CA ARG B 67 -72.48 26.25 32.24
C ARG B 67 -71.98 26.60 33.64
N PRO B 68 -72.33 27.82 34.13
CA PRO B 68 -72.00 28.18 35.51
C PRO B 68 -72.65 27.25 36.53
N LEU B 69 -72.03 27.15 37.71
CA LEU B 69 -72.49 26.24 38.75
C LEU B 69 -73.75 26.78 39.44
N SER B 70 -74.55 25.87 40.01
CA SER B 70 -75.82 26.22 40.61
C SER B 70 -75.65 26.69 42.06
N ASP B 71 -76.59 27.52 42.52
CA ASP B 71 -76.57 28.04 43.89
C ASP B 71 -77.46 27.22 44.82
N LYS B 72 -78.48 26.59 44.25
CA LYS B 72 -79.45 25.80 45.01
C LYS B 72 -79.87 24.57 44.20
N GLY B 73 -79.86 23.40 44.84
CA GLY B 73 -80.27 22.16 44.19
C GLY B 73 -81.79 22.00 44.13
N SER B 74 -82.44 22.87 43.35
CA SER B 74 -83.90 22.88 43.26
C SER B 74 -84.37 23.38 41.89
N GLN B 79 -81.42 22.39 35.09
CA GLN B 79 -80.96 21.27 35.91
C GLN B 79 -79.69 21.65 36.65
N VAL B 80 -79.48 21.06 37.82
CA VAL B 80 -78.36 21.40 38.69
C VAL B 80 -77.02 21.07 38.05
N THR B 81 -76.06 21.99 38.17
CA THR B 81 -74.71 21.78 37.67
C THR B 81 -73.69 21.92 38.79
N GLN B 82 -72.83 20.92 38.93
CA GLN B 82 -71.81 20.90 39.98
C GLN B 82 -70.38 20.73 39.45
N VAL B 83 -70.23 20.63 38.13
CA VAL B 83 -68.92 20.52 37.51
C VAL B 83 -68.86 21.42 36.28
N SER B 84 -68.01 22.43 36.32
CA SER B 84 -67.83 23.37 35.20
C SER B 84 -66.35 23.60 34.94
N PRO B 85 -65.91 23.50 33.67
CA PRO B 85 -66.70 23.24 32.47
C PRO B 85 -67.09 21.77 32.31
N GLN B 86 -68.12 21.51 31.51
CA GLN B 86 -68.66 20.16 31.34
C GLN B 86 -67.94 19.39 30.22
N ARG B 87 -67.55 20.10 29.16
CA ARG B 87 -66.85 19.47 28.05
C ARG B 87 -65.77 20.39 27.49
N ILE B 88 -64.62 19.80 27.15
CA ILE B 88 -63.51 20.55 26.59
C ILE B 88 -62.87 19.78 25.44
N ALA B 89 -62.71 20.46 24.30
CA ALA B 89 -62.04 19.88 23.15
C ALA B 89 -60.55 20.17 23.25
N LEU B 90 -59.78 19.19 23.69
CA LEU B 90 -58.34 19.31 23.79
C LEU B 90 -57.71 18.93 22.46
N ARG B 91 -56.58 19.57 22.13
CA ARG B 91 -55.87 19.28 20.89
C ARG B 91 -54.37 19.46 21.08
N LEU B 92 -53.62 18.36 20.93
CA LEU B 92 -52.19 18.35 21.25
C LEU B 92 -51.33 17.97 20.03
N ARG B 93 -50.06 18.37 20.08
CA ARG B 93 -49.07 18.00 19.07
C ARG B 93 -48.07 17.03 19.71
N PRO B 94 -47.19 16.39 18.91
CA PRO B 94 -46.33 15.31 19.40
C PRO B 94 -45.51 15.64 20.66
N ASP B 95 -45.60 14.76 21.67
CA ASP B 95 -44.86 14.89 22.92
C ASP B 95 -45.14 16.21 23.66
N ASP B 96 -46.30 16.80 23.41
CA ASP B 96 -46.63 18.10 23.96
C ASP B 96 -47.70 17.96 25.03
N SER B 97 -47.76 18.93 25.93
CA SER B 97 -48.73 18.94 27.01
C SER B 97 -49.64 20.15 26.90
N LYS B 98 -50.71 20.15 27.67
CA LYS B 98 -51.59 21.30 27.76
C LYS B 98 -52.37 21.23 29.07
N ASN B 99 -52.48 22.37 29.76
CA ASN B 99 -53.16 22.41 31.04
C ASN B 99 -54.50 23.13 30.95
N PHE B 100 -55.39 22.79 31.88
CA PHE B 100 -56.74 23.34 31.92
C PHE B 100 -57.32 23.16 33.31
N SER B 101 -58.26 24.03 33.70
CA SER B 101 -58.84 23.99 35.03
C SER B 101 -60.23 23.36 35.03
N ILE B 102 -60.65 22.90 36.20
CA ILE B 102 -62.00 22.38 36.40
C ILE B 102 -62.47 22.85 37.77
N GLN B 103 -63.76 23.14 37.89
CA GLN B 103 -64.30 23.71 39.12
C GLN B 103 -65.45 22.85 39.68
N VAL B 104 -65.13 22.08 40.71
CA VAL B 104 -66.11 21.25 41.40
C VAL B 104 -66.70 22.05 42.55
N ARG B 105 -67.98 21.84 42.81
CA ARG B 105 -68.68 22.60 43.84
C ARG B 105 -69.95 21.86 44.23
N GLN B 106 -70.09 21.56 45.52
CA GLN B 106 -71.25 20.84 46.02
C GLN B 106 -72.40 21.80 46.30
N VAL B 107 -73.46 21.68 45.50
CA VAL B 107 -74.62 22.53 45.65
C VAL B 107 -75.29 22.29 46.99
N GLU B 108 -75.89 23.33 47.54
CA GLU B 108 -76.57 23.25 48.81
C GLU B 108 -77.97 22.67 48.60
N ASP B 109 -78.45 21.89 49.58
CA ASP B 109 -79.79 21.31 49.54
C ASP B 109 -80.00 20.40 48.32
N TYR B 110 -79.00 19.58 48.02
CA TYR B 110 -79.10 18.61 46.94
C TYR B 110 -79.90 17.41 47.44
N PRO B 111 -80.75 16.80 46.59
CA PRO B 111 -81.55 15.64 47.01
C PRO B 111 -80.69 14.46 47.47
N VAL B 112 -81.20 13.69 48.44
CA VAL B 112 -80.44 12.60 49.05
C VAL B 112 -81.26 11.31 49.12
N ASP B 113 -80.59 10.18 48.85
CA ASP B 113 -81.18 8.86 49.01
C ASP B 113 -80.47 8.13 50.13
N ILE B 114 -81.20 7.29 50.87
CA ILE B 114 -80.61 6.53 51.97
C ILE B 114 -81.12 5.09 52.01
N TYR B 115 -80.29 4.15 51.57
CA TYR B 115 -80.60 2.73 51.67
C TYR B 115 -79.90 2.14 52.89
N TYR B 116 -80.63 1.35 53.66
CA TYR B 116 -80.17 0.87 54.97
C TYR B 116 -79.85 -0.62 54.93
N LEU B 117 -78.63 -0.96 54.50
CA LEU B 117 -78.16 -2.34 54.51
C LEU B 117 -77.88 -2.78 55.94
N MET B 118 -78.67 -3.72 56.45
CA MET B 118 -78.57 -4.11 57.84
C MET B 118 -78.26 -5.59 58.03
N ASP B 119 -77.26 -5.86 58.84
CA ASP B 119 -76.96 -7.20 59.31
C ASP B 119 -78.09 -7.62 60.23
N LEU B 120 -78.71 -8.75 59.93
CA LEU B 120 -79.80 -9.27 60.76
C LEU B 120 -79.50 -10.67 61.27
N SER B 121 -78.25 -10.88 61.70
CA SER B 121 -77.88 -12.11 62.40
C SER B 121 -78.32 -11.98 63.86
N TYR B 122 -78.21 -13.06 64.62
CA TYR B 122 -78.82 -13.12 65.95
C TYR B 122 -78.43 -11.97 66.90
N SER B 123 -77.18 -11.51 66.80
CA SER B 123 -76.67 -10.46 67.68
C SER B 123 -77.32 -9.10 67.43
N MET B 124 -78.00 -8.95 66.29
CA MET B 124 -78.62 -7.69 65.92
C MET B 124 -80.13 -7.69 66.21
N LYS B 125 -80.56 -8.53 67.15
CA LYS B 125 -81.96 -8.57 67.56
C LYS B 125 -82.36 -7.30 68.28
N ASP B 126 -81.56 -6.91 69.27
CA ASP B 126 -81.79 -5.69 70.02
C ASP B 126 -81.67 -4.43 69.15
N ASP B 127 -80.92 -4.54 68.06
CA ASP B 127 -80.74 -3.42 67.14
C ASP B 127 -82.03 -3.10 66.38
N LEU B 128 -82.86 -4.11 66.13
CA LEU B 128 -84.14 -3.90 65.49
C LEU B 128 -85.09 -3.11 66.40
N TRP B 129 -85.01 -3.35 67.70
CA TRP B 129 -85.87 -2.67 68.66
C TRP B 129 -85.58 -1.17 68.73
N SER B 130 -84.31 -0.82 68.68
CA SER B 130 -83.88 0.59 68.75
C SER B 130 -84.03 1.31 67.41
N ILE B 131 -84.28 0.55 66.34
CA ILE B 131 -84.47 1.10 65.00
C ILE B 131 -85.96 1.22 64.65
N GLN B 132 -86.84 0.81 65.56
CA GLN B 132 -88.28 0.75 65.30
C GLN B 132 -88.86 2.03 64.68
N ASN B 133 -88.41 3.19 65.17
CA ASN B 133 -88.95 4.47 64.73
C ASN B 133 -87.97 5.33 63.94
N LEU B 134 -86.81 4.77 63.60
CA LEU B 134 -85.91 5.42 62.66
C LEU B 134 -86.66 5.56 61.34
N GLY B 135 -86.34 6.61 60.59
CA GLY B 135 -87.01 6.89 59.32
C GLY B 135 -87.76 8.19 59.39
N THR B 136 -88.73 8.25 60.30
CA THR B 136 -89.44 9.48 60.57
C THR B 136 -88.55 10.41 61.39
N LYS B 137 -87.92 9.85 62.41
CA LYS B 137 -86.94 10.58 63.21
C LYS B 137 -85.74 10.96 62.36
N LEU B 138 -85.37 10.08 61.43
CA LEU B 138 -84.32 10.37 60.47
C LEU B 138 -84.74 11.48 59.51
N ALA B 139 -86.00 11.46 59.09
CA ALA B 139 -86.55 12.50 58.23
C ALA B 139 -86.46 13.85 58.90
N THR B 140 -87.02 13.95 60.10
CA THR B 140 -87.05 15.21 60.86
C THR B 140 -85.71 15.93 60.86
N GLN B 141 -84.63 15.18 61.06
CA GLN B 141 -83.28 15.75 61.09
C GLN B 141 -82.77 16.04 59.69
N MET B 142 -83.10 15.15 58.74
CA MET B 142 -82.65 15.29 57.36
C MET B 142 -83.34 16.42 56.62
N ARG B 143 -84.56 16.75 57.04
CA ARG B 143 -85.33 17.83 56.42
C ARG B 143 -84.62 19.18 56.53
N LYS B 144 -83.74 19.30 57.51
CA LYS B 144 -82.92 20.50 57.67
C LYS B 144 -81.82 20.55 56.60
N LEU B 145 -81.24 19.40 56.29
CA LEU B 145 -80.13 19.32 55.33
C LEU B 145 -80.58 19.32 53.87
N THR B 146 -81.78 18.79 53.60
CA THR B 146 -82.29 18.71 52.24
C THR B 146 -83.80 18.93 52.17
N SER B 147 -84.29 19.34 51.00
CA SER B 147 -85.73 19.52 50.76
C SER B 147 -86.36 18.25 50.21
N ASN B 148 -85.60 17.53 49.38
CA ASN B 148 -86.06 16.28 48.80
C ASN B 148 -85.30 15.10 49.40
N LEU B 149 -86.02 14.04 49.77
CA LEU B 149 -85.41 12.87 50.40
C LEU B 149 -86.26 11.60 50.23
N ARG B 150 -85.59 10.51 49.85
CA ARG B 150 -86.24 9.20 49.80
C ARG B 150 -85.37 8.18 50.55
N ILE B 151 -86.01 7.23 51.22
CA ILE B 151 -85.30 6.26 52.06
C ILE B 151 -85.78 4.85 51.76
N GLY B 152 -84.88 3.89 51.93
CA GLY B 152 -85.18 2.48 51.72
C GLY B 152 -84.47 1.59 52.72
N PHE B 153 -84.76 0.29 52.67
CA PHE B 153 -84.21 -0.66 53.62
C PHE B 153 -83.80 -1.96 52.94
N GLY B 154 -82.71 -2.54 53.42
CA GLY B 154 -82.26 -3.86 52.97
C GLY B 154 -81.87 -4.70 54.18
N ALA B 155 -81.64 -5.99 53.94
CA ALA B 155 -81.27 -6.90 55.03
C ALA B 155 -80.43 -8.05 54.50
N PHE B 156 -79.53 -8.54 55.35
CA PHE B 156 -78.64 -9.62 54.94
C PHE B 156 -78.08 -10.40 56.13
N VAL B 157 -77.72 -11.65 55.89
CA VAL B 157 -77.04 -12.48 56.89
C VAL B 157 -75.78 -13.09 56.27
N ASP B 158 -75.94 -14.14 55.47
CA ASP B 158 -74.81 -14.80 54.82
C ASP B 158 -75.36 -15.83 53.85
N LYS B 159 -74.47 -16.46 53.07
CA LYS B 159 -74.88 -17.45 52.08
C LYS B 159 -75.56 -18.66 52.75
N PRO B 160 -76.83 -18.91 52.40
CA PRO B 160 -77.57 -20.02 53.03
C PRO B 160 -77.08 -21.40 52.60
N VAL B 161 -75.92 -21.81 53.10
CA VAL B 161 -75.37 -23.13 52.78
C VAL B 161 -74.30 -23.53 53.79
N SER B 162 -74.22 -24.84 54.07
CA SER B 162 -73.19 -25.36 54.97
C SER B 162 -71.79 -24.99 54.46
N PRO B 163 -70.88 -24.59 55.37
CA PRO B 163 -71.00 -24.50 56.83
C PRO B 163 -71.41 -23.12 57.35
N TYR B 164 -71.91 -22.25 56.49
CA TYR B 164 -72.33 -20.94 56.95
C TYR B 164 -73.66 -21.06 57.71
N MET B 165 -74.54 -21.93 57.24
CA MET B 165 -75.81 -22.17 57.91
C MET B 165 -75.83 -23.55 58.57
N TYR B 166 -76.62 -23.66 59.64
CA TYR B 166 -76.84 -24.94 60.31
C TYR B 166 -77.81 -25.77 59.49
N ILE B 167 -77.51 -27.05 59.31
CA ILE B 167 -78.33 -27.92 58.46
C ILE B 167 -78.89 -29.16 59.18
N SER B 168 -78.77 -29.19 60.50
CA SER B 168 -79.35 -30.27 61.30
C SER B 168 -79.70 -29.75 62.70
N PRO B 169 -80.78 -30.29 63.29
CA PRO B 169 -81.70 -31.27 62.73
C PRO B 169 -82.56 -30.69 61.62
N PRO B 170 -83.41 -31.51 60.98
CA PRO B 170 -84.29 -31.04 59.92
C PRO B 170 -85.13 -29.81 60.30
N GLU B 171 -85.44 -29.67 61.58
CA GLU B 171 -86.19 -28.51 62.07
C GLU B 171 -85.34 -27.24 62.07
N ALA B 172 -84.02 -27.40 62.18
CA ALA B 172 -83.10 -26.25 62.17
C ALA B 172 -83.17 -25.46 60.86
N LEU B 173 -83.45 -26.16 59.76
CA LEU B 173 -83.59 -25.52 58.46
C LEU B 173 -84.83 -24.63 58.38
N GLU B 174 -85.85 -24.97 59.17
CA GLU B 174 -87.06 -24.17 59.28
C GLU B 174 -86.87 -23.04 60.30
N ASN B 175 -86.15 -23.35 61.37
CA ASN B 175 -85.90 -22.39 62.44
C ASN B 175 -84.50 -22.55 63.01
N PRO B 176 -83.54 -21.72 62.56
CA PRO B 176 -82.17 -21.72 63.06
C PRO B 176 -82.04 -21.55 64.58
N CYS B 177 -83.07 -21.01 65.22
CA CYS B 177 -83.11 -20.88 66.69
C CYS B 177 -83.90 -22.03 67.30
N TYR B 178 -83.59 -23.26 66.90
CA TYR B 178 -84.33 -24.43 67.36
C TYR B 178 -83.98 -24.80 68.80
N ASP B 179 -82.69 -24.83 69.10
CA ASP B 179 -82.23 -25.17 70.45
C ASP B 179 -82.53 -24.07 71.48
N MET B 180 -82.68 -22.84 71.00
CA MET B 180 -83.08 -21.73 71.86
C MET B 180 -84.60 -21.68 71.94
N LYS B 181 -85.13 -21.02 72.98
CA LYS B 181 -86.57 -20.97 73.20
C LYS B 181 -87.31 -20.25 72.08
N THR B 182 -86.81 -19.09 71.69
CA THR B 182 -87.44 -18.29 70.63
C THR B 182 -87.23 -18.93 69.26
N THR B 183 -87.96 -18.42 68.27
CA THR B 183 -87.87 -18.92 66.90
C THR B 183 -87.56 -17.78 65.93
N CYS B 184 -86.53 -17.98 65.10
CA CYS B 184 -86.07 -16.95 64.16
C CYS B 184 -86.24 -17.38 62.70
N LEU B 185 -86.10 -16.43 61.79
CA LEU B 185 -86.31 -16.66 60.35
C LEU B 185 -85.32 -17.69 59.79
N PRO B 186 -85.71 -18.35 58.68
CA PRO B 186 -84.75 -19.14 57.93
C PRO B 186 -83.70 -18.23 57.32
N MET B 187 -82.48 -18.76 57.17
CA MET B 187 -81.34 -17.94 56.77
C MET B 187 -81.47 -17.42 55.35
N PHE B 188 -81.03 -16.18 55.13
CA PHE B 188 -81.05 -15.55 53.82
C PHE B 188 -79.76 -14.77 53.55
N GLY B 189 -79.32 -14.79 52.30
CA GLY B 189 -78.11 -14.07 51.88
C GLY B 189 -78.32 -12.57 51.88
N TYR B 190 -79.29 -12.12 51.09
CA TYR B 190 -79.67 -10.72 51.06
C TYR B 190 -81.06 -10.58 50.47
N LYS B 191 -81.91 -9.80 51.13
CA LYS B 191 -83.23 -9.52 50.59
C LYS B 191 -83.51 -8.03 50.55
N HIS B 192 -84.04 -7.56 49.42
CA HIS B 192 -84.52 -6.19 49.29
C HIS B 192 -85.87 -6.15 49.99
N VAL B 193 -86.16 -5.03 50.65
CA VAL B 193 -87.39 -4.90 51.43
C VAL B 193 -88.21 -3.68 51.01
N LEU B 194 -87.61 -2.50 51.12
CA LEU B 194 -88.30 -1.25 50.79
C LEU B 194 -87.54 -0.44 49.74
N THR B 195 -88.12 -0.34 48.55
CA THR B 195 -87.60 0.52 47.51
C THR B 195 -87.63 1.98 47.98
N LEU B 196 -86.62 2.75 47.59
CA LEU B 196 -86.55 4.16 47.99
C LEU B 196 -87.88 4.84 47.75
N THR B 197 -88.52 5.28 48.83
CA THR B 197 -89.84 5.94 48.75
C THR B 197 -89.90 7.21 49.59
N ASP B 198 -90.73 8.16 49.17
CA ASP B 198 -90.88 9.43 49.87
C ASP B 198 -91.59 9.25 51.22
N GLN B 199 -92.48 8.27 51.30
CA GLN B 199 -93.20 7.98 52.54
C GLN B 199 -92.27 7.39 53.59
N VAL B 200 -91.73 8.27 54.45
CA VAL B 200 -90.79 7.86 55.49
C VAL B 200 -91.44 6.93 56.52
N THR B 201 -92.75 7.08 56.72
CA THR B 201 -93.48 6.27 57.70
C THR B 201 -93.54 4.79 57.31
N ARG B 202 -93.46 4.50 56.03
CA ARG B 202 -93.50 3.11 55.55
C ARG B 202 -92.24 2.34 55.93
N PHE B 203 -91.11 3.05 56.04
CA PHE B 203 -89.87 2.44 56.51
C PHE B 203 -90.08 1.88 57.91
N ASN B 204 -90.68 2.69 58.78
CA ASN B 204 -90.96 2.29 60.16
C ASN B 204 -91.94 1.12 60.20
N GLU B 205 -92.88 1.10 59.25
CA GLU B 205 -93.87 0.04 59.17
C GLU B 205 -93.19 -1.28 58.81
N GLU B 206 -92.22 -1.21 57.90
CA GLU B 206 -91.53 -2.40 57.40
C GLU B 206 -90.49 -2.92 58.39
N VAL B 207 -89.83 -2.04 59.11
CA VAL B 207 -88.77 -2.46 60.05
C VAL B 207 -89.33 -3.32 61.19
N LYS B 208 -90.58 -3.06 61.56
CA LYS B 208 -91.23 -3.82 62.62
C LYS B 208 -91.65 -5.21 62.14
N LYS B 209 -91.81 -5.35 60.82
CA LYS B 209 -92.16 -6.64 60.23
C LYS B 209 -90.93 -7.55 60.05
N GLN B 210 -89.73 -6.97 60.19
CA GLN B 210 -88.49 -7.72 60.03
C GLN B 210 -88.11 -8.48 61.30
N SER B 211 -87.30 -9.53 61.11
CA SER B 211 -86.78 -10.30 62.24
C SER B 211 -85.43 -10.93 61.84
N VAL B 212 -84.65 -11.31 62.85
CA VAL B 212 -83.29 -11.81 62.61
C VAL B 212 -83.30 -13.29 62.25
N SER B 213 -82.11 -13.79 61.89
CA SER B 213 -81.86 -15.22 61.72
C SER B 213 -80.55 -15.56 62.40
N ARG B 214 -80.07 -16.79 62.21
CA ARG B 214 -78.85 -17.25 62.86
C ARG B 214 -77.93 -17.98 61.89
N ASN B 215 -76.63 -17.92 62.17
CA ASN B 215 -75.63 -18.58 61.32
C ASN B 215 -74.39 -18.94 62.13
N ARG B 216 -73.51 -19.75 61.55
CA ARG B 216 -72.38 -20.31 62.29
C ARG B 216 -71.20 -19.36 62.44
N ASP B 217 -70.56 -19.00 61.33
CA ASP B 217 -69.28 -18.27 61.38
C ASP B 217 -69.48 -16.76 61.58
N ALA B 218 -68.49 -16.12 62.20
CA ALA B 218 -68.58 -14.70 62.56
C ALA B 218 -68.62 -13.78 61.35
N PRO B 219 -67.76 -14.01 60.36
CA PRO B 219 -67.84 -13.18 59.15
C PRO B 219 -69.20 -13.32 58.45
N GLU B 220 -69.59 -12.28 57.72
CA GLU B 220 -70.91 -12.23 57.11
C GLU B 220 -70.86 -11.88 55.62
N GLY B 221 -71.98 -12.08 54.94
CA GLY B 221 -72.09 -11.78 53.51
C GLY B 221 -72.61 -10.38 53.27
N GLY B 222 -71.96 -9.39 53.86
CA GLY B 222 -72.36 -8.00 53.68
C GLY B 222 -71.94 -7.44 52.33
N PHE B 223 -70.79 -7.88 51.85
CA PHE B 223 -70.27 -7.42 50.56
C PHE B 223 -71.09 -7.95 49.38
N ASP B 224 -71.71 -9.12 49.56
CA ASP B 224 -72.71 -9.59 48.61
C ASP B 224 -73.89 -8.63 48.56
N ALA B 225 -74.33 -8.18 49.74
CA ALA B 225 -75.41 -7.23 49.84
C ALA B 225 -75.04 -5.92 49.18
N ILE B 226 -73.91 -5.35 49.60
CA ILE B 226 -73.44 -4.08 49.06
C ILE B 226 -73.33 -4.10 47.54
N MET B 227 -72.87 -5.22 47.00
CA MET B 227 -72.77 -5.39 45.55
C MET B 227 -74.16 -5.27 44.92
N GLN B 228 -75.08 -6.11 45.38
CA GLN B 228 -76.43 -6.14 44.83
C GLN B 228 -77.15 -4.81 45.02
N ALA B 229 -76.98 -4.21 46.20
CA ALA B 229 -77.53 -2.90 46.48
C ALA B 229 -77.07 -1.88 45.44
N THR B 230 -75.81 -1.98 45.03
CA THR B 230 -75.25 -1.05 44.04
C THR B 230 -75.70 -1.34 42.62
N VAL B 231 -75.53 -2.59 42.18
CA VAL B 231 -75.74 -2.94 40.78
C VAL B 231 -77.21 -3.04 40.37
N CYS B 232 -78.09 -3.33 41.31
CA CYS B 232 -79.53 -3.38 41.02
C CYS B 232 -80.15 -1.99 41.09
N ASP B 233 -79.91 -1.19 40.07
CA ASP B 233 -80.37 0.21 40.04
C ASP B 233 -81.89 0.31 40.14
N GLU B 234 -82.57 -0.36 39.23
CA GLU B 234 -84.01 -0.20 39.05
C GLU B 234 -84.83 -0.71 40.24
N LYS B 235 -84.33 -1.74 40.92
CA LYS B 235 -85.05 -2.30 42.08
C LYS B 235 -84.88 -1.43 43.32
N ILE B 236 -83.65 -0.99 43.58
CA ILE B 236 -83.38 -0.11 44.72
C ILE B 236 -83.98 1.27 44.48
N GLY B 237 -83.80 1.80 43.27
CA GLY B 237 -84.44 3.05 42.87
C GLY B 237 -83.63 4.29 43.19
N TRP B 238 -82.34 4.25 42.88
CA TRP B 238 -81.48 5.42 43.07
C TRP B 238 -81.87 6.50 42.06
N ARG B 239 -81.98 7.73 42.53
CA ARG B 239 -82.25 8.87 41.65
C ARG B 239 -80.98 9.25 40.90
N ASN B 240 -81.14 9.68 39.64
CA ASN B 240 -80.01 10.11 38.83
C ASN B 240 -79.37 11.39 39.39
N ASP B 241 -80.21 12.38 39.66
CA ASP B 241 -79.74 13.65 40.24
C ASP B 241 -80.02 13.67 41.74
N ALA B 242 -79.19 12.97 42.50
CA ALA B 242 -79.34 12.93 43.96
C ALA B 242 -78.12 12.27 44.62
N SER B 243 -77.88 12.62 45.87
CA SER B 243 -76.82 12.00 46.66
C SER B 243 -77.24 10.59 47.02
N HIS B 244 -76.28 9.66 46.98
CA HIS B 244 -76.57 8.26 47.23
C HIS B 244 -75.79 7.74 48.45
N LEU B 245 -76.46 7.71 49.61
CA LEU B 245 -75.87 7.19 50.82
C LEU B 245 -76.30 5.73 51.03
N LEU B 246 -75.32 4.85 51.16
CA LEU B 246 -75.57 3.44 51.44
C LEU B 246 -75.07 3.13 52.84
N VAL B 247 -76.01 2.95 53.76
CA VAL B 247 -75.68 2.71 55.16
C VAL B 247 -75.53 1.22 55.41
N PHE B 248 -74.36 0.82 55.90
CA PHE B 248 -74.01 -0.58 56.05
C PHE B 248 -73.71 -0.88 57.52
N THR B 249 -74.73 -1.30 58.26
CA THR B 249 -74.59 -1.58 59.69
C THR B 249 -74.28 -3.05 59.94
N THR B 250 -73.22 -3.31 60.69
CA THR B 250 -72.83 -4.68 61.04
C THR B 250 -71.90 -4.66 62.26
N ASP B 251 -71.86 -5.77 62.98
CA ASP B 251 -71.07 -5.86 64.21
C ASP B 251 -69.98 -6.93 64.13
N ALA B 252 -69.64 -7.37 62.93
CA ALA B 252 -68.64 -8.41 62.73
C ALA B 252 -67.92 -8.26 61.40
N LYS B 253 -66.97 -9.17 61.16
CA LYS B 253 -66.19 -9.19 59.93
C LYS B 253 -67.09 -9.37 58.71
N THR B 254 -66.49 -9.26 57.53
CA THR B 254 -67.20 -9.49 56.28
C THR B 254 -66.41 -10.44 55.38
N HIS B 255 -67.14 -11.32 54.68
CA HIS B 255 -66.53 -12.26 53.76
C HIS B 255 -66.06 -11.54 52.50
N ILE B 256 -64.93 -11.98 51.96
CA ILE B 256 -64.39 -11.44 50.72
C ILE B 256 -64.35 -12.52 49.66
N ALA B 257 -63.99 -12.16 48.43
CA ALA B 257 -63.91 -13.12 47.34
C ALA B 257 -62.83 -14.18 47.63
N LEU B 258 -63.12 -15.42 47.25
CA LEU B 258 -62.28 -16.61 47.53
C LEU B 258 -62.59 -17.31 48.86
N ASP B 259 -63.43 -16.70 49.70
CA ASP B 259 -63.94 -17.37 50.91
C ASP B 259 -64.95 -18.45 50.56
N GLY B 260 -65.63 -18.31 49.42
CA GLY B 260 -66.71 -19.20 49.04
C GLY B 260 -66.28 -20.64 48.77
N ARG B 261 -64.99 -20.83 48.54
CA ARG B 261 -64.46 -22.17 48.31
C ARG B 261 -64.73 -23.09 49.50
N LEU B 262 -64.83 -22.52 50.70
CA LEU B 262 -65.18 -23.30 51.89
C LEU B 262 -66.63 -23.82 51.85
N ALA B 263 -67.49 -23.15 51.08
CA ALA B 263 -68.84 -23.64 50.86
C ALA B 263 -68.98 -24.29 49.47
N GLY B 264 -67.85 -24.72 48.90
CA GLY B 264 -67.85 -25.35 47.58
C GLY B 264 -68.22 -24.43 46.44
N ILE B 265 -68.04 -23.13 46.62
CA ILE B 265 -68.33 -22.16 45.57
C ILE B 265 -67.06 -21.55 45.02
N VAL B 266 -66.85 -21.68 43.71
CA VAL B 266 -65.68 -21.11 43.05
C VAL B 266 -66.04 -20.12 41.93
N GLN B 267 -67.20 -20.28 41.32
CA GLN B 267 -67.65 -19.36 40.27
C GLN B 267 -67.47 -17.92 40.73
N PRO B 268 -66.61 -17.15 40.03
CA PRO B 268 -66.35 -15.77 40.46
C PRO B 268 -67.57 -14.86 40.33
N ASN B 269 -67.58 -13.80 41.12
CA ASN B 269 -68.65 -12.81 41.09
C ASN B 269 -68.63 -12.05 39.77
N ASP B 270 -69.81 -11.93 39.15
CA ASP B 270 -69.94 -11.30 37.82
C ASP B 270 -70.40 -9.85 37.88
N GLY B 271 -70.65 -9.34 39.08
CA GLY B 271 -71.10 -7.96 39.25
C GLY B 271 -72.44 -7.66 38.60
N GLN B 272 -73.26 -8.69 38.44
CA GLN B 272 -74.59 -8.54 37.83
C GLN B 272 -75.66 -8.60 38.90
N CYS B 273 -76.83 -8.07 38.57
CA CYS B 273 -77.96 -8.09 39.49
C CYS B 273 -78.72 -9.40 39.38
N HIS B 274 -78.92 -10.07 40.51
CA HIS B 274 -79.63 -11.34 40.56
C HIS B 274 -80.68 -11.32 41.67
N VAL B 275 -81.52 -10.29 41.64
CA VAL B 275 -82.59 -10.13 42.62
C VAL B 275 -83.90 -9.89 41.88
N GLY B 276 -84.61 -10.97 41.59
CA GLY B 276 -85.84 -10.91 40.81
C GLY B 276 -87.05 -10.39 41.56
N SER B 277 -88.24 -10.85 41.17
CA SER B 277 -89.48 -10.35 41.74
C SER B 277 -89.67 -10.80 43.19
N ASP B 278 -88.95 -11.84 43.62
CA ASP B 278 -89.04 -12.30 45.00
C ASP B 278 -88.09 -11.55 45.95
N ASN B 279 -87.33 -10.60 45.40
CA ASN B 279 -86.48 -9.72 46.19
C ASN B 279 -85.45 -10.45 47.04
N HIS B 280 -84.86 -11.50 46.48
CA HIS B 280 -83.78 -12.23 47.14
C HIS B 280 -82.61 -12.37 46.18
N TYR B 281 -81.39 -12.29 46.72
CA TYR B 281 -80.20 -12.56 45.94
C TYR B 281 -80.18 -14.05 45.62
N SER B 282 -80.57 -14.40 44.40
CA SER B 282 -80.71 -15.80 43.99
C SER B 282 -79.37 -16.51 43.85
N ALA B 283 -78.36 -15.78 43.39
CA ALA B 283 -77.05 -16.36 43.11
C ALA B 283 -76.18 -16.54 44.37
N SER B 284 -76.74 -16.24 45.54
CA SER B 284 -76.03 -16.35 46.80
C SER B 284 -75.35 -17.70 47.00
N THR B 285 -76.05 -18.78 46.64
CA THR B 285 -75.57 -20.13 46.89
C THR B 285 -74.72 -20.70 45.75
N THR B 286 -74.64 -19.98 44.63
CA THR B 286 -73.96 -20.47 43.43
C THR B 286 -72.75 -19.64 43.00
N MET B 287 -72.66 -18.41 43.50
CA MET B 287 -71.62 -17.47 43.08
C MET B 287 -70.80 -17.00 44.28
N ASP B 288 -69.52 -16.73 44.04
CA ASP B 288 -68.61 -16.32 45.11
C ASP B 288 -68.85 -14.87 45.51
N TYR B 289 -68.41 -14.51 46.71
CA TYR B 289 -68.48 -13.15 47.20
C TYR B 289 -67.72 -12.24 46.24
N PRO B 290 -68.05 -10.94 46.21
CA PRO B 290 -67.28 -10.05 45.36
C PRO B 290 -65.93 -9.72 45.97
N SER B 291 -64.96 -9.40 45.12
CA SER B 291 -63.66 -8.93 45.57
C SER B 291 -63.77 -7.47 45.94
N LEU B 292 -62.75 -6.95 46.61
CA LEU B 292 -62.75 -5.55 47.03
C LEU B 292 -62.71 -4.61 45.82
N GLY B 293 -61.93 -4.97 44.81
CA GLY B 293 -61.81 -4.16 43.61
C GLY B 293 -63.08 -4.12 42.76
N LEU B 294 -63.73 -5.28 42.60
CA LEU B 294 -64.95 -5.36 41.80
C LEU B 294 -66.10 -4.58 42.43
N MET B 295 -66.18 -4.61 43.76
CA MET B 295 -67.19 -3.87 44.49
C MET B 295 -66.94 -2.37 44.36
N THR B 296 -65.68 -1.98 44.51
CA THR B 296 -65.27 -0.58 44.40
C THR B 296 -65.61 0.01 43.04
N GLU B 297 -65.46 -0.79 41.99
CA GLU B 297 -65.77 -0.34 40.64
C GLU B 297 -67.24 0.05 40.51
N LYS B 298 -68.11 -0.83 41.00
CA LYS B 298 -69.55 -0.62 40.89
C LYS B 298 -70.00 0.56 41.75
N LEU B 299 -69.43 0.68 42.94
CA LEU B 299 -69.69 1.82 43.81
C LEU B 299 -69.36 3.14 43.11
N SER B 300 -68.28 3.15 42.34
CA SER B 300 -67.87 4.34 41.61
C SER B 300 -68.82 4.66 40.46
N GLN B 301 -69.10 3.65 39.64
CA GLN B 301 -69.96 3.81 38.47
C GLN B 301 -71.34 4.33 38.85
N LYS B 302 -71.88 3.81 39.94
CA LYS B 302 -73.24 4.15 40.37
C LYS B 302 -73.26 5.32 41.36
N ASN B 303 -72.11 5.96 41.55
CA ASN B 303 -72.02 7.14 42.41
C ASN B 303 -72.59 6.91 43.80
N ILE B 304 -72.18 5.82 44.43
CA ILE B 304 -72.67 5.46 45.76
C ILE B 304 -71.61 5.80 46.81
N ASN B 305 -72.04 6.43 47.90
CA ASN B 305 -71.18 6.70 49.04
C ASN B 305 -71.46 5.70 50.16
N LEU B 306 -70.58 4.71 50.27
CA LEU B 306 -70.77 3.61 51.21
C LEU B 306 -70.35 4.03 52.61
N ILE B 307 -71.29 3.94 53.55
CA ILE B 307 -71.02 4.29 54.95
C ILE B 307 -70.89 3.03 55.81
N PHE B 308 -69.69 2.82 56.36
CA PHE B 308 -69.44 1.69 57.25
C PHE B 308 -69.82 2.02 58.69
N ALA B 309 -71.08 1.76 59.05
CA ALA B 309 -71.55 1.96 60.41
C ALA B 309 -71.35 0.70 61.24
N VAL B 310 -70.19 0.59 61.91
CA VAL B 310 -69.80 -0.65 62.58
C VAL B 310 -69.38 -0.46 64.04
N THR B 311 -69.49 -1.54 64.80
CA THR B 311 -69.19 -1.51 66.24
C THR B 311 -67.68 -1.44 66.50
N GLU B 312 -67.31 -0.98 67.69
CA GLU B 312 -65.90 -0.72 68.03
C GLU B 312 -64.98 -1.92 67.83
N ASN B 313 -65.44 -3.10 68.24
CA ASN B 313 -64.67 -4.33 68.08
C ASN B 313 -64.06 -4.49 66.68
N VAL B 314 -64.80 -4.04 65.67
CA VAL B 314 -64.41 -4.26 64.28
C VAL B 314 -64.22 -2.94 63.50
N VAL B 315 -64.01 -1.84 64.22
CA VAL B 315 -63.86 -0.54 63.55
C VAL B 315 -62.59 -0.43 62.71
N ASN B 316 -61.45 -0.75 63.31
CA ASN B 316 -60.17 -0.66 62.60
C ASN B 316 -60.16 -1.45 61.30
N LEU B 317 -60.85 -2.59 61.31
CA LEU B 317 -60.99 -3.40 60.10
C LEU B 317 -61.63 -2.61 58.97
N TYR B 318 -62.81 -2.06 59.25
CA TYR B 318 -63.58 -1.35 58.23
C TYR B 318 -63.01 0.03 57.91
N GLN B 319 -62.31 0.63 58.87
CA GLN B 319 -61.59 1.88 58.60
C GLN B 319 -60.48 1.62 57.59
N ASN B 320 -59.81 0.48 57.70
CA ASN B 320 -58.78 0.10 56.74
C ASN B 320 -59.34 -0.24 55.36
N TYR B 321 -60.61 -0.63 55.30
CA TYR B 321 -61.29 -0.83 54.02
C TYR B 321 -61.60 0.51 53.38
N SER B 322 -62.02 1.49 54.19
CA SER B 322 -62.36 2.82 53.70
C SER B 322 -61.15 3.53 53.09
N GLU B 323 -59.95 3.15 53.53
CA GLU B 323 -58.72 3.70 52.98
C GLU B 323 -58.61 3.35 51.50
N LEU B 324 -58.89 2.08 51.18
CA LEU B 324 -58.85 1.61 49.81
C LEU B 324 -60.05 2.08 48.98
N ILE B 325 -61.22 2.17 49.60
CA ILE B 325 -62.46 2.50 48.89
C ILE B 325 -62.79 3.99 48.98
N PRO B 326 -62.71 4.71 47.85
CA PRO B 326 -62.96 6.16 47.87
C PRO B 326 -64.44 6.50 47.97
N GLY B 327 -64.73 7.65 48.58
CA GLY B 327 -66.11 8.10 48.77
C GLY B 327 -66.79 7.46 49.96
N THR B 328 -66.02 6.76 50.80
CA THR B 328 -66.58 6.07 51.95
C THR B 328 -66.27 6.79 53.25
N THR B 329 -66.95 6.37 54.32
CA THR B 329 -66.74 6.92 55.65
CA THR B 329 -66.73 6.91 55.66
C THR B 329 -67.12 5.86 56.68
N VAL B 330 -66.48 5.92 57.85
CA VAL B 330 -66.78 4.98 58.93
C VAL B 330 -67.46 5.71 60.08
N GLY B 331 -68.36 5.01 60.78
CA GLY B 331 -69.05 5.56 61.93
C GLY B 331 -69.14 4.53 63.04
N VAL B 332 -68.77 4.92 64.25
CA VAL B 332 -68.79 4.00 65.38
C VAL B 332 -70.21 3.79 65.85
N LEU B 333 -70.79 2.65 65.48
CA LEU B 333 -72.12 2.27 65.90
C LEU B 333 -72.05 1.68 67.30
N SER B 334 -73.09 1.92 68.10
CA SER B 334 -73.19 1.28 69.41
C SER B 334 -73.69 -0.14 69.22
N MET B 335 -73.56 -0.97 70.25
CA MET B 335 -73.91 -2.39 70.16
C MET B 335 -75.40 -2.63 69.97
N ASP B 336 -76.23 -1.62 70.26
CA ASP B 336 -77.66 -1.73 70.06
C ASP B 336 -78.16 -0.82 68.92
N SER B 337 -77.23 -0.20 68.20
CA SER B 337 -77.55 0.71 67.10
C SER B 337 -78.49 1.84 67.54
N SER B 338 -78.28 2.33 68.76
CA SER B 338 -79.12 3.39 69.32
C SER B 338 -78.66 4.79 68.91
N ASN B 339 -77.47 4.89 68.32
CA ASN B 339 -76.92 6.16 67.89
C ASN B 339 -76.78 6.27 66.37
N VAL B 340 -77.47 5.39 65.65
CA VAL B 340 -77.40 5.36 64.19
C VAL B 340 -77.96 6.64 63.56
N LEU B 341 -79.00 7.21 64.17
CA LEU B 341 -79.62 8.42 63.66
C LEU B 341 -78.61 9.56 63.50
N GLN B 342 -77.85 9.81 64.57
CA GLN B 342 -76.84 10.86 64.55
C GLN B 342 -75.63 10.46 63.69
N LEU B 343 -75.32 9.16 63.66
CA LEU B 343 -74.18 8.66 62.88
C LEU B 343 -74.33 8.98 61.40
N ILE B 344 -75.54 8.86 60.87
CA ILE B 344 -75.81 9.16 59.46
C ILE B 344 -75.64 10.65 59.19
N VAL B 345 -76.23 11.48 60.04
CA VAL B 345 -76.12 12.93 59.91
C VAL B 345 -74.64 13.35 59.88
N ASP B 346 -73.85 12.78 60.79
CA ASP B 346 -72.42 13.09 60.87
C ASP B 346 -71.68 12.56 59.64
N ALA B 347 -72.08 11.38 59.17
CA ALA B 347 -71.45 10.77 58.01
C ALA B 347 -71.68 11.60 56.75
N TYR B 348 -72.91 12.11 56.59
CA TYR B 348 -73.27 12.91 55.42
C TYR B 348 -72.41 14.16 55.34
N GLY B 349 -72.32 14.89 56.45
CA GLY B 349 -71.48 16.08 56.53
C GLY B 349 -70.02 15.76 56.30
N LYS B 350 -69.60 14.58 56.73
CA LYS B 350 -68.21 14.13 56.57
C LYS B 350 -67.93 13.77 55.12
N ILE B 351 -68.81 12.97 54.51
CA ILE B 351 -68.66 12.60 53.10
C ILE B 351 -68.59 13.84 52.22
N ARG B 352 -69.45 14.81 52.51
CA ARG B 352 -69.48 16.06 51.76
C ARG B 352 -68.38 17.05 52.18
N SER B 353 -67.63 16.70 53.21
CA SER B 353 -66.45 17.49 53.59
C SER B 353 -65.38 17.43 52.50
N LYS B 354 -65.33 16.30 51.81
CA LYS B 354 -64.27 16.04 50.84
C LYS B 354 -64.79 16.12 49.41
N VAL B 355 -63.91 16.55 48.51
CA VAL B 355 -64.18 16.52 47.08
C VAL B 355 -62.99 15.90 46.36
N GLU B 356 -63.11 14.62 46.00
CA GLU B 356 -62.02 13.91 45.34
C GLU B 356 -62.34 13.66 43.88
N LEU B 357 -61.33 13.81 43.02
CA LEU B 357 -61.51 13.62 41.58
C LEU B 357 -61.06 12.23 41.15
N GLU B 358 -61.80 11.65 40.20
CA GLU B 358 -61.45 10.37 39.61
C GLU B 358 -61.44 10.50 38.09
N VAL B 359 -60.43 9.89 37.48
CA VAL B 359 -60.30 9.88 36.02
C VAL B 359 -60.93 8.58 35.51
N ARG B 360 -61.51 8.63 34.31
CA ARG B 360 -62.20 7.47 33.76
C ARG B 360 -61.87 7.27 32.29
N ASP B 361 -61.55 6.03 31.92
CA ASP B 361 -61.26 5.66 30.53
C ASP B 361 -60.15 6.48 29.90
N LEU B 362 -59.08 6.70 30.67
CA LEU B 362 -57.92 7.44 30.17
C LEU B 362 -57.11 6.53 29.26
N PRO B 363 -56.84 6.98 28.02
CA PRO B 363 -56.01 6.18 27.10
C PRO B 363 -54.57 6.03 27.58
N GLU B 364 -53.93 4.94 27.16
CA GLU B 364 -52.57 4.62 27.57
C GLU B 364 -51.59 5.74 27.21
N GLU B 365 -51.80 6.33 26.04
CA GLU B 365 -50.88 7.33 25.50
C GLU B 365 -50.86 8.63 26.30
N LEU B 366 -51.95 8.91 27.02
CA LEU B 366 -52.05 10.13 27.81
C LEU B 366 -51.62 9.94 29.27
N SER B 367 -51.11 11.01 29.87
CA SER B 367 -50.76 11.03 31.29
C SER B 367 -51.20 12.35 31.88
N LEU B 368 -51.66 12.34 33.14
CA LEU B 368 -52.28 13.53 33.74
C LEU B 368 -51.62 13.99 35.04
N SER B 369 -51.54 15.30 35.23
CA SER B 369 -50.98 15.91 36.43
C SER B 369 -51.96 16.91 37.04
N PHE B 370 -52.07 16.91 38.37
CA PHE B 370 -53.07 17.71 39.07
C PHE B 370 -52.46 18.65 40.11
N ASN B 371 -52.94 19.89 40.13
CA ASN B 371 -52.68 20.81 41.23
C ASN B 371 -54.03 21.24 41.82
N ALA B 372 -54.17 21.17 43.14
CA ALA B 372 -55.43 21.47 43.80
C ALA B 372 -55.43 22.86 44.43
N THR B 373 -56.59 23.51 44.42
CA THR B 373 -56.79 24.80 45.09
C THR B 373 -58.07 24.76 45.92
N CYS B 374 -57.90 24.66 47.24
CA CYS B 374 -59.03 24.47 48.15
C CYS B 374 -59.45 25.81 48.76
N LEU B 375 -59.67 25.83 50.09
CA LEU B 375 -60.04 27.05 50.80
C LEU B 375 -58.91 28.08 50.70
N ASN B 376 -59.29 29.36 50.68
CA ASN B 376 -58.36 30.44 50.35
C ASN B 376 -57.80 30.20 48.94
N ASN B 377 -56.59 30.68 48.68
CA ASN B 377 -55.92 30.38 47.42
C ASN B 377 -54.67 29.53 47.64
N GLU B 378 -54.70 28.69 48.66
CA GLU B 378 -53.59 27.79 48.96
C GLU B 378 -53.54 26.69 47.91
N VAL B 379 -52.71 26.90 46.89
CA VAL B 379 -52.52 25.89 45.84
C VAL B 379 -51.57 24.79 46.33
N ILE B 380 -52.02 23.54 46.23
CA ILE B 380 -51.24 22.39 46.64
C ILE B 380 -50.95 21.51 45.44
N PRO B 381 -49.72 21.59 44.90
CA PRO B 381 -49.36 20.79 43.73
C PRO B 381 -49.45 19.29 43.97
N GLY B 382 -49.72 18.54 42.91
CA GLY B 382 -49.74 17.08 42.98
C GLY B 382 -50.88 16.53 43.81
N LEU B 383 -52.01 17.22 43.82
CA LEU B 383 -53.15 16.81 44.63
C LEU B 383 -54.44 16.96 43.84
N LYS B 384 -55.33 15.97 43.97
CA LYS B 384 -56.63 15.99 43.30
C LYS B 384 -57.75 15.81 44.31
N SER B 385 -57.60 16.43 45.47
CA SER B 385 -58.58 16.31 46.54
C SER B 385 -58.50 17.48 47.51
N CYS B 386 -59.66 17.91 48.00
CA CYS B 386 -59.74 18.94 49.03
C CYS B 386 -60.63 18.43 50.15
N MET B 387 -60.27 18.76 51.39
CA MET B 387 -61.06 18.35 52.55
C MET B 387 -61.21 19.49 53.53
N GLY B 388 -62.05 19.30 54.53
CA GLY B 388 -62.36 20.33 55.51
C GLY B 388 -63.29 21.39 54.94
N LEU B 389 -64.12 20.99 53.98
CA LEU B 389 -65.04 21.90 53.32
C LEU B 389 -66.43 21.79 53.92
N LYS B 390 -67.29 22.74 53.57
CA LYS B 390 -68.69 22.71 53.98
C LYS B 390 -69.59 22.77 52.75
N ILE B 391 -70.79 22.21 52.85
CA ILE B 391 -71.74 22.19 51.75
C ILE B 391 -71.97 23.59 51.20
N GLY B 392 -71.62 23.79 49.93
CA GLY B 392 -71.76 25.09 49.29
C GLY B 392 -70.42 25.66 48.84
N ASP B 393 -69.35 25.28 49.52
CA ASP B 393 -68.01 25.74 49.17
C ASP B 393 -67.63 25.33 47.75
N THR B 394 -66.68 26.04 47.17
CA THR B 394 -66.27 25.81 45.79
C THR B 394 -64.75 25.72 45.69
N VAL B 395 -64.27 24.79 44.87
CA VAL B 395 -62.84 24.59 44.66
C VAL B 395 -62.52 24.37 43.19
N SER B 396 -61.25 24.47 42.84
CA SER B 396 -60.80 24.32 41.47
C SER B 396 -59.52 23.49 41.39
N PHE B 397 -59.38 22.73 40.30
CA PHE B 397 -58.21 21.87 40.08
C PHE B 397 -57.57 22.16 38.73
N SER B 398 -56.26 22.37 38.71
CA SER B 398 -55.53 22.57 37.47
C SER B 398 -55.00 21.24 36.94
N ILE B 399 -55.50 20.81 35.78
CA ILE B 399 -55.15 19.51 35.21
C ILE B 399 -54.30 19.68 33.95
N GLU B 400 -53.19 18.94 33.88
CA GLU B 400 -52.32 18.95 32.70
C GLU B 400 -52.34 17.60 32.01
N ALA B 401 -52.52 17.61 30.69
CA ALA B 401 -52.57 16.37 29.92
C ALA B 401 -51.47 16.34 28.87
N LYS B 402 -50.45 15.51 29.11
CA LYS B 402 -49.38 15.31 28.14
C LYS B 402 -49.62 14.03 27.35
N VAL B 403 -49.22 14.04 26.08
CA VAL B 403 -49.26 12.84 25.25
C VAL B 403 -47.84 12.34 25.02
N ARG B 404 -47.69 11.04 24.81
CA ARG B 404 -46.41 10.45 24.48
C ARG B 404 -46.37 10.09 23.01
N GLY B 405 -45.49 10.74 22.26
CA GLY B 405 -45.37 10.53 20.82
C GLY B 405 -46.61 11.00 20.09
N CYS B 406 -47.09 10.17 19.16
CA CYS B 406 -48.28 10.50 18.38
C CYS B 406 -49.07 9.23 18.06
N PRO B 407 -50.26 9.08 18.67
CA PRO B 407 -51.08 7.88 18.45
C PRO B 407 -51.66 7.76 17.05
N GLN B 408 -51.78 6.53 16.55
CA GLN B 408 -52.40 6.27 15.25
C GLN B 408 -53.87 6.69 15.27
N GLU B 409 -54.62 6.16 16.24
CA GLU B 409 -56.02 6.53 16.40
C GLU B 409 -56.12 8.05 16.57
N LYS B 410 -56.85 8.68 15.65
CA LYS B 410 -56.84 10.14 15.54
C LYS B 410 -57.63 10.84 16.64
N GLU B 411 -58.67 10.20 17.16
CA GLU B 411 -59.50 10.81 18.19
C GLU B 411 -59.67 9.90 19.39
N LYS B 412 -59.48 10.46 20.58
CA LYS B 412 -59.68 9.75 21.84
C LYS B 412 -60.39 10.65 22.84
N SER B 413 -60.98 10.05 23.87
CA SER B 413 -61.70 10.81 24.88
C SER B 413 -61.66 10.13 26.24
N PHE B 414 -61.73 10.94 27.30
CA PHE B 414 -61.78 10.43 28.67
C PHE B 414 -62.61 11.38 29.54
N THR B 415 -62.79 11.01 30.81
CA THR B 415 -63.66 11.78 31.69
C THR B 415 -63.05 12.01 33.07
N ILE B 416 -62.81 13.27 33.41
CA ILE B 416 -62.45 13.65 34.77
C ILE B 416 -63.75 13.88 35.53
N LYS B 417 -63.88 13.26 36.70
CA LYS B 417 -65.14 13.17 37.42
C LYS B 417 -64.92 13.25 38.92
N PRO B 418 -65.82 13.93 39.65
CA PRO B 418 -65.75 13.91 41.11
C PRO B 418 -66.33 12.61 41.66
N VAL B 419 -65.73 12.09 42.73
CA VAL B 419 -66.19 10.84 43.33
C VAL B 419 -67.59 11.00 43.92
N GLY B 420 -68.48 10.09 43.54
CA GLY B 420 -69.83 10.05 44.09
C GLY B 420 -70.84 11.00 43.46
N PHE B 421 -70.46 11.68 42.38
CA PHE B 421 -71.36 12.61 41.70
C PHE B 421 -71.53 12.30 40.21
N LYS B 422 -72.75 12.52 39.72
CA LYS B 422 -73.08 12.25 38.32
C LYS B 422 -72.37 13.21 37.38
N ASP B 423 -72.29 14.47 37.78
CA ASP B 423 -71.68 15.50 36.94
C ASP B 423 -70.22 15.17 36.68
N SER B 424 -69.71 15.59 35.53
CA SER B 424 -68.33 15.28 35.15
C SER B 424 -67.84 16.20 34.04
N LEU B 425 -66.55 16.11 33.76
CA LEU B 425 -65.93 16.86 32.67
C LEU B 425 -65.36 15.89 31.64
N ILE B 426 -65.98 15.86 30.47
CA ILE B 426 -65.52 15.02 29.37
C ILE B 426 -64.49 15.77 28.55
N VAL B 427 -63.34 15.14 28.33
CA VAL B 427 -62.26 15.76 27.56
C VAL B 427 -62.06 15.02 26.26
N GLN B 428 -62.38 15.68 25.15
CA GLN B 428 -62.16 15.11 23.82
C GLN B 428 -60.77 15.53 23.33
N VAL B 429 -59.92 14.53 23.08
CA VAL B 429 -58.55 14.79 22.65
C VAL B 429 -58.41 14.58 21.15
N THR B 430 -57.64 15.45 20.50
CA THR B 430 -57.31 15.31 19.10
C THR B 430 -55.81 15.49 18.90
N PHE B 431 -55.21 14.64 18.08
CA PHE B 431 -53.77 14.66 17.86
C PHE B 431 -53.43 15.25 16.49
N ASP B 432 -52.75 16.40 16.51
CA ASP B 432 -52.35 17.10 15.30
C ASP B 432 -50.86 16.87 15.06
N CYS B 433 -50.53 15.84 14.28
CA CYS B 433 -49.14 15.52 13.99
C CYS B 433 -48.75 15.74 12.53
N ASP B 434 -49.74 15.76 11.65
CA ASP B 434 -49.50 15.88 10.22
C ASP B 434 -49.47 17.34 9.79
N CYS B 435 -48.63 17.64 8.80
CA CYS B 435 -48.55 18.98 8.22
C CYS B 435 -49.65 19.14 7.17
N ALA B 436 -50.04 20.38 6.93
CA ALA B 436 -51.08 20.68 5.94
C ALA B 436 -50.58 20.46 4.52
N CYS B 437 -49.29 20.65 4.30
CA CYS B 437 -48.69 20.53 2.97
C CYS B 437 -48.46 19.08 2.53
N GLN B 438 -48.70 18.12 3.41
CA GLN B 438 -48.65 16.71 3.04
C GLN B 438 -49.79 16.37 2.10
N ALA B 439 -50.96 16.95 2.34
CA ALA B 439 -52.13 16.73 1.50
C ALA B 439 -51.83 17.11 0.05
N GLN B 440 -51.04 18.16 -0.14
CA GLN B 440 -50.63 18.58 -1.48
C GLN B 440 -49.27 17.98 -1.85
N ALA B 441 -49.06 16.72 -1.50
CA ALA B 441 -47.82 16.02 -1.83
C ALA B 441 -47.80 15.69 -3.31
N GLU B 442 -46.63 15.26 -3.79
CA GLU B 442 -46.44 14.92 -5.20
C GLU B 442 -45.41 13.80 -5.33
N PRO B 443 -45.88 12.54 -5.38
CA PRO B 443 -44.97 11.40 -5.51
C PRO B 443 -44.50 11.22 -6.94
N ASN B 444 -43.40 10.50 -7.13
CA ASN B 444 -42.81 10.31 -8.44
C ASN B 444 -42.66 11.64 -9.19
N SER B 445 -42.21 12.66 -8.46
CA SER B 445 -42.17 14.02 -8.99
C SER B 445 -41.00 14.21 -9.95
N HIS B 446 -41.20 15.09 -10.94
CA HIS B 446 -40.15 15.47 -11.86
C HIS B 446 -39.03 16.25 -11.15
N ARG B 447 -39.38 16.87 -10.03
CA ARG B 447 -38.43 17.68 -9.26
C ARG B 447 -37.38 16.83 -8.55
N CYS B 448 -37.70 15.57 -8.27
CA CYS B 448 -36.79 14.68 -7.56
C CYS B 448 -36.17 13.63 -8.49
N ASN B 449 -35.35 14.08 -9.43
CA ASN B 449 -34.60 13.19 -10.32
C ASN B 449 -35.50 12.21 -11.08
N ASN B 450 -36.37 12.75 -11.92
CA ASN B 450 -37.31 11.95 -12.72
C ASN B 450 -38.00 10.87 -11.89
N GLY B 451 -38.61 11.29 -10.78
CA GLY B 451 -39.43 10.40 -9.96
C GLY B 451 -38.65 9.41 -9.12
N ASN B 452 -37.63 9.91 -8.42
CA ASN B 452 -36.90 9.09 -7.45
C ASN B 452 -37.18 9.55 -6.01
N GLY B 453 -38.24 10.34 -5.84
CA GLY B 453 -38.63 10.81 -4.53
C GLY B 453 -39.92 11.62 -4.58
N THR B 454 -40.63 11.65 -3.45
CA THR B 454 -41.86 12.41 -3.35
C THR B 454 -41.52 13.84 -2.95
N PHE B 455 -42.16 14.80 -3.61
CA PHE B 455 -41.94 16.21 -3.31
C PHE B 455 -43.10 16.76 -2.48
N GLU B 456 -42.91 16.83 -1.17
CA GLU B 456 -43.89 17.43 -0.28
C GLU B 456 -43.23 18.51 0.58
N CYS B 457 -43.91 19.64 0.74
CA CYS B 457 -43.47 20.71 1.62
C CYS B 457 -42.07 21.24 1.29
N GLY B 458 -41.78 21.37 0.00
CA GLY B 458 -40.53 21.97 -0.46
C GLY B 458 -39.29 21.14 -0.23
N VAL B 459 -39.45 19.82 -0.21
CA VAL B 459 -38.32 18.91 0.02
C VAL B 459 -38.53 17.57 -0.68
N CYS B 460 -37.47 17.02 -1.24
CA CYS B 460 -37.51 15.70 -1.86
C CYS B 460 -37.31 14.61 -0.81
N ARG B 461 -38.29 13.72 -0.72
CA ARG B 461 -38.17 12.53 0.10
C ARG B 461 -37.75 11.38 -0.79
N CYS B 462 -36.44 11.12 -0.85
CA CYS B 462 -35.88 10.19 -1.82
C CYS B 462 -36.21 8.74 -1.53
N GLY B 463 -36.47 7.97 -2.59
CA GLY B 463 -36.74 6.55 -2.47
C GLY B 463 -35.45 5.78 -2.21
N PRO B 464 -35.56 4.44 -2.05
CA PRO B 464 -34.42 3.60 -1.74
C PRO B 464 -33.25 3.79 -2.69
N GLY B 465 -32.07 4.06 -2.14
CA GLY B 465 -30.84 4.14 -2.94
C GLY B 465 -30.31 5.53 -3.15
N TRP B 466 -31.20 6.49 -3.41
CA TRP B 466 -30.79 7.86 -3.76
C TRP B 466 -30.84 8.83 -2.58
N LEU B 467 -29.92 9.79 -2.61
CA LEU B 467 -29.84 10.83 -1.57
C LEU B 467 -29.58 12.18 -2.23
N GLY B 468 -29.64 13.25 -1.43
CA GLY B 468 -29.39 14.61 -1.92
C GLY B 468 -30.61 15.49 -1.86
N SER B 469 -30.46 16.76 -2.27
CA SER B 469 -31.55 17.73 -2.21
C SER B 469 -32.62 17.46 -3.28
N GLN B 470 -32.22 16.85 -4.39
CA GLN B 470 -33.16 16.45 -5.45
C GLN B 470 -33.02 14.96 -5.80
N CYS B 471 -32.36 14.20 -4.92
CA CYS B 471 -32.10 12.77 -5.14
C CYS B 471 -31.15 12.54 -6.32
N GLU B 472 -30.00 13.20 -6.29
CA GLU B 472 -29.04 13.12 -7.39
C GLU B 472 -28.26 11.80 -7.34
N CYS B 473 -27.31 11.70 -6.41
CA CYS B 473 -26.39 10.55 -6.38
C CYS B 473 -27.02 9.30 -5.78
N SER B 474 -26.53 8.15 -6.23
CA SER B 474 -26.98 6.86 -5.73
C SER B 474 -25.95 6.28 -4.77
N GLU B 475 -24.70 6.23 -5.22
CA GLU B 475 -23.61 5.70 -4.39
C GLU B 475 -22.27 6.38 -4.72
N GLU B 476 -21.73 6.07 -5.89
CA GLU B 476 -20.44 6.61 -6.33
C GLU B 476 -19.34 6.39 -5.29
N GLN B 483 -18.55 14.45 -0.82
CA GLN B 483 -17.34 14.76 -0.06
C GLN B 483 -17.56 16.02 0.77
N ASP B 484 -18.11 15.84 1.97
CA ASP B 484 -18.44 16.96 2.85
C ASP B 484 -18.26 16.57 4.32
N GLU B 485 -18.54 17.50 5.22
CA GLU B 485 -18.36 17.29 6.65
C GLU B 485 -19.47 16.42 7.25
N CYS B 486 -19.11 15.17 7.56
CA CYS B 486 -19.98 14.26 8.30
C CYS B 486 -19.51 14.16 9.75
N SER B 487 -19.03 15.27 10.29
CA SER B 487 -18.61 15.34 11.69
C SER B 487 -18.48 16.80 12.13
N PRO B 488 -18.53 17.06 13.44
CA PRO B 488 -18.39 18.43 13.94
C PRO B 488 -17.02 19.03 13.66
N ARG B 489 -15.97 18.29 14.01
CA ARG B 489 -14.59 18.74 13.80
C ARG B 489 -13.89 17.83 12.80
N GLU B 490 -12.67 18.23 12.41
CA GLU B 490 -11.87 17.45 11.48
C GLU B 490 -11.22 16.25 12.19
N GLY B 491 -10.77 16.46 13.41
CA GLY B 491 -10.12 15.40 14.19
C GLY B 491 -11.07 14.32 14.68
N GLN B 492 -12.34 14.69 14.90
CA GLN B 492 -13.34 13.75 15.38
C GLN B 492 -13.80 12.81 14.28
N PRO B 493 -14.21 11.57 14.65
CA PRO B 493 -14.49 10.52 13.68
C PRO B 493 -15.76 10.75 12.86
N VAL B 494 -16.02 9.83 11.93
CA VAL B 494 -17.10 10.00 10.95
C VAL B 494 -18.40 9.36 11.44
N CYS B 495 -19.48 10.14 11.42
CA CYS B 495 -20.82 9.68 11.82
C CYS B 495 -20.82 8.92 13.16
N SER B 496 -19.96 9.35 14.09
CA SER B 496 -19.84 8.70 15.40
C SER B 496 -19.72 7.18 15.29
N GLN B 497 -19.12 6.71 14.20
CA GLN B 497 -19.04 5.27 13.90
C GLN B 497 -20.37 4.55 14.05
N ARG B 498 -21.46 5.23 13.69
CA ARG B 498 -22.80 4.65 13.74
C ARG B 498 -23.52 4.75 12.41
N GLY B 499 -22.84 5.27 11.39
CA GLY B 499 -23.44 5.43 10.08
C GLY B 499 -22.41 5.42 8.96
N GLU B 500 -22.84 5.82 7.77
CA GLU B 500 -21.98 5.88 6.61
C GLU B 500 -22.15 7.23 5.92
N CYS B 501 -21.05 7.92 5.69
CA CYS B 501 -21.08 9.24 5.04
C CYS B 501 -21.23 9.08 3.53
N LEU B 502 -22.44 8.79 3.09
CA LEU B 502 -22.75 8.62 1.67
C LEU B 502 -23.39 9.89 1.12
N CYS B 503 -22.83 10.42 0.04
CA CYS B 503 -23.29 11.68 -0.57
C CYS B 503 -23.22 12.86 0.40
N GLY B 504 -22.17 12.90 1.22
CA GLY B 504 -21.99 13.98 2.20
C GLY B 504 -23.16 14.06 3.16
N GLN B 505 -23.52 12.92 3.75
CA GLN B 505 -24.72 12.79 4.56
C GLN B 505 -24.70 11.46 5.28
N CYS B 506 -24.68 11.49 6.61
CA CYS B 506 -24.64 10.26 7.40
C CYS B 506 -25.93 9.46 7.23
N VAL B 507 -25.78 8.19 6.87
CA VAL B 507 -26.90 7.25 6.88
C VAL B 507 -26.61 6.22 7.97
N CYS B 508 -27.38 6.30 9.05
CA CYS B 508 -27.09 5.51 10.25
C CYS B 508 -27.34 4.02 10.06
N HIS B 509 -26.62 3.22 10.83
CA HIS B 509 -26.77 1.77 10.77
C HIS B 509 -28.08 1.36 11.44
N SER B 510 -28.56 0.17 11.11
CA SER B 510 -29.72 -0.40 11.78
C SER B 510 -29.29 -0.94 13.15
N SER B 511 -30.26 -1.28 13.98
CA SER B 511 -29.99 -1.87 15.28
C SER B 511 -31.15 -2.74 15.73
N ASP B 512 -30.84 -3.77 16.52
CA ASP B 512 -31.86 -4.68 17.05
C ASP B 512 -32.70 -4.02 18.13
N PHE B 513 -32.12 -3.07 18.83
CA PHE B 513 -32.77 -2.44 19.99
C PHE B 513 -33.74 -1.32 19.61
N GLY B 514 -33.38 -0.54 18.60
CA GLY B 514 -34.24 0.55 18.15
C GLY B 514 -33.66 1.32 16.98
N LYS B 515 -33.93 2.62 16.92
CA LYS B 515 -33.51 3.45 15.80
C LYS B 515 -32.39 4.41 16.19
N ILE B 516 -31.45 4.61 15.27
CA ILE B 516 -30.35 5.57 15.45
C ILE B 516 -30.54 6.74 14.50
N THR B 517 -30.65 7.94 15.07
CA THR B 517 -30.93 9.15 14.30
C THR B 517 -29.91 10.24 14.58
N GLY B 518 -30.06 11.38 13.91
CA GLY B 518 -29.19 12.54 14.12
C GLY B 518 -28.38 12.86 12.89
N LYS B 519 -27.81 14.06 12.87
CA LYS B 519 -26.98 14.51 11.76
C LYS B 519 -25.69 13.70 11.67
N TYR B 520 -25.18 13.27 12.83
CA TYR B 520 -23.98 12.45 12.89
C TYR B 520 -24.24 11.12 13.59
N CYS B 521 -25.49 10.65 13.52
CA CYS B 521 -25.91 9.40 14.17
C CYS B 521 -25.57 9.38 15.66
N GLU B 522 -25.58 10.56 16.29
CA GLU B 522 -25.19 10.68 17.69
C GLU B 522 -26.35 10.35 18.63
N CYS B 523 -27.58 10.61 18.18
CA CYS B 523 -28.75 10.36 19.00
C CYS B 523 -29.17 8.90 18.93
N ASP B 524 -29.53 8.36 20.09
CA ASP B 524 -30.01 6.99 20.22
C ASP B 524 -31.48 7.02 20.61
N ASP B 525 -32.12 5.85 20.58
CA ASP B 525 -33.52 5.73 20.98
C ASP B 525 -33.70 4.58 21.98
N PHE B 526 -32.61 4.14 22.59
CA PHE B 526 -32.64 2.96 23.46
C PHE B 526 -31.43 2.83 24.40
N SER B 527 -30.77 3.94 24.69
CA SER B 527 -29.59 3.94 25.55
C SER B 527 -29.86 4.64 26.88
N CYS B 528 -31.13 4.93 27.14
CA CYS B 528 -31.52 5.63 28.36
C CYS B 528 -31.29 4.79 29.60
N VAL B 529 -31.32 5.45 30.76
CA VAL B 529 -31.08 4.80 32.03
C VAL B 529 -32.29 3.95 32.44
N ARG B 530 -32.02 2.83 33.12
CA ARG B 530 -33.07 1.93 33.58
C ARG B 530 -33.22 1.99 35.10
N TYR B 531 -34.41 1.67 35.59
CA TYR B 531 -34.70 1.67 37.02
C TYR B 531 -34.82 0.25 37.56
N LYS B 532 -35.78 -0.50 37.03
CA LYS B 532 -35.95 -1.90 37.38
C LYS B 532 -36.25 -2.70 36.12
N GLY B 533 -35.24 -2.83 35.26
CA GLY B 533 -35.42 -3.48 33.96
C GLY B 533 -36.37 -2.70 33.07
N GLU B 534 -36.54 -1.41 33.36
CA GLU B 534 -37.50 -0.56 32.67
C GLU B 534 -36.82 0.73 32.24
N MET B 535 -36.81 1.00 30.94
CA MET B 535 -36.20 2.22 30.40
C MET B 535 -37.06 3.44 30.78
N CYS B 536 -36.43 4.42 31.41
CA CYS B 536 -37.13 5.56 32.01
C CYS B 536 -38.22 5.10 32.97
N SER B 537 -37.98 3.98 33.64
CA SER B 537 -38.94 3.40 34.61
C SER B 537 -40.31 3.12 34.00
N GLY B 538 -40.37 3.01 32.67
CA GLY B 538 -41.65 2.88 31.98
C GLY B 538 -42.55 4.10 32.13
N HIS B 539 -41.95 5.25 32.46
CA HIS B 539 -42.69 6.49 32.68
C HIS B 539 -42.13 7.63 31.82
N GLY B 540 -41.60 7.29 30.66
CA GLY B 540 -41.03 8.30 29.78
C GLY B 540 -40.45 7.70 28.51
N GLN B 541 -40.41 8.49 27.45
CA GLN B 541 -39.88 8.05 26.17
C GLN B 541 -38.41 8.46 26.09
N CYS B 542 -37.59 7.57 25.53
CA CYS B 542 -36.16 7.82 25.40
C CYS B 542 -35.88 8.67 24.17
N SER B 543 -35.11 9.74 24.32
CA SER B 543 -34.81 10.64 23.23
C SER B 543 -33.37 11.12 23.28
N CYS B 544 -32.54 10.58 22.40
CA CYS B 544 -31.14 10.98 22.30
C CYS B 544 -30.39 10.79 23.63
N GLY B 545 -30.72 9.71 24.34
CA GLY B 545 -30.04 9.36 25.58
C GLY B 545 -30.71 9.89 26.84
N ASP B 546 -31.60 10.87 26.68
CA ASP B 546 -32.26 11.53 27.81
C ASP B 546 -33.73 11.15 27.91
N CYS B 547 -34.19 10.88 29.13
CA CYS B 547 -35.58 10.54 29.38
C CYS B 547 -36.46 11.79 29.41
N LEU B 548 -37.46 11.83 28.53
CA LEU B 548 -38.51 12.83 28.62
C LEU B 548 -39.66 12.22 29.40
N CYS B 549 -39.80 12.62 30.66
CA CYS B 549 -40.80 12.01 31.55
C CYS B 549 -42.21 12.47 31.21
N ASP B 550 -43.19 11.69 31.66
CA ASP B 550 -44.59 11.99 31.44
C ASP B 550 -45.05 13.09 32.41
N SER B 551 -46.32 13.48 32.31
CA SER B 551 -46.83 14.61 33.07
C SER B 551 -46.73 14.44 34.59
N ASP B 552 -46.90 13.20 35.06
CA ASP B 552 -46.93 12.93 36.51
C ASP B 552 -45.72 12.13 37.01
N TRP B 553 -44.56 12.35 36.38
CA TRP B 553 -43.30 11.75 36.84
C TRP B 553 -42.15 12.70 36.54
N THR B 554 -41.17 12.74 37.44
CA THR B 554 -40.04 13.64 37.32
C THR B 554 -38.74 12.94 37.64
N GLY B 555 -37.63 13.64 37.46
CA GLY B 555 -36.31 13.10 37.79
C GLY B 555 -35.61 12.53 36.58
N TYR B 556 -34.32 12.23 36.75
CA TYR B 556 -33.48 11.72 35.67
C TYR B 556 -33.88 10.31 35.22
N TYR B 557 -34.55 9.58 36.10
CA TYR B 557 -34.99 8.22 35.81
C TYR B 557 -36.49 8.14 35.51
N CYS B 558 -37.20 9.23 35.76
CA CYS B 558 -38.67 9.26 35.68
C CYS B 558 -39.32 8.26 36.64
N ASN B 559 -38.80 8.13 37.85
CA ASN B 559 -39.41 7.26 38.86
C ASN B 559 -39.85 8.00 40.13
N CYS B 560 -39.77 9.34 40.10
CA CYS B 560 -40.25 10.16 41.19
C CYS B 560 -41.57 10.83 40.82
N THR B 561 -42.65 10.39 41.44
CA THR B 561 -43.99 10.88 41.10
C THR B 561 -44.16 12.34 41.48
N THR B 562 -45.05 13.03 40.77
CA THR B 562 -45.42 14.40 41.09
C THR B 562 -46.53 14.42 42.13
N ARG B 563 -47.22 13.28 42.29
CA ARG B 563 -48.34 13.16 43.21
C ARG B 563 -47.93 13.43 44.65
N THR B 564 -48.88 13.94 45.43
CA THR B 564 -48.70 14.16 46.85
C THR B 564 -49.94 13.66 47.62
N ASP B 565 -50.65 12.71 47.03
CA ASP B 565 -51.87 12.16 47.62
C ASP B 565 -51.54 11.36 48.87
N THR B 566 -50.53 10.49 48.74
CA THR B 566 -50.10 9.63 49.83
C THR B 566 -49.35 10.40 50.91
N CYS B 567 -48.84 11.58 50.56
CA CYS B 567 -48.09 12.41 51.51
C CYS B 567 -48.98 13.08 52.56
N MET B 568 -50.22 13.38 52.20
CA MET B 568 -51.12 14.07 53.12
C MET B 568 -51.76 13.10 54.11
N SER B 569 -52.09 13.61 55.30
CA SER B 569 -52.71 12.81 56.34
C SER B 569 -54.07 13.38 56.73
N SER B 570 -54.76 12.69 57.62
CA SER B 570 -56.07 13.14 58.11
C SER B 570 -55.99 14.53 58.72
N ASN B 571 -54.81 14.88 59.22
CA ASN B 571 -54.52 16.22 59.73
C ASN B 571 -55.09 17.33 58.85
N GLY B 572 -54.61 17.40 57.61
CA GLY B 572 -55.04 18.45 56.68
C GLY B 572 -53.92 18.93 55.78
N LEU B 573 -52.75 19.16 56.37
CA LEU B 573 -51.57 19.60 55.61
C LEU B 573 -50.74 18.40 55.18
N LEU B 574 -49.85 18.63 54.23
CA LEU B 574 -48.97 17.57 53.72
C LEU B 574 -47.94 17.17 54.77
N CYS B 575 -47.71 15.87 54.89
CA CYS B 575 -46.79 15.33 55.89
C CYS B 575 -47.11 15.85 57.28
N SER B 576 -48.38 15.67 57.67
CA SER B 576 -48.89 16.13 58.95
C SER B 576 -48.43 17.57 59.22
N GLY B 577 -47.53 17.76 60.17
CA GLY B 577 -46.98 19.07 60.45
C GLY B 577 -45.93 19.42 59.41
N ARG B 578 -44.66 19.23 59.78
CA ARG B 578 -43.54 19.51 58.89
C ARG B 578 -43.00 18.24 58.27
N GLY B 579 -42.46 18.37 57.07
CA GLY B 579 -41.94 17.26 56.30
C GLY B 579 -42.09 17.54 54.82
N LYS B 580 -40.98 17.48 54.09
CA LYS B 580 -41.01 17.67 52.64
C LYS B 580 -41.49 16.41 51.95
N CYS B 581 -42.53 16.54 51.13
CA CYS B 581 -43.02 15.42 50.34
C CYS B 581 -42.14 15.24 49.11
N GLU B 582 -41.65 14.02 48.90
CA GLU B 582 -40.78 13.71 47.76
C GLU B 582 -41.11 12.35 47.17
N CYS B 583 -41.60 12.35 45.94
CA CYS B 583 -41.90 11.12 45.21
C CYS B 583 -42.98 10.29 45.91
N GLY B 584 -43.99 10.98 46.44
CA GLY B 584 -45.09 10.31 47.13
C GLY B 584 -44.76 9.83 48.53
N SER B 585 -43.58 10.18 49.02
CA SER B 585 -43.15 9.78 50.36
C SER B 585 -42.59 10.98 51.11
N CYS B 586 -42.99 11.11 52.36
CA CYS B 586 -42.56 12.24 53.18
C CYS B 586 -41.11 12.10 53.62
N VAL B 587 -40.44 13.23 53.74
CA VAL B 587 -39.12 13.29 54.36
C VAL B 587 -39.25 14.20 55.58
N CYS B 588 -39.36 13.59 56.75
CA CYS B 588 -39.70 14.32 57.96
C CYS B 588 -38.58 15.25 58.42
N ILE B 589 -38.92 16.53 58.59
CA ILE B 589 -37.94 17.55 58.97
C ILE B 589 -38.00 17.83 60.47
N GLN B 590 -39.21 17.97 60.99
CA GLN B 590 -39.42 18.20 62.42
C GLN B 590 -38.61 17.19 63.24
N PRO B 591 -37.62 17.69 64.00
CA PRO B 591 -36.76 16.79 64.77
C PRO B 591 -37.53 15.80 65.64
N GLY B 592 -37.25 14.51 65.47
CA GLY B 592 -37.87 13.46 66.27
C GLY B 592 -39.16 12.90 65.70
N SER B 593 -39.66 13.48 64.61
CA SER B 593 -40.90 13.02 64.00
C SER B 593 -40.65 11.87 63.04
N TYR B 594 -41.61 10.95 62.95
CA TYR B 594 -41.50 9.79 62.08
C TYR B 594 -42.88 9.26 61.67
N GLY B 595 -42.91 8.26 60.81
CA GLY B 595 -44.16 7.69 60.30
C GLY B 595 -44.28 7.93 58.81
N ASP B 596 -45.38 7.43 58.23
CA ASP B 596 -45.61 7.59 56.79
C ASP B 596 -45.82 9.07 56.42
N THR B 597 -46.54 9.78 57.27
CA THR B 597 -46.83 11.19 57.03
C THR B 597 -46.29 12.07 58.15
N CYS B 598 -45.23 11.61 58.81
CA CYS B 598 -44.66 12.31 59.97
C CYS B 598 -45.72 12.58 61.03
N GLU B 599 -46.64 11.63 61.20
CA GLU B 599 -47.74 11.79 62.14
C GLU B 599 -47.32 11.47 63.57
N LYS B 600 -46.33 10.58 63.71
CA LYS B 600 -45.85 10.14 65.01
C LYS B 600 -44.70 11.02 65.47
N CYS B 601 -44.80 11.55 66.69
CA CYS B 601 -43.73 12.35 67.28
C CYS B 601 -43.88 12.45 68.79
N PRO B 602 -43.36 11.46 69.53
CA PRO B 602 -43.43 11.43 70.99
C PRO B 602 -42.74 12.62 71.67
N THR B 603 -41.62 13.06 71.12
CA THR B 603 -40.82 14.11 71.75
C THR B 603 -41.07 15.50 71.15
N CYS B 604 -42.19 15.68 70.47
CA CYS B 604 -42.57 17.00 69.95
C CYS B 604 -43.10 17.86 71.09
N PRO B 605 -42.75 19.16 71.08
CA PRO B 605 -43.33 20.04 72.09
C PRO B 605 -44.85 20.09 71.91
N ASP B 606 -45.59 19.53 72.86
CA ASP B 606 -47.03 19.39 72.76
C ASP B 606 -47.74 20.65 72.25
N ALA B 607 -48.78 20.44 71.45
CA ALA B 607 -49.56 21.53 70.89
C ALA B 607 -49.93 22.55 71.95
N CYS B 608 -50.24 22.06 73.15
CA CYS B 608 -50.58 22.94 74.27
C CYS B 608 -49.32 23.49 74.92
N THR B 609 -48.49 24.19 74.13
CA THR B 609 -47.27 24.79 74.63
C THR B 609 -46.73 25.82 73.62
N PHE B 610 -46.10 25.35 72.55
CA PHE B 610 -45.55 26.25 71.55
C PHE B 610 -46.66 26.69 70.60
N LYS B 611 -47.50 25.75 70.18
CA LYS B 611 -48.61 26.03 69.27
C LYS B 611 -49.81 26.60 70.04
N LYS B 612 -49.60 27.71 70.73
CA LYS B 612 -50.66 28.45 71.39
C LYS B 612 -50.75 29.84 70.78
N GLU B 613 -50.27 29.96 69.54
CA GLU B 613 -50.14 31.25 68.87
C GLU B 613 -51.46 31.74 68.27
N CYS B 614 -52.53 30.97 68.43
CA CYS B 614 -53.84 31.33 67.89
C CYS B 614 -54.50 32.47 68.69
N VAL B 615 -53.95 32.76 69.86
CA VAL B 615 -54.30 33.98 70.58
C VAL B 615 -53.07 34.90 70.65
N GLU B 616 -52.27 34.87 69.57
CA GLU B 616 -51.05 35.67 69.47
C GLU B 616 -50.83 36.20 68.06
N CYS B 617 -50.87 35.32 67.07
CA CYS B 617 -50.62 35.71 65.68
C CYS B 617 -51.81 36.48 65.10
N LYS B 618 -53.01 35.94 65.25
CA LYS B 618 -54.22 36.53 64.68
C LYS B 618 -54.89 37.46 65.69
N LYS B 619 -55.23 36.93 66.86
CA LYS B 619 -55.81 37.73 67.93
C LYS B 619 -54.67 38.37 68.73
N PHE B 620 -54.70 39.69 68.86
CA PHE B 620 -53.58 40.45 69.45
C PHE B 620 -52.29 40.12 68.69
N ASP B 621 -52.22 40.56 67.44
CA ASP B 621 -51.11 40.21 66.55
C ASP B 621 -49.73 40.47 67.16
N ARG B 622 -48.96 39.41 67.34
CA ARG B 622 -47.62 39.51 67.90
C ARG B 622 -46.83 38.22 67.66
N GLY B 623 -45.51 38.34 67.57
CA GLY B 623 -44.63 37.18 67.39
C GLY B 623 -44.19 36.98 65.96
N ALA B 624 -43.85 35.74 65.63
CA ALA B 624 -43.41 35.39 64.28
C ALA B 624 -44.58 35.33 63.30
N LEU B 625 -44.28 34.98 62.05
CA LEU B 625 -45.30 34.87 61.00
C LEU B 625 -46.01 36.20 60.73
N HIS B 626 -45.29 37.30 60.94
CA HIS B 626 -45.83 38.64 60.72
C HIS B 626 -45.46 39.13 59.32
N ASP B 627 -44.20 38.91 58.93
CA ASP B 627 -43.71 39.28 57.60
C ASP B 627 -43.59 38.07 56.67
N GLU B 628 -44.03 36.90 57.13
CA GLU B 628 -43.98 35.68 56.34
C GLU B 628 -45.36 35.02 56.26
N ASN B 629 -45.71 34.50 55.09
CA ASN B 629 -47.04 33.97 54.84
C ASN B 629 -47.27 32.59 55.48
N THR B 630 -47.41 32.56 56.80
CA THR B 630 -47.71 31.33 57.51
C THR B 630 -48.28 31.60 58.91
N CYS B 631 -49.13 32.63 59.03
CA CYS B 631 -49.72 32.99 60.32
C CYS B 631 -50.91 32.10 60.63
N ASN B 632 -51.92 32.13 59.76
CA ASN B 632 -53.12 31.32 59.94
C ASN B 632 -53.13 30.08 59.04
N ARG B 633 -51.94 29.64 58.63
CA ARG B 633 -51.79 28.45 57.80
C ARG B 633 -51.89 27.20 58.67
N TYR B 634 -51.02 27.12 59.69
CA TYR B 634 -51.09 26.05 60.67
C TYR B 634 -52.27 26.30 61.60
N CYS B 635 -52.29 27.50 62.19
CA CYS B 635 -53.37 27.90 63.08
C CYS B 635 -54.64 28.20 62.28
N ARG B 636 -55.55 27.23 62.25
CA ARG B 636 -56.83 27.40 61.59
C ARG B 636 -57.87 26.51 62.26
N ASP B 637 -57.92 26.55 63.58
CA ASP B 637 -58.83 25.74 64.37
C ASP B 637 -60.07 26.54 64.74
N GLU B 638 -61.09 25.83 65.23
CA GLU B 638 -62.35 26.46 65.61
C GLU B 638 -62.23 27.14 66.98
N ILE B 639 -62.08 28.46 66.97
CA ILE B 639 -61.94 29.24 68.20
C ILE B 639 -63.30 29.41 68.87
N GLU B 640 -63.73 28.40 69.62
CA GLU B 640 -64.99 28.44 70.33
C GLU B 640 -64.79 29.06 71.71
N SER B 641 -65.60 30.07 72.01
CA SER B 641 -65.47 30.83 73.26
C SER B 641 -66.39 30.29 74.36
N VAL B 642 -66.19 29.02 74.72
CA VAL B 642 -66.91 28.43 75.84
C VAL B 642 -66.28 28.90 77.15
N LYS B 643 -67.06 28.88 78.23
CA LYS B 643 -66.62 29.43 79.50
C LYS B 643 -66.65 28.39 80.62
N GLU B 644 -65.53 27.67 80.77
CA GLU B 644 -65.35 26.72 81.85
C GLU B 644 -66.38 25.59 81.84
N LEU B 645 -66.23 24.65 80.91
CA LEU B 645 -67.11 23.49 80.83
C LEU B 645 -66.64 22.40 81.78
N LYS B 646 -67.56 21.52 82.18
CA LYS B 646 -67.24 20.44 83.12
C LYS B 646 -66.49 19.29 82.45
N ASP B 647 -65.24 19.55 82.06
CA ASP B 647 -64.39 18.52 81.47
C ASP B 647 -62.94 19.02 81.43
N THR B 648 -62.40 19.32 82.61
CA THR B 648 -61.05 19.88 82.71
C THR B 648 -59.98 18.83 82.47
N GLY B 649 -59.72 18.53 81.20
CA GLY B 649 -58.71 17.55 80.82
C GLY B 649 -59.22 16.13 80.83
N LYS B 650 -59.76 15.69 79.69
CA LYS B 650 -60.24 14.32 79.54
C LYS B 650 -60.33 13.92 78.07
N ASP B 651 -61.10 14.69 77.29
CA ASP B 651 -61.28 14.43 75.87
C ASP B 651 -60.38 15.30 75.00
N ALA B 652 -59.19 15.63 75.50
CA ALA B 652 -58.24 16.47 74.78
C ALA B 652 -56.95 16.64 75.58
N VAL B 653 -56.27 17.77 75.39
CA VAL B 653 -55.07 18.10 76.16
C VAL B 653 -55.10 19.58 76.56
N ASN B 654 -55.72 19.87 77.70
CA ASN B 654 -55.86 21.25 78.18
C ASN B 654 -54.63 21.75 78.94
N CYS B 655 -54.42 23.06 78.92
CA CYS B 655 -53.33 23.69 79.65
C CYS B 655 -53.57 25.19 79.78
N THR B 656 -52.67 25.88 80.49
CA THR B 656 -52.79 27.31 80.70
C THR B 656 -51.40 27.96 80.74
N TYR B 657 -51.33 29.23 80.37
CA TYR B 657 -50.07 29.97 80.40
C TYR B 657 -50.30 31.40 80.88
N LYS B 658 -49.21 32.13 81.08
CA LYS B 658 -49.28 33.51 81.54
C LYS B 658 -49.26 34.47 80.36
N ASN B 659 -50.31 35.28 80.24
CA ASN B 659 -50.45 36.20 79.11
C ASN B 659 -49.58 37.45 79.25
N GLU B 660 -49.80 38.44 78.39
CA GLU B 660 -48.99 39.66 78.35
C GLU B 660 -49.03 40.45 79.66
N ASP B 661 -50.20 40.48 80.30
CA ASP B 661 -50.40 41.28 81.51
C ASP B 661 -50.39 40.44 82.79
N ASP B 662 -49.67 39.32 82.76
CA ASP B 662 -49.52 38.44 83.93
C ASP B 662 -50.85 37.84 84.40
N CYS B 663 -51.61 37.30 83.45
CA CYS B 663 -52.90 36.67 83.76
C CYS B 663 -52.97 35.28 83.14
N VAL B 664 -53.76 34.41 83.76
CA VAL B 664 -53.94 33.04 83.26
C VAL B 664 -54.89 33.03 82.06
N VAL B 665 -54.60 32.14 81.11
CA VAL B 665 -55.46 31.95 79.94
C VAL B 665 -55.69 30.46 79.71
N ARG B 666 -56.92 30.01 79.98
CA ARG B 666 -57.27 28.59 79.92
C ARG B 666 -57.83 28.21 78.56
N PHE B 667 -57.44 27.04 78.06
CA PHE B 667 -57.93 26.54 76.77
C PHE B 667 -57.68 25.03 76.62
N GLN B 668 -58.21 24.45 75.55
CA GLN B 668 -58.09 23.01 75.33
C GLN B 668 -58.36 22.61 73.87
N TYR B 669 -57.49 21.77 73.31
CA TYR B 669 -57.71 21.17 72.00
C TYR B 669 -56.70 20.05 71.76
N TYR B 670 -57.16 18.94 71.18
CA TYR B 670 -56.28 17.82 70.83
C TYR B 670 -56.99 16.79 69.95
N GLU B 671 -57.79 15.93 70.58
CA GLU B 671 -58.42 14.81 69.87
C GLU B 671 -59.58 14.22 70.65
N ASP B 672 -60.69 13.95 69.96
CA ASP B 672 -61.84 13.28 70.54
C ASP B 672 -62.03 11.90 69.90
N SER B 673 -62.12 11.89 68.58
CA SER B 673 -62.21 10.64 67.80
C SER B 673 -61.47 10.82 66.48
N SER B 674 -60.27 10.23 66.39
CA SER B 674 -59.39 10.36 65.23
C SER B 674 -58.64 11.70 65.26
N GLY B 675 -59.38 12.80 65.28
CA GLY B 675 -58.76 14.12 65.37
C GLY B 675 -59.78 15.24 65.21
N LYS B 676 -59.90 16.08 66.24
CA LYS B 676 -60.81 17.23 66.21
C LYS B 676 -60.06 18.50 66.58
N SER B 677 -59.71 19.30 65.58
CA SER B 677 -58.99 20.56 65.80
C SER B 677 -59.96 21.67 66.16
N ILE B 678 -60.46 21.65 67.40
CA ILE B 678 -61.43 22.63 67.87
C ILE B 678 -60.98 23.22 69.20
N LEU B 679 -60.65 24.50 69.20
CA LEU B 679 -60.20 25.19 70.41
C LEU B 679 -61.37 25.50 71.34
N TYR B 680 -61.07 25.56 72.64
CA TYR B 680 -62.06 25.92 73.65
C TYR B 680 -61.44 26.87 74.66
N VAL B 681 -61.09 28.07 74.19
CA VAL B 681 -60.45 29.08 75.04
C VAL B 681 -61.48 29.89 75.81
N VAL B 682 -61.15 30.25 77.05
CA VAL B 682 -62.05 31.02 77.91
C VAL B 682 -62.17 32.47 77.45
N GLU B 683 -63.18 33.17 77.97
CA GLU B 683 -63.46 34.54 77.55
C GLU B 683 -62.65 35.56 78.35
N GLU B 684 -62.87 35.59 79.66
CA GLU B 684 -62.23 36.59 80.53
C GLU B 684 -61.03 36.01 81.26
N PRO B 685 -59.88 36.73 81.24
CA PRO B 685 -58.69 36.27 81.95
C PRO B 685 -58.74 36.64 83.43
N GLU B 686 -57.88 36.00 84.22
CA GLU B 686 -57.79 36.26 85.65
C GLU B 686 -56.38 36.68 86.02
N CYS B 687 -56.22 37.94 86.41
CA CYS B 687 -54.91 38.53 86.64
C CYS B 687 -54.55 38.60 88.12
N CYS B 688 -53.35 39.12 88.39
CA CYS B 688 -52.85 39.26 89.75
C CYS B 688 -52.25 40.66 89.93
N LYS B 689 -52.33 41.18 91.15
CA LYS B 689 -51.86 42.54 91.44
C LYS B 689 -50.36 42.59 91.66
N GLY B 690 -49.80 41.54 92.26
CA GLY B 690 -48.36 41.47 92.51
C GLY B 690 -47.92 40.07 92.91
N LEU C 1 45.01 -13.69 -34.06
CA LEU C 1 44.17 -13.53 -32.84
C LEU C 1 44.42 -14.63 -31.81
N ASN C 2 44.62 -15.85 -32.29
CA ASN C 2 44.70 -17.01 -31.39
C ASN C 2 45.99 -17.83 -31.53
N LEU C 3 47.06 -17.20 -32.01
CA LEU C 3 48.36 -17.85 -32.01
C LEU C 3 48.96 -17.76 -30.62
N ASP C 4 49.58 -18.85 -30.17
CA ASP C 4 50.18 -18.90 -28.84
C ASP C 4 51.55 -18.22 -28.85
N PRO C 5 51.65 -17.04 -28.20
CA PRO C 5 52.90 -16.29 -28.21
C PRO C 5 53.92 -16.73 -27.15
N VAL C 6 53.47 -17.50 -26.17
CA VAL C 6 54.35 -17.93 -25.07
C VAL C 6 55.02 -19.26 -25.36
N GLN C 7 54.23 -20.26 -25.72
CA GLN C 7 54.74 -21.61 -25.96
C GLN C 7 55.21 -21.77 -27.41
N LEU C 8 56.38 -21.20 -27.71
CA LEU C 8 56.94 -21.25 -29.05
C LEU C 8 57.87 -22.45 -29.20
N THR C 9 58.09 -22.85 -30.44
CA THR C 9 59.01 -23.93 -30.76
C THR C 9 60.11 -23.37 -31.65
N PHE C 10 61.35 -23.73 -31.36
CA PHE C 10 62.50 -23.19 -32.09
C PHE C 10 63.32 -24.30 -32.75
N TYR C 11 63.48 -24.18 -34.07
CA TYR C 11 64.42 -25.01 -34.79
C TYR C 11 65.61 -24.14 -35.16
N ALA C 12 66.80 -24.74 -35.17
CA ALA C 12 68.02 -24.00 -35.45
C ALA C 12 68.87 -24.77 -36.45
N GLY C 13 69.61 -24.03 -37.27
CA GLY C 13 70.57 -24.63 -38.19
C GLY C 13 71.96 -24.15 -37.87
N PRO C 14 72.96 -24.58 -38.65
CA PRO C 14 74.36 -24.21 -38.42
C PRO C 14 74.58 -22.70 -38.43
N ASN C 15 75.57 -22.25 -37.68
CA ASN C 15 75.87 -20.83 -37.58
C ASN C 15 76.37 -20.29 -38.91
N GLY C 16 75.77 -19.20 -39.37
CA GLY C 16 76.16 -18.56 -40.62
C GLY C 16 75.56 -19.20 -41.86
N SER C 17 74.65 -20.15 -41.66
CA SER C 17 74.06 -20.88 -42.79
C SER C 17 72.85 -20.17 -43.36
N GLN C 18 72.36 -19.15 -42.66
CA GLN C 18 71.12 -18.45 -43.01
C GLN C 18 69.92 -19.42 -43.00
N PHE C 19 69.97 -20.38 -42.09
CA PHE C 19 68.87 -21.32 -41.86
C PHE C 19 67.60 -20.53 -41.59
N GLY C 20 66.59 -20.73 -42.42
CA GLY C 20 65.31 -20.03 -42.29
C GLY C 20 65.11 -18.91 -43.30
N PHE C 21 65.98 -18.85 -44.31
CA PHE C 21 65.85 -17.88 -45.40
C PHE C 21 64.58 -18.17 -46.19
N SER C 22 64.21 -19.45 -46.26
CA SER C 22 62.97 -19.87 -46.88
C SER C 22 62.43 -21.08 -46.15
N LEU C 23 61.11 -21.29 -46.24
CA LEU C 23 60.50 -22.40 -45.55
C LEU C 23 59.16 -22.78 -46.14
N ASP C 24 58.70 -23.97 -45.78
CA ASP C 24 57.40 -24.46 -46.21
C ASP C 24 57.04 -25.68 -45.39
N PHE C 25 55.74 -25.98 -45.34
CA PHE C 25 55.27 -27.19 -44.72
C PHE C 25 55.39 -28.32 -45.74
N HIS C 26 55.73 -29.51 -45.27
CA HIS C 26 55.78 -30.70 -46.11
C HIS C 26 55.00 -31.83 -45.48
N LYS C 27 54.12 -32.44 -46.27
CA LYS C 27 53.29 -33.55 -45.82
C LYS C 27 53.74 -34.83 -46.50
N ASP C 28 54.14 -35.84 -45.72
CA ASP C 28 54.55 -37.11 -46.30
C ASP C 28 53.35 -37.91 -46.78
N SER C 29 53.60 -39.04 -47.43
CA SER C 29 52.52 -39.90 -47.92
C SER C 29 51.62 -40.36 -46.77
N HIS C 30 52.23 -40.61 -45.61
CA HIS C 30 51.50 -41.06 -44.42
C HIS C 30 50.77 -39.92 -43.69
N GLY C 31 50.90 -38.70 -44.19
CA GLY C 31 50.11 -37.58 -43.68
C GLY C 31 50.80 -36.67 -42.67
N ARG C 32 51.85 -37.17 -42.00
CA ARG C 32 52.58 -36.37 -41.02
C ARG C 32 53.16 -35.11 -41.65
N VAL C 33 52.98 -33.98 -40.97
CA VAL C 33 53.49 -32.71 -41.45
C VAL C 33 54.87 -32.44 -40.89
N ALA C 34 55.77 -31.98 -41.74
CA ALA C 34 57.12 -31.58 -41.33
C ALA C 34 57.38 -30.19 -41.89
N ILE C 35 58.58 -29.65 -41.62
CA ILE C 35 58.93 -28.32 -42.10
C ILE C 35 60.20 -28.35 -42.96
N VAL C 36 60.06 -27.96 -44.21
CA VAL C 36 61.20 -27.79 -45.10
C VAL C 36 61.83 -26.43 -44.84
N VAL C 37 63.13 -26.41 -44.53
CA VAL C 37 63.83 -25.16 -44.22
C VAL C 37 65.08 -24.98 -45.07
N GLY C 38 65.18 -23.83 -45.73
CA GLY C 38 66.30 -23.52 -46.61
C GLY C 38 67.41 -22.75 -45.92
N ALA C 39 68.65 -23.15 -46.17
CA ALA C 39 69.83 -22.55 -45.53
C ALA C 39 70.91 -22.28 -46.58
N PRO C 40 70.78 -21.17 -47.33
CA PRO C 40 71.55 -20.94 -48.55
C PRO C 40 73.02 -20.56 -48.40
N ARG C 41 73.57 -20.58 -47.18
CA ARG C 41 75.01 -20.38 -47.01
C ARG C 41 75.66 -21.50 -46.21
N THR C 42 75.01 -22.66 -46.19
CA THR C 42 75.56 -23.83 -45.51
C THR C 42 76.83 -24.31 -46.23
N LEU C 43 77.86 -24.65 -45.45
CA LEU C 43 79.12 -25.09 -46.04
C LEU C 43 78.96 -26.42 -46.76
N GLY C 44 79.57 -26.52 -47.93
CA GLY C 44 79.51 -27.72 -48.74
C GLY C 44 80.65 -28.69 -48.45
N PRO C 45 80.99 -29.54 -49.42
CA PRO C 45 82.05 -30.53 -49.21
C PRO C 45 83.46 -29.92 -49.27
N SER C 46 83.66 -28.98 -50.18
CA SER C 46 84.98 -28.37 -50.40
C SER C 46 85.24 -27.16 -49.49
N GLN C 47 84.57 -27.12 -48.34
CA GLN C 47 84.69 -26.02 -47.38
C GLN C 47 84.32 -24.68 -48.02
N GLU C 48 83.22 -24.67 -48.78
CA GLU C 48 82.74 -23.43 -49.41
C GLU C 48 81.22 -23.38 -49.36
N GLU C 49 80.67 -22.17 -49.32
CA GLU C 49 79.23 -21.99 -49.23
C GLU C 49 78.54 -22.52 -50.49
N THR C 50 77.66 -23.49 -50.32
CA THR C 50 76.87 -24.00 -51.43
C THR C 50 75.38 -24.05 -51.12
N GLY C 51 75.01 -23.72 -49.89
CA GLY C 51 73.62 -23.84 -49.46
C GLY C 51 73.28 -25.24 -49.00
N GLY C 52 72.09 -25.40 -48.43
CA GLY C 52 71.62 -26.68 -47.93
C GLY C 52 70.13 -26.65 -47.66
N VAL C 53 69.54 -27.83 -47.43
CA VAL C 53 68.12 -27.94 -47.18
C VAL C 53 67.82 -28.95 -46.08
N PHE C 54 67.14 -28.50 -45.04
CA PHE C 54 66.82 -29.35 -43.90
C PHE C 54 65.34 -29.72 -43.90
N LEU C 55 65.04 -30.90 -43.39
CA LEU C 55 63.66 -31.35 -43.24
C LEU C 55 63.39 -31.62 -41.76
N CYS C 56 62.72 -30.68 -41.12
CA CYS C 56 62.46 -30.75 -39.68
C CYS C 56 61.15 -31.48 -39.39
N PRO C 57 61.22 -32.58 -38.63
CA PRO C 57 60.01 -33.25 -38.20
C PRO C 57 59.38 -32.49 -37.04
N TRP C 58 58.06 -32.52 -36.94
CA TRP C 58 57.36 -31.76 -35.91
C TRP C 58 57.61 -32.30 -34.50
N ARG C 59 58.33 -31.52 -33.71
CA ARG C 59 58.48 -31.77 -32.28
C ARG C 59 58.19 -30.47 -31.57
N ALA C 60 57.41 -30.53 -30.48
CA ALA C 60 57.06 -29.32 -29.73
C ALA C 60 58.30 -28.64 -29.16
N GLU C 61 59.30 -29.43 -28.79
CA GLU C 61 60.53 -28.90 -28.21
C GLU C 61 61.45 -28.29 -29.26
N GLY C 62 61.24 -28.63 -30.53
CA GLY C 62 62.09 -28.15 -31.61
C GLY C 62 63.47 -28.79 -31.53
N GLY C 63 64.47 -28.14 -32.12
CA GLY C 63 65.84 -28.63 -32.07
C GLY C 63 66.55 -28.64 -33.40
N GLN C 64 67.56 -29.49 -33.53
CA GLN C 64 68.36 -29.60 -34.74
C GLN C 64 67.68 -30.56 -35.72
N CYS C 65 67.70 -30.20 -37.00
CA CYS C 65 67.05 -31.01 -38.03
C CYS C 65 68.06 -31.75 -38.88
N PRO C 66 67.65 -32.88 -39.47
CA PRO C 66 68.47 -33.55 -40.45
C PRO C 66 68.40 -32.83 -41.78
N SER C 67 69.44 -32.99 -42.61
CA SER C 67 69.49 -32.33 -43.90
C SER C 67 69.16 -33.32 -45.01
N LEU C 68 68.68 -32.79 -46.14
CA LEU C 68 68.49 -33.59 -47.34
C LEU C 68 69.78 -33.59 -48.14
N LEU C 69 70.25 -34.78 -48.52
CA LEU C 69 71.49 -34.91 -49.29
C LEU C 69 71.28 -34.44 -50.73
N PHE C 70 72.16 -33.57 -51.20
CA PHE C 70 72.13 -33.12 -52.60
C PHE C 70 73.53 -33.12 -53.20
N ASP C 71 73.61 -33.36 -54.51
CA ASP C 71 74.89 -33.36 -55.21
C ASP C 71 75.45 -31.93 -55.27
N LEU C 72 76.48 -31.68 -54.46
CA LEU C 72 77.11 -30.37 -54.40
C LEU C 72 78.47 -30.37 -55.12
N ARG C 73 78.70 -31.38 -55.94
CA ARG C 73 79.90 -31.46 -56.77
C ARG C 73 79.64 -30.71 -58.06
N ASP C 74 80.69 -30.08 -58.61
CA ASP C 74 80.60 -29.46 -59.92
C ASP C 74 80.72 -30.54 -60.98
N GLU C 75 79.97 -30.38 -62.07
CA GLU C 75 80.01 -31.32 -63.17
C GLU C 75 80.69 -30.70 -64.38
N THR C 76 81.42 -31.53 -65.11
CA THR C 76 81.98 -31.16 -66.39
C THR C 76 81.70 -32.30 -67.36
N ARG C 77 81.02 -32.00 -68.45
CA ARG C 77 80.71 -33.01 -69.45
C ARG C 77 81.03 -32.49 -70.85
N ASN C 78 81.87 -33.24 -71.56
CA ASN C 78 82.21 -32.90 -72.93
C ASN C 78 81.17 -33.47 -73.88
N VAL C 79 80.70 -32.63 -74.80
CA VAL C 79 79.73 -33.05 -75.81
C VAL C 79 80.15 -32.46 -77.15
N GLY C 80 80.83 -33.26 -77.97
CA GLY C 80 81.39 -32.77 -79.22
C GLY C 80 82.45 -31.73 -78.94
N SER C 81 82.38 -30.62 -79.67
CA SER C 81 83.35 -29.53 -79.50
C SER C 81 83.14 -28.78 -78.19
N GLN C 82 81.90 -28.80 -77.70
CA GLN C 82 81.53 -28.03 -76.50
C GLN C 82 81.90 -28.75 -75.21
N THR C 83 82.18 -27.96 -74.18
CA THR C 83 82.44 -28.47 -72.83
C THR C 83 81.49 -27.78 -71.85
N LEU C 84 80.56 -28.54 -71.30
CA LEU C 84 79.58 -27.98 -70.37
C LEU C 84 80.19 -27.93 -68.96
N GLN C 85 79.85 -26.88 -68.22
CA GLN C 85 80.40 -26.65 -66.88
C GLN C 85 79.35 -26.10 -65.92
N THR C 86 79.19 -26.74 -64.77
CA THR C 86 78.32 -26.23 -63.73
C THR C 86 79.17 -25.79 -62.54
N PHE C 87 78.78 -24.69 -61.91
CA PHE C 87 79.53 -24.15 -60.78
C PHE C 87 78.59 -23.92 -59.60
N LYS C 88 78.79 -24.68 -58.54
CA LYS C 88 77.88 -24.67 -57.39
C LYS C 88 78.40 -23.83 -56.23
N ALA C 89 79.61 -23.27 -56.38
CA ALA C 89 80.16 -22.38 -55.36
C ALA C 89 79.25 -21.17 -55.21
N ARG C 90 78.76 -20.96 -53.99
CA ARG C 90 77.87 -19.85 -53.66
C ARG C 90 76.58 -19.86 -54.50
N GLN C 91 76.09 -21.06 -54.80
CA GLN C 91 74.86 -21.20 -55.60
C GLN C 91 73.61 -20.81 -54.82
N GLY C 92 73.71 -20.82 -53.50
CA GLY C 92 72.60 -20.42 -52.64
C GLY C 92 71.48 -21.45 -52.60
N LEU C 93 71.85 -22.73 -52.54
CA LEU C 93 70.86 -23.80 -52.50
C LEU C 93 69.95 -23.62 -51.29
N GLY C 94 68.65 -23.70 -51.52
CA GLY C 94 67.68 -23.49 -50.45
C GLY C 94 67.34 -22.03 -50.25
N ALA C 95 67.67 -21.19 -51.22
CA ALA C 95 67.26 -19.78 -51.19
C ALA C 95 65.74 -19.69 -51.38
N SER C 96 65.17 -20.73 -51.99
CA SER C 96 63.73 -20.90 -52.04
C SER C 96 63.40 -22.39 -51.96
N VAL C 97 62.38 -22.72 -51.16
CA VAL C 97 61.93 -24.10 -51.01
C VAL C 97 60.41 -24.15 -51.11
N VAL C 98 59.89 -25.15 -51.81
CA VAL C 98 58.46 -25.31 -51.95
C VAL C 98 58.09 -26.78 -52.01
N SER C 99 57.04 -27.16 -51.30
CA SER C 99 56.59 -28.54 -51.26
C SER C 99 55.32 -28.73 -52.07
N TRP C 100 55.23 -29.88 -52.74
CA TRP C 100 54.01 -30.30 -53.37
C TRP C 100 53.92 -31.82 -53.31
N SER C 101 52.75 -32.33 -52.97
CA SER C 101 52.54 -33.77 -52.83
C SER C 101 53.64 -34.37 -51.93
N ASP C 102 54.33 -35.39 -52.42
CA ASP C 102 55.40 -36.01 -51.65
C ASP C 102 56.77 -35.57 -52.15
N VAL C 103 56.84 -34.35 -52.70
CA VAL C 103 58.06 -33.86 -53.34
C VAL C 103 58.49 -32.54 -52.72
N ILE C 104 59.80 -32.33 -52.67
CA ILE C 104 60.39 -31.09 -52.20
C ILE C 104 61.26 -30.48 -53.30
N VAL C 105 61.01 -29.21 -53.60
CA VAL C 105 61.76 -28.50 -54.63
C VAL C 105 62.61 -27.41 -53.99
N ALA C 106 63.92 -27.54 -54.12
CA ALA C 106 64.87 -26.58 -53.55
C ALA C 106 65.74 -25.99 -54.66
N CYS C 107 65.83 -24.66 -54.72
CA CYS C 107 66.52 -23.99 -55.82
C CYS C 107 67.77 -23.22 -55.40
N ALA C 108 68.75 -23.18 -56.29
CA ALA C 108 69.98 -22.41 -56.10
C ALA C 108 70.04 -21.31 -57.15
N PRO C 109 69.47 -20.13 -56.86
CA PRO C 109 69.38 -19.07 -57.86
C PRO C 109 70.71 -18.66 -58.48
N TRP C 110 71.80 -18.70 -57.72
CA TRP C 110 73.09 -18.21 -58.21
C TRP C 110 74.08 -19.32 -58.59
N GLN C 111 73.55 -20.47 -59.01
CA GLN C 111 74.39 -21.52 -59.60
C GLN C 111 74.85 -21.05 -60.97
N HIS C 112 76.16 -20.93 -61.14
CA HIS C 112 76.73 -20.46 -62.40
C HIS C 112 76.94 -21.60 -63.38
N TRP C 113 77.19 -21.24 -64.64
CA TRP C 113 77.21 -22.20 -65.73
C TRP C 113 77.92 -21.59 -66.93
N ASN C 114 78.64 -22.42 -67.69
CA ASN C 114 79.38 -21.95 -68.85
C ASN C 114 79.61 -23.06 -69.87
N VAL C 115 79.73 -22.67 -71.13
CA VAL C 115 80.03 -23.59 -72.21
C VAL C 115 81.28 -23.10 -72.94
N LEU C 116 82.29 -23.97 -73.03
CA LEU C 116 83.54 -23.62 -73.68
C LEU C 116 83.64 -24.30 -75.04
N GLU C 117 84.06 -23.54 -76.05
CA GLU C 117 84.30 -24.09 -77.37
C GLU C 117 85.51 -23.41 -78.00
N LYS C 118 86.64 -24.12 -78.01
CA LYS C 118 87.89 -23.57 -78.51
C LYS C 118 88.17 -22.20 -77.88
N THR C 119 88.34 -21.16 -78.70
CA THR C 119 88.63 -19.83 -78.20
C THR C 119 87.44 -19.20 -77.49
N GLU C 120 86.23 -19.49 -77.98
CA GLU C 120 85.03 -18.79 -77.55
C GLU C 120 84.35 -19.45 -76.35
N GLU C 121 83.46 -18.71 -75.70
CA GLU C 121 82.68 -19.22 -74.57
C GLU C 121 81.29 -18.61 -74.53
N ALA C 122 80.42 -19.20 -73.73
CA ALA C 122 79.06 -18.70 -73.53
C ALA C 122 78.98 -17.72 -72.37
N GLU C 123 80.11 -17.50 -71.70
CA GLU C 123 80.20 -16.65 -70.50
C GLU C 123 79.69 -17.38 -69.25
N LYS C 124 80.45 -17.24 -68.17
CA LYS C 124 80.10 -17.85 -66.89
C LYS C 124 79.06 -16.98 -66.19
N THR C 125 77.82 -17.45 -66.17
CA THR C 125 76.69 -16.65 -65.71
C THR C 125 75.75 -17.44 -64.79
N PRO C 126 75.03 -16.73 -63.90
CA PRO C 126 74.13 -17.37 -62.93
C PRO C 126 72.80 -17.79 -63.52
N VAL C 127 72.80 -18.90 -64.25
CA VAL C 127 71.58 -19.41 -64.89
C VAL C 127 70.55 -19.88 -63.86
N GLY C 128 71.02 -20.27 -62.68
CA GLY C 128 70.14 -20.77 -61.63
C GLY C 128 69.80 -22.23 -61.87
N SER C 129 69.24 -22.89 -60.85
CA SER C 129 68.87 -24.29 -60.94
C SER C 129 68.02 -24.70 -59.75
N CYS C 130 67.29 -25.80 -59.90
CA CYS C 130 66.47 -26.34 -58.83
C CYS C 130 66.68 -27.83 -58.68
N PHE C 131 66.80 -28.26 -57.43
CA PHE C 131 66.98 -29.66 -57.09
C PHE C 131 65.64 -30.20 -56.57
N LEU C 132 65.19 -31.31 -57.13
CA LEU C 132 63.93 -31.93 -56.70
C LEU C 132 64.24 -33.21 -55.92
N ALA C 133 63.45 -33.47 -54.88
CA ALA C 133 63.68 -34.63 -54.03
C ALA C 133 62.37 -35.25 -53.56
N GLN C 134 62.36 -36.57 -53.50
CA GLN C 134 61.24 -37.34 -52.97
C GLN C 134 61.77 -38.20 -51.81
N PRO C 135 61.77 -37.63 -50.59
CA PRO C 135 62.41 -38.22 -49.40
C PRO C 135 62.15 -39.71 -49.18
N GLU C 136 60.91 -40.15 -49.35
CA GLU C 136 60.54 -41.52 -49.02
C GLU C 136 61.13 -42.56 -49.98
N SER C 137 61.24 -42.20 -51.25
CA SER C 137 61.83 -43.09 -52.25
C SER C 137 63.33 -42.85 -52.39
N GLY C 138 63.77 -41.64 -52.08
CA GLY C 138 65.18 -41.26 -52.22
C GLY C 138 65.52 -40.82 -53.62
N ARG C 139 64.51 -40.67 -54.47
CA ARG C 139 64.70 -40.21 -55.84
C ARG C 139 65.10 -38.75 -55.86
N ARG C 140 65.92 -38.39 -56.83
CA ARG C 140 66.35 -37.01 -57.01
C ARG C 140 66.15 -36.59 -58.46
N ALA C 141 66.26 -35.29 -58.70
CA ALA C 141 66.15 -34.75 -60.05
C ALA C 141 66.58 -33.29 -60.02
N GLU C 142 66.97 -32.77 -61.18
CA GLU C 142 67.34 -31.37 -61.30
C GLU C 142 66.51 -30.70 -62.39
N TYR C 143 66.42 -29.38 -62.31
CA TYR C 143 65.72 -28.61 -63.32
C TYR C 143 66.40 -27.26 -63.48
N SER C 144 66.95 -27.02 -64.66
CA SER C 144 67.62 -25.78 -64.96
C SER C 144 67.30 -25.38 -66.40
N PRO C 145 66.18 -24.67 -66.61
CA PRO C 145 65.71 -24.36 -67.95
C PRO C 145 66.44 -23.22 -68.65
N CYS C 146 67.25 -22.45 -67.94
CA CYS C 146 67.97 -21.32 -68.55
C CYS C 146 69.37 -21.68 -69.04
N ARG C 147 69.71 -22.97 -69.03
CA ARG C 147 70.98 -23.42 -69.59
C ARG C 147 70.89 -23.45 -71.11
N GLY C 148 71.78 -22.72 -71.77
CA GLY C 148 71.87 -22.75 -73.23
C GLY C 148 73.27 -23.15 -73.66
N ASN C 149 73.48 -23.30 -74.97
CA ASN C 149 74.80 -23.64 -75.49
C ASN C 149 75.20 -22.74 -76.67
N THR C 150 74.68 -21.52 -76.67
CA THR C 150 75.04 -20.52 -77.66
C THR C 150 76.26 -19.75 -77.16
N LEU C 151 77.17 -19.43 -78.06
CA LEU C 151 78.39 -18.71 -77.70
C LEU C 151 78.10 -17.22 -77.48
N SER C 152 79.04 -16.53 -76.84
CA SER C 152 78.90 -15.12 -76.51
C SER C 152 78.76 -14.22 -77.73
N ARG C 153 79.41 -14.61 -78.82
CA ARG C 153 79.38 -13.85 -80.07
C ARG C 153 77.96 -13.68 -80.62
N ILE C 154 77.21 -14.78 -80.64
CA ILE C 154 75.88 -14.81 -81.24
C ILE C 154 74.90 -13.85 -80.58
N TYR C 155 74.96 -13.74 -79.25
CA TYR C 155 74.09 -12.82 -78.52
C TYR C 155 74.39 -11.37 -78.91
N VAL C 156 75.66 -11.05 -79.11
CA VAL C 156 76.07 -9.68 -79.45
C VAL C 156 75.55 -9.28 -80.83
N GLU C 157 75.58 -10.24 -81.75
CA GLU C 157 75.10 -10.01 -83.12
C GLU C 157 73.58 -9.89 -83.20
N ASN C 158 72.88 -10.40 -82.19
CA ASN C 158 71.42 -10.33 -82.12
C ASN C 158 70.94 -9.40 -81.00
N ASP C 159 71.73 -8.39 -80.65
CA ASP C 159 71.38 -7.44 -79.59
C ASP C 159 70.80 -8.14 -78.37
N PHE C 160 71.52 -9.15 -77.88
CA PHE C 160 71.16 -9.83 -76.64
C PHE C 160 69.68 -10.20 -76.54
N SER C 161 69.15 -10.72 -77.65
CA SER C 161 67.75 -11.10 -77.72
C SER C 161 67.57 -12.51 -77.16
N TRP C 162 66.53 -12.69 -76.35
CA TRP C 162 66.21 -13.99 -75.74
C TRP C 162 67.39 -14.54 -74.95
N ASP C 163 68.03 -13.66 -74.17
CA ASP C 163 69.21 -14.03 -73.39
C ASP C 163 68.80 -14.53 -72.02
N LYS C 164 68.97 -15.83 -71.79
CA LYS C 164 68.58 -16.45 -70.54
C LYS C 164 69.77 -16.69 -69.61
N ARG C 165 70.94 -16.15 -69.96
CA ARG C 165 72.18 -16.44 -69.24
C ARG C 165 72.20 -16.00 -67.78
N TYR C 166 71.38 -15.02 -67.40
CA TYR C 166 71.42 -14.44 -66.06
C TYR C 166 70.10 -14.63 -65.31
N CYS C 167 69.33 -15.65 -65.70
CA CYS C 167 68.01 -15.93 -65.11
C CYS C 167 67.95 -15.87 -63.60
N GLU C 168 68.83 -16.64 -62.98
CA GLU C 168 68.73 -16.95 -61.56
C GLU C 168 67.41 -17.63 -61.29
N ALA C 169 67.10 -18.65 -62.09
CA ALA C 169 65.84 -19.39 -61.98
C ALA C 169 65.67 -19.99 -60.59
N GLY C 170 64.52 -19.79 -59.98
CA GLY C 170 64.25 -20.30 -58.64
C GLY C 170 64.42 -19.21 -57.60
N PHE C 171 64.73 -18.00 -58.07
CA PHE C 171 64.68 -16.81 -57.23
C PHE C 171 63.39 -16.85 -56.44
N SER C 172 62.28 -17.02 -57.16
CA SER C 172 61.00 -17.31 -56.55
C SER C 172 60.47 -18.62 -57.15
N SER C 173 59.54 -19.25 -56.45
CA SER C 173 58.98 -20.51 -56.91
C SER C 173 57.61 -20.76 -56.29
N VAL C 174 56.78 -21.49 -57.01
CA VAL C 174 55.44 -21.88 -56.56
C VAL C 174 55.03 -23.09 -57.37
N VAL C 175 54.21 -23.96 -56.77
CA VAL C 175 53.76 -25.17 -57.45
C VAL C 175 52.24 -25.26 -57.42
N THR C 176 51.65 -25.52 -58.57
CA THR C 176 50.20 -25.58 -58.70
C THR C 176 49.67 -26.88 -58.12
N GLN C 177 48.38 -26.92 -57.80
N GLN C 177 48.39 -26.91 -57.80
CA GLN C 177 47.76 -28.12 -57.27
CA GLN C 177 47.75 -28.12 -57.27
C GLN C 177 47.81 -29.27 -58.28
C GLN C 177 47.82 -29.26 -58.28
N ALA C 178 47.87 -28.91 -59.56
CA ALA C 178 47.99 -29.91 -60.63
C ALA C 178 49.40 -30.49 -60.72
N GLY C 179 50.36 -29.87 -60.02
CA GLY C 179 51.73 -30.37 -59.97
C GLY C 179 52.63 -29.69 -60.97
N GLU C 180 52.38 -28.41 -61.23
CA GLU C 180 53.15 -27.65 -62.20
C GLU C 180 54.08 -26.68 -61.49
N LEU C 181 55.38 -26.96 -61.59
CA LEU C 181 56.39 -26.13 -60.94
C LEU C 181 56.60 -24.85 -61.74
N VAL C 182 56.43 -23.72 -61.09
CA VAL C 182 56.59 -22.41 -61.72
C VAL C 182 57.71 -21.63 -61.06
N LEU C 183 58.81 -21.43 -61.79
CA LEU C 183 59.98 -20.72 -61.27
C LEU C 183 60.04 -19.28 -61.78
N GLY C 184 60.14 -18.33 -60.86
CA GLY C 184 60.40 -16.94 -61.23
C GLY C 184 61.89 -16.71 -61.43
N ALA C 185 62.24 -16.07 -62.53
CA ALA C 185 63.64 -15.76 -62.85
C ALA C 185 63.77 -14.29 -63.25
N PRO C 186 64.08 -13.42 -62.27
CA PRO C 186 64.08 -11.98 -62.53
C PRO C 186 65.21 -11.49 -63.44
N GLY C 187 66.29 -12.26 -63.53
CA GLY C 187 67.43 -11.87 -64.34
C GLY C 187 67.34 -12.29 -65.80
N GLY C 188 66.27 -12.98 -66.16
CA GLY C 188 66.09 -13.49 -67.51
C GLY C 188 65.92 -12.40 -68.54
N TYR C 189 66.20 -12.72 -69.80
CA TYR C 189 66.11 -11.77 -70.90
C TYR C 189 66.80 -10.45 -70.58
N TYR C 190 68.06 -10.56 -70.19
CA TYR C 190 68.88 -9.40 -69.84
C TYR C 190 68.22 -8.54 -68.77
N PHE C 191 67.85 -9.20 -67.67
CA PHE C 191 67.30 -8.53 -66.48
C PHE C 191 65.92 -7.93 -66.69
N LEU C 192 65.22 -8.39 -67.73
CA LEU C 192 63.83 -8.06 -67.91
C LEU C 192 62.99 -8.97 -67.00
N GLY C 193 63.37 -10.24 -66.94
CA GLY C 193 62.72 -11.22 -66.07
C GLY C 193 61.85 -12.19 -66.86
N LEU C 194 61.84 -13.45 -66.45
CA LEU C 194 61.04 -14.46 -67.12
C LEU C 194 60.53 -15.52 -66.15
N LEU C 195 59.50 -16.25 -66.57
CA LEU C 195 58.97 -17.38 -65.81
C LEU C 195 59.20 -18.66 -66.57
N ALA C 196 59.54 -19.72 -65.86
CA ALA C 196 59.63 -21.05 -66.45
C ALA C 196 58.67 -21.99 -65.72
N GLN C 197 57.87 -22.73 -66.48
CA GLN C 197 56.94 -23.69 -65.91
C GLN C 197 57.08 -25.07 -66.55
N ALA C 198 56.88 -26.11 -65.75
CA ALA C 198 56.89 -27.49 -66.24
C ALA C 198 56.28 -28.41 -65.19
N PRO C 199 55.63 -29.51 -65.63
CA PRO C 199 55.04 -30.45 -64.66
C PRO C 199 56.08 -31.25 -63.92
N VAL C 200 55.91 -31.39 -62.61
CA VAL C 200 56.90 -32.08 -61.77
C VAL C 200 57.19 -33.49 -62.28
N ALA C 201 56.15 -34.19 -62.71
CA ALA C 201 56.29 -35.56 -63.22
C ALA C 201 57.22 -35.61 -64.44
N ASP C 202 57.12 -34.60 -65.31
CA ASP C 202 57.94 -34.55 -66.52
C ASP C 202 59.39 -34.16 -66.22
N ILE C 203 59.62 -33.45 -65.12
CA ILE C 203 60.97 -33.11 -64.70
C ILE C 203 61.74 -34.36 -64.24
N PHE C 204 61.05 -35.24 -63.52
CA PHE C 204 61.68 -36.47 -63.01
C PHE C 204 61.94 -37.47 -64.12
N SER C 205 60.94 -37.73 -64.95
CA SER C 205 61.06 -38.70 -66.03
C SER C 205 62.06 -38.24 -67.10
N SER C 206 62.16 -36.93 -67.28
CA SER C 206 63.09 -36.36 -68.26
C SER C 206 64.54 -36.33 -67.78
N TYR C 207 64.75 -36.36 -66.47
CA TYR C 207 66.08 -36.22 -65.89
C TYR C 207 67.02 -37.38 -66.25
N ARG C 208 68.28 -37.04 -66.54
CA ARG C 208 69.32 -38.02 -66.80
C ARG C 208 70.63 -37.56 -66.17
N PRO C 209 71.14 -38.31 -65.18
CA PRO C 209 72.46 -38.03 -64.62
C PRO C 209 73.57 -38.07 -65.67
N GLY C 210 74.41 -37.03 -65.70
CA GLY C 210 75.48 -36.93 -66.67
C GLY C 210 75.13 -36.10 -67.89
N ILE C 211 73.86 -35.74 -68.03
CA ILE C 211 73.40 -34.87 -69.10
C ILE C 211 73.01 -33.53 -68.50
N LEU C 212 73.91 -32.55 -68.61
CA LEU C 212 73.71 -31.25 -68.02
C LEU C 212 72.72 -30.42 -68.83
N LEU C 213 72.86 -30.47 -70.14
CA LEU C 213 72.00 -29.70 -71.04
C LEU C 213 70.96 -30.61 -71.67
N TRP C 214 69.70 -30.42 -71.29
CA TRP C 214 68.59 -31.15 -71.91
C TRP C 214 67.33 -30.30 -71.89
N HIS C 215 66.31 -30.75 -72.61
N HIS C 215 66.31 -30.75 -72.61
CA HIS C 215 65.07 -29.98 -72.75
CA HIS C 215 65.06 -30.00 -72.77
C HIS C 215 63.85 -30.81 -72.32
C HIS C 215 63.85 -30.81 -72.32
N VAL C 216 63.08 -30.25 -71.39
CA VAL C 216 61.89 -30.93 -70.86
C VAL C 216 60.68 -30.62 -71.74
N SER C 217 60.52 -31.43 -72.78
CA SER C 217 59.42 -31.28 -73.76
C SER C 217 58.28 -30.35 -73.32
N SER C 218 57.62 -30.70 -72.21
CA SER C 218 56.39 -30.03 -71.80
C SER C 218 56.55 -28.72 -71.03
N GLN C 219 57.74 -28.13 -71.04
CA GLN C 219 57.96 -26.88 -70.33
C GLN C 219 57.54 -25.69 -71.18
N SER C 220 57.28 -24.56 -70.53
CA SER C 220 56.89 -23.34 -71.23
C SER C 220 57.47 -22.11 -70.55
N LEU C 221 58.01 -21.18 -71.35
CA LEU C 221 58.61 -19.97 -70.83
C LEU C 221 57.85 -18.71 -71.27
N SER C 222 58.18 -17.57 -70.65
CA SER C 222 57.50 -16.31 -70.95
C SER C 222 58.19 -15.56 -72.08
N PHE C 223 57.63 -14.40 -72.44
CA PHE C 223 58.09 -13.65 -73.61
C PHE C 223 59.14 -12.58 -73.27
N ASP C 224 60.11 -12.41 -74.17
CA ASP C 224 61.02 -11.27 -74.14
C ASP C 224 60.27 -10.07 -74.72
N SER C 225 60.84 -8.87 -74.59
CA SER C 225 60.16 -7.67 -75.04
C SER C 225 61.13 -6.57 -75.43
N SER C 226 60.68 -5.69 -76.32
CA SER C 226 61.45 -4.53 -76.75
C SER C 226 60.85 -3.25 -76.16
N ASN C 227 59.93 -3.40 -75.21
CA ASN C 227 59.31 -2.28 -74.52
C ASN C 227 60.20 -1.79 -73.38
N PRO C 228 60.63 -0.52 -73.42
CA PRO C 228 61.46 0.04 -72.36
C PRO C 228 60.88 -0.08 -70.95
N GLU C 229 59.56 -0.05 -70.84
CA GLU C 229 58.89 -0.20 -69.56
C GLU C 229 59.34 -1.46 -68.80
N TYR C 230 59.69 -2.51 -69.53
CA TYR C 230 60.05 -3.79 -68.92
C TYR C 230 61.53 -3.98 -68.63
N PHE C 231 62.39 -3.12 -69.16
CA PHE C 231 63.83 -3.28 -68.98
C PHE C 231 64.20 -3.09 -67.51
N ASP C 232 65.01 -4.02 -66.99
CA ASP C 232 65.46 -3.99 -65.60
C ASP C 232 64.31 -4.06 -64.60
N GLY C 233 63.22 -4.71 -64.98
CA GLY C 233 62.03 -4.79 -64.15
C GLY C 233 62.03 -5.92 -63.15
N TYR C 234 62.95 -6.87 -63.33
CA TYR C 234 63.02 -8.07 -62.50
C TYR C 234 61.66 -8.77 -62.40
N TRP C 235 61.05 -9.01 -63.56
CA TRP C 235 59.80 -9.72 -63.67
C TRP C 235 59.98 -11.14 -63.16
N GLY C 236 59.25 -11.51 -62.11
CA GLY C 236 59.40 -12.82 -61.48
C GLY C 236 60.24 -12.79 -60.22
N TYR C 237 60.34 -11.62 -59.60
CA TYR C 237 60.99 -11.45 -58.31
C TYR C 237 60.20 -12.24 -57.28
N SER C 238 58.89 -12.34 -57.49
CA SER C 238 58.01 -13.17 -56.69
C SER C 238 56.95 -13.80 -57.58
N VAL C 239 56.41 -14.94 -57.17
CA VAL C 239 55.38 -15.59 -57.96
C VAL C 239 54.30 -16.24 -57.09
N ALA C 240 53.15 -16.48 -57.69
CA ALA C 240 52.06 -17.18 -57.02
C ALA C 240 51.08 -17.63 -58.09
N VAL C 241 50.10 -18.42 -57.68
CA VAL C 241 49.06 -18.87 -58.60
C VAL C 241 47.69 -18.61 -57.99
N GLY C 242 46.66 -18.69 -58.81
CA GLY C 242 45.30 -18.44 -58.35
C GLY C 242 44.30 -18.53 -59.46
N GLU C 243 43.07 -18.13 -59.14
CA GLU C 243 41.96 -18.19 -60.08
C GLU C 243 41.40 -16.78 -60.23
N PHE C 244 41.55 -16.22 -61.43
CA PHE C 244 41.12 -14.84 -61.67
C PHE C 244 40.33 -14.65 -62.97
N ASP C 245 40.17 -15.71 -63.77
CA ASP C 245 39.52 -15.57 -65.08
C ASP C 245 38.18 -16.29 -65.19
N GLY C 246 37.71 -16.91 -64.11
CA GLY C 246 36.42 -17.59 -64.11
C GLY C 246 36.47 -19.07 -64.47
N ASP C 247 37.25 -19.42 -65.48
CA ASP C 247 37.39 -20.80 -65.90
C ASP C 247 38.25 -21.59 -64.91
N LEU C 248 37.66 -22.61 -64.31
CA LEU C 248 38.35 -23.41 -63.29
C LEU C 248 39.34 -24.41 -63.90
N ASN C 249 39.19 -24.71 -65.19
CA ASN C 249 40.13 -25.57 -65.89
C ASN C 249 41.52 -24.94 -65.95
N THR C 250 41.56 -23.65 -66.24
CA THR C 250 42.81 -22.92 -66.39
C THR C 250 43.27 -22.36 -65.05
N THR C 251 44.59 -22.25 -64.87
CA THR C 251 45.17 -21.64 -63.68
C THR C 251 45.95 -20.39 -64.07
N GLU C 252 45.77 -19.32 -63.32
CA GLU C 252 46.38 -18.03 -63.63
C GLU C 252 47.64 -17.80 -62.80
N TYR C 253 48.64 -17.19 -63.42
CA TYR C 253 49.87 -16.84 -62.72
C TYR C 253 49.78 -15.44 -62.15
N VAL C 254 50.58 -15.18 -61.11
CA VAL C 254 50.69 -13.87 -60.50
C VAL C 254 52.16 -13.57 -60.32
N VAL C 255 52.62 -12.48 -60.91
CA VAL C 255 54.05 -12.18 -60.98
C VAL C 255 54.35 -10.78 -60.46
N GLY C 256 55.45 -10.65 -59.74
CA GLY C 256 55.91 -9.36 -59.25
C GLY C 256 57.13 -8.88 -60.02
N ALA C 257 57.05 -7.65 -60.54
CA ALA C 257 58.18 -7.01 -61.21
C ALA C 257 58.45 -5.69 -60.50
N PRO C 258 59.18 -5.74 -59.38
CA PRO C 258 59.23 -4.62 -58.44
C PRO C 258 59.99 -3.38 -58.89
N THR C 259 60.72 -3.45 -60.00
CA THR C 259 61.40 -2.27 -60.55
C THR C 259 60.90 -1.94 -61.95
N TRP C 260 59.71 -2.46 -62.29
CA TRP C 260 59.11 -2.25 -63.60
C TRP C 260 58.86 -0.77 -63.87
N SER C 261 58.98 -0.38 -65.14
CA SER C 261 58.80 0.99 -65.56
C SER C 261 59.59 1.97 -64.68
N TRP C 262 60.91 1.91 -64.81
CA TRP C 262 61.80 2.84 -64.12
C TRP C 262 61.49 2.90 -62.63
N THR C 263 61.56 1.73 -61.98
CA THR C 263 61.38 1.57 -60.54
C THR C 263 59.98 1.93 -60.00
N LEU C 264 59.01 2.11 -60.89
CA LEU C 264 57.64 2.38 -60.46
C LEU C 264 57.04 1.13 -59.83
N GLY C 265 57.39 -0.03 -60.38
CA GLY C 265 56.94 -1.32 -59.85
C GLY C 265 55.60 -1.74 -60.42
N ALA C 266 55.40 -3.05 -60.51
CA ALA C 266 54.12 -3.57 -61.00
C ALA C 266 53.91 -5.02 -60.61
N VAL C 267 52.65 -5.46 -60.68
CA VAL C 267 52.30 -6.86 -60.54
C VAL C 267 51.29 -7.21 -61.63
N GLU C 268 51.51 -8.32 -62.32
CA GLU C 268 50.67 -8.73 -63.43
C GLU C 268 49.99 -10.08 -63.14
N ILE C 269 48.77 -10.22 -63.64
CA ILE C 269 48.04 -11.49 -63.59
C ILE C 269 47.95 -12.02 -65.01
N LEU C 270 48.45 -13.24 -65.23
CA LEU C 270 48.55 -13.80 -66.58
C LEU C 270 47.91 -15.18 -66.66
N ASP C 271 47.59 -15.60 -67.89
CA ASP C 271 47.08 -16.95 -68.11
C ASP C 271 48.24 -17.87 -68.44
N SER C 272 47.94 -19.14 -68.72
CA SER C 272 48.96 -20.15 -68.97
C SER C 272 49.83 -19.86 -70.19
N TYR C 273 49.31 -19.05 -71.12
CA TYR C 273 50.07 -18.63 -72.29
C TYR C 273 50.81 -17.30 -72.03
N TYR C 274 50.96 -16.95 -70.75
CA TYR C 274 51.63 -15.71 -70.36
C TYR C 274 51.06 -14.49 -71.08
N GLN C 275 49.74 -14.41 -71.12
CA GLN C 275 49.05 -13.24 -71.69
C GLN C 275 48.49 -12.40 -70.55
N ARG C 276 48.89 -11.14 -70.50
CA ARG C 276 48.47 -10.24 -69.43
C ARG C 276 46.96 -10.15 -69.35
N LEU C 277 46.44 -10.17 -68.13
CA LEU C 277 45.00 -9.96 -67.89
C LEU C 277 44.82 -8.66 -67.11
N HIS C 278 45.47 -8.55 -65.96
CA HIS C 278 45.51 -7.30 -65.21
C HIS C 278 46.95 -6.87 -65.04
N ARG C 279 47.20 -5.56 -65.00
CA ARG C 279 48.47 -5.01 -64.53
C ARG C 279 48.21 -4.01 -63.42
N LEU C 280 48.73 -4.30 -62.24
CA LEU C 280 48.61 -3.41 -61.10
C LEU C 280 49.87 -2.58 -60.99
N ARG C 281 49.73 -1.27 -61.09
CA ARG C 281 50.86 -0.34 -61.10
C ARG C 281 51.23 0.10 -59.70
N GLY C 282 52.53 0.22 -59.45
CA GLY C 282 53.02 0.75 -58.18
C GLY C 282 52.65 2.21 -57.97
N GLU C 283 52.50 2.60 -56.71
CA GLU C 283 52.01 3.92 -56.35
C GLU C 283 53.13 4.96 -56.28
N GLN C 284 54.35 4.49 -56.01
CA GLN C 284 55.47 5.38 -55.71
C GLN C 284 56.76 4.74 -56.18
N MET C 285 57.61 5.54 -56.80
CA MET C 285 58.89 5.04 -57.32
C MET C 285 59.77 4.54 -56.19
N ALA C 286 60.55 3.50 -56.49
CA ALA C 286 61.51 2.93 -55.53
C ALA C 286 60.86 2.31 -54.29
N SER C 287 59.56 2.09 -54.32
CA SER C 287 58.87 1.49 -53.17
C SER C 287 58.94 -0.04 -53.21
N TYR C 288 59.39 -0.57 -54.34
CA TYR C 288 59.45 -2.03 -54.56
C TYR C 288 58.08 -2.69 -54.44
N PHE C 289 57.09 -2.07 -55.06
CA PHE C 289 55.76 -2.62 -55.18
C PHE C 289 55.81 -3.91 -56.00
N GLY C 290 55.44 -5.02 -55.38
CA GLY C 290 55.55 -6.33 -56.01
C GLY C 290 56.68 -7.18 -55.44
N HIS C 291 57.32 -6.70 -54.37
CA HIS C 291 58.33 -7.49 -53.67
C HIS C 291 57.72 -8.78 -53.13
N SER C 292 56.44 -8.70 -52.75
CA SER C 292 55.71 -9.86 -52.27
C SER C 292 54.34 -9.94 -52.92
N VAL C 293 53.88 -11.17 -53.17
CA VAL C 293 52.52 -11.39 -53.64
C VAL C 293 51.89 -12.57 -52.91
N ALA C 294 50.60 -12.47 -52.63
CA ALA C 294 49.85 -13.55 -51.99
C ALA C 294 48.44 -13.59 -52.56
N VAL C 295 47.89 -14.80 -52.64
CA VAL C 295 46.56 -15.00 -53.19
C VAL C 295 45.70 -15.76 -52.20
N THR C 296 44.60 -15.14 -51.78
CA THR C 296 43.63 -15.81 -50.91
C THR C 296 42.30 -15.07 -50.88
N ASP C 297 41.22 -15.82 -50.72
CA ASP C 297 39.90 -15.24 -50.55
C ASP C 297 39.75 -14.78 -49.11
N VAL C 298 39.91 -13.48 -48.87
CA VAL C 298 39.82 -12.93 -47.52
C VAL C 298 38.39 -12.55 -47.13
N ASN C 299 37.57 -12.14 -48.10
CA ASN C 299 36.20 -11.72 -47.81
C ASN C 299 35.15 -12.84 -47.96
N GLY C 300 35.63 -14.08 -48.11
CA GLY C 300 34.78 -15.26 -48.01
C GLY C 300 33.64 -15.36 -49.00
N ASP C 301 33.88 -14.95 -50.23
CA ASP C 301 32.87 -15.03 -51.29
C ASP C 301 33.30 -15.98 -52.40
N GLY C 302 34.32 -16.77 -52.15
CA GLY C 302 34.79 -17.77 -53.10
C GLY C 302 35.87 -17.29 -54.05
N ARG C 303 35.90 -15.99 -54.33
CA ARG C 303 36.83 -15.44 -55.32
C ARG C 303 38.15 -15.01 -54.69
N HIS C 304 39.26 -15.49 -55.25
CA HIS C 304 40.59 -15.16 -54.73
C HIS C 304 40.83 -13.65 -54.78
N ASP C 305 41.49 -13.13 -53.76
CA ASP C 305 41.85 -11.71 -53.69
C ASP C 305 43.36 -11.60 -53.71
N LEU C 306 43.87 -10.47 -54.16
CA LEU C 306 45.30 -10.28 -54.28
C LEU C 306 45.84 -9.34 -53.23
N LEU C 307 47.01 -9.69 -52.68
CA LEU C 307 47.74 -8.82 -51.78
C LEU C 307 49.12 -8.56 -52.38
N VAL C 308 49.57 -7.31 -52.30
CA VAL C 308 50.83 -6.89 -52.90
C VAL C 308 51.69 -6.18 -51.87
N GLY C 309 52.97 -6.51 -51.83
CA GLY C 309 53.90 -5.91 -50.87
C GLY C 309 54.79 -4.86 -51.50
N ALA C 310 54.95 -3.74 -50.80
CA ALA C 310 55.86 -2.66 -51.20
C ALA C 310 56.62 -2.18 -49.97
N PRO C 311 57.67 -2.93 -49.56
CA PRO C 311 58.34 -2.74 -48.28
C PRO C 311 59.03 -1.39 -48.10
N LEU C 312 59.44 -0.77 -49.21
CA LEU C 312 60.18 0.49 -49.15
C LEU C 312 59.26 1.69 -49.38
N TYR C 313 57.96 1.51 -49.22
CA TYR C 313 57.02 2.61 -49.39
C TYR C 313 57.32 3.69 -48.36
N MET C 314 57.22 4.95 -48.79
CA MET C 314 57.45 6.06 -47.91
C MET C 314 56.18 6.90 -47.77
N GLU C 315 55.85 7.24 -46.53
CA GLU C 315 54.76 8.16 -46.25
C GLU C 315 55.35 9.50 -45.83
N SER C 316 54.48 10.45 -45.52
CA SER C 316 54.91 11.78 -45.07
C SER C 316 54.72 11.94 -43.57
N ARG C 317 55.59 12.75 -42.96
CA ARG C 317 55.51 13.07 -41.54
C ARG C 317 55.98 14.49 -41.31
N ALA C 318 55.62 15.05 -40.15
CA ALA C 318 55.98 16.41 -39.80
C ALA C 318 57.47 16.66 -40.01
N ASP C 319 58.30 15.89 -39.32
CA ASP C 319 59.75 16.07 -39.38
C ASP C 319 60.45 15.17 -40.41
N ARG C 320 59.67 14.48 -41.23
CA ARG C 320 60.22 13.57 -42.23
CA ARG C 320 60.21 13.55 -42.23
C ARG C 320 59.30 13.47 -43.46
N LYS C 321 59.70 14.12 -44.54
CA LYS C 321 58.95 14.05 -45.80
C LYS C 321 58.96 12.63 -46.36
N LEU C 322 60.12 11.97 -46.27
CA LEU C 322 60.28 10.62 -46.76
C LEU C 322 60.45 9.65 -45.60
N ALA C 323 59.34 9.22 -45.01
CA ALA C 323 59.36 8.27 -43.91
C ALA C 323 59.09 6.87 -44.45
N GLU C 324 60.16 6.11 -44.69
CA GLU C 324 60.06 4.74 -45.19
C GLU C 324 59.45 3.83 -44.13
N VAL C 325 58.30 3.23 -44.44
CA VAL C 325 57.63 2.32 -43.49
C VAL C 325 57.15 1.01 -44.14
N GLY C 326 56.81 1.04 -45.43
CA GLY C 326 56.31 -0.14 -46.11
C GLY C 326 54.79 -0.15 -46.17
N ARG C 327 54.23 -0.75 -47.22
CA ARG C 327 52.79 -0.76 -47.41
C ARG C 327 52.30 -2.03 -48.10
N VAL C 328 51.15 -2.53 -47.67
CA VAL C 328 50.53 -3.71 -48.26
C VAL C 328 49.20 -3.31 -48.91
N TYR C 329 48.98 -3.79 -50.13
CA TYR C 329 47.80 -3.43 -50.91
C TYR C 329 46.83 -4.61 -51.04
N LEU C 330 45.54 -4.36 -50.88
CA LEU C 330 44.53 -5.39 -51.00
C LEU C 330 43.61 -5.09 -52.19
N PHE C 331 43.47 -6.09 -53.06
CA PHE C 331 42.55 -6.01 -54.18
C PHE C 331 41.55 -7.15 -54.13
N LEU C 332 40.29 -6.84 -53.87
CA LEU C 332 39.23 -7.83 -53.90
C LEU C 332 38.83 -8.11 -55.34
N GLN C 333 38.66 -9.39 -55.68
CA GLN C 333 38.23 -9.76 -57.03
C GLN C 333 36.71 -9.63 -57.13
N PRO C 334 36.23 -8.83 -58.09
CA PRO C 334 34.79 -8.63 -58.26
C PRO C 334 34.15 -9.74 -59.10
N ARG C 335 32.83 -9.67 -59.26
CA ARG C 335 32.10 -10.60 -60.10
C ARG C 335 32.42 -10.36 -61.57
N GLY C 336 32.26 -11.40 -62.39
CA GLY C 336 32.38 -11.26 -63.84
C GLY C 336 33.79 -10.94 -64.32
N PRO C 337 33.90 -10.33 -65.50
CA PRO C 337 35.17 -10.01 -66.13
C PRO C 337 35.69 -8.60 -65.83
N HIS C 338 35.15 -7.96 -64.80
CA HIS C 338 35.56 -6.61 -64.42
C HIS C 338 37.04 -6.57 -64.03
N ALA C 339 37.70 -5.47 -64.37
CA ALA C 339 39.12 -5.28 -64.04
C ALA C 339 39.28 -4.90 -62.57
N LEU C 340 40.31 -5.43 -61.93
CA LEU C 340 40.62 -5.09 -60.55
C LEU C 340 40.86 -3.58 -60.48
N GLY C 341 40.01 -2.90 -59.72
CA GLY C 341 40.07 -1.44 -59.63
C GLY C 341 41.15 -0.97 -58.68
N ALA C 342 40.93 0.18 -58.05
CA ALA C 342 41.85 0.70 -57.05
C ALA C 342 41.82 -0.21 -55.82
N PRO C 343 42.85 -0.12 -54.97
CA PRO C 343 42.93 -1.02 -53.82
C PRO C 343 41.72 -0.91 -52.89
N SER C 344 41.25 -2.06 -52.40
CA SER C 344 40.13 -2.10 -51.48
C SER C 344 40.56 -1.65 -50.10
N LEU C 345 41.82 -1.88 -49.77
CA LEU C 345 42.36 -1.53 -48.45
C LEU C 345 43.85 -1.22 -48.56
N LEU C 346 44.33 -0.33 -47.69
CA LEU C 346 45.75 -0.01 -47.60
C LEU C 346 46.23 -0.21 -46.17
N LEU C 347 47.20 -1.10 -46.01
CA LEU C 347 47.84 -1.31 -44.72
C LEU C 347 49.25 -0.69 -44.78
N THR C 348 49.57 0.16 -43.81
CA THR C 348 50.82 0.90 -43.83
C THR C 348 51.59 0.75 -42.51
N GLY C 349 52.87 0.42 -42.61
CA GLY C 349 53.72 0.27 -41.43
C GLY C 349 53.84 1.54 -40.62
N THR C 350 54.22 1.38 -39.35
CA THR C 350 54.39 2.50 -38.44
C THR C 350 55.85 2.73 -38.05
N GLN C 351 56.67 1.69 -38.08
CA GLN C 351 58.08 1.79 -37.68
C GLN C 351 58.97 2.18 -38.85
N LEU C 352 59.87 3.13 -38.61
CA LEU C 352 60.75 3.64 -39.65
C LEU C 352 61.74 2.55 -40.09
N TYR C 353 61.87 2.37 -41.40
CA TYR C 353 62.72 1.34 -42.00
C TYR C 353 62.34 -0.09 -41.61
N GLY C 354 61.08 -0.29 -41.24
CA GLY C 354 60.62 -1.60 -40.77
C GLY C 354 60.38 -2.63 -41.86
N ARG C 355 60.20 -2.17 -43.09
CA ARG C 355 59.95 -3.05 -44.24
C ARG C 355 58.68 -3.86 -44.08
N PHE C 356 57.61 -3.18 -43.65
CA PHE C 356 56.29 -3.75 -43.58
C PHE C 356 55.85 -4.17 -44.97
N GLY C 357 55.62 -5.48 -45.16
CA GLY C 357 55.14 -6.00 -46.42
C GLY C 357 56.17 -6.77 -47.24
N SER C 358 57.34 -7.05 -46.67
CA SER C 358 58.34 -7.82 -47.39
C SER C 358 57.93 -9.29 -47.48
N ALA C 359 56.99 -9.70 -46.64
CA ALA C 359 56.46 -11.05 -46.68
C ALA C 359 54.98 -11.06 -46.31
N ILE C 360 54.19 -11.80 -47.08
CA ILE C 360 52.77 -11.92 -46.84
C ILE C 360 52.39 -13.39 -46.90
N ALA C 361 51.79 -13.89 -45.83
CA ALA C 361 51.38 -15.28 -45.76
C ALA C 361 49.87 -15.39 -45.55
N PRO C 362 49.18 -16.09 -46.47
CA PRO C 362 47.84 -16.54 -46.17
C PRO C 362 47.86 -17.52 -45.00
N LEU C 363 46.97 -17.33 -44.03
CA LEU C 363 46.94 -18.20 -42.85
C LEU C 363 45.82 -19.23 -42.92
N GLY C 364 44.93 -19.09 -43.91
CA GLY C 364 43.66 -19.81 -43.90
C GLY C 364 42.77 -19.15 -42.88
N ASP C 365 41.79 -19.90 -42.36
CA ASP C 365 40.92 -19.39 -41.31
C ASP C 365 41.57 -19.70 -39.95
N LEU C 366 42.35 -18.74 -39.46
CA LEU C 366 43.10 -18.90 -38.21
C LEU C 366 42.20 -19.13 -37.01
N ASP C 367 41.08 -18.42 -36.96
CA ASP C 367 40.17 -18.50 -35.81
C ASP C 367 38.86 -19.22 -36.13
N ARG C 368 38.74 -19.76 -37.34
CA ARG C 368 37.55 -20.51 -37.76
C ARG C 368 36.26 -19.70 -37.67
N ASP C 369 36.33 -18.42 -38.00
CA ASP C 369 35.15 -17.56 -37.96
C ASP C 369 34.38 -17.56 -39.27
N GLY C 370 35.00 -18.08 -40.32
CA GLY C 370 34.37 -18.16 -41.64
C GLY C 370 35.12 -17.43 -42.74
N TYR C 371 36.04 -16.55 -42.37
CA TYR C 371 36.83 -15.79 -43.33
C TYR C 371 38.31 -16.12 -43.19
N ASN C 372 39.01 -16.23 -44.32
CA ASN C 372 40.44 -16.51 -44.30
C ASN C 372 41.24 -15.30 -43.85
N ASP C 373 42.46 -15.55 -43.36
CA ASP C 373 43.26 -14.52 -42.73
C ASP C 373 44.65 -14.45 -43.34
N ILE C 374 45.36 -13.36 -43.08
CA ILE C 374 46.74 -13.22 -43.54
C ILE C 374 47.66 -12.74 -42.43
N ALA C 375 48.96 -12.93 -42.64
CA ALA C 375 49.99 -12.43 -41.75
C ALA C 375 50.98 -11.62 -42.58
N VAL C 376 51.35 -10.45 -42.09
CA VAL C 376 52.26 -9.57 -42.79
C VAL C 376 53.52 -9.37 -41.96
N ALA C 377 54.67 -9.38 -42.60
CA ALA C 377 55.93 -9.32 -41.89
C ALA C 377 56.57 -7.94 -42.01
N ALA C 378 57.27 -7.55 -40.95
CA ALA C 378 58.07 -6.34 -40.92
C ALA C 378 59.39 -6.69 -40.27
N PRO C 379 60.34 -7.24 -41.06
CA PRO C 379 61.60 -7.82 -40.55
C PRO C 379 62.43 -6.91 -39.66
N TYR C 380 62.19 -5.59 -39.71
CA TYR C 380 62.91 -4.65 -38.85
C TYR C 380 61.93 -3.71 -38.15
N GLY C 381 60.73 -4.21 -37.90
CA GLY C 381 59.67 -3.42 -37.26
C GLY C 381 59.67 -3.50 -35.74
N GLY C 382 58.68 -2.84 -35.13
CA GLY C 382 58.61 -2.73 -33.68
C GLY C 382 59.51 -1.62 -33.19
N PRO C 383 59.21 -1.06 -32.01
CA PRO C 383 60.02 0.02 -31.44
C PRO C 383 61.52 -0.32 -31.32
N SER C 384 61.83 -1.59 -31.09
CA SER C 384 63.21 -2.04 -30.98
C SER C 384 63.89 -2.14 -32.34
N GLY C 385 63.12 -2.51 -33.36
CA GLY C 385 63.64 -2.74 -34.69
C GLY C 385 64.06 -4.18 -34.92
N ARG C 386 63.72 -5.05 -33.97
CA ARG C 386 64.12 -6.45 -34.03
C ARG C 386 63.28 -7.26 -35.00
N GLY C 387 62.06 -6.80 -35.28
CA GLY C 387 61.18 -7.49 -36.21
C GLY C 387 59.80 -7.78 -35.65
N GLN C 388 58.80 -7.78 -36.53
CA GLN C 388 57.41 -8.06 -36.15
C GLN C 388 56.63 -8.78 -37.24
N VAL C 389 55.61 -9.52 -36.83
CA VAL C 389 54.68 -10.16 -37.75
C VAL C 389 53.25 -9.84 -37.29
N LEU C 390 52.48 -9.16 -38.13
CA LEU C 390 51.13 -8.73 -37.76
C LEU C 390 50.06 -9.58 -38.45
N VAL C 391 49.11 -10.08 -37.68
CA VAL C 391 48.00 -10.87 -38.21
C VAL C 391 46.80 -9.97 -38.46
N PHE C 392 46.19 -10.11 -39.63
CA PHE C 392 44.97 -9.39 -39.98
C PHE C 392 43.87 -10.37 -40.34
N LEU C 393 42.68 -10.19 -39.75
CA LEU C 393 41.59 -11.14 -39.91
C LEU C 393 40.67 -10.76 -41.07
N GLY C 394 40.13 -11.78 -41.74
CA GLY C 394 39.21 -11.59 -42.84
C GLY C 394 37.84 -11.19 -42.34
N GLN C 395 37.13 -10.40 -43.14
CA GLN C 395 35.80 -9.91 -42.81
C GLN C 395 34.97 -9.86 -44.06
N SER C 396 33.69 -9.53 -43.93
CA SER C 396 32.78 -9.48 -45.05
C SER C 396 33.22 -8.49 -46.13
N GLU C 397 33.90 -7.43 -45.73
CA GLU C 397 34.32 -6.39 -46.67
C GLU C 397 35.84 -6.42 -46.93
N GLY C 398 36.45 -7.57 -46.71
CA GLY C 398 37.87 -7.74 -46.96
C GLY C 398 38.65 -8.08 -45.71
N LEU C 399 39.37 -7.09 -45.19
CA LEU C 399 40.22 -7.29 -44.02
C LEU C 399 40.01 -6.17 -43.02
N ARG C 400 40.35 -6.45 -41.77
CA ARG C 400 40.32 -5.44 -40.72
C ARG C 400 41.54 -4.54 -40.89
N SER C 401 41.36 -3.23 -40.75
CA SER C 401 42.47 -2.31 -40.86
C SER C 401 43.44 -2.44 -39.68
N ARG C 402 42.92 -2.79 -38.51
N ARG C 402 42.93 -2.79 -38.51
CA ARG C 402 43.74 -2.98 -37.31
CA ARG C 402 43.76 -2.97 -37.31
C ARG C 402 44.09 -4.46 -37.14
C ARG C 402 44.08 -4.45 -37.10
N PRO C 403 45.33 -4.76 -36.73
CA PRO C 403 45.73 -6.14 -36.54
C PRO C 403 45.18 -6.72 -35.24
N SER C 404 44.71 -7.95 -35.29
CA SER C 404 44.17 -8.64 -34.13
C SER C 404 45.27 -9.14 -33.18
N GLN C 405 46.48 -9.27 -33.70
CA GLN C 405 47.58 -9.86 -32.95
C GLN C 405 48.93 -9.44 -33.55
N VAL C 406 49.88 -9.13 -32.68
CA VAL C 406 51.21 -8.72 -33.12
C VAL C 406 52.26 -9.58 -32.43
N LEU C 407 53.14 -10.18 -33.24
CA LEU C 407 54.18 -11.08 -32.75
C LEU C 407 55.55 -10.42 -32.84
N ASP C 408 56.14 -10.12 -31.69
CA ASP C 408 57.45 -9.49 -31.63
C ASP C 408 58.55 -10.54 -31.76
N SER C 409 59.65 -10.17 -32.38
CA SER C 409 60.75 -11.09 -32.61
C SER C 409 61.37 -11.57 -31.29
N PRO C 410 61.49 -12.91 -31.13
CA PRO C 410 62.16 -13.46 -29.96
C PRO C 410 63.67 -13.53 -30.11
N PHE C 411 64.18 -13.16 -31.29
CA PHE C 411 65.61 -13.22 -31.57
C PHE C 411 66.24 -11.84 -31.46
N PRO C 412 67.58 -11.76 -31.40
CA PRO C 412 68.23 -10.46 -31.25
C PRO C 412 68.17 -9.62 -32.52
N THR C 413 68.80 -8.46 -32.48
CA THR C 413 68.81 -7.53 -33.61
C THR C 413 69.48 -8.15 -34.83
N GLY C 414 68.94 -7.86 -36.01
CA GLY C 414 69.53 -8.32 -37.27
C GLY C 414 69.13 -9.72 -37.70
N SER C 415 68.16 -10.32 -37.02
CA SER C 415 67.74 -11.68 -37.31
C SER C 415 66.84 -11.76 -38.54
N ALA C 416 66.25 -10.64 -38.93
CA ALA C 416 65.35 -10.59 -40.08
C ALA C 416 64.11 -11.43 -39.81
N PHE C 417 63.63 -11.39 -38.57
CA PHE C 417 62.45 -12.12 -38.15
C PHE C 417 61.26 -11.78 -39.05
N GLY C 418 60.78 -12.77 -39.79
CA GLY C 418 59.63 -12.58 -40.66
C GLY C 418 60.01 -12.31 -42.10
N PHE C 419 61.27 -12.54 -42.47
CA PHE C 419 61.68 -12.40 -43.85
C PHE C 419 61.00 -13.46 -44.71
N SER C 420 60.71 -14.60 -44.09
CA SER C 420 59.94 -15.66 -44.75
C SER C 420 58.84 -16.15 -43.82
N LEU C 421 57.68 -16.49 -44.40
CA LEU C 421 56.52 -16.95 -43.64
C LEU C 421 55.74 -18.01 -44.41
N ARG C 422 55.15 -18.95 -43.69
CA ARG C 422 54.19 -19.87 -44.28
C ARG C 422 53.14 -20.21 -43.24
N GLY C 423 51.88 -20.18 -43.65
CA GLY C 423 50.79 -20.60 -42.79
C GLY C 423 49.85 -21.52 -43.54
N ALA C 424 48.63 -21.65 -43.02
CA ALA C 424 47.56 -22.39 -43.70
C ALA C 424 47.66 -23.89 -43.49
N VAL C 425 48.53 -24.34 -42.59
CA VAL C 425 48.71 -25.75 -42.35
C VAL C 425 48.71 -26.08 -40.86
N ASP C 426 47.91 -27.08 -40.49
CA ASP C 426 47.77 -27.51 -39.10
C ASP C 426 48.87 -28.51 -38.75
N ILE C 427 49.91 -28.04 -38.08
CA ILE C 427 51.09 -28.87 -37.83
C ILE C 427 50.93 -29.84 -36.66
N ASP C 428 50.03 -29.54 -35.73
CA ASP C 428 49.84 -30.40 -34.56
C ASP C 428 48.49 -31.13 -34.54
N ASP C 429 47.70 -30.96 -35.59
CA ASP C 429 46.45 -31.69 -35.75
C ASP C 429 45.43 -31.34 -34.65
N ASN C 430 45.26 -30.06 -34.37
CA ASN C 430 44.25 -29.59 -33.41
C ASN C 430 43.07 -28.90 -34.08
N GLY C 431 43.08 -28.84 -35.41
CA GLY C 431 41.96 -28.28 -36.17
C GLY C 431 42.16 -26.83 -36.58
N TYR C 432 43.28 -26.23 -36.18
CA TYR C 432 43.53 -24.82 -36.47
C TYR C 432 44.88 -24.68 -37.17
N PRO C 433 44.92 -23.89 -38.26
CA PRO C 433 46.16 -23.74 -39.01
C PRO C 433 47.22 -23.03 -38.19
N ASP C 434 48.49 -23.23 -38.55
CA ASP C 434 49.60 -22.73 -37.74
C ASP C 434 50.55 -21.89 -38.57
N LEU C 435 51.50 -21.24 -37.90
CA LEU C 435 52.39 -20.29 -38.56
C LEU C 435 53.85 -20.64 -38.28
N ILE C 436 54.66 -20.68 -39.33
CA ILE C 436 56.11 -20.77 -39.17
C ILE C 436 56.76 -19.48 -39.67
N VAL C 437 57.75 -19.00 -38.92
CA VAL C 437 58.41 -17.72 -39.20
C VAL C 437 59.91 -17.90 -39.22
N GLY C 438 60.54 -17.51 -40.32
CA GLY C 438 61.98 -17.63 -40.48
C GLY C 438 62.74 -16.40 -40.02
N ALA C 439 63.88 -16.62 -39.39
CA ALA C 439 64.83 -15.56 -39.06
C ALA C 439 66.24 -15.99 -39.46
N TYR C 440 66.55 -15.83 -40.75
CA TYR C 440 67.82 -16.31 -41.29
C TYR C 440 69.05 -15.66 -40.65
N GLY C 441 68.89 -14.43 -40.19
CA GLY C 441 69.97 -13.71 -39.52
C GLY C 441 70.38 -14.37 -38.21
N ALA C 442 69.43 -15.05 -37.57
CA ALA C 442 69.70 -15.79 -36.34
C ALA C 442 69.80 -17.28 -36.63
N ASN C 443 69.69 -17.65 -37.90
CA ASN C 443 69.78 -19.04 -38.32
C ASN C 443 68.77 -19.93 -37.59
N GLN C 444 67.54 -19.44 -37.45
CA GLN C 444 66.50 -20.16 -36.74
C GLN C 444 65.13 -19.97 -37.38
N VAL C 445 64.21 -20.85 -37.00
CA VAL C 445 62.81 -20.75 -37.40
C VAL C 445 61.93 -20.88 -36.16
N ALA C 446 60.87 -20.08 -36.10
CA ALA C 446 59.93 -20.12 -34.99
C ALA C 446 58.58 -20.66 -35.44
N VAL C 447 57.95 -21.47 -34.60
CA VAL C 447 56.64 -22.06 -34.93
C VAL C 447 55.59 -21.61 -33.91
N TYR C 448 54.55 -20.93 -34.40
CA TYR C 448 53.44 -20.49 -33.57
C TYR C 448 52.23 -21.39 -33.83
N ARG C 449 51.60 -21.87 -32.76
CA ARG C 449 50.43 -22.74 -32.87
C ARG C 449 49.15 -21.99 -32.54
N ALA C 450 48.10 -22.28 -33.31
CA ALA C 450 46.81 -21.64 -33.12
C ALA C 450 46.03 -22.37 -32.04
N GLN C 451 45.55 -21.61 -31.07
CA GLN C 451 44.78 -22.17 -29.96
C GLN C 451 43.31 -22.25 -30.32
N PRO C 452 42.59 -23.23 -29.74
CA PRO C 452 41.15 -23.32 -29.96
C PRO C 452 40.41 -22.06 -29.52
N VAL C 453 39.42 -21.65 -30.30
CA VAL C 453 38.71 -20.39 -30.08
C VAL C 453 37.29 -20.64 -29.58
N VAL C 454 37.04 -20.27 -28.33
CA VAL C 454 35.72 -20.43 -27.72
C VAL C 454 34.87 -19.18 -27.92
N LYS C 455 33.70 -19.36 -28.54
CA LYS C 455 32.78 -18.26 -28.83
C LYS C 455 31.68 -18.18 -27.77
N ALA C 456 31.88 -17.31 -26.79
CA ALA C 456 30.94 -17.16 -25.69
C ALA C 456 29.72 -16.39 -26.13
N SER C 457 28.56 -16.87 -25.72
CA SER C 457 27.30 -16.14 -25.88
C SER C 457 26.75 -15.83 -24.50
N VAL C 458 26.05 -14.71 -24.38
CA VAL C 458 25.46 -14.30 -23.11
C VAL C 458 24.10 -13.69 -23.35
N GLN C 459 23.22 -13.85 -22.36
CA GLN C 459 21.86 -13.32 -22.45
C GLN C 459 21.31 -13.13 -21.05
N LEU C 460 20.53 -12.07 -20.88
CA LEU C 460 20.02 -11.68 -19.58
C LEU C 460 18.56 -11.26 -19.73
N LEU C 461 17.66 -12.05 -19.18
CA LEU C 461 16.23 -11.80 -19.31
C LEU C 461 15.63 -11.34 -17.97
N VAL C 462 14.83 -10.29 -18.01
CA VAL C 462 14.21 -9.75 -16.81
C VAL C 462 12.91 -9.04 -17.17
N GLN C 463 12.05 -8.83 -16.16
CA GLN C 463 10.79 -8.13 -16.36
C GLN C 463 11.06 -6.69 -16.76
N ASP C 464 10.18 -6.14 -17.60
CA ASP C 464 10.34 -4.77 -18.07
C ASP C 464 9.93 -3.75 -17.02
N SER C 465 9.26 -4.19 -15.96
CA SER C 465 8.84 -3.28 -14.89
C SER C 465 8.57 -4.02 -13.58
N LEU C 466 8.94 -3.37 -12.47
CA LEU C 466 8.73 -3.93 -11.14
C LEU C 466 7.72 -3.08 -10.37
N ASN C 467 6.74 -3.75 -9.75
CA ASN C 467 5.75 -3.07 -8.93
C ASN C 467 6.00 -3.31 -7.44
N PRO C 468 6.49 -2.27 -6.73
CA PRO C 468 6.73 -2.38 -5.29
C PRO C 468 5.49 -2.80 -4.52
N ALA C 469 4.31 -2.36 -4.98
CA ALA C 469 3.05 -2.63 -4.31
C ALA C 469 2.54 -4.06 -4.46
N VAL C 470 3.33 -4.92 -5.11
CA VAL C 470 2.99 -6.34 -5.23
C VAL C 470 4.09 -7.18 -4.57
N LYS C 471 3.78 -7.72 -3.38
CA LYS C 471 4.73 -8.50 -2.61
C LYS C 471 4.27 -9.95 -2.48
N SER C 472 4.81 -10.81 -3.34
CA SER C 472 4.38 -12.20 -3.42
C SER C 472 5.41 -13.17 -2.84
N CYS C 473 6.52 -12.64 -2.36
CA CYS C 473 7.54 -13.45 -1.71
C CYS C 473 7.73 -12.99 -0.29
N VAL C 474 8.45 -13.79 0.49
CA VAL C 474 8.89 -13.41 1.82
C VAL C 474 10.35 -13.76 1.95
N LEU C 475 11.10 -12.95 2.70
CA LEU C 475 12.49 -13.24 2.98
C LEU C 475 12.58 -14.59 3.71
N PRO C 476 13.50 -15.46 3.25
CA PRO C 476 13.67 -16.78 3.88
C PRO C 476 13.86 -16.70 5.38
N GLN C 477 13.38 -17.72 6.09
CA GLN C 477 13.50 -17.82 7.54
C GLN C 477 12.56 -16.85 8.27
N THR C 478 12.61 -15.57 7.91
CA THR C 478 11.63 -14.61 8.40
C THR C 478 10.37 -14.73 7.56
N LYS C 479 9.44 -13.80 7.72
CA LYS C 479 8.24 -13.75 6.90
C LYS C 479 7.92 -12.30 6.54
N THR C 480 8.91 -11.59 6.02
CA THR C 480 8.75 -10.20 5.62
C THR C 480 8.40 -10.13 4.14
N PRO C 481 7.16 -9.75 3.81
CA PRO C 481 6.76 -9.67 2.41
C PRO C 481 7.70 -8.79 1.59
N VAL C 482 8.03 -9.23 0.38
CA VAL C 482 8.94 -8.48 -0.49
C VAL C 482 8.48 -8.58 -1.95
N SER C 483 8.68 -7.50 -2.69
CA SER C 483 8.37 -7.51 -4.12
C SER C 483 9.50 -8.17 -4.90
N CYS C 484 9.31 -9.45 -5.24
CA CYS C 484 10.36 -10.26 -5.85
C CYS C 484 10.13 -10.42 -7.34
N PHE C 485 11.21 -10.71 -8.08
CA PHE C 485 11.12 -10.95 -9.52
C PHE C 485 12.24 -11.87 -9.99
N ASN C 486 11.97 -12.65 -11.02
CA ASN C 486 12.94 -13.60 -11.55
C ASN C 486 13.97 -12.97 -12.49
N ILE C 487 15.17 -13.53 -12.49
CA ILE C 487 16.20 -13.12 -13.43
C ILE C 487 16.80 -14.38 -14.08
N GLN C 488 16.71 -14.47 -15.40
CA GLN C 488 17.31 -15.58 -16.12
C GLN C 488 18.61 -15.12 -16.78
N MET C 489 19.61 -15.98 -16.73
CA MET C 489 20.90 -15.72 -17.32
C MET C 489 21.32 -16.95 -18.11
N CYS C 490 21.56 -16.77 -19.41
CA CYS C 490 21.91 -17.89 -20.27
C CYS C 490 23.26 -17.68 -20.90
N VAL C 491 24.17 -18.61 -20.63
CA VAL C 491 25.51 -18.57 -21.18
C VAL C 491 25.73 -19.80 -22.05
N GLY C 492 26.28 -19.59 -23.24
CA GLY C 492 26.62 -20.68 -24.15
C GLY C 492 28.07 -20.56 -24.61
N ALA C 493 28.60 -21.64 -25.16
CA ALA C 493 29.98 -21.66 -25.63
C ALA C 493 30.12 -22.60 -26.82
N THR C 494 30.64 -22.07 -27.93
CA THR C 494 30.79 -22.85 -29.15
C THR C 494 32.18 -22.66 -29.76
N GLY C 495 32.54 -23.52 -30.71
CA GLY C 495 33.87 -23.50 -31.33
C GLY C 495 34.32 -24.90 -31.68
N HIS C 496 35.38 -25.01 -32.46
CA HIS C 496 35.87 -26.32 -32.90
C HIS C 496 37.01 -26.85 -32.03
N ASN C 497 36.97 -28.16 -31.78
CA ASN C 497 37.99 -28.85 -30.98
C ASN C 497 38.19 -28.23 -29.60
N ILE C 498 37.16 -27.59 -29.06
CA ILE C 498 37.22 -27.03 -27.72
C ILE C 498 37.13 -28.17 -26.70
N PRO C 499 37.80 -28.01 -25.55
CA PRO C 499 37.93 -29.13 -24.62
C PRO C 499 36.60 -29.60 -24.07
N GLN C 500 36.43 -30.92 -24.00
CA GLN C 500 35.19 -31.51 -23.49
C GLN C 500 34.98 -31.18 -22.02
N LYS C 501 36.07 -30.85 -21.31
CA LYS C 501 35.99 -30.38 -19.94
C LYS C 501 36.24 -28.87 -19.92
N LEU C 502 35.18 -28.12 -20.23
CA LEU C 502 35.24 -26.66 -20.30
C LEU C 502 34.27 -26.04 -19.30
N SER C 503 34.75 -25.06 -18.54
CA SER C 503 33.90 -24.35 -17.60
C SER C 503 34.12 -22.84 -17.70
N LEU C 504 33.09 -22.07 -17.33
CA LEU C 504 33.18 -20.61 -17.31
C LEU C 504 32.55 -20.08 -16.03
N ASN C 505 33.12 -19.00 -15.51
CA ASN C 505 32.53 -18.27 -14.39
C ASN C 505 31.60 -17.20 -14.94
N ALA C 506 30.41 -17.09 -14.37
CA ALA C 506 29.45 -16.05 -14.76
C ALA C 506 29.09 -15.19 -13.55
N GLU C 507 29.50 -13.92 -13.60
CA GLU C 507 29.23 -12.99 -12.50
C GLU C 507 28.00 -12.12 -12.78
N LEU C 508 26.98 -12.28 -11.94
CA LEU C 508 25.76 -11.48 -12.02
C LEU C 508 25.81 -10.33 -11.03
N GLN C 509 25.50 -9.12 -11.48
CA GLN C 509 25.48 -7.94 -10.61
C GLN C 509 24.17 -7.17 -10.75
N LEU C 510 23.50 -6.95 -9.62
CA LEU C 510 22.20 -6.27 -9.60
C LEU C 510 22.38 -4.78 -9.29
N ASP C 511 21.70 -3.93 -10.06
CA ASP C 511 21.72 -2.49 -9.84
C ASP C 511 23.17 -1.99 -9.90
N ARG C 512 23.89 -2.41 -10.94
N ARG C 512 23.89 -2.41 -10.94
CA ARG C 512 25.32 -2.18 -11.07
CA ARG C 512 25.33 -2.19 -11.07
C ARG C 512 25.76 -0.73 -10.95
C ARG C 512 25.76 -0.73 -10.95
N GLN C 513 24.96 0.18 -11.52
CA GLN C 513 25.33 1.60 -11.56
C GLN C 513 25.34 2.28 -10.19
N LYS C 514 24.52 1.79 -9.26
CA LYS C 514 24.45 2.39 -7.93
C LYS C 514 25.68 2.01 -7.10
N PRO C 515 25.94 2.75 -6.01
CA PRO C 515 27.08 2.42 -5.16
C PRO C 515 26.87 1.15 -4.34
N ARG C 516 27.94 0.62 -3.77
CA ARG C 516 27.91 -0.63 -3.01
C ARG C 516 26.78 -0.69 -2.00
N GLN C 517 26.61 0.38 -1.22
CA GLN C 517 25.61 0.42 -0.16
C GLN C 517 24.35 1.18 -0.57
N GLY C 518 24.11 1.30 -1.87
CA GLY C 518 22.91 1.97 -2.38
C GLY C 518 22.12 1.12 -3.37
N ARG C 519 22.45 -0.17 -3.44
CA ARG C 519 21.82 -1.07 -4.39
C ARG C 519 20.36 -1.26 -3.99
N ARG C 520 19.46 -1.06 -4.95
CA ARG C 520 18.03 -1.07 -4.65
C ARG C 520 17.39 -2.45 -4.71
N VAL C 521 18.02 -3.38 -5.41
CA VAL C 521 17.55 -4.77 -5.44
C VAL C 521 18.64 -5.70 -4.95
N LEU C 522 18.22 -6.85 -4.42
CA LEU C 522 19.14 -7.85 -3.89
C LEU C 522 18.61 -9.25 -4.17
N LEU C 523 19.48 -10.24 -4.05
CA LEU C 523 19.10 -11.64 -4.28
C LEU C 523 18.35 -12.18 -3.07
N LEU C 524 17.28 -12.93 -3.32
CA LEU C 524 16.42 -13.40 -2.24
C LEU C 524 17.13 -14.37 -1.29
N GLY C 525 17.99 -15.22 -1.85
CA GLY C 525 18.72 -16.19 -1.04
C GLY C 525 19.75 -15.54 -0.13
N SER C 526 20.78 -14.96 -0.73
CA SER C 526 21.90 -14.39 0.02
C SER C 526 21.68 -12.95 0.47
N GLN C 527 20.72 -12.27 -0.16
CA GLN C 527 20.49 -10.84 0.08
C GLN C 527 21.73 -10.00 -0.24
N GLN C 528 22.48 -10.45 -1.25
CA GLN C 528 23.64 -9.73 -1.76
C GLN C 528 23.28 -9.12 -3.11
N ALA C 529 24.10 -8.18 -3.56
CA ALA C 529 23.88 -7.50 -4.84
C ALA C 529 24.38 -8.31 -6.04
N GLY C 530 25.14 -9.37 -5.81
CA GLY C 530 25.65 -10.20 -6.90
C GLY C 530 26.16 -11.56 -6.48
N THR C 531 26.35 -12.44 -7.46
CA THR C 531 26.93 -13.75 -7.24
C THR C 531 27.68 -14.22 -8.48
N THR C 532 28.56 -15.20 -8.29
CA THR C 532 29.29 -15.81 -9.40
C THR C 532 28.91 -17.28 -9.50
N LEU C 533 28.66 -17.74 -10.72
CA LEU C 533 28.28 -19.14 -10.96
C LEU C 533 29.36 -19.84 -11.77
N ASN C 534 29.49 -21.15 -11.56
CA ASN C 534 30.45 -21.96 -12.29
C ASN C 534 29.71 -22.90 -13.24
N LEU C 535 29.51 -22.45 -14.47
CA LEU C 535 28.71 -23.20 -15.44
C LEU C 535 29.55 -24.24 -16.17
N ASP C 536 29.08 -25.48 -16.14
CA ASP C 536 29.76 -26.58 -16.84
C ASP C 536 29.23 -26.67 -18.28
N LEU C 537 29.95 -26.03 -19.19
CA LEU C 537 29.60 -26.04 -20.61
C LEU C 537 30.32 -27.16 -21.36
N GLY C 538 30.97 -28.05 -20.63
CA GLY C 538 31.76 -29.13 -21.22
C GLY C 538 30.92 -30.07 -22.06
N GLY C 539 31.12 -30.00 -23.38
CA GLY C 539 30.41 -30.87 -24.32
C GLY C 539 28.95 -30.50 -24.53
N LYS C 540 28.53 -29.38 -23.95
CA LYS C 540 27.13 -28.94 -24.05
C LYS C 540 26.97 -28.13 -25.33
N HIS C 541 26.34 -28.76 -26.34
CA HIS C 541 26.11 -28.10 -27.62
C HIS C 541 25.15 -26.93 -27.48
N SER C 542 24.29 -26.98 -26.45
CA SER C 542 23.33 -25.92 -26.17
C SER C 542 23.88 -24.97 -25.12
N PRO C 543 23.27 -23.77 -24.99
CA PRO C 543 23.60 -22.89 -23.88
C PRO C 543 22.90 -23.32 -22.60
N ILE C 544 23.44 -22.87 -21.46
CA ILE C 544 22.89 -23.20 -20.16
C ILE C 544 22.12 -22.02 -19.58
N CYS C 545 20.90 -22.26 -19.10
CA CYS C 545 20.10 -21.22 -18.48
C CYS C 545 19.83 -21.55 -17.01
N HIS C 546 19.91 -20.53 -16.16
CA HIS C 546 19.60 -20.67 -14.74
C HIS C 546 18.91 -19.40 -14.25
N THR C 547 17.81 -19.58 -13.53
CA THR C 547 17.00 -18.47 -13.05
C THR C 547 17.20 -18.26 -11.57
N THR C 548 17.35 -17.00 -11.16
CA THR C 548 17.44 -16.66 -9.75
C THR C 548 16.43 -15.59 -9.41
N MET C 549 16.09 -15.48 -8.14
CA MET C 549 15.06 -14.56 -7.68
C MET C 549 15.67 -13.39 -6.94
N ALA C 550 15.34 -12.19 -7.38
CA ALA C 550 15.76 -10.97 -6.70
C ALA C 550 14.55 -10.35 -6.05
N PHE C 551 14.77 -9.32 -5.26
CA PHE C 551 13.67 -8.60 -4.62
C PHE C 551 14.03 -7.13 -4.47
N LEU C 552 12.99 -6.29 -4.45
CA LEU C 552 13.17 -4.86 -4.29
C LEU C 552 13.14 -4.52 -2.82
N ARG C 553 14.08 -3.70 -2.37
CA ARG C 553 14.17 -3.32 -0.96
C ARG C 553 12.96 -2.52 -0.52
N ASP C 554 12.82 -2.32 0.79
CA ASP C 554 11.68 -1.59 1.36
C ASP C 554 11.57 -0.22 0.71
N GLU C 555 10.33 0.26 0.58
CA GLU C 555 10.07 1.52 -0.12
C GLU C 555 10.83 2.68 0.51
N ALA C 556 10.82 2.74 1.84
CA ALA C 556 11.45 3.83 2.58
C ALA C 556 12.96 3.71 2.64
N ASP C 557 13.49 2.53 2.32
CA ASP C 557 14.93 2.29 2.39
C ASP C 557 15.74 2.95 1.27
N PHE C 558 15.08 3.41 0.21
CA PHE C 558 15.78 4.13 -0.86
C PHE C 558 14.91 5.21 -1.53
N ARG C 559 15.58 6.27 -1.99
CA ARG C 559 14.91 7.44 -2.56
CA ARG C 559 14.91 7.44 -2.55
C ARG C 559 14.66 7.32 -4.05
N ASP C 560 15.67 6.89 -4.79
CA ASP C 560 15.60 6.87 -6.25
C ASP C 560 14.57 5.86 -6.79
N LYS C 561 13.56 6.38 -7.48
CA LYS C 561 12.53 5.54 -8.11
C LYS C 561 12.55 5.66 -9.65
N LEU C 562 13.14 6.74 -10.16
CA LEU C 562 13.14 7.00 -11.60
C LEU C 562 14.25 6.25 -12.32
N SER C 563 15.46 6.32 -11.77
CA SER C 563 16.63 5.69 -12.38
C SER C 563 16.38 4.22 -12.67
N PRO C 564 16.84 3.74 -13.85
CA PRO C 564 16.65 2.33 -14.17
C PRO C 564 17.61 1.42 -13.40
N ILE C 565 17.17 0.20 -13.11
CA ILE C 565 17.97 -0.76 -12.35
C ILE C 565 18.74 -1.70 -13.30
N VAL C 566 20.05 -1.48 -13.41
CA VAL C 566 20.88 -2.17 -14.39
C VAL C 566 21.38 -3.53 -13.89
N LEU C 567 21.16 -4.57 -14.70
CA LEU C 567 21.62 -5.92 -14.41
C LEU C 567 22.73 -6.29 -15.38
N SER C 568 23.87 -6.76 -14.87
CA SER C 568 25.00 -7.10 -15.73
C SER C 568 25.43 -8.56 -15.56
N LEU C 569 25.85 -9.17 -16.66
CA LEU C 569 26.37 -10.53 -16.64
C LEU C 569 27.74 -10.54 -17.30
N ASN C 570 28.74 -11.05 -16.59
CA ASN C 570 30.13 -11.03 -17.05
C ASN C 570 30.73 -12.43 -16.99
N VAL C 571 31.11 -12.95 -18.14
CA VAL C 571 31.61 -14.33 -18.27
C VAL C 571 33.12 -14.37 -18.48
N SER C 572 33.79 -15.33 -17.85
CA SER C 572 35.23 -15.47 -17.99
C SER C 572 35.69 -16.91 -17.79
N LEU C 573 36.94 -17.17 -18.18
CA LEU C 573 37.55 -18.49 -17.96
C LEU C 573 38.17 -18.54 -16.57
N PRO C 574 38.05 -19.69 -15.89
CA PRO C 574 38.76 -19.87 -14.62
C PRO C 574 40.28 -19.73 -14.77
N PRO C 575 40.98 -19.36 -13.69
CA PRO C 575 42.42 -19.18 -13.81
C PRO C 575 43.15 -20.51 -14.01
N THR C 576 44.33 -20.45 -14.62
CA THR C 576 45.14 -21.64 -14.81
C THR C 576 45.81 -22.01 -13.50
N GLU C 577 46.20 -23.28 -13.36
CA GLU C 577 46.74 -23.81 -12.11
C GLU C 577 48.24 -23.50 -12.00
N ALA C 578 48.84 -23.92 -10.88
CA ALA C 578 50.26 -23.69 -10.63
C ALA C 578 51.12 -24.20 -11.79
N GLY C 579 51.75 -23.28 -12.51
CA GLY C 579 52.56 -23.61 -13.68
C GLY C 579 52.13 -22.88 -14.93
N MET C 580 50.90 -22.35 -14.92
CA MET C 580 50.36 -21.55 -16.02
C MET C 580 50.17 -22.41 -17.28
N ALA C 581 50.03 -21.76 -18.44
CA ALA C 581 49.84 -22.44 -19.72
C ALA C 581 48.36 -22.57 -20.06
N PRO C 582 47.75 -21.48 -20.58
CA PRO C 582 46.33 -21.48 -20.92
C PRO C 582 46.05 -22.21 -22.24
N ALA C 583 44.99 -23.01 -22.26
CA ALA C 583 44.69 -23.85 -23.42
C ALA C 583 43.97 -23.08 -24.52
N VAL C 584 42.75 -22.62 -24.23
CA VAL C 584 41.91 -21.98 -25.25
C VAL C 584 41.88 -20.47 -25.10
N VAL C 585 41.30 -19.81 -26.10
CA VAL C 585 41.12 -18.37 -26.09
C VAL C 585 39.62 -18.05 -26.12
N LEU C 586 39.20 -17.12 -25.27
CA LEU C 586 37.78 -16.80 -25.12
C LEU C 586 37.42 -15.45 -25.72
N HIS C 587 36.54 -15.47 -26.73
N HIS C 587 36.55 -15.45 -26.73
CA HIS C 587 36.06 -14.27 -27.39
CA HIS C 587 36.03 -14.20 -27.27
C HIS C 587 34.55 -14.34 -27.60
C HIS C 587 34.55 -14.36 -27.63
N GLY C 588 33.98 -13.33 -28.26
CA GLY C 588 32.57 -13.30 -28.57
C GLY C 588 31.90 -12.35 -27.60
N ASP C 589 30.64 -12.61 -27.28
CA ASP C 589 29.91 -11.79 -26.34
C ASP C 589 30.10 -12.36 -24.94
N THR C 590 30.99 -11.75 -24.17
CA THR C 590 31.26 -12.18 -22.79
C THR C 590 30.60 -11.29 -21.74
N HIS C 591 30.21 -10.08 -22.13
CA HIS C 591 29.61 -9.13 -21.19
C HIS C 591 28.35 -8.52 -21.79
N VAL C 592 27.29 -8.46 -21.00
CA VAL C 592 26.01 -7.89 -21.46
C VAL C 592 25.27 -7.23 -20.31
N GLN C 593 24.56 -6.16 -20.60
CA GLN C 593 23.74 -5.47 -19.60
C GLN C 593 22.32 -5.27 -20.10
N GLU C 594 21.36 -5.53 -19.23
CA GLU C 594 19.96 -5.23 -19.48
C GLU C 594 19.45 -4.48 -18.27
N GLN C 595 18.24 -3.95 -18.35
CA GLN C 595 17.71 -3.19 -17.22
C GLN C 595 16.22 -3.42 -16.96
N THR C 596 15.78 -2.96 -15.81
CA THR C 596 14.37 -2.90 -15.48
C THR C 596 14.17 -1.64 -14.67
N ARG C 597 12.93 -1.34 -14.32
CA ARG C 597 12.65 -0.17 -13.49
C ARG C 597 11.36 -0.32 -12.73
N ILE C 598 11.17 0.59 -11.78
CA ILE C 598 9.96 0.62 -10.96
C ILE C 598 8.83 1.21 -11.80
N VAL C 599 7.63 0.65 -11.66
CA VAL C 599 6.47 1.10 -12.43
C VAL C 599 6.25 2.58 -12.24
N LEU C 600 5.95 3.29 -13.34
CA LEU C 600 5.79 4.73 -13.31
C LEU C 600 4.91 5.22 -14.47
N ASP C 601 3.76 5.79 -14.13
CA ASP C 601 2.85 6.40 -15.10
C ASP C 601 2.36 5.40 -16.15
N CYS C 602 1.94 4.22 -15.72
CA CYS C 602 1.40 3.22 -16.63
C CYS C 602 -0.12 3.08 -16.51
N GLY C 603 -0.74 4.03 -15.81
CA GLY C 603 -2.18 3.98 -15.57
C GLY C 603 -2.52 3.15 -14.35
N GLU C 604 -3.81 2.86 -14.18
CA GLU C 604 -4.27 2.10 -13.01
C GLU C 604 -3.93 0.61 -13.09
N ASP C 605 -3.75 0.09 -14.31
CA ASP C 605 -3.36 -1.31 -14.48
C ASP C 605 -1.85 -1.52 -14.34
N ASP C 606 -1.10 -0.42 -14.20
CA ASP C 606 0.33 -0.46 -13.93
C ASP C 606 1.13 -1.30 -14.94
N VAL C 607 0.73 -1.22 -16.20
CA VAL C 607 1.45 -1.85 -17.30
C VAL C 607 1.55 -0.87 -18.45
N CYS C 608 2.75 -0.35 -18.71
CA CYS C 608 2.95 0.67 -19.73
C CYS C 608 2.84 0.10 -21.14
N VAL C 609 1.86 0.59 -21.88
CA VAL C 609 1.65 0.21 -23.28
C VAL C 609 1.83 1.44 -24.16
N PRO C 610 2.92 1.51 -24.94
CA PRO C 610 3.13 2.65 -25.83
C PRO C 610 2.26 2.64 -27.07
N GLN C 611 2.28 3.77 -27.80
CA GLN C 611 1.57 3.91 -29.06
C GLN C 611 2.50 4.65 -30.02
N LEU C 612 3.56 3.95 -30.44
CA LEU C 612 4.63 4.57 -31.22
C LEU C 612 4.21 4.85 -32.68
N GLN C 613 4.46 6.08 -33.13
CA GLN C 613 4.11 6.51 -34.49
C GLN C 613 5.37 6.96 -35.24
N LEU C 614 5.49 6.55 -36.49
CA LEU C 614 6.65 6.91 -37.31
C LEU C 614 6.26 7.30 -38.73
N THR C 615 6.63 8.50 -39.14
CA THR C 615 6.46 8.96 -40.51
C THR C 615 7.82 9.43 -41.00
N ALA C 616 8.04 9.39 -42.31
CA ALA C 616 9.34 9.74 -42.87
C ALA C 616 9.29 10.20 -44.32
N SER C 617 10.40 10.77 -44.77
CA SER C 617 10.57 11.18 -46.16
C SER C 617 12.06 11.30 -46.46
N VAL C 618 12.39 11.47 -47.74
CA VAL C 618 13.78 11.60 -48.17
C VAL C 618 13.97 12.85 -49.01
N THR C 619 15.01 13.61 -48.70
CA THR C 619 15.36 14.80 -49.47
C THR C 619 16.56 14.50 -50.36
N GLY C 620 16.58 15.09 -51.55
CA GLY C 620 17.63 14.82 -52.54
C GLY C 620 17.44 13.44 -53.15
N SER C 621 16.19 13.13 -53.48
CA SER C 621 15.77 11.75 -53.80
C SER C 621 16.46 11.10 -55.00
N PRO C 622 16.45 11.76 -56.16
CA PRO C 622 16.98 11.05 -57.32
C PRO C 622 18.45 10.65 -57.14
N LEU C 623 18.68 9.37 -56.84
CA LEU C 623 20.03 8.86 -56.67
C LEU C 623 20.73 8.73 -58.02
N LEU C 624 21.84 9.46 -58.16
CA LEU C 624 22.60 9.45 -59.40
C LEU C 624 23.52 8.23 -59.46
N VAL C 625 23.42 7.46 -60.55
CA VAL C 625 24.21 6.25 -60.72
C VAL C 625 25.68 6.59 -60.96
N GLY C 626 26.56 5.87 -60.26
CA GLY C 626 28.01 6.12 -60.36
C GLY C 626 28.39 7.45 -59.77
N ALA C 627 27.75 7.81 -58.66
CA ALA C 627 27.98 9.10 -58.03
C ALA C 627 28.24 8.93 -56.53
N ASP C 628 28.54 10.05 -55.88
CA ASP C 628 28.78 10.09 -54.44
C ASP C 628 27.55 10.67 -53.74
N ASN C 629 26.42 9.97 -53.87
CA ASN C 629 25.14 10.43 -53.36
C ASN C 629 25.16 10.59 -51.83
N VAL C 630 24.48 11.62 -51.34
CA VAL C 630 24.34 11.85 -49.91
C VAL C 630 22.89 12.19 -49.57
N LEU C 631 22.09 11.15 -49.31
CA LEU C 631 20.68 11.33 -48.95
C LEU C 631 20.56 11.80 -47.51
N GLU C 632 19.47 12.50 -47.22
CA GLU C 632 19.13 12.88 -45.85
C GLU C 632 17.73 12.37 -45.52
N LEU C 633 17.66 11.40 -44.61
CA LEU C 633 16.38 10.83 -44.18
C LEU C 633 15.77 11.71 -43.10
N GLN C 634 14.65 12.34 -43.42
CA GLN C 634 13.90 13.10 -42.44
C GLN C 634 12.76 12.23 -41.92
N MET C 635 12.63 12.12 -40.61
CA MET C 635 11.66 11.22 -40.00
C MET C 635 11.18 11.72 -38.64
N ASP C 636 9.86 11.75 -38.48
CA ASP C 636 9.24 12.24 -37.26
C ASP C 636 8.70 11.05 -36.46
N ALA C 637 9.25 10.86 -35.26
CA ALA C 637 8.84 9.76 -34.39
C ALA C 637 8.06 10.32 -33.21
N ALA C 638 7.00 9.62 -32.81
CA ALA C 638 6.18 10.07 -31.69
C ALA C 638 5.56 8.90 -30.93
N ASN C 639 5.16 9.16 -29.69
CA ASN C 639 4.49 8.18 -28.85
C ASN C 639 3.25 8.79 -28.24
N GLU C 640 2.09 8.36 -28.73
CA GLU C 640 0.81 8.86 -28.21
C GLU C 640 0.23 7.93 -27.15
N GLY C 641 1.03 6.99 -26.67
CA GLY C 641 0.63 6.10 -25.59
C GLY C 641 1.53 6.30 -24.38
N GLU C 642 1.73 5.23 -23.62
CA GLU C 642 2.49 5.29 -22.37
C GLU C 642 3.98 5.07 -22.63
N GLY C 643 4.79 5.28 -21.59
CA GLY C 643 6.25 5.24 -21.73
C GLY C 643 6.79 4.00 -22.42
N ALA C 644 7.72 4.21 -23.35
CA ALA C 644 8.40 3.12 -24.05
C ALA C 644 9.84 3.05 -23.59
N TYR C 645 10.23 1.92 -23.00
CA TYR C 645 11.54 1.77 -22.40
C TYR C 645 12.62 1.46 -23.44
N GLU C 646 13.81 1.98 -23.24
CA GLU C 646 14.91 1.82 -24.18
C GLU C 646 14.43 2.02 -25.61
N ALA C 647 13.75 3.13 -25.85
CA ALA C 647 13.25 3.47 -27.18
C ALA C 647 14.42 3.77 -28.10
N GLU C 648 14.32 3.32 -29.35
CA GLU C 648 15.39 3.55 -30.33
C GLU C 648 14.91 3.39 -31.77
N LEU C 649 15.36 4.30 -32.63
CA LEU C 649 15.04 4.22 -34.05
C LEU C 649 15.96 3.21 -34.72
N ALA C 650 15.36 2.30 -35.50
CA ALA C 650 16.10 1.28 -36.21
C ALA C 650 15.94 1.47 -37.72
N VAL C 651 16.97 2.01 -38.36
CA VAL C 651 16.98 2.20 -39.81
C VAL C 651 17.86 1.14 -40.49
N HIS C 652 17.24 0.31 -41.32
CA HIS C 652 17.97 -0.69 -42.11
C HIS C 652 18.46 -0.08 -43.41
N LEU C 653 19.78 -0.11 -43.61
CA LEU C 653 20.40 0.46 -44.80
C LEU C 653 20.45 -0.58 -45.93
N PRO C 654 20.43 -0.10 -47.19
CA PRO C 654 20.70 -0.96 -48.34
C PRO C 654 22.20 -1.17 -48.54
N GLN C 655 22.56 -1.97 -49.55
CA GLN C 655 23.95 -2.37 -49.78
C GLN C 655 24.92 -1.21 -50.01
N GLY C 656 24.43 -0.13 -50.60
CA GLY C 656 25.28 1.03 -50.91
C GLY C 656 25.36 2.08 -49.81
N ALA C 657 24.39 2.06 -48.91
CA ALA C 657 24.24 3.15 -47.92
C ALA C 657 25.16 3.00 -46.73
N HIS C 658 25.63 4.14 -46.22
CA HIS C 658 26.44 4.20 -45.01
C HIS C 658 25.97 5.35 -44.11
N TYR C 659 25.98 5.12 -42.80
CA TYR C 659 25.58 6.14 -41.84
C TYR C 659 26.70 7.17 -41.68
N MET C 660 26.37 8.44 -41.88
CA MET C 660 27.34 9.52 -41.73
C MET C 660 27.11 10.23 -40.39
N ARG C 661 25.94 10.84 -40.24
CA ARG C 661 25.64 11.69 -39.09
C ARG C 661 24.14 11.73 -38.85
N ALA C 662 23.75 12.07 -37.63
CA ALA C 662 22.34 12.23 -37.28
C ALA C 662 22.14 13.47 -36.40
N LEU C 663 20.91 13.98 -36.42
CA LEU C 663 20.55 15.14 -35.61
C LEU C 663 19.08 15.03 -35.22
N SER C 664 18.68 15.82 -34.21
CA SER C 664 17.29 15.85 -33.78
C SER C 664 16.88 17.26 -33.35
N ASN C 665 15.58 17.46 -33.17
CA ASN C 665 15.04 18.79 -32.82
C ASN C 665 14.57 18.86 -31.37
N VAL C 666 15.50 18.68 -30.44
CA VAL C 666 15.19 18.72 -29.01
C VAL C 666 16.15 19.67 -28.29
N GLU C 667 15.64 20.84 -27.91
CA GLU C 667 16.44 21.83 -27.20
CA GLY C 668 17.27 18.37 -24.64
C GLY C 668 18.59 17.85 -25.16
N PHE C 669 18.54 17.17 -26.30
CA PHE C 669 19.73 16.61 -26.93
C PHE C 669 19.77 16.98 -28.41
N GLU C 670 20.83 17.65 -28.83
CA GLU C 670 20.96 18.12 -30.21
C GLU C 670 21.34 16.97 -31.14
N ARG C 671 22.48 16.35 -30.89
CA ARG C 671 22.94 15.20 -31.67
C ARG C 671 22.55 13.91 -30.96
N LEU C 672 22.17 12.91 -31.74
CA LEU C 672 21.70 11.64 -31.20
C LEU C 672 22.85 10.67 -30.97
N ILE C 673 22.68 9.78 -29.99
CA ILE C 673 23.62 8.69 -29.74
C ILE C 673 23.29 7.53 -30.67
N CYS C 674 23.96 7.48 -31.81
CA CYS C 674 23.72 6.44 -32.82
C CYS C 674 24.87 5.47 -32.93
N ASN C 675 24.54 4.20 -33.16
CA ASN C 675 25.54 3.15 -33.29
C ASN C 675 25.17 2.20 -34.41
N GLN C 676 26.01 2.14 -35.44
CA GLN C 676 25.75 1.28 -36.59
C GLN C 676 26.06 -0.17 -36.24
N LYS C 677 25.06 -1.03 -36.38
CA LYS C 677 25.18 -2.44 -36.03
C LYS C 677 25.16 -3.31 -37.29
N LYS C 678 26.31 -3.91 -37.61
CA LYS C 678 26.44 -4.79 -38.76
C LYS C 678 26.18 -6.25 -38.35
N GLU C 679 25.80 -6.45 -37.09
CA GLU C 679 25.49 -7.78 -36.57
C GLU C 679 24.26 -8.38 -37.26
N ASN C 680 23.26 -7.55 -37.52
CA ASN C 680 22.07 -7.96 -38.27
C ASN C 680 22.45 -8.27 -39.72
N GLU C 681 21.72 -9.21 -40.33
CA GLU C 681 22.01 -9.65 -41.69
C GLU C 681 22.32 -8.49 -42.63
N THR C 682 21.59 -7.38 -42.48
CA THR C 682 21.87 -6.16 -43.23
C THR C 682 22.40 -5.07 -42.30
N ARG C 683 22.99 -4.03 -42.89
CA ARG C 683 23.56 -2.93 -42.13
C ARG C 683 22.44 -2.11 -41.47
N VAL C 684 22.48 -2.01 -40.15
CA VAL C 684 21.42 -1.33 -39.38
C VAL C 684 21.98 -0.25 -38.48
N VAL C 685 21.31 0.90 -38.45
CA VAL C 685 21.68 2.00 -37.57
C VAL C 685 20.65 2.13 -36.45
N LEU C 686 21.12 2.21 -35.22
CA LEU C 686 20.25 2.35 -34.06
C LEU C 686 20.55 3.63 -33.29
N CYS C 687 19.54 4.47 -33.11
CA CYS C 687 19.68 5.73 -32.40
C CYS C 687 18.72 5.78 -31.21
N GLU C 688 19.25 6.11 -30.04
CA GLU C 688 18.46 6.14 -28.82
C GLU C 688 17.46 7.29 -28.83
N LEU C 689 16.19 6.98 -28.63
CA LEU C 689 15.13 7.98 -28.64
C LEU C 689 14.73 8.43 -27.23
N GLY C 690 14.99 7.60 -26.22
CA GLY C 690 14.67 7.94 -24.84
C GLY C 690 14.40 6.71 -23.99
N ASN C 691 14.76 6.80 -22.71
CA ASN C 691 14.62 5.68 -21.79
C ASN C 691 14.03 6.12 -20.45
N PRO C 692 12.69 6.24 -20.38
CA PRO C 692 11.72 5.94 -21.43
C PRO C 692 11.46 7.11 -22.37
N MET C 693 10.86 6.80 -23.52
CA MET C 693 10.30 7.81 -24.39
C MET C 693 8.90 8.11 -23.85
N LYS C 694 8.76 9.24 -23.17
CA LYS C 694 7.53 9.57 -22.44
C LYS C 694 6.29 9.68 -23.33
N LYS C 695 5.12 9.77 -22.69
CA LYS C 695 3.86 9.94 -23.39
C LYS C 695 3.81 11.30 -24.08
N ASN C 696 3.18 11.34 -25.25
CA ASN C 696 3.06 12.56 -26.06
C ASN C 696 4.41 13.20 -26.41
N ALA C 697 5.48 12.39 -26.39
CA ALA C 697 6.78 12.86 -26.84
C ALA C 697 6.83 12.75 -28.36
N GLN C 698 7.53 13.69 -28.99
CA GLN C 698 7.66 13.66 -30.45
C GLN C 698 9.04 14.17 -30.87
N ILE C 699 9.81 13.31 -31.52
CA ILE C 699 11.16 13.64 -31.95
C ILE C 699 11.29 13.61 -33.46
N GLY C 700 11.71 14.73 -34.04
CA GLY C 700 12.06 14.78 -35.45
C GLY C 700 13.54 14.48 -35.60
N ILE C 701 13.87 13.56 -36.51
CA ILE C 701 15.25 13.13 -36.70
C ILE C 701 15.71 13.33 -38.15
N ALA C 702 16.88 13.95 -38.31
CA ALA C 702 17.47 14.15 -39.63
C ALA C 702 18.80 13.39 -39.69
N MET C 703 18.87 12.39 -40.57
CA MET C 703 20.05 11.51 -40.65
C MET C 703 20.69 11.53 -42.02
N LEU C 704 21.93 12.00 -42.11
CA LEU C 704 22.68 11.97 -43.36
C LEU C 704 23.20 10.56 -43.64
N VAL C 705 23.08 10.16 -44.90
CA VAL C 705 23.45 8.83 -45.34
C VAL C 705 24.10 8.92 -46.70
N SER C 706 25.30 8.35 -46.84
CA SER C 706 26.01 8.33 -48.12
C SER C 706 25.77 7.02 -48.86
N VAL C 707 24.91 7.06 -49.87
CA VAL C 707 24.69 5.91 -50.74
C VAL C 707 25.84 5.80 -51.73
N GLY C 708 26.81 4.94 -51.41
CA GLY C 708 28.00 4.77 -52.23
C GLY C 708 27.74 4.10 -53.57
N ASN C 709 28.81 3.87 -54.32
CA ASN C 709 28.71 3.28 -55.65
C ASN C 709 28.10 1.88 -55.63
N LEU C 710 26.83 1.81 -56.01
CA LEU C 710 26.14 0.54 -56.17
C LEU C 710 25.65 0.46 -57.61
N GLU C 711 26.43 -0.23 -58.45
CA GLU C 711 26.16 -0.31 -59.88
C GLU C 711 25.11 -1.37 -60.18
N GLU C 712 24.90 -2.28 -59.23
CA GLU C 712 23.94 -3.36 -59.38
C GLU C 712 22.81 -3.23 -58.36
N ALA C 713 22.32 -2.00 -58.19
CA ALA C 713 21.25 -1.70 -57.24
C ALA C 713 19.88 -1.88 -57.87
N GLY C 714 19.79 -1.64 -59.17
CA GLY C 714 18.52 -1.75 -59.89
C GLY C 714 17.89 -0.39 -60.09
N GLU C 715 16.58 -0.38 -60.37
CA GLU C 715 15.85 0.86 -60.63
C GLU C 715 15.66 1.72 -59.38
N SER C 716 15.74 1.09 -58.20
CA SER C 716 15.59 1.81 -56.94
C SER C 716 16.22 1.03 -55.78
N VAL C 717 16.36 1.72 -54.65
CA VAL C 717 16.89 1.10 -53.43
C VAL C 717 15.92 1.34 -52.27
N SER C 718 15.79 0.35 -51.39
CA SER C 718 14.83 0.42 -50.30
C SER C 718 15.49 0.73 -48.96
N PHE C 719 14.90 1.68 -48.24
CA PHE C 719 15.24 1.94 -46.84
C PHE C 719 14.08 1.48 -45.98
N GLN C 720 14.38 0.91 -44.83
CA GLN C 720 13.36 0.46 -43.89
C GLN C 720 13.61 1.08 -42.51
N LEU C 721 12.57 1.68 -41.95
CA LEU C 721 12.69 2.36 -40.67
C LEU C 721 11.63 1.84 -39.70
N GLN C 722 11.96 1.84 -38.41
CA GLN C 722 11.03 1.42 -37.36
C GLN C 722 11.52 1.85 -35.99
N ILE C 723 10.58 2.18 -35.11
CA ILE C 723 10.89 2.48 -33.71
C ILE C 723 10.68 1.23 -32.86
N ARG C 724 11.71 0.88 -32.07
CA ARG C 724 11.68 -0.31 -31.23
C ARG C 724 11.77 0.05 -29.75
N SER C 725 11.13 -0.75 -28.90
CA SER C 725 11.25 -0.60 -27.45
C SER C 725 11.28 -1.95 -26.77
N LYS C 726 11.51 -1.95 -25.45
CA LYS C 726 11.67 -3.19 -24.68
C LYS C 726 10.41 -3.59 -23.92
N ASN C 727 9.31 -2.86 -24.10
CA ASN C 727 8.08 -3.15 -23.39
C ASN C 727 7.49 -4.50 -23.79
N SER C 728 6.66 -5.06 -22.92
CA SER C 728 6.01 -6.34 -23.17
C SER C 728 4.85 -6.17 -24.15
N GLN C 729 4.05 -5.11 -23.94
CA GLN C 729 2.88 -4.85 -24.77
C GLN C 729 3.20 -3.77 -25.80
N ASN C 730 2.76 -4.01 -27.04
CA ASN C 730 2.88 -3.04 -28.13
C ASN C 730 4.24 -2.32 -28.15
N PRO C 731 5.33 -3.08 -28.36
CA PRO C 731 6.68 -2.54 -28.25
C PRO C 731 7.15 -1.71 -29.45
N ASN C 732 6.75 -2.11 -30.66
CA ASN C 732 7.27 -1.50 -31.87
C ASN C 732 6.24 -0.67 -32.63
N SER C 733 6.74 0.33 -33.36
CA SER C 733 5.91 1.10 -34.28
C SER C 733 5.80 0.32 -35.58
N LYS C 734 4.96 0.80 -36.49
CA LYS C 734 4.81 0.16 -37.79
C LYS C 734 6.09 0.33 -38.60
N ILE C 735 6.27 -0.54 -39.58
CA ILE C 735 7.46 -0.50 -40.43
C ILE C 735 7.23 0.41 -41.63
N VAL C 736 7.93 1.53 -41.65
CA VAL C 736 7.88 2.45 -42.79
C VAL C 736 8.98 2.10 -43.78
N LEU C 737 8.58 1.90 -45.04
CA LEU C 737 9.52 1.60 -46.11
C LEU C 737 9.60 2.77 -47.09
N LEU C 738 10.83 3.19 -47.39
CA LEU C 738 11.06 4.24 -48.37
C LEU C 738 11.80 3.66 -49.56
N ASP C 739 11.25 3.85 -50.75
CA ASP C 739 11.87 3.43 -52.00
C ASP C 739 12.44 4.63 -52.75
N VAL C 740 13.75 4.83 -52.66
CA VAL C 740 14.41 5.93 -53.34
C VAL C 740 14.83 5.51 -54.75
N PRO C 741 14.37 6.24 -55.78
CA PRO C 741 14.64 5.86 -57.16
C PRO C 741 16.09 6.11 -57.56
N VAL C 742 16.56 5.35 -58.54
CA VAL C 742 17.94 5.44 -59.02
C VAL C 742 17.97 5.66 -60.52
N ARG C 743 18.62 6.74 -60.95
CA ARG C 743 18.70 7.08 -62.37
C ARG C 743 20.10 7.62 -62.70
N ALA C 744 20.65 7.19 -63.83
CA ALA C 744 21.97 7.66 -64.28
C ALA C 744 21.84 9.00 -64.99
N GLU C 745 22.92 9.78 -64.96
CA GLU C 745 22.93 11.09 -65.59
C GLU C 745 24.36 11.51 -65.93
N ALA C 746 24.50 12.26 -67.02
CA ALA C 746 25.80 12.74 -67.46
C ALA C 746 25.69 14.23 -67.84
N GLN C 747 26.81 14.93 -67.71
CA GLN C 747 26.86 16.35 -68.03
C GLN C 747 28.14 16.66 -68.81
N VAL C 748 28.00 16.74 -70.12
CA VAL C 748 29.13 16.99 -70.99
C VAL C 748 29.30 18.50 -71.22
N GLU C 749 30.50 19.01 -70.93
CA GLU C 749 30.82 20.41 -71.14
C GLU C 749 31.55 20.57 -72.46
N LEU C 750 31.26 21.65 -73.17
CA LEU C 750 31.91 21.95 -74.44
C LEU C 750 32.44 23.38 -74.44
N ARG C 751 33.74 23.54 -74.64
CA ARG C 751 34.36 24.86 -74.68
C ARG C 751 35.14 25.06 -75.97
N GLY C 752 35.54 26.31 -76.22
CA GLY C 752 36.31 26.64 -77.41
C GLY C 752 36.91 28.03 -77.37
N ASN C 753 38.08 28.19 -78.00
CA ASN C 753 38.76 29.48 -78.09
C ASN C 753 39.72 29.52 -79.27
N SER C 754 39.94 30.71 -79.81
CA SER C 754 40.86 30.89 -80.94
C SER C 754 42.24 31.30 -80.46
N PHE C 755 43.26 30.86 -81.19
CA PHE C 755 44.65 31.19 -80.87
C PHE C 755 45.38 31.69 -82.11
N PRO C 756 45.67 33.00 -82.18
CA PRO C 756 45.42 34.03 -81.17
C PRO C 756 43.97 34.51 -81.18
N ALA C 757 43.66 35.48 -80.30
CA ALA C 757 42.34 36.09 -80.24
C ALA C 757 42.26 37.28 -81.19
CA GLY C 777 49.02 34.75 -94.37
C GLY C 777 49.40 34.33 -92.96
N PRO C 778 48.88 35.03 -91.95
CA PRO C 778 49.16 34.72 -90.55
C PRO C 778 48.47 33.44 -90.09
N LYS C 779 49.04 32.79 -89.09
CA LYS C 779 48.49 31.54 -88.56
C LYS C 779 47.36 31.81 -87.57
N VAL C 780 46.26 31.08 -87.73
CA VAL C 780 45.13 31.16 -86.80
C VAL C 780 44.54 29.77 -86.60
N GLU C 781 44.22 29.43 -85.35
CA GLU C 781 43.66 28.11 -85.04
C GLU C 781 42.53 28.18 -84.02
N HIS C 782 41.57 27.27 -84.16
CA HIS C 782 40.43 27.16 -83.25
C HIS C 782 40.48 25.82 -82.55
N THR C 783 40.43 25.83 -81.22
CA THR C 783 40.55 24.61 -80.42
C THR C 783 39.29 24.35 -79.58
N TYR C 784 38.55 23.30 -79.92
CA TYR C 784 37.39 22.89 -79.14
C TYR C 784 37.77 21.78 -78.16
N GLU C 785 37.05 21.68 -77.06
CA GLU C 785 37.30 20.65 -76.05
C GLU C 785 36.00 20.18 -75.42
N LEU C 786 35.91 18.87 -75.20
CA LEU C 786 34.77 18.27 -74.50
C LEU C 786 35.22 17.74 -73.14
N HIS C 787 34.29 17.67 -72.19
CA HIS C 787 34.59 17.20 -70.85
C HIS C 787 33.36 16.57 -70.19
N ASN C 788 33.42 15.26 -69.98
CA ASN C 788 32.37 14.54 -69.29
C ASN C 788 32.53 14.70 -67.78
N ASN C 789 31.82 15.67 -67.21
CA ASN C 789 31.92 15.99 -65.79
C ASN C 789 30.94 15.19 -64.95
N GLY C 790 29.72 14.98 -65.48
CA GLY C 790 28.66 14.32 -64.73
C GLY C 790 28.98 12.89 -64.35
N PRO C 791 28.18 12.31 -63.44
CA PRO C 791 28.44 10.98 -62.89
C PRO C 791 28.43 9.86 -63.94
N GLY C 792 27.38 9.80 -64.74
CA GLY C 792 27.21 8.72 -65.71
C GLY C 792 28.17 8.81 -66.88
N THR C 793 28.72 7.65 -67.28
CA THR C 793 29.58 7.57 -68.46
C THR C 793 28.72 7.67 -69.71
N VAL C 794 29.31 8.16 -70.80
CA VAL C 794 28.58 8.38 -72.05
C VAL C 794 29.20 7.62 -73.22
N ASN C 795 28.35 6.91 -73.98
CA ASN C 795 28.79 6.15 -75.15
C ASN C 795 28.27 6.77 -76.44
N GLY C 796 29.03 6.59 -77.51
CA GLY C 796 28.64 7.05 -78.83
C GLY C 796 28.43 8.55 -78.90
N LEU C 797 29.46 9.31 -78.56
CA LEU C 797 29.40 10.76 -78.62
C LEU C 797 29.82 11.23 -80.00
N HIS C 798 28.95 12.02 -80.64
CA HIS C 798 29.21 12.55 -81.97
C HIS C 798 29.40 14.06 -81.93
N LEU C 799 30.50 14.53 -82.52
CA LEU C 799 30.78 15.96 -82.62
C LEU C 799 30.84 16.36 -84.09
N SER C 800 30.30 17.53 -84.41
CA SER C 800 30.31 18.04 -85.78
C SER C 800 30.63 19.53 -85.81
N ILE C 801 31.85 19.86 -86.23
CA ILE C 801 32.31 21.25 -86.28
C ILE C 801 32.17 21.82 -87.69
N HIS C 802 31.74 23.08 -87.76
CA HIS C 802 31.55 23.77 -89.04
C HIS C 802 32.59 24.88 -89.21
N LEU C 803 33.39 24.78 -90.26
CA LEU C 803 34.42 25.76 -90.55
C LEU C 803 34.09 26.51 -91.83
N PRO C 804 34.21 27.85 -91.82
CA PRO C 804 33.84 28.66 -92.98
C PRO C 804 34.80 28.49 -94.15
N GLY C 805 34.25 28.35 -95.36
CA GLY C 805 35.07 28.18 -96.56
C GLY C 805 35.50 26.74 -96.76
N GLN C 806 35.66 26.35 -98.02
CA GLN C 806 36.08 25.00 -98.36
C GLN C 806 37.54 24.96 -98.83
N SER C 807 38.40 25.70 -98.12
CA SER C 807 39.82 25.80 -98.46
C SER C 807 40.04 26.03 -99.96
N GLN C 808 39.28 26.97 -100.53
CA GLN C 808 39.39 27.31 -101.93
C GLN C 808 40.26 28.55 -102.09
N PRO C 809 40.71 28.84 -103.33
CA PRO C 809 41.43 30.09 -103.56
C PRO C 809 40.58 31.33 -103.24
N SER C 810 39.28 31.26 -103.54
CA SER C 810 38.36 32.37 -103.31
C SER C 810 38.02 32.57 -101.82
N ASP C 811 38.13 31.51 -101.03
CA ASP C 811 37.81 31.58 -99.60
C ASP C 811 38.79 32.45 -98.84
N LEU C 812 38.36 32.89 -97.65
CA LEU C 812 39.18 33.75 -96.80
C LEU C 812 40.11 32.90 -95.93
N LEU C 813 39.60 31.79 -95.42
CA LEU C 813 40.36 30.91 -94.54
C LEU C 813 40.77 29.64 -95.27
N TYR C 814 42.02 29.22 -95.10
CA TYR C 814 42.53 27.99 -95.70
C TYR C 814 42.85 26.98 -94.60
N ILE C 815 42.07 25.91 -94.52
CA ILE C 815 42.21 24.93 -93.46
C ILE C 815 43.38 23.98 -93.73
N LEU C 816 44.27 23.85 -92.75
CA LEU C 816 45.44 22.99 -92.87
C LEU C 816 45.16 21.58 -92.36
N ASP C 817 45.06 21.44 -91.03
CA ASP C 817 44.99 20.14 -90.39
C ASP C 817 44.08 20.19 -89.17
N ILE C 818 43.27 19.15 -89.01
CA ILE C 818 42.44 18.97 -87.82
C ILE C 818 43.11 17.91 -86.96
N GLN C 819 43.42 18.26 -85.71
CA GLN C 819 44.14 17.36 -84.81
C GLN C 819 43.31 16.98 -83.59
N PRO C 820 42.53 15.89 -83.71
CA PRO C 820 41.73 15.41 -82.58
C PRO C 820 42.56 14.61 -81.58
N GLN C 821 42.09 14.58 -80.33
CA GLN C 821 42.78 13.87 -79.26
CA GLN C 821 42.78 13.86 -79.26
C GLN C 821 41.77 13.27 -78.28
N GLY C 822 42.17 12.19 -77.61
CA GLY C 822 41.32 11.52 -76.63
C GLY C 822 40.49 10.41 -77.26
N GLY C 823 41.11 9.62 -78.13
CA GLY C 823 40.44 8.52 -78.81
C GLY C 823 39.42 8.98 -79.84
N LEU C 824 39.50 10.25 -80.22
CA LEU C 824 38.56 10.84 -81.16
C LEU C 824 39.17 10.84 -82.55
N GLN C 825 38.38 10.46 -83.56
CA GLN C 825 38.82 10.49 -84.95
C GLN C 825 37.78 11.19 -85.81
N CYS C 826 38.25 12.10 -86.66
CA CYS C 826 37.36 12.99 -87.42
C CYS C 826 37.53 12.82 -88.92
N PHE C 827 36.54 13.30 -89.66
CA PHE C 827 36.54 13.22 -91.13
C PHE C 827 35.97 14.50 -91.73
N PRO C 828 36.85 15.36 -92.28
CA PRO C 828 36.40 16.63 -92.85
C PRO C 828 35.80 16.47 -94.24
N GLN C 829 34.73 17.21 -94.51
CA GLN C 829 34.09 17.18 -95.82
C GLN C 829 33.56 18.57 -96.21
N PRO C 830 34.10 19.15 -97.30
CA PRO C 830 35.12 18.57 -98.20
C PRO C 830 36.50 18.46 -97.54
N PRO C 831 37.45 17.77 -98.21
CA PRO C 831 38.79 17.61 -97.67
C PRO C 831 39.50 18.94 -97.42
N VAL C 832 40.10 19.09 -96.24
CA VAL C 832 40.86 20.27 -95.90
C VAL C 832 42.28 20.15 -96.47
N ASN C 833 42.87 21.29 -96.81
CA ASN C 833 44.22 21.36 -97.39
C ASN C 833 44.37 20.55 -98.68
N PRO C 834 43.98 21.14 -99.82
CA PRO C 834 44.19 20.51 -101.13
C PRO C 834 45.57 20.78 -101.76
N LEU C 835 46.55 21.17 -100.94
CA LEU C 835 47.91 21.43 -101.42
C LEU C 835 48.96 20.83 -100.50
N LYS C 836 49.46 19.66 -100.87
CA LYS C 836 50.52 18.96 -100.12
C LYS C 836 50.66 19.41 -98.67
N VAL C 837 51.67 20.25 -98.39
CA ASP C 874 30.89 47.92 -89.42
C ASP C 874 31.74 46.66 -89.59
N PRO C 875 31.73 45.77 -88.60
CA PRO C 875 32.50 44.54 -88.63
C PRO C 875 31.85 43.45 -89.49
N VAL C 876 32.59 42.97 -90.50
CA VAL C 876 32.08 41.94 -91.40
C VAL C 876 32.11 40.57 -90.71
N LEU C 877 30.92 40.02 -90.47
CA LEU C 877 30.81 38.73 -89.79
C LEU C 877 30.95 37.57 -90.77
N VAL C 878 32.18 37.12 -90.99
CA VAL C 878 32.44 35.98 -91.84
C VAL C 878 32.13 34.69 -91.08
N SER C 879 31.07 34.01 -91.49
CA SER C 879 30.62 32.80 -90.80
C SER C 879 30.25 31.70 -91.79
N CYS C 880 29.93 30.52 -91.25
CA CYS C 880 29.55 29.36 -92.06
C CYS C 880 28.22 29.55 -92.79
N ASP C 881 27.36 30.40 -92.24
CA ASP C 881 26.06 30.69 -92.85
C ASP C 881 26.18 31.41 -94.19
N SER C 882 27.15 32.31 -94.29
CA SER C 882 27.32 33.13 -95.50
C SER C 882 27.94 32.34 -96.65
N ALA C 883 29.23 32.01 -96.53
CA ALA C 883 29.97 31.33 -97.59
C ALA C 883 29.86 29.81 -97.43
N PRO C 884 30.45 29.06 -98.39
CA PRO C 884 30.51 27.60 -98.27
C PRO C 884 31.19 27.15 -96.98
N CYS C 885 30.98 25.89 -96.60
CA CYS C 885 31.41 25.41 -95.29
C CYS C 885 32.07 24.03 -95.35
N THR C 886 33.04 23.82 -94.46
CA THR C 886 33.71 22.52 -94.33
C THR C 886 33.21 21.82 -93.07
N VAL C 887 32.31 20.86 -93.25
CA VAL C 887 31.74 20.11 -92.13
C VAL C 887 32.60 18.91 -91.77
N VAL C 888 33.23 18.97 -90.61
CA VAL C 888 34.03 17.85 -90.10
C VAL C 888 33.30 17.18 -88.94
N GLN C 889 33.13 15.87 -89.04
CA GLN C 889 32.38 15.10 -88.04
C GLN C 889 33.30 14.09 -87.33
N CYS C 890 33.11 13.97 -86.02
CA CYS C 890 33.95 13.08 -85.20
C CYS C 890 33.09 12.10 -84.41
N ASP C 891 33.72 11.03 -83.93
CA ASP C 891 33.03 9.99 -83.18
C ASP C 891 33.88 9.49 -82.02
N LEU C 892 33.25 9.32 -80.86
CA LEU C 892 33.91 8.78 -79.69
C LEU C 892 33.07 7.64 -79.13
N GLN C 893 33.72 6.50 -78.88
CA GLN C 893 33.01 5.27 -78.51
C GLN C 893 32.51 5.29 -77.07
N GLU C 894 33.38 5.70 -76.14
CA GLU C 894 32.99 5.82 -74.74
C GLU C 894 33.77 6.93 -74.04
N MET C 895 33.18 7.48 -72.98
CA MET C 895 33.80 8.57 -72.25
C MET C 895 33.35 8.53 -70.78
N ALA C 896 34.28 8.25 -69.88
CA ALA C 896 33.98 8.06 -68.47
C ALA C 896 34.04 9.39 -67.70
N ARG C 897 33.87 9.31 -66.39
CA ARG C 897 33.95 10.48 -65.51
C ARG C 897 35.31 11.16 -65.62
N GLY C 898 35.29 12.49 -65.72
CA GLY C 898 36.52 13.27 -65.75
C GLY C 898 37.31 13.18 -67.05
N GLN C 899 36.91 12.25 -67.92
CA GLN C 899 37.61 12.04 -69.18
C GLN C 899 37.40 13.24 -70.09
N ARG C 900 38.41 13.54 -70.92
CA ARG C 900 38.37 14.71 -71.79
C ARG C 900 38.78 14.35 -73.21
N ALA C 901 38.30 15.15 -74.17
CA ALA C 901 38.67 15.02 -75.57
C ALA C 901 38.78 16.43 -76.15
N MET C 902 39.69 16.58 -77.11
CA MET C 902 39.98 17.91 -77.67
C MET C 902 40.31 17.83 -79.15
N VAL C 903 39.88 18.86 -79.90
CA VAL C 903 40.15 18.95 -81.33
C VAL C 903 40.71 20.33 -81.65
N THR C 904 41.82 20.37 -82.39
CA THR C 904 42.47 21.62 -82.78
C THR C 904 42.59 21.73 -84.30
N VAL C 905 41.85 22.69 -84.88
CA VAL C 905 41.89 22.93 -86.31
C VAL C 905 42.87 24.07 -86.62
N LEU C 906 43.70 23.88 -87.64
CA LEU C 906 44.74 24.85 -88.00
C LEU C 906 44.43 25.47 -89.36
N ALA C 907 44.85 26.72 -89.56
CA ALA C 907 44.58 27.43 -90.81
C ALA C 907 45.30 28.78 -90.90
N PHE C 908 45.25 29.40 -92.08
CA PHE C 908 45.68 30.79 -92.24
C PHE C 908 44.57 31.62 -92.88
N LEU C 909 44.86 32.90 -93.05
CA LEU C 909 44.06 33.78 -93.89
C LEU C 909 44.69 33.80 -95.28
N TRP C 910 43.89 33.57 -96.31
CA TRP C 910 44.36 33.68 -97.68
C TRP C 910 44.52 35.16 -98.02
N LEU C 911 45.77 35.62 -98.08
CA LEU C 911 46.07 37.04 -98.22
C LEU C 911 45.46 37.68 -99.47
N PRO C 912 45.46 36.97 -100.62
CA PRO C 912 44.79 37.51 -101.79
C PRO C 912 43.30 37.79 -101.56
N SER C 913 42.63 36.92 -100.82
CA SER C 913 41.22 37.12 -100.47
C SER C 913 41.07 38.22 -99.42
N LEU C 914 42.07 38.34 -98.54
CA LEU C 914 42.05 39.31 -97.46
C LEU C 914 42.19 40.76 -97.97
N TYR C 915 42.95 40.93 -99.05
CA TYR C 915 43.17 42.27 -99.62
C TYR C 915 42.20 42.60 -100.76
N GLN C 916 41.19 41.76 -100.96
CA GLN C 916 40.13 42.06 -101.91
C GLN C 916 39.23 43.14 -101.30
N ARG C 917 39.06 43.08 -99.99
CA ARG C 917 38.47 44.16 -99.20
C ARG C 917 39.55 44.70 -98.28
N PRO C 918 40.33 45.70 -98.75
CA PRO C 918 41.52 46.14 -98.04
C PRO C 918 41.29 47.07 -96.83
N LEU C 919 40.03 47.42 -96.55
CA LEU C 919 39.71 48.30 -95.42
C LEU C 919 38.47 47.84 -94.66
N ASP C 920 38.36 46.53 -94.43
CA ASP C 920 37.24 45.97 -93.67
C ASP C 920 37.73 45.33 -92.37
N GLN C 921 36.79 45.15 -91.44
CA GLN C 921 37.09 44.51 -90.16
C GLN C 921 36.36 43.17 -90.08
N PHE C 922 37.09 42.09 -90.36
CA PHE C 922 36.50 40.76 -90.40
C PHE C 922 36.41 40.11 -89.03
N VAL C 923 35.45 39.20 -88.87
CA VAL C 923 35.30 38.41 -87.65
C VAL C 923 35.00 36.96 -88.04
N LEU C 924 36.04 36.13 -88.04
CA LEU C 924 35.90 34.72 -88.40
C LEU C 924 35.19 33.96 -87.28
N GLN C 925 34.16 33.21 -87.65
CA GLN C 925 33.35 32.48 -86.68
C GLN C 925 33.20 31.01 -87.06
N SER C 926 33.29 30.15 -86.05
CA SER C 926 33.07 28.71 -86.22
C SER C 926 32.04 28.24 -85.21
N HIS C 927 31.39 27.11 -85.52
CA HIS C 927 30.35 26.57 -84.66
C HIS C 927 30.51 25.06 -84.52
N ALA C 928 30.00 24.51 -83.42
CA ALA C 928 30.10 23.07 -83.17
C ALA C 928 28.95 22.57 -82.29
N TRP C 929 28.15 21.66 -82.84
CA TRP C 929 27.11 20.96 -82.08
C TRP C 929 27.69 19.66 -81.55
N PHE C 930 27.01 19.07 -80.57
CA PHE C 930 27.39 17.75 -80.08
C PHE C 930 26.21 17.05 -79.40
N ASN C 931 26.28 15.73 -79.34
CA ASN C 931 25.27 14.92 -78.68
C ASN C 931 25.82 13.54 -78.29
N VAL C 932 25.04 12.79 -77.52
CA VAL C 932 25.44 11.46 -77.07
C VAL C 932 24.35 10.43 -77.38
N SER C 933 24.77 9.23 -77.73
CA SER C 933 23.84 8.15 -78.09
C SER C 933 23.11 7.59 -76.86
N SER C 934 23.86 6.97 -75.96
CA SER C 934 23.26 6.32 -74.78
C SER C 934 24.27 6.23 -73.64
N LEU C 935 23.79 5.78 -72.48
CA LEU C 935 24.64 5.53 -71.33
C LEU C 935 24.57 4.05 -70.95
N PRO C 936 25.73 3.45 -70.65
CA PRO C 936 25.77 2.01 -70.37
C PRO C 936 25.30 1.68 -68.95
N TYR C 937 23.99 1.74 -68.74
CA TYR C 937 23.41 1.45 -67.43
C TYR C 937 22.08 0.70 -67.58
N ALA C 938 21.58 0.19 -66.47
CA ALA C 938 20.36 -0.63 -66.48
C ALA C 938 19.13 0.18 -66.86
N VAL C 939 18.68 1.05 -65.95
CA VAL C 939 17.51 1.88 -66.18
C VAL C 939 17.83 3.33 -65.82
N PRO C 940 18.30 4.11 -66.81
CA PRO C 940 18.59 5.52 -66.60
C PRO C 940 17.64 6.45 -67.36
N PRO C 941 16.40 6.59 -66.87
CA PRO C 941 15.45 7.48 -67.56
C PRO C 941 15.69 8.95 -67.22
N LEU C 942 16.67 9.55 -67.90
CA LEU C 942 16.95 10.98 -67.79
C LEU C 942 17.38 11.51 -69.15
N SER C 943 17.58 12.82 -69.25
CA SER C 943 17.91 13.45 -70.52
C SER C 943 19.33 13.09 -70.96
N LEU C 944 19.49 12.84 -72.26
CA LEU C 944 20.81 12.59 -72.83
C LEU C 944 21.52 13.94 -72.99
N PRO C 945 22.83 13.98 -72.67
CA PRO C 945 23.56 15.24 -72.74
C PRO C 945 23.72 15.78 -74.16
N ARG C 946 23.50 17.07 -74.32
CA ARG C 946 23.62 17.73 -75.62
C ARG C 946 24.17 19.14 -75.42
N GLY C 947 24.45 19.83 -76.51
CA GLY C 947 24.89 21.22 -76.44
C GLY C 947 25.60 21.69 -77.69
N GLU C 948 26.07 22.93 -77.65
CA GLU C 948 26.75 23.54 -78.77
C GLU C 948 27.78 24.56 -78.28
N ALA C 949 28.61 25.06 -79.20
CA ALA C 949 29.61 26.05 -78.85
C ALA C 949 30.06 26.80 -80.11
N GLN C 950 30.67 27.96 -79.91
CA GLN C 950 31.17 28.77 -81.01
C GLN C 950 32.48 29.45 -80.63
N VAL C 951 33.31 29.75 -81.62
CA VAL C 951 34.58 30.43 -81.39
C VAL C 951 34.76 31.56 -82.38
N TRP C 952 35.12 32.75 -81.86
CA TRP C 952 35.29 33.94 -82.68
C TRP C 952 36.77 34.27 -82.87
N THR C 953 37.07 35.00 -83.94
CA THR C 953 38.43 35.49 -84.20
C THR C 953 38.34 36.77 -85.02
N GLN C 954 38.68 37.90 -84.40
CA GLN C 954 38.62 39.19 -85.08
C GLN C 954 39.90 39.47 -85.87
N LEU C 955 39.77 40.25 -86.94
CA LEU C 955 40.90 40.63 -87.78
C LEU C 955 40.95 42.15 -87.90
N LEU C 956 42.04 42.75 -87.44
CA LEU C 956 42.18 44.20 -87.42
C LEU C 956 43.17 44.70 -88.47
N ARG C 957 42.95 45.90 -88.97
CA ARG C 957 43.81 46.49 -90.00
C ARG C 957 45.06 47.12 -89.39
N ALA C 958 46.10 47.25 -90.21
CA ALA C 958 47.37 47.81 -89.78
C ALA C 958 48.03 48.60 -90.89
N CYS C 959 49.15 49.24 -90.57
CA CYS C 959 49.92 50.02 -91.54
C CYS C 959 51.36 50.17 -91.09
N GLY D 1 29.37 35.83 -17.77
CA GLY D 1 28.20 34.97 -18.12
C GLY D 1 28.56 33.50 -18.23
N PRO D 2 27.57 32.65 -18.52
CA PRO D 2 27.80 31.21 -18.67
C PRO D 2 28.80 30.89 -19.78
N ASN D 3 29.76 30.02 -19.49
CA ASN D 3 30.79 29.68 -20.46
C ASN D 3 31.46 28.34 -20.15
N ILE D 4 32.23 27.86 -21.12
CA ILE D 4 32.89 26.55 -21.06
C ILE D 4 33.61 26.29 -19.74
N CYS D 5 34.17 27.32 -19.13
CA CYS D 5 34.92 27.17 -17.89
C CYS D 5 34.00 26.89 -16.71
N THR D 6 32.88 27.59 -16.65
CA THR D 6 31.95 27.47 -15.53
C THR D 6 31.21 26.14 -15.54
N THR D 7 30.68 25.78 -16.70
CA THR D 7 29.76 24.64 -16.83
C THR D 7 30.46 23.34 -17.26
N ARG D 8 31.60 23.04 -16.67
CA ARG D 8 32.31 21.79 -16.96
C ARG D 8 33.14 21.31 -15.77
N GLY D 9 34.30 21.91 -15.58
CA GLY D 9 35.26 21.47 -14.57
C GLY D 9 35.43 22.47 -13.45
N VAL D 10 34.61 22.32 -12.41
CA VAL D 10 34.70 23.16 -11.22
C VAL D 10 35.15 22.32 -10.02
N SER D 11 36.01 21.34 -10.28
CA SER D 11 36.48 20.41 -9.26
C SER D 11 37.83 20.83 -8.68
N SER D 12 38.81 21.03 -9.57
CA SER D 12 40.16 21.38 -9.13
C SER D 12 40.75 22.50 -10.00
N CYS D 13 41.90 23.00 -9.57
CA CYS D 13 42.61 24.04 -10.32
C CYS D 13 43.21 23.47 -11.60
N GLN D 14 43.71 22.24 -11.54
CA GLN D 14 44.33 21.62 -12.70
C GLN D 14 43.31 21.29 -13.77
N GLN D 15 42.17 20.72 -13.36
CA GLN D 15 41.07 20.43 -14.27
C GLN D 15 40.59 21.69 -14.96
N CYS D 16 40.55 22.79 -14.22
CA CYS D 16 40.10 24.07 -14.74
C CYS D 16 40.97 24.52 -15.92
N LEU D 17 42.28 24.46 -15.74
CA LEU D 17 43.22 24.88 -16.77
C LEU D 17 43.12 23.99 -18.01
N ALA D 18 42.94 22.69 -17.80
CA ALA D 18 42.87 21.73 -18.89
C ALA D 18 41.65 21.95 -19.80
N VAL D 19 40.59 22.53 -19.24
CA VAL D 19 39.36 22.76 -20.00
C VAL D 19 39.58 23.63 -21.23
N SER D 20 40.24 24.77 -21.03
CA SER D 20 40.53 25.68 -22.14
C SER D 20 41.60 26.69 -21.73
N PRO D 21 42.41 27.14 -22.70
CA PRO D 21 43.42 28.18 -22.46
C PRO D 21 42.86 29.48 -21.89
N MET D 22 41.58 29.77 -22.14
CA MET D 22 40.97 30.99 -21.66
C MET D 22 40.57 30.92 -20.18
N CYS D 23 40.39 29.70 -19.66
CA CYS D 23 39.94 29.53 -18.28
C CYS D 23 40.98 29.98 -17.26
N ALA D 24 40.50 30.58 -16.18
CA ALA D 24 41.33 30.96 -15.04
C ALA D 24 40.71 30.38 -13.78
N TRP D 25 41.50 30.29 -12.72
CA TRP D 25 41.05 29.69 -11.47
C TRP D 25 41.34 30.60 -10.28
N CYS D 26 40.38 30.67 -9.36
CA CYS D 26 40.47 31.55 -8.20
C CYS D 26 40.64 30.74 -6.92
N SER D 27 41.78 30.90 -6.25
CA SER D 27 42.08 30.14 -5.02
C SER D 27 41.68 30.91 -3.76
N ASP D 28 41.04 32.06 -3.94
CA ASP D 28 40.67 32.92 -2.83
C ASP D 28 39.60 32.28 -1.96
N GLU D 29 39.89 32.11 -0.67
CA GLU D 29 38.96 31.47 0.26
C GLU D 29 37.74 32.34 0.56
N ALA D 30 37.91 33.65 0.40
CA ALA D 30 36.83 34.61 0.69
C ALA D 30 35.77 34.67 -0.41
N LEU D 31 35.99 33.96 -1.50
CA LEU D 31 35.05 33.94 -2.62
C LEU D 31 33.68 33.41 -2.17
N PRO D 32 32.59 34.04 -2.63
CA PRO D 32 31.25 33.48 -2.36
C PRO D 32 31.07 32.11 -3.01
N LEU D 33 30.24 31.26 -2.41
CA LEU D 33 29.99 29.92 -2.92
C LEU D 33 29.17 29.94 -4.21
N GLY D 34 28.22 30.87 -4.29
CA GLY D 34 27.38 31.03 -5.48
C GLY D 34 28.18 31.28 -6.74
N SER D 35 29.24 32.08 -6.63
CA SER D 35 30.10 32.40 -7.75
C SER D 35 30.99 31.21 -8.12
N PRO D 36 31.31 31.06 -9.43
CA PRO D 36 32.14 29.97 -9.90
C PRO D 36 33.62 30.28 -9.75
N ARG D 37 34.42 29.27 -9.42
CA ARG D 37 35.86 29.44 -9.26
C ARG D 37 36.59 29.38 -10.59
N CYS D 38 36.21 28.43 -11.43
CA CYS D 38 36.78 28.30 -12.76
C CYS D 38 35.96 29.15 -13.73
N ASP D 39 36.60 30.19 -14.27
CA ASP D 39 35.91 31.14 -15.12
C ASP D 39 36.96 31.94 -15.90
N LEU D 40 36.50 32.88 -16.71
CA LEU D 40 37.40 33.81 -17.38
C LEU D 40 37.99 34.74 -16.32
N LYS D 41 39.19 35.25 -16.59
CA LYS D 41 39.86 36.13 -15.64
C LYS D 41 39.02 37.37 -15.37
N GLU D 42 38.45 37.95 -16.42
CA GLU D 42 37.62 39.14 -16.32
C GLU D 42 36.43 38.92 -15.39
N ASN D 43 35.81 37.75 -15.48
CA ASN D 43 34.66 37.42 -14.65
C ASN D 43 35.05 37.21 -13.19
N LEU D 44 36.19 36.57 -12.96
CA LEU D 44 36.71 36.38 -11.61
C LEU D 44 37.03 37.71 -10.95
N LEU D 45 37.59 38.64 -11.72
CA LEU D 45 37.95 39.96 -11.19
C LEU D 45 36.71 40.78 -10.85
N LYS D 46 35.65 40.63 -11.64
CA LYS D 46 34.39 41.32 -11.37
C LYS D 46 33.76 40.85 -10.05
N ASP D 47 34.09 39.64 -9.62
CA ASP D 47 33.65 39.13 -8.32
C ASP D 47 34.72 39.38 -7.25
N ASN D 48 35.65 40.27 -7.54
CA ASN D 48 36.68 40.70 -6.60
C ASN D 48 37.54 39.57 -6.05
N CYS D 49 37.85 38.59 -6.89
CA CYS D 49 38.81 37.55 -6.51
C CYS D 49 40.18 38.19 -6.33
N ALA D 50 40.92 37.74 -5.32
CA ALA D 50 42.25 38.31 -5.04
C ALA D 50 43.18 38.11 -6.23
N PRO D 51 43.62 39.22 -6.86
CA PRO D 51 44.47 39.15 -8.06
C PRO D 51 45.62 38.15 -7.96
N GLU D 52 46.32 38.16 -6.83
N GLU D 52 46.34 38.14 -6.84
CA GLU D 52 47.45 37.24 -6.59
CA GLU D 52 47.47 37.23 -6.68
C GLU D 52 47.00 35.79 -6.44
C GLU D 52 47.02 35.78 -6.38
N SER D 53 45.73 35.60 -6.09
CA SER D 53 45.17 34.27 -5.90
C SER D 53 44.73 33.64 -7.23
N ILE D 54 44.63 34.46 -8.28
CA ILE D 54 44.18 33.98 -9.58
C ILE D 54 45.29 33.21 -10.29
N GLU D 55 45.01 31.96 -10.62
CA GLU D 55 45.88 31.15 -11.46
C GLU D 55 45.43 31.29 -12.92
N PHE D 56 46.24 31.99 -13.71
CA PHE D 56 45.96 32.13 -15.14
C PHE D 56 47.26 32.27 -15.91
N PRO D 57 47.87 31.15 -16.28
CA PRO D 57 49.09 31.20 -17.07
C PRO D 57 48.77 31.47 -18.54
N VAL D 58 49.60 32.26 -19.20
CA VAL D 58 49.46 32.48 -20.63
C VAL D 58 50.67 31.88 -21.34
N SER D 59 50.46 31.27 -22.49
CA SER D 59 51.55 30.74 -23.28
C SER D 59 52.38 31.89 -23.84
N GLU D 60 53.68 31.69 -23.93
CA GLU D 60 54.58 32.71 -24.47
C GLU D 60 55.72 32.07 -25.27
N ALA D 61 56.55 32.92 -25.85
CA ALA D 61 57.73 32.47 -26.60
C ALA D 61 58.87 33.46 -26.39
N ARG D 62 59.68 33.22 -25.36
CA ARG D 62 60.79 34.10 -25.04
C ARG D 62 62.00 33.83 -25.94
N VAL D 63 62.44 34.87 -26.64
CA VAL D 63 63.61 34.78 -27.50
C VAL D 63 64.90 34.72 -26.68
N LEU D 64 65.58 33.58 -26.72
CA LEU D 64 66.81 33.39 -25.98
C LEU D 64 67.99 33.97 -26.74
N GLU D 65 68.08 33.64 -28.03
CA GLU D 65 69.12 34.17 -28.91
C GLU D 65 68.50 34.94 -30.07
N ASP D 66 69.19 35.98 -30.52
CA ASP D 66 68.72 36.78 -31.65
C ASP D 66 69.87 37.59 -32.25
N ARG D 67 70.68 36.92 -33.06
CA ARG D 67 71.75 37.59 -33.78
C ARG D 67 71.25 38.01 -35.16
N PRO D 68 71.47 39.29 -35.53
CA PRO D 68 71.14 39.74 -36.87
C PRO D 68 71.84 38.94 -37.97
N LEU D 69 71.14 38.76 -39.09
CA LEU D 69 71.67 38.00 -40.22
C LEU D 69 72.81 38.77 -40.91
N SER D 70 73.80 38.03 -41.42
CA SER D 70 74.99 38.62 -42.02
C SER D 70 74.72 39.21 -43.39
N ASP D 71 75.60 40.12 -43.82
CA ASP D 71 75.53 40.71 -45.16
C ASP D 71 76.48 39.98 -46.12
N LYS D 72 77.61 39.52 -45.58
CA LYS D 72 78.65 38.86 -46.38
C LYS D 72 79.20 37.64 -45.65
N GLY D 73 79.35 36.53 -46.37
CA GLY D 73 79.84 35.28 -45.79
C GLY D 73 81.36 35.21 -45.74
N SER D 74 81.96 36.03 -44.89
CA SER D 74 83.43 36.09 -44.77
C SER D 74 83.86 36.51 -43.37
N GLY D 75 84.71 35.71 -42.75
CA GLY D 75 85.19 35.97 -41.39
C GLY D 75 84.29 35.34 -40.34
N GLN D 79 81.15 35.15 -36.63
CA GLN D 79 80.88 34.08 -37.59
C GLN D 79 79.57 34.35 -38.32
N VAL D 80 79.46 33.81 -39.54
CA VAL D 80 78.30 34.07 -40.40
C VAL D 80 77.01 33.52 -39.80
N THR D 81 75.93 34.28 -39.96
CA THR D 81 74.61 33.90 -39.44
C THR D 81 73.57 34.02 -40.55
N GLN D 82 72.77 32.98 -40.74
CA GLN D 82 71.76 32.93 -41.80
C GLN D 82 70.38 32.44 -41.33
N VAL D 83 70.21 32.28 -40.02
CA VAL D 83 68.89 31.98 -39.43
C VAL D 83 68.74 32.75 -38.13
N SER D 84 67.79 33.68 -38.11
CA SER D 84 67.53 34.50 -36.93
C SER D 84 66.03 34.50 -36.64
N PRO D 85 65.63 34.16 -35.39
CA PRO D 85 66.44 33.88 -34.21
C PRO D 85 67.03 32.48 -34.20
N GLN D 86 68.00 32.25 -33.32
CA GLN D 86 68.71 30.98 -33.26
C GLN D 86 68.13 30.01 -32.23
N ARG D 87 67.58 30.56 -31.14
CA ARG D 87 66.98 29.73 -30.08
C ARG D 87 65.80 30.45 -29.44
N ILE D 88 64.76 29.68 -29.12
CA ILE D 88 63.56 30.22 -28.48
C ILE D 88 63.12 29.32 -27.33
N ALA D 89 62.54 29.93 -26.30
CA ALA D 89 62.00 29.19 -25.16
C ALA D 89 60.49 29.24 -25.22
N LEU D 90 59.89 28.25 -25.86
CA LEU D 90 58.44 28.18 -26.00
C LEU D 90 57.85 27.58 -24.73
N ARG D 91 56.75 28.18 -24.27
CA ARG D 91 56.05 27.67 -23.09
C ARG D 91 54.54 27.68 -23.34
N LEU D 92 53.92 26.52 -23.18
CA LEU D 92 52.50 26.37 -23.49
C LEU D 92 51.72 25.77 -22.33
N ARG D 93 50.41 26.00 -22.36
CA ARG D 93 49.48 25.41 -21.40
C ARG D 93 48.60 24.39 -22.13
N PRO D 94 47.84 23.57 -21.40
CA PRO D 94 47.13 22.43 -22.02
C PRO D 94 46.28 22.79 -23.24
N ASP D 95 46.51 22.09 -24.35
CA ASP D 95 45.76 22.25 -25.60
C ASP D 95 45.89 23.65 -26.23
N ASP D 96 46.90 24.41 -25.81
CA ASP D 96 47.05 25.79 -26.27
C ASP D 96 48.15 25.89 -27.32
N SER D 97 48.05 26.90 -28.17
CA SER D 97 49.01 27.13 -29.24
C SER D 97 49.72 28.47 -29.08
N LYS D 98 50.84 28.62 -29.76
CA LYS D 98 51.61 29.85 -29.74
C LYS D 98 52.35 29.97 -31.06
N ASN D 99 52.41 31.18 -31.60
CA ASN D 99 53.06 31.42 -32.88
C ASN D 99 54.32 32.26 -32.74
N PHE D 100 55.27 32.04 -33.66
CA PHE D 100 56.53 32.77 -33.66
C PHE D 100 57.11 32.74 -35.07
N SER D 101 57.86 33.78 -35.42
CA SER D 101 58.39 33.91 -36.77
C SER D 101 59.80 33.32 -36.87
N ILE D 102 60.31 33.29 -38.09
CA ILE D 102 61.70 32.90 -38.36
C ILE D 102 62.14 33.61 -39.64
N GLN D 103 63.39 34.08 -39.65
CA GLN D 103 63.91 34.82 -40.81
C GLN D 103 65.15 34.15 -41.39
N VAL D 104 64.96 33.45 -42.50
CA VAL D 104 66.06 32.78 -43.20
C VAL D 104 66.55 33.67 -44.33
N ARG D 105 67.85 33.62 -44.61
CA ARG D 105 68.47 34.53 -45.56
C ARG D 105 69.85 34.04 -45.99
N GLN D 106 69.98 33.68 -47.27
CA GLN D 106 71.22 33.15 -47.81
C GLN D 106 72.20 34.29 -48.08
N VAL D 107 73.26 34.34 -47.27
CA VAL D 107 74.26 35.40 -47.37
C VAL D 107 74.96 35.36 -48.72
N GLU D 108 75.46 36.52 -49.14
CA GLU D 108 76.17 36.63 -50.40
C GLU D 108 77.61 36.13 -50.24
N ASP D 109 78.18 35.63 -51.33
CA ASP D 109 79.58 35.21 -51.38
C ASP D 109 79.93 34.21 -50.27
N TYR D 110 78.99 33.31 -49.98
CA TYR D 110 79.22 32.26 -48.99
C TYR D 110 80.14 31.22 -49.61
N PRO D 111 81.06 30.64 -48.80
CA PRO D 111 81.97 29.63 -49.34
C PRO D 111 81.26 28.38 -49.87
N VAL D 112 81.83 27.74 -50.88
CA VAL D 112 81.19 26.62 -51.55
C VAL D 112 82.11 25.39 -51.62
N ASP D 113 81.49 24.22 -51.59
CA ASP D 113 82.18 22.95 -51.80
C ASP D 113 81.54 22.22 -52.99
N ILE D 114 82.36 21.55 -53.78
CA ILE D 114 81.88 20.85 -54.97
C ILE D 114 82.59 19.50 -55.10
N TYR D 115 81.92 18.43 -54.74
CA TYR D 115 82.44 17.08 -54.94
C TYR D 115 81.83 16.52 -56.22
N TYR D 116 82.68 15.96 -57.08
CA TYR D 116 82.27 15.54 -58.41
C TYR D 116 82.23 14.01 -58.49
N LEU D 117 81.05 13.44 -58.24
CA LEU D 117 80.86 11.99 -58.36
C LEU D 117 80.55 11.64 -59.79
N MET D 118 81.36 10.75 -60.38
CA MET D 118 81.24 10.45 -61.78
C MET D 118 81.12 8.95 -62.08
N ASP D 119 80.16 8.62 -62.94
CA ASP D 119 80.08 7.30 -63.55
C ASP D 119 81.29 7.11 -64.44
N LEU D 120 82.01 6.01 -64.25
CA LEU D 120 83.14 5.67 -65.12
C LEU D 120 82.97 4.26 -65.71
N SER D 121 81.77 4.00 -66.21
CA SER D 121 81.53 2.79 -67.00
C SER D 121 81.88 3.11 -68.44
N TYR D 122 81.91 2.09 -69.30
CA TYR D 122 82.51 2.24 -70.63
C TYR D 122 82.01 3.45 -71.42
N SER D 123 80.71 3.76 -71.30
CA SER D 123 80.10 4.84 -72.07
C SER D 123 80.46 6.24 -71.59
N MET D 124 81.34 6.34 -70.59
CA MET D 124 81.76 7.63 -70.06
C MET D 124 83.24 7.88 -70.35
N LYS D 125 83.77 7.19 -71.36
CA LYS D 125 85.16 7.34 -71.74
C LYS D 125 85.41 8.72 -72.36
N ASP D 126 84.56 9.10 -73.30
CA ASP D 126 84.65 10.41 -73.95
C ASP D 126 84.34 11.54 -72.97
N ASP D 127 83.60 11.24 -71.92
CA ASP D 127 83.28 12.22 -70.88
C ASP D 127 84.52 12.64 -70.11
N LEU D 128 85.48 11.72 -69.95
CA LEU D 128 86.75 12.04 -69.30
C LEU D 128 87.57 13.02 -70.12
N TRP D 129 87.55 12.85 -71.44
CA TRP D 129 88.33 13.70 -72.33
C TRP D 129 87.88 15.16 -72.24
N SER D 130 86.56 15.36 -72.21
CA SER D 130 86.00 16.71 -72.17
C SER D 130 86.03 17.33 -70.77
N ILE D 131 86.42 16.53 -69.77
CA ILE D 131 86.51 17.00 -68.39
C ILE D 131 87.96 17.24 -67.97
N GLN D 132 88.89 17.02 -68.89
CA GLN D 132 90.33 17.12 -68.60
C GLN D 132 90.72 18.45 -67.95
N ASN D 133 90.09 19.55 -68.34
CA ASN D 133 90.44 20.87 -67.83
C ASN D 133 89.37 21.52 -66.95
N LEU D 134 88.27 20.81 -66.73
CA LEU D 134 87.30 21.21 -65.71
C LEU D 134 88.07 21.32 -64.40
N GLY D 135 87.63 22.21 -63.52
CA GLY D 135 88.31 22.45 -62.26
C GLY D 135 88.84 23.87 -62.21
N THR D 136 89.82 24.16 -63.07
CA THR D 136 90.32 25.53 -63.22
C THR D 136 89.33 26.34 -64.05
N LYS D 137 88.73 25.69 -65.05
CA LYS D 137 87.68 26.30 -65.86
C LYS D 137 86.41 26.48 -65.03
N LEU D 138 86.23 25.61 -64.04
CA LEU D 138 85.16 25.76 -63.07
C LEU D 138 85.50 26.91 -62.12
N ALA D 139 86.73 26.88 -61.60
CA ALA D 139 87.21 27.90 -60.66
C ALA D 139 86.97 29.31 -61.19
N THR D 140 87.35 29.56 -62.43
CA THR D 140 87.23 30.89 -63.02
C THR D 140 85.78 31.41 -63.00
N GLN D 141 84.83 30.53 -63.33
CA GLN D 141 83.42 30.90 -63.34
C GLN D 141 82.85 30.93 -61.92
N MET D 142 83.45 30.16 -61.01
CA MET D 142 82.97 30.06 -59.65
C MET D 142 83.55 31.15 -58.74
N ARG D 143 84.70 31.70 -59.13
CA ARG D 143 85.30 32.81 -58.39
C ARG D 143 84.40 34.05 -58.37
N LYS D 144 83.57 34.19 -59.40
CA LYS D 144 82.62 35.30 -59.49
C LYS D 144 81.52 35.17 -58.44
N LEU D 145 81.14 33.94 -58.12
CA LEU D 145 80.06 33.67 -57.16
C LEU D 145 80.56 33.55 -55.72
N THR D 146 81.78 33.03 -55.54
CA THR D 146 82.32 32.81 -54.20
C THR D 146 83.83 32.95 -54.15
N SER D 147 84.32 33.62 -53.11
CA SER D 147 85.75 33.87 -52.92
C SER D 147 86.48 32.62 -52.47
N ASN D 148 85.92 31.93 -51.47
CA ASN D 148 86.49 30.69 -50.96
C ASN D 148 85.80 29.49 -51.58
N LEU D 149 86.59 28.60 -52.17
CA LEU D 149 86.06 27.41 -52.84
C LEU D 149 87.03 26.23 -52.71
N ARG D 150 86.48 25.03 -52.57
CA ARG D 150 87.26 23.81 -52.58
C ARG D 150 86.51 22.72 -53.34
N ILE D 151 87.25 21.98 -54.17
CA ILE D 151 86.64 21.00 -55.08
C ILE D 151 87.28 19.64 -54.89
N GLY D 152 86.49 18.59 -55.08
CA GLY D 152 86.98 17.21 -54.98
C GLY D 152 86.45 16.35 -56.12
N PHE D 153 86.81 15.07 -56.10
CA PHE D 153 86.40 14.14 -57.15
C PHE D 153 86.31 12.72 -56.64
N GLY D 154 85.29 12.00 -57.11
CA GLY D 154 85.09 10.59 -56.81
C GLY D 154 84.55 9.89 -58.03
N ALA D 155 84.65 8.56 -58.05
CA ALA D 155 84.22 7.78 -59.20
C ALA D 155 83.53 6.51 -58.76
N PHE D 156 82.64 6.00 -59.61
CA PHE D 156 81.90 4.79 -59.30
C PHE D 156 81.48 4.07 -60.58
N VAL D 157 81.26 2.76 -60.47
CA VAL D 157 80.70 1.97 -61.55
C VAL D 157 79.54 1.14 -61.00
N ASP D 158 79.84 0.02 -60.35
CA ASP D 158 78.81 -0.80 -59.72
C ASP D 158 79.47 -1.82 -58.80
N LYS D 159 78.66 -2.60 -58.10
CA LYS D 159 79.16 -3.62 -57.19
C LYS D 159 79.94 -4.70 -57.94
N PRO D 160 81.25 -4.82 -57.68
CA PRO D 160 82.07 -5.81 -58.40
C PRO D 160 81.75 -7.26 -58.03
N VAL D 161 80.67 -7.79 -58.61
CA VAL D 161 80.23 -9.16 -58.32
C VAL D 161 79.23 -9.63 -59.36
N SER D 162 79.34 -10.88 -59.78
CA SER D 162 78.38 -11.47 -60.71
C SER D 162 76.95 -11.28 -60.20
N PRO D 163 76.00 -11.00 -61.11
CA PRO D 163 76.12 -10.84 -62.54
C PRO D 163 76.42 -9.41 -62.99
N TYR D 164 76.70 -8.51 -62.06
CA TYR D 164 76.98 -7.14 -62.43
C TYR D 164 78.29 -7.06 -63.21
N MET D 165 79.33 -7.71 -62.70
CA MET D 165 80.62 -7.73 -63.40
C MET D 165 80.78 -9.02 -64.20
N TYR D 166 81.56 -8.95 -65.27
CA TYR D 166 81.92 -10.12 -66.06
C TYR D 166 82.96 -10.94 -65.31
N ILE D 167 82.72 -12.24 -65.17
CA ILE D 167 83.61 -13.10 -64.39
C ILE D 167 84.30 -14.19 -65.22
N SER D 168 84.24 -14.07 -66.55
CA SER D 168 84.93 -15.00 -67.44
C SER D 168 85.25 -14.31 -68.77
N PRO D 169 86.40 -14.63 -69.38
CA PRO D 169 87.44 -15.55 -68.90
C PRO D 169 88.26 -14.95 -67.76
N PRO D 170 89.21 -15.72 -67.20
CA PRO D 170 90.11 -15.23 -66.15
C PRO D 170 90.79 -13.89 -66.48
N GLU D 171 91.06 -13.64 -67.76
CA GLU D 171 91.64 -12.36 -68.17
C GLU D 171 90.61 -11.22 -68.09
N ALA D 172 89.33 -11.56 -68.13
CA ALA D 172 88.26 -10.56 -68.06
C ALA D 172 88.23 -9.87 -66.69
N LEU D 173 88.57 -10.62 -65.65
CA LEU D 173 88.63 -10.05 -64.30
C LEU D 173 89.72 -8.99 -64.22
N GLU D 174 90.86 -9.28 -64.84
CA GLU D 174 91.98 -8.36 -64.87
C GLU D 174 91.69 -7.18 -65.79
N ASN D 175 91.05 -7.45 -66.93
CA ASN D 175 90.71 -6.42 -67.91
C ASN D 175 89.33 -6.65 -68.49
N PRO D 176 88.31 -5.97 -67.92
CA PRO D 176 86.91 -6.09 -68.39
C PRO D 176 86.71 -5.82 -69.89
N CYS D 177 87.64 -5.12 -70.52
CA CYS D 177 87.58 -4.84 -71.95
C CYS D 177 88.46 -5.82 -72.74
N TYR D 178 88.31 -7.11 -72.43
CA TYR D 178 89.17 -8.14 -73.02
C TYR D 178 88.85 -8.39 -74.48
N ASP D 179 87.58 -8.64 -74.78
CA ASP D 179 87.14 -8.93 -76.15
C ASP D 179 87.32 -7.74 -77.08
N MET D 180 87.37 -6.53 -76.52
CA MET D 180 87.64 -5.33 -77.30
C MET D 180 89.15 -5.07 -77.33
N LYS D 181 89.58 -4.21 -78.25
CA LYS D 181 91.01 -3.93 -78.42
C LYS D 181 91.60 -3.17 -77.24
N THR D 182 90.92 -2.12 -76.82
CA THR D 182 91.40 -1.28 -75.71
C THR D 182 91.23 -2.00 -74.38
N THR D 183 92.12 -1.70 -73.44
CA THR D 183 92.05 -2.27 -72.09
C THR D 183 91.57 -1.23 -71.11
N CYS D 184 90.74 -1.64 -70.15
CA CYS D 184 90.18 -0.74 -69.16
C CYS D 184 90.43 -1.25 -67.75
N LEU D 185 90.16 -0.39 -66.76
CA LEU D 185 90.40 -0.74 -65.36
C LEU D 185 89.51 -1.89 -64.92
N PRO D 186 89.96 -2.66 -63.92
CA PRO D 186 89.06 -3.61 -63.28
C PRO D 186 87.94 -2.87 -62.58
N MET D 187 86.79 -3.52 -62.43
CA MET D 187 85.61 -2.87 -61.89
C MET D 187 85.82 -2.40 -60.44
N PHE D 188 85.18 -1.28 -60.09
CA PHE D 188 85.21 -0.78 -58.73
C PHE D 188 83.84 -0.22 -58.34
N GLY D 189 83.44 -0.45 -57.10
CA GLY D 189 82.14 0.02 -56.61
C GLY D 189 82.12 1.52 -56.51
N TYR D 190 82.89 2.04 -55.57
CA TYR D 190 83.11 3.48 -55.44
C TYR D 190 84.52 3.69 -54.92
N LYS D 191 85.21 4.68 -55.48
CA LYS D 191 86.51 5.07 -54.96
C LYS D 191 86.61 6.57 -54.83
N HIS D 192 87.02 7.03 -53.65
CA HIS D 192 87.34 8.43 -53.44
C HIS D 192 88.66 8.68 -54.16
N VAL D 193 88.83 9.89 -54.70
CA VAL D 193 90.03 10.21 -55.45
C VAL D 193 90.71 11.47 -54.92
N LEU D 194 89.97 12.57 -54.88
CA LEU D 194 90.52 13.84 -54.44
C LEU D 194 89.68 14.48 -53.33
N THR D 195 90.26 14.57 -52.14
CA THR D 195 89.64 15.27 -51.03
C THR D 195 89.49 16.74 -51.39
N LEU D 196 88.42 17.38 -50.90
CA LEU D 196 88.18 18.79 -51.19
C LEU D 196 89.41 19.62 -50.85
N THR D 197 90.09 20.12 -51.88
CA THR D 197 91.29 20.95 -51.71
C THR D 197 91.13 22.31 -52.39
N ASP D 198 91.99 23.26 -52.03
CA ASP D 198 91.90 24.62 -52.56
C ASP D 198 92.64 24.79 -53.88
N GLN D 199 93.60 23.90 -54.15
CA GLN D 199 94.35 23.92 -55.41
C GLN D 199 93.57 23.20 -56.49
N VAL D 200 92.81 23.96 -57.26
CA VAL D 200 91.94 23.41 -58.32
C VAL D 200 92.71 22.66 -59.41
N THR D 201 93.97 23.04 -59.63
CA THR D 201 94.79 22.40 -60.65
C THR D 201 95.01 20.91 -60.38
N ARG D 202 94.98 20.52 -59.11
CA ARG D 202 95.13 19.11 -58.72
C ARG D 202 93.91 18.28 -59.15
N PHE D 203 92.76 18.92 -59.28
CA PHE D 203 91.59 18.24 -59.86
C PHE D 203 91.92 17.85 -61.29
N ASN D 204 92.36 18.83 -62.06
CA ASN D 204 92.74 18.60 -63.45
C ASN D 204 93.81 17.52 -63.56
N GLU D 205 94.70 17.47 -62.57
CA GLU D 205 95.76 16.46 -62.53
C GLU D 205 95.22 15.05 -62.32
N GLU D 206 94.27 14.90 -61.39
CA GLU D 206 93.76 13.59 -61.02
C GLU D 206 92.81 12.98 -62.04
N VAL D 207 92.04 13.83 -62.71
CA VAL D 207 91.09 13.35 -63.73
C VAL D 207 91.80 12.72 -64.94
N LYS D 208 92.99 13.22 -65.26
CA LYS D 208 93.76 12.71 -66.39
C LYS D 208 94.40 11.35 -66.09
N LYS D 209 94.53 11.02 -64.81
CA LYS D 209 95.05 9.72 -64.39
C LYS D 209 93.97 8.64 -64.44
N GLN D 210 92.71 9.05 -64.30
CA GLN D 210 91.60 8.11 -64.21
C GLN D 210 91.23 7.53 -65.57
N SER D 211 90.53 6.39 -65.51
CA SER D 211 90.02 5.73 -66.71
C SER D 211 88.68 5.10 -66.40
N VAL D 212 88.08 4.46 -67.41
CA VAL D 212 86.78 3.80 -67.24
C VAL D 212 86.93 2.31 -66.98
N SER D 213 85.80 1.66 -66.69
CA SER D 213 85.73 0.21 -66.60
C SER D 213 84.48 -0.27 -67.33
N ARG D 214 84.05 -1.49 -67.07
CA ARG D 214 82.90 -2.05 -67.79
C ARG D 214 82.10 -3.03 -66.93
N ASN D 215 80.79 -3.06 -67.14
CA ASN D 215 79.91 -4.01 -66.45
C ASN D 215 78.72 -4.40 -67.32
N ARG D 216 77.93 -5.36 -66.85
CA ARG D 216 76.90 -6.00 -67.68
C ARG D 216 75.57 -5.25 -67.74
N ASP D 217 74.97 -4.95 -66.59
CA ASP D 217 73.63 -4.38 -66.58
C ASP D 217 73.62 -2.85 -66.57
N ALA D 218 72.56 -2.27 -67.14
CA ALA D 218 72.49 -0.83 -67.39
C ALA D 218 72.47 0.03 -66.12
N PRO D 219 71.61 -0.30 -65.14
CA PRO D 219 71.59 0.46 -63.91
C PRO D 219 72.93 0.38 -63.18
N GLU D 220 73.31 1.46 -62.50
CA GLU D 220 74.63 1.52 -61.88
C GLU D 220 74.54 1.78 -60.38
N GLY D 221 75.65 1.55 -59.69
CA GLY D 221 75.73 1.69 -58.24
C GLY D 221 76.07 3.09 -57.78
N GLY D 222 75.41 4.08 -58.35
CA GLY D 222 75.66 5.48 -58.02
C GLY D 222 75.15 5.87 -56.65
N PHE D 223 74.15 5.15 -56.17
CA PHE D 223 73.54 5.44 -54.88
C PHE D 223 74.44 5.01 -53.71
N ASP D 224 75.20 3.92 -53.90
CA ASP D 224 76.26 3.55 -52.96
C ASP D 224 77.28 4.69 -52.84
N ALA D 225 77.64 5.27 -53.98
CA ALA D 225 78.60 6.38 -54.00
C ALA D 225 78.04 7.58 -53.24
N ILE D 226 76.83 8.01 -53.62
CA ILE D 226 76.18 9.14 -52.97
C ILE D 226 76.15 8.98 -51.45
N MET D 227 75.83 7.78 -50.99
CA MET D 227 75.77 7.48 -49.56
C MET D 227 77.14 7.66 -48.90
N GLN D 228 78.16 7.02 -49.47
CA GLN D 228 79.51 7.08 -48.91
C GLN D 228 80.12 8.49 -49.02
N ALA D 229 79.83 9.18 -50.12
CA ALA D 229 80.34 10.53 -50.31
C ALA D 229 79.72 11.51 -49.32
N THR D 230 78.58 11.13 -48.74
CA THR D 230 77.92 11.95 -47.74
C THR D 230 78.32 11.55 -46.33
N VAL D 231 78.29 10.25 -46.03
CA VAL D 231 78.51 9.77 -44.65
C VAL D 231 79.98 9.80 -44.22
N CYS D 232 80.90 9.76 -45.19
CA CYS D 232 82.33 9.84 -44.90
C CYS D 232 82.81 11.29 -44.90
N ASP D 233 82.38 12.07 -43.91
CA ASP D 233 82.72 13.50 -43.83
C ASP D 233 84.22 13.77 -43.81
N GLU D 234 84.93 13.02 -42.95
CA GLU D 234 86.33 13.27 -42.69
C GLU D 234 87.24 12.94 -43.87
N LYS D 235 86.77 12.06 -44.77
CA LYS D 235 87.55 11.68 -45.94
C LYS D 235 87.27 12.60 -47.12
N ILE D 236 86.01 12.94 -47.34
CA ILE D 236 85.63 13.85 -48.41
C ILE D 236 86.10 15.26 -48.08
N GLY D 237 85.78 15.72 -46.87
CA GLY D 237 86.25 17.01 -46.37
C GLY D 237 85.27 18.16 -46.56
N TRP D 238 84.02 17.93 -46.17
CA TRP D 238 82.99 18.97 -46.24
C TRP D 238 83.26 20.04 -45.19
N ARG D 239 83.16 21.30 -45.59
CA ARG D 239 83.38 22.42 -44.67
C ARG D 239 82.15 22.66 -43.78
N ASN D 240 82.39 23.00 -42.53
CA ASN D 240 81.30 23.26 -41.58
C ASN D 240 80.52 24.52 -41.92
N ASP D 241 81.22 25.54 -42.43
CA ASP D 241 80.57 26.77 -42.87
C ASP D 241 80.76 26.96 -44.37
N ALA D 242 80.04 26.17 -45.15
CA ALA D 242 80.09 26.26 -46.61
C ALA D 242 78.96 25.46 -47.25
N SER D 243 78.49 25.93 -48.41
CA SER D 243 77.47 25.22 -49.16
C SER D 243 78.06 23.94 -49.75
N HIS D 244 77.29 22.86 -49.70
CA HIS D 244 77.75 21.56 -50.15
CA HIS D 244 77.77 21.56 -50.16
C HIS D 244 77.05 21.14 -51.43
N LEU D 245 77.77 21.16 -52.55
CA LEU D 245 77.24 20.71 -53.82
C LEU D 245 77.85 19.34 -54.14
N LEU D 246 76.99 18.34 -54.31
CA LEU D 246 77.41 17.00 -54.70
C LEU D 246 76.96 16.73 -56.13
N VAL D 247 77.86 16.95 -57.09
CA VAL D 247 77.57 16.74 -58.50
C VAL D 247 77.56 15.25 -58.82
N PHE D 248 76.43 14.75 -59.32
CA PHE D 248 76.25 13.35 -59.64
C PHE D 248 76.01 13.20 -61.14
N THR D 249 77.03 12.71 -61.85
CA THR D 249 76.97 12.60 -63.31
C THR D 249 76.89 11.15 -63.79
N THR D 250 75.85 10.84 -64.55
CA THR D 250 75.68 9.52 -65.12
C THR D 250 74.72 9.55 -66.30
N ASP D 251 74.67 8.45 -67.05
CA ASP D 251 73.87 8.38 -68.28
C ASP D 251 72.88 7.21 -68.27
N ALA D 252 72.69 6.59 -67.11
CA ALA D 252 71.86 5.41 -67.00
C ALA D 252 71.06 5.42 -65.71
N LYS D 253 70.28 4.38 -65.50
CA LYS D 253 69.51 4.22 -64.28
C LYS D 253 70.44 4.00 -63.10
N THR D 254 69.88 4.07 -61.90
CA THR D 254 70.60 3.73 -60.69
C THR D 254 69.92 2.55 -59.99
N HIS D 255 70.72 1.64 -59.43
CA HIS D 255 70.20 0.57 -58.59
C HIS D 255 69.70 1.18 -57.29
N ILE D 256 68.80 0.46 -56.64
CA ILE D 256 68.21 0.89 -55.39
C ILE D 256 68.15 -0.31 -54.45
N ALA D 257 67.86 -0.04 -53.18
CA ALA D 257 67.82 -1.09 -52.16
C ALA D 257 66.92 -2.23 -52.60
N LEU D 258 67.37 -3.45 -52.29
CA LEU D 258 66.66 -4.70 -52.59
C LEU D 258 67.04 -5.31 -53.96
N ASP D 259 67.73 -4.54 -54.80
CA ASP D 259 68.26 -5.07 -56.06
C ASP D 259 69.34 -6.11 -55.79
N GLY D 260 70.15 -5.83 -54.76
CA GLY D 260 71.28 -6.68 -54.39
C GLY D 260 70.99 -8.16 -54.25
N ARG D 261 69.73 -8.52 -54.04
CA ARG D 261 69.36 -9.93 -53.93
C ARG D 261 69.78 -10.73 -55.17
N LEU D 262 69.71 -10.11 -56.34
CA LEU D 262 70.17 -10.76 -57.57
C LEU D 262 71.68 -11.04 -57.55
N ALA D 263 72.42 -10.34 -56.70
CA ALA D 263 73.85 -10.63 -56.50
C ALA D 263 74.10 -11.40 -55.20
N GLY D 264 73.04 -11.95 -54.63
CA GLY D 264 73.14 -12.71 -53.38
C GLY D 264 73.31 -11.85 -52.13
N ILE D 265 73.21 -10.54 -52.29
CA ILE D 265 73.35 -9.61 -51.17
C ILE D 265 72.00 -9.29 -50.56
N VAL D 266 71.83 -9.59 -49.28
CA VAL D 266 70.58 -9.29 -48.58
C VAL D 266 70.77 -8.32 -47.41
N GLN D 267 71.95 -8.31 -46.80
CA GLN D 267 72.22 -7.41 -45.68
C GLN D 267 71.80 -5.97 -46.02
N PRO D 268 70.94 -5.37 -45.18
CA PRO D 268 70.55 -3.98 -45.43
C PRO D 268 71.70 -2.98 -45.29
N ASN D 269 71.59 -1.86 -46.00
CA ASN D 269 72.58 -0.80 -45.91
C ASN D 269 72.52 -0.14 -44.54
N ASP D 270 73.68 -0.06 -43.87
CA ASP D 270 73.73 0.45 -42.49
C ASP D 270 73.86 1.98 -42.41
N GLY D 271 74.10 2.62 -43.54
CA GLY D 271 74.28 4.07 -43.57
C GLY D 271 75.60 4.52 -42.95
N GLN D 272 76.53 3.59 -42.78
CA GLN D 272 77.81 3.87 -42.15
C GLN D 272 78.89 4.02 -43.22
N CYS D 273 79.97 4.71 -42.87
CA CYS D 273 81.10 4.89 -43.77
C CYS D 273 81.96 3.63 -43.81
N HIS D 274 82.37 3.23 -45.00
CA HIS D 274 83.22 2.05 -45.18
C HIS D 274 84.23 2.27 -46.30
N VAL D 275 84.91 3.40 -46.27
CA VAL D 275 85.86 3.75 -47.33
C VAL D 275 87.29 3.40 -46.96
N GLY D 276 87.70 3.67 -45.72
CA GLY D 276 89.02 3.29 -45.25
C GLY D 276 90.18 4.02 -45.92
N SER D 277 91.39 3.57 -45.62
CA SER D 277 92.61 4.26 -46.05
C SER D 277 92.98 4.06 -47.52
N ASP D 278 92.35 3.10 -48.19
CA ASP D 278 92.66 2.83 -49.60
C ASP D 278 91.66 3.48 -50.55
N ASN D 279 90.73 4.25 -49.98
CA ASN D 279 89.74 5.00 -50.77
C ASN D 279 88.88 4.10 -51.65
N HIS D 280 88.37 3.02 -51.08
CA HIS D 280 87.45 2.12 -51.77
C HIS D 280 86.32 1.72 -50.83
N TYR D 281 85.10 1.71 -51.35
CA TYR D 281 83.96 1.22 -50.58
C TYR D 281 84.11 -0.28 -50.39
N SER D 282 84.45 -0.69 -49.16
CA SER D 282 84.77 -2.08 -48.87
C SER D 282 83.54 -2.98 -48.79
N ALA D 283 82.43 -2.43 -48.33
CA ALA D 283 81.21 -3.21 -48.12
C ALA D 283 80.41 -3.39 -49.42
N SER D 284 81.00 -3.01 -50.55
CA SER D 284 80.32 -3.06 -51.85
C SER D 284 79.77 -4.44 -52.19
N THR D 285 80.53 -5.48 -51.87
CA THR D 285 80.14 -6.85 -52.21
C THR D 285 79.37 -7.57 -51.11
N THR D 286 79.25 -6.94 -49.93
CA THR D 286 78.62 -7.58 -48.77
C THR D 286 77.36 -6.87 -48.23
N MET D 287 77.08 -5.68 -48.74
CA MET D 287 75.96 -4.88 -48.23
C MET D 287 75.08 -4.40 -49.38
N ASP D 288 73.78 -4.28 -49.13
CA ASP D 288 72.83 -3.93 -50.18
C ASP D 288 72.90 -2.45 -50.49
N TYR D 289 72.31 -2.06 -51.62
CA TYR D 289 72.20 -0.66 -52.00
C TYR D 289 71.35 0.09 -50.97
N PRO D 290 71.62 1.39 -50.79
CA PRO D 290 70.80 2.19 -49.91
C PRO D 290 69.43 2.47 -50.52
N SER D 291 68.43 2.69 -49.66
CA SER D 291 67.10 3.02 -50.12
C SER D 291 67.00 4.52 -50.30
N LEU D 292 65.94 4.94 -51.00
CA LEU D 292 65.76 6.34 -51.32
C LEU D 292 65.56 7.18 -50.06
N GLY D 293 64.94 6.57 -49.05
CA GLY D 293 64.71 7.25 -47.77
C GLY D 293 65.97 7.40 -46.95
N LEU D 294 66.70 6.29 -46.78
CA LEU D 294 67.92 6.29 -45.96
C LEU D 294 68.95 7.27 -46.52
N MET D 295 69.04 7.35 -47.83
CA MET D 295 69.95 8.26 -48.50
C MET D 295 69.54 9.71 -48.25
N THR D 296 68.23 9.97 -48.26
CA THR D 296 67.72 11.32 -48.03
C THR D 296 67.95 11.75 -46.58
N GLU D 297 67.82 10.81 -45.65
CA GLU D 297 68.11 11.07 -44.25
C GLU D 297 69.53 11.63 -44.11
N LYS D 298 70.50 10.91 -44.69
CA LYS D 298 71.91 11.28 -44.55
C LYS D 298 72.23 12.54 -45.35
N LEU D 299 71.62 12.69 -46.51
CA LEU D 299 71.78 13.91 -47.30
C LEU D 299 71.29 15.12 -46.51
N SER D 300 70.19 14.94 -45.78
CA SER D 300 69.60 16.01 -44.99
C SER D 300 70.45 16.33 -43.76
N GLN D 301 70.95 15.29 -43.09
CA GLN D 301 71.74 15.47 -41.87
C GLN D 301 73.08 16.13 -42.14
N LYS D 302 73.69 15.79 -43.28
CA LYS D 302 74.99 16.36 -43.65
C LYS D 302 74.84 17.60 -44.53
N ASN D 303 73.60 18.08 -44.68
CA ASN D 303 73.32 19.31 -45.44
C ASN D 303 73.96 19.31 -46.81
N ILE D 304 73.67 18.28 -47.60
CA ILE D 304 74.23 18.16 -48.94
C ILE D 304 73.17 18.45 -50.00
N ASN D 305 73.53 19.25 -50.99
CA ASN D 305 72.65 19.49 -52.14
C ASN D 305 73.02 18.59 -53.32
N LEU D 306 72.32 17.47 -53.45
CA LEU D 306 72.58 16.52 -54.53
C LEU D 306 72.12 17.07 -55.86
N ILE D 307 73.04 17.13 -56.82
CA ILE D 307 72.76 17.63 -58.16
C ILE D 307 72.78 16.48 -59.15
N PHE D 308 71.62 16.19 -59.73
CA PHE D 308 71.50 15.13 -60.72
C PHE D 308 71.89 15.65 -62.10
N ALA D 309 73.13 15.44 -62.49
CA ALA D 309 73.58 15.76 -63.85
C ALA D 309 73.49 14.50 -64.70
N VAL D 310 72.44 14.40 -65.50
CA VAL D 310 72.16 13.18 -66.26
C VAL D 310 71.88 13.45 -67.73
N THR D 311 71.96 12.40 -68.53
CA THR D 311 71.69 12.50 -69.96
C THR D 311 70.20 12.53 -70.24
N GLU D 312 69.84 13.08 -71.40
CA GLU D 312 68.45 13.30 -71.78
C GLU D 312 67.59 12.04 -71.65
N ASN D 313 68.15 10.90 -72.04
CA ASN D 313 67.41 9.63 -72.03
C ASN D 313 66.86 9.24 -70.67
N VAL D 314 67.48 9.72 -69.59
CA VAL D 314 67.09 9.34 -68.23
C VAL D 314 66.74 10.55 -67.35
N VAL D 315 66.53 11.70 -67.96
CA VAL D 315 66.23 12.93 -67.22
C VAL D 315 64.95 12.81 -66.39
N ASN D 316 63.89 12.27 -66.99
CA ASN D 316 62.61 12.13 -66.29
C ASN D 316 62.73 11.29 -65.03
N LEU D 317 63.51 10.22 -65.12
CA LEU D 317 63.75 9.32 -63.98
C LEU D 317 64.27 10.10 -62.78
N TYR D 318 65.30 10.89 -63.00
CA TYR D 318 65.94 11.62 -61.91
C TYR D 318 65.14 12.87 -61.50
N GLN D 319 64.45 13.48 -62.46
CA GLN D 319 63.58 14.60 -62.15
CA GLN D 319 63.56 14.60 -62.17
C GLN D 319 62.49 14.15 -61.18
N ASN D 320 62.00 12.92 -61.37
CA ASN D 320 61.02 12.35 -60.47
C ASN D 320 61.63 12.09 -59.09
N TYR D 321 62.82 11.48 -59.05
CA TYR D 321 63.52 11.27 -57.79
C TYR D 321 63.70 12.58 -57.04
N SER D 322 64.07 13.63 -57.77
CA SER D 322 64.32 14.95 -57.18
C SER D 322 63.10 15.53 -56.47
N GLU D 323 61.91 15.19 -56.94
CA GLU D 323 60.66 15.58 -56.27
C GLU D 323 60.58 14.97 -54.87
N LEU D 324 61.10 13.76 -54.71
CA LEU D 324 61.08 13.09 -53.41
C LEU D 324 62.19 13.60 -52.50
N ILE D 325 63.35 13.91 -53.06
CA ILE D 325 64.51 14.32 -52.27
C ILE D 325 64.65 15.83 -52.21
N PRO D 326 64.34 16.44 -51.05
CA PRO D 326 64.47 17.89 -50.94
C PRO D 326 65.91 18.35 -51.01
N GLY D 327 66.12 19.57 -51.50
CA GLY D 327 67.47 20.12 -51.64
C GLY D 327 68.24 19.55 -52.81
N THR D 328 67.54 19.36 -53.94
CA THR D 328 68.15 18.75 -55.13
C THR D 328 67.67 19.46 -56.39
N THR D 329 68.40 19.25 -57.48
CA THR D 329 68.03 19.80 -58.79
C THR D 329 68.53 18.87 -59.87
N VAL D 330 67.90 18.94 -61.05
CA VAL D 330 68.31 18.12 -62.18
C VAL D 330 68.81 18.99 -63.32
N GLY D 331 69.78 18.48 -64.07
CA GLY D 331 70.34 19.18 -65.22
C GLY D 331 70.60 18.21 -66.36
N VAL D 332 70.29 18.64 -67.58
CA VAL D 332 70.49 17.79 -68.75
C VAL D 332 71.94 17.88 -69.22
N LEU D 333 72.69 16.79 -69.00
CA LEU D 333 74.08 16.70 -69.40
C LEU D 333 74.16 16.20 -70.84
N SER D 334 75.06 16.78 -71.63
CA SER D 334 75.30 16.30 -72.99
C SER D 334 76.03 14.95 -72.93
N MET D 335 75.81 14.11 -73.93
CA MET D 335 76.32 12.74 -73.92
C MET D 335 77.85 12.66 -73.71
N ASP D 336 78.56 13.75 -74.00
CA ASP D 336 80.01 13.79 -73.79
C ASP D 336 80.43 14.68 -72.61
N SER D 337 79.45 15.10 -71.81
CA SER D 337 79.70 15.97 -70.64
C SER D 337 80.45 17.26 -71.00
N SER D 338 80.16 17.79 -72.19
CA SER D 338 80.84 19.00 -72.67
C SER D 338 80.26 20.26 -72.02
N ASN D 339 79.00 20.19 -71.59
CA ASN D 339 78.31 21.33 -71.00
C ASN D 339 78.25 21.28 -69.48
N VAL D 340 79.07 20.42 -68.88
CA VAL D 340 79.01 20.17 -67.44
C VAL D 340 79.33 21.42 -66.60
N LEU D 341 80.23 22.26 -67.09
CA LEU D 341 80.61 23.47 -66.36
C LEU D 341 79.40 24.38 -66.14
N GLN D 342 78.83 24.87 -67.23
CA GLN D 342 77.71 25.81 -67.16
C GLN D 342 76.56 25.24 -66.35
N LEU D 343 76.35 23.93 -66.49
CA LEU D 343 75.31 23.24 -65.75
C LEU D 343 75.46 23.51 -64.26
N ILE D 344 76.61 23.16 -63.70
CA ILE D 344 76.86 23.30 -62.26
C ILE D 344 76.53 24.71 -61.78
N VAL D 345 77.02 25.72 -62.51
CA VAL D 345 76.78 27.11 -62.19
C VAL D 345 75.29 27.41 -62.10
N ASP D 346 74.54 26.99 -63.12
CA ASP D 346 73.08 27.17 -63.12
C ASP D 346 72.46 26.37 -61.99
N ALA D 347 72.97 25.17 -61.75
CA ALA D 347 72.46 24.32 -60.68
C ALA D 347 72.63 24.98 -59.32
N TYR D 348 73.77 25.64 -59.12
CA TYR D 348 74.03 26.37 -57.88
C TYR D 348 73.01 27.50 -57.73
N GLY D 349 72.85 28.29 -58.78
CA GLY D 349 71.88 29.38 -58.79
C GLY D 349 70.47 28.87 -58.62
N LYS D 350 70.20 27.67 -59.13
CA LYS D 350 68.89 27.04 -59.00
C LYS D 350 68.70 26.51 -57.58
N ILE D 351 69.74 25.88 -57.02
CA ILE D 351 69.69 25.41 -55.63
C ILE D 351 69.39 26.56 -54.69
N ARG D 352 70.18 27.63 -54.81
CA ARG D 352 70.02 28.81 -53.95
C ARG D 352 68.81 29.67 -54.33
N SER D 353 68.12 29.31 -55.41
CA SER D 353 66.86 29.96 -55.77
C SER D 353 65.78 29.65 -54.73
N LYS D 354 65.79 28.43 -54.21
CA LYS D 354 64.76 27.98 -53.28
C LYS D 354 65.26 28.02 -51.83
N VAL D 355 64.34 28.27 -50.91
CA VAL D 355 64.62 28.21 -49.48
C VAL D 355 63.51 27.44 -48.78
N GLU D 356 63.76 26.17 -48.46
CA GLU D 356 62.75 25.32 -47.85
C GLU D 356 63.13 24.93 -46.42
N LEU D 357 62.14 24.93 -45.53
CA LEU D 357 62.36 24.59 -44.13
C LEU D 357 62.12 23.12 -43.89
N GLU D 358 62.81 22.57 -42.88
CA GLU D 358 62.58 21.20 -42.44
C GLU D 358 62.57 21.12 -40.93
N VAL D 359 61.64 20.33 -40.39
CA VAL D 359 61.52 20.13 -38.96
C VAL D 359 62.33 18.89 -38.57
N ARG D 360 62.77 18.83 -37.31
CA ARG D 360 63.63 17.76 -36.86
C ARG D 360 63.34 17.41 -35.40
N ASP D 361 63.32 16.11 -35.10
CA ASP D 361 63.10 15.62 -33.75
C ASP D 361 61.84 16.22 -33.10
N LEU D 362 60.76 16.29 -33.87
CA LEU D 362 59.52 16.87 -33.37
C LEU D 362 58.78 15.86 -32.50
N PRO D 363 58.48 16.23 -31.24
CA PRO D 363 57.69 15.32 -30.40
C PRO D 363 56.29 15.10 -30.96
N GLU D 364 55.77 13.89 -30.76
CA GLU D 364 54.46 13.52 -31.29
C GLU D 364 53.31 14.29 -30.64
N GLU D 365 53.55 14.84 -29.45
CA GLU D 365 52.54 15.64 -28.75
C GLU D 365 52.35 17.01 -29.42
N LEU D 366 53.36 17.46 -30.14
CA LEU D 366 53.33 18.77 -30.80
C LEU D 366 52.93 18.66 -32.26
N SER D 367 52.44 19.77 -32.80
CA SER D 367 52.10 19.88 -34.22
C SER D 367 52.30 21.34 -34.65
N LEU D 368 52.91 21.54 -35.81
CA LEU D 368 53.25 22.88 -36.29
C LEU D 368 52.37 23.34 -37.46
N SER D 369 52.41 24.65 -37.74
CA SER D 369 51.64 25.24 -38.83
C SER D 369 52.41 26.42 -39.42
N PHE D 370 52.63 26.39 -40.74
CA PHE D 370 53.53 27.34 -41.39
C PHE D 370 52.84 28.30 -42.35
N ASN D 371 53.17 29.59 -42.23
CA ASN D 371 52.80 30.60 -43.21
C ASN D 371 54.06 31.27 -43.75
N ALA D 372 54.28 31.20 -45.05
CA ALA D 372 55.49 31.74 -45.67
C ALA D 372 55.25 33.13 -46.26
N THR D 373 56.26 33.99 -46.17
CA THR D 373 56.22 35.34 -46.75
C THR D 373 57.48 35.58 -47.58
N CYS D 374 57.34 35.46 -48.90
CA CYS D 374 58.47 35.55 -49.81
C CYS D 374 58.59 36.95 -50.40
N LEU D 375 59.02 37.05 -51.66
CA LEU D 375 59.22 38.36 -52.30
C LEU D 375 58.02 39.27 -52.13
N ASN D 376 58.29 40.57 -52.05
CA ASN D 376 57.30 41.56 -51.63
C ASN D 376 56.81 41.18 -50.23
N ASN D 377 55.51 41.30 -49.98
CA ASN D 377 54.91 40.79 -48.75
C ASN D 377 53.74 39.86 -49.07
N GLU D 378 53.97 38.96 -50.02
CA GLU D 378 52.96 37.98 -50.41
C GLU D 378 52.93 36.85 -49.39
N VAL D 379 52.14 37.02 -48.33
CA VAL D 379 51.99 36.01 -47.31
C VAL D 379 51.11 34.87 -47.83
N ILE D 380 51.72 33.68 -47.98
CA ILE D 380 51.01 32.51 -48.47
C ILE D 380 50.80 31.51 -47.33
N PRO D 381 49.55 31.35 -46.87
CA PRO D 381 49.29 30.41 -45.77
C PRO D 381 49.53 28.95 -46.16
N GLY D 382 50.08 28.17 -45.23
CA GLY D 382 50.27 26.74 -45.42
C GLY D 382 51.47 26.40 -46.29
N LEU D 383 52.56 27.15 -46.13
CA LEU D 383 53.73 26.97 -46.96
C LEU D 383 55.02 27.24 -46.17
N LYS D 384 56.04 26.43 -46.41
CA LYS D 384 57.34 26.61 -45.76
C LYS D 384 58.47 26.53 -46.79
N SER D 385 58.25 27.17 -47.94
CA SER D 385 59.23 27.18 -49.01
C SER D 385 59.02 28.37 -49.94
N CYS D 386 60.08 29.12 -50.20
CA CYS D 386 60.06 30.24 -51.13
C CYS D 386 60.98 29.94 -52.31
N MET D 387 60.54 30.29 -53.51
CA MET D 387 61.37 30.10 -54.71
C MET D 387 61.27 31.32 -55.63
N GLY D 388 62.29 31.48 -56.47
CA GLY D 388 62.42 32.66 -57.32
C GLY D 388 63.23 33.76 -56.66
N LEU D 389 64.14 33.36 -55.77
CA LEU D 389 64.95 34.30 -55.02
C LEU D 389 66.35 34.39 -55.61
N LYS D 390 67.09 35.43 -55.22
CA LYS D 390 68.47 35.60 -55.63
C LYS D 390 69.39 35.66 -54.41
N ILE D 391 70.59 35.13 -54.55
CA ILE D 391 71.57 35.09 -53.47
C ILE D 391 71.67 36.45 -52.77
N GLY D 392 71.22 36.49 -51.52
CA GLY D 392 71.19 37.73 -50.75
C GLY D 392 69.80 38.07 -50.26
N ASP D 393 68.78 37.70 -51.03
CA ASP D 393 67.40 37.98 -50.67
C ASP D 393 67.04 37.35 -49.32
N THR D 394 65.99 37.86 -48.69
CA THR D 394 65.60 37.43 -47.35
C THR D 394 64.08 37.22 -47.25
N VAL D 395 63.69 36.12 -46.60
CA VAL D 395 62.28 35.77 -46.45
C VAL D 395 62.00 35.33 -45.01
N SER D 396 60.71 35.26 -44.67
CA SER D 396 60.31 34.91 -43.31
C SER D 396 59.18 33.89 -43.32
N PHE D 397 59.14 33.09 -42.26
CA PHE D 397 58.05 32.13 -42.07
C PHE D 397 57.45 32.34 -40.69
N SER D 398 56.14 32.18 -40.61
CA SER D 398 55.42 32.23 -39.34
C SER D 398 55.02 30.82 -38.94
N ILE D 399 55.67 30.31 -37.90
CA ILE D 399 55.44 28.95 -37.43
C ILE D 399 54.55 29.00 -36.20
N GLU D 400 53.73 27.97 -36.02
CA GLU D 400 52.80 27.93 -34.89
C GLU D 400 52.67 26.51 -34.33
N ALA D 401 53.21 26.32 -33.12
CA ALA D 401 53.18 25.02 -32.46
C ALA D 401 52.02 24.92 -31.49
N LYS D 402 51.14 23.94 -31.72
CA LYS D 402 50.10 23.59 -30.77
C LYS D 402 50.52 22.33 -30.02
N VAL D 403 50.10 22.20 -28.77
CA VAL D 403 50.31 20.97 -28.02
C VAL D 403 48.97 20.29 -27.81
N ARG D 404 48.98 18.97 -27.68
CA ARG D 404 47.75 18.21 -27.46
C ARG D 404 47.74 17.63 -26.05
N GLY D 405 46.84 18.15 -25.21
CA GLY D 405 46.78 17.75 -23.81
C GLY D 405 47.96 18.32 -23.04
N CYS D 406 48.48 17.53 -22.10
CA CYS D 406 49.64 17.92 -21.31
C CYS D 406 50.56 16.73 -21.06
N PRO D 407 51.72 16.69 -21.74
CA PRO D 407 52.64 15.55 -21.61
C PRO D 407 53.22 15.38 -20.22
N GLN D 408 53.56 14.15 -19.86
CA GLN D 408 54.23 13.88 -18.58
C GLN D 408 55.63 14.49 -18.58
N GLU D 409 56.40 14.22 -19.64
CA GLU D 409 57.71 14.81 -19.79
C GLU D 409 57.56 16.33 -19.89
N LYS D 410 58.18 17.03 -18.93
CA LYS D 410 57.97 18.46 -18.76
C LYS D 410 58.76 19.29 -19.75
N GLU D 411 59.88 18.75 -20.24
CA GLU D 411 60.79 19.50 -21.10
C GLU D 411 61.13 18.73 -22.37
N LYS D 412 60.77 19.32 -23.51
CA LYS D 412 61.10 18.75 -24.82
C LYS D 412 61.69 19.85 -25.70
N SER D 413 62.26 19.45 -26.84
CA SER D 413 62.82 20.42 -27.78
C SER D 413 63.01 19.84 -29.18
N PHE D 414 62.64 20.64 -30.17
CA PHE D 414 62.77 20.25 -31.58
C PHE D 414 63.60 21.30 -32.34
N THR D 415 63.79 21.09 -33.63
CA THR D 415 64.61 21.99 -34.44
C THR D 415 63.95 22.34 -35.78
N ILE D 416 63.76 23.63 -36.02
CA ILE D 416 63.38 24.14 -37.34
C ILE D 416 64.66 24.51 -38.08
N LYS D 417 64.72 24.19 -39.36
CA LYS D 417 65.98 24.23 -40.10
C LYS D 417 65.73 24.38 -41.60
N PRO D 418 66.51 25.25 -42.26
CA PRO D 418 66.46 25.35 -43.71
C PRO D 418 67.29 24.23 -44.35
N VAL D 419 66.76 23.61 -45.40
CA VAL D 419 67.42 22.47 -46.03
C VAL D 419 68.74 22.88 -46.67
N GLY D 420 69.81 22.16 -46.32
CA GLY D 420 71.12 22.37 -46.92
C GLY D 420 71.95 23.44 -46.22
N PHE D 421 71.61 23.76 -44.99
CA PHE D 421 72.38 24.71 -44.20
C PHE D 421 72.53 24.27 -42.75
N LYS D 422 73.70 24.55 -42.17
CA LYS D 422 74.01 24.15 -40.81
C LYS D 422 73.15 24.90 -39.79
N ASP D 423 72.79 26.13 -40.12
CA ASP D 423 72.06 26.99 -39.19
C ASP D 423 70.70 26.41 -38.86
N SER D 424 70.18 26.76 -37.70
CA SER D 424 68.91 26.23 -37.25
C SER D 424 68.33 27.01 -36.07
N LEU D 425 67.01 27.03 -35.99
CA LEU D 425 66.30 27.62 -34.87
C LEU D 425 65.79 26.50 -33.96
N ILE D 426 66.43 26.34 -32.81
CA ILE D 426 66.00 25.35 -31.83
C ILE D 426 64.87 25.92 -30.99
N VAL D 427 63.88 25.09 -30.68
CA VAL D 427 62.76 25.53 -29.87
C VAL D 427 62.64 24.67 -28.61
N GLN D 428 63.03 25.24 -27.47
CA GLN D 428 62.90 24.57 -26.18
C GLN D 428 61.46 24.75 -25.68
N VAL D 429 60.72 23.65 -25.59
CA VAL D 429 59.32 23.69 -25.17
C VAL D 429 59.16 23.36 -23.69
N THR D 430 58.37 24.17 -23.00
CA THR D 430 58.07 23.95 -21.59
C THR D 430 56.55 23.87 -21.42
N PHE D 431 56.08 22.87 -20.68
CA PHE D 431 54.65 22.67 -20.48
C PHE D 431 54.23 23.11 -19.09
N ASP D 432 53.36 24.11 -19.04
CA ASP D 432 52.89 24.68 -17.78
C ASP D 432 51.44 24.31 -17.55
N CYS D 433 51.21 23.22 -16.82
CA CYS D 433 49.86 22.70 -16.57
C CYS D 433 49.46 22.70 -15.10
N ASP D 434 50.44 22.76 -14.21
CA ASP D 434 50.19 22.72 -12.76
C ASP D 434 50.00 24.13 -12.20
N CYS D 435 49.26 24.21 -11.09
CA CYS D 435 49.03 25.47 -10.40
C CYS D 435 50.05 25.66 -9.29
N ALA D 436 50.41 26.91 -9.03
CA ALA D 436 51.38 27.23 -8.00
C ALA D 436 50.89 26.83 -6.61
N CYS D 437 49.57 26.89 -6.41
CA CYS D 437 48.97 26.58 -5.11
C CYS D 437 49.01 25.08 -4.77
N GLN D 438 49.25 24.24 -5.76
CA GLN D 438 49.40 22.80 -5.54
C GLN D 438 50.62 22.49 -4.67
N ALA D 439 51.64 23.33 -4.78
CA ALA D 439 52.84 23.20 -3.95
C ALA D 439 52.54 23.43 -2.47
N GLN D 440 51.54 24.26 -2.18
CA GLN D 440 51.10 24.52 -0.81
C GLN D 440 49.78 23.80 -0.50
N ALA D 441 49.63 22.58 -1.03
CA ALA D 441 48.43 21.79 -0.80
C ALA D 441 48.42 21.24 0.62
N GLU D 442 47.28 20.69 1.04
CA GLU D 442 47.10 20.20 2.41
C GLU D 442 46.34 18.87 2.41
N PRO D 443 47.07 17.74 2.38
CA PRO D 443 46.42 16.43 2.41
C PRO D 443 46.00 16.04 3.82
N ASN D 444 44.98 15.19 3.93
CA ASN D 444 44.42 14.81 5.22
C ASN D 444 44.15 16.03 6.09
N SER D 445 43.56 17.07 5.49
CA SER D 445 43.37 18.34 6.16
C SER D 445 42.20 18.31 7.13
N HIS D 446 42.28 19.14 8.16
CA HIS D 446 41.20 19.29 9.14
C HIS D 446 39.98 19.96 8.53
N ARG D 447 40.17 20.69 7.42
CA ARG D 447 39.10 21.43 6.77
C ARG D 447 38.17 20.51 5.98
N CYS D 448 38.67 19.35 5.56
CA CYS D 448 37.90 18.42 4.76
C CYS D 448 37.40 17.22 5.58
N ASN D 449 36.51 17.50 6.53
CA ASN D 449 35.87 16.44 7.33
C ASN D 449 36.87 15.54 8.04
N ASN D 450 37.71 16.14 8.89
CA ASN D 450 38.72 15.40 9.66
C ASN D 450 39.55 14.43 8.81
N GLY D 451 40.07 14.93 7.69
CA GLY D 451 40.98 14.17 6.85
C GLY D 451 40.33 13.21 5.88
N ASN D 452 39.32 13.70 5.15
CA ASN D 452 38.69 12.91 4.09
C ASN D 452 38.88 13.56 2.71
N GLY D 453 39.97 14.29 2.55
CA GLY D 453 40.29 14.96 1.29
C GLY D 453 41.42 15.95 1.44
N THR D 454 42.05 16.28 0.33
CA THR D 454 43.16 17.22 0.32
C THR D 454 42.66 18.63 0.00
N PHE D 455 43.05 19.60 0.83
CA PHE D 455 42.63 20.98 0.63
C PHE D 455 43.71 21.75 -0.13
N GLU D 456 43.49 21.95 -1.43
CA GLU D 456 44.43 22.72 -2.24
C GLU D 456 43.70 23.76 -3.09
N CYS D 457 44.26 24.96 -3.13
CA CYS D 457 43.73 26.05 -3.95
C CYS D 457 42.29 26.40 -3.61
N GLY D 458 41.95 26.38 -2.33
CA GLY D 458 40.64 26.79 -1.85
C GLY D 458 39.51 25.81 -2.13
N VAL D 459 39.83 24.51 -2.16
CA VAL D 459 38.82 23.49 -2.43
C VAL D 459 39.25 22.13 -1.87
N CYS D 460 38.29 21.39 -1.32
CA CYS D 460 38.54 20.05 -0.82
C CYS D 460 38.45 19.03 -1.95
N ARG D 461 39.50 18.24 -2.13
CA ARG D 461 39.51 17.15 -3.10
C ARG D 461 39.21 15.85 -2.36
N CYS D 462 37.93 15.50 -2.29
CA CYS D 462 37.47 14.42 -1.42
C CYS D 462 37.96 13.05 -1.88
N GLY D 463 38.30 12.20 -0.90
CA GLY D 463 38.75 10.84 -1.17
C GLY D 463 37.59 9.93 -1.50
N PRO D 464 37.87 8.63 -1.68
CA PRO D 464 36.86 7.65 -2.05
C PRO D 464 35.68 7.58 -1.07
N GLY D 465 34.47 7.73 -1.59
CA GLY D 465 33.25 7.62 -0.79
C GLY D 465 32.57 8.94 -0.51
N TRP D 466 33.35 9.92 -0.05
CA TRP D 466 32.79 11.20 0.42
C TRP D 466 32.70 12.27 -0.68
N LEU D 467 31.66 13.10 -0.58
CA LEU D 467 31.42 14.19 -1.53
C LEU D 467 30.91 15.42 -0.80
N GLY D 468 30.79 16.53 -1.53
CA GLY D 468 30.33 17.80 -0.96
C GLY D 468 31.43 18.86 -0.99
N SER D 469 31.11 20.04 -0.49
CA SER D 469 32.08 21.14 -0.46
C SER D 469 33.23 20.83 0.50
N GLN D 470 32.91 20.28 1.67
CA GLN D 470 33.90 19.90 2.66
C GLN D 470 33.86 18.40 2.93
N CYS D 471 33.46 17.62 1.93
CA CYS D 471 33.38 16.17 2.03
C CYS D 471 32.46 15.71 3.17
N GLU D 472 31.25 16.26 3.20
CA GLU D 472 30.32 15.98 4.29
C GLU D 472 29.70 14.59 4.17
N CYS D 473 28.76 14.43 3.24
CA CYS D 473 27.99 13.19 3.13
C CYS D 473 28.81 12.06 2.51
N SER D 474 28.43 10.83 2.86
CA SER D 474 29.03 9.64 2.30
C SER D 474 28.09 9.02 1.26
N GLU D 475 26.83 8.86 1.64
CA GLU D 475 25.83 8.28 0.76
C GLU D 475 24.45 8.88 1.01
N GLU D 476 23.79 8.46 2.10
CA GLU D 476 22.44 8.93 2.43
C GLU D 476 21.48 8.81 1.25
N GLN D 483 19.26 16.44 -2.14
CA GLN D 483 18.16 16.96 -2.94
C GLN D 483 18.50 18.30 -3.58
N ASP D 484 19.04 18.25 -4.80
CA ASP D 484 19.34 19.45 -5.58
C ASP D 484 19.26 19.14 -7.07
N GLU D 485 19.27 20.19 -7.89
CA GLU D 485 19.13 20.04 -9.33
C GLU D 485 20.34 19.35 -9.97
N CYS D 486 20.15 18.11 -10.39
CA CYS D 486 21.13 17.38 -11.19
C CYS D 486 20.70 17.35 -12.65
N SER D 487 20.04 18.41 -13.10
CA SER D 487 19.60 18.54 -14.49
C SER D 487 19.19 19.98 -14.77
N PRO D 488 19.31 20.42 -16.04
CA PRO D 488 18.98 21.80 -16.41
C PRO D 488 17.54 22.18 -16.07
N ARG D 489 16.57 21.39 -16.54
CA ARG D 489 15.15 21.66 -16.30
C ARG D 489 14.54 20.58 -15.41
N GLU D 490 13.28 20.78 -15.04
CA GLU D 490 12.59 19.84 -14.15
C GLU D 490 11.99 18.66 -14.90
N GLY D 491 11.71 18.84 -16.20
CA GLY D 491 11.18 17.76 -17.04
C GLY D 491 12.27 16.84 -17.56
N GLN D 492 13.48 17.38 -17.71
CA GLN D 492 14.61 16.63 -18.26
C GLN D 492 15.13 15.60 -17.26
N PRO D 493 15.82 14.55 -17.76
CA PRO D 493 16.26 13.44 -16.91
C PRO D 493 17.46 13.75 -16.03
N VAL D 494 17.83 12.77 -15.20
CA VAL D 494 18.85 12.96 -14.18
C VAL D 494 20.25 12.57 -14.67
N CYS D 495 21.18 13.53 -14.64
CA CYS D 495 22.56 13.30 -15.07
C CYS D 495 22.66 12.67 -16.45
N SER D 496 21.77 13.06 -17.35
CA SER D 496 21.73 12.52 -18.72
C SER D 496 21.74 10.99 -18.73
N GLN D 497 21.21 10.38 -17.67
CA GLN D 497 21.27 8.93 -17.47
C GLN D 497 22.67 8.33 -17.71
N ARG D 498 23.69 9.13 -17.43
CA ARG D 498 25.08 8.67 -17.52
C ARG D 498 25.76 8.71 -16.15
N GLY D 499 25.06 9.19 -15.14
CA GLY D 499 25.60 9.29 -13.79
C GLY D 499 24.53 9.10 -12.73
N GLU D 500 24.89 9.37 -11.48
CA GLU D 500 23.96 9.26 -10.36
C GLU D 500 24.01 10.53 -9.54
N CYS D 501 22.83 11.07 -9.22
CA CYS D 501 22.74 12.31 -8.45
C CYS D 501 22.93 12.04 -6.96
N LEU D 502 24.18 11.76 -6.58
CA LEU D 502 24.53 11.48 -5.20
C LEU D 502 24.98 12.76 -4.52
N CYS D 503 24.32 13.10 -3.41
CA CYS D 503 24.60 14.34 -2.66
C CYS D 503 24.41 15.59 -3.52
N GLY D 504 23.34 15.60 -4.31
CA GLY D 504 23.04 16.74 -5.19
C GLY D 504 24.21 17.07 -6.11
N GLN D 505 24.74 16.04 -6.76
CA GLN D 505 25.93 16.18 -7.58
C GLN D 505 26.10 14.93 -8.44
N CYS D 506 26.20 15.12 -9.75
CA CYS D 506 26.34 13.99 -10.66
C CYS D 506 27.73 13.36 -10.56
N VAL D 507 27.75 12.06 -10.27
CA VAL D 507 28.96 11.26 -10.39
C VAL D 507 28.76 10.29 -11.55
N CYS D 508 29.47 10.54 -12.65
CA CYS D 508 29.24 9.82 -13.89
C CYS D 508 29.65 8.36 -13.83
N HIS D 509 29.01 7.53 -14.66
CA HIS D 509 29.37 6.12 -14.77
C HIS D 509 30.71 5.99 -15.47
N SER D 510 31.40 4.87 -15.24
CA SER D 510 32.62 4.57 -15.96
C SER D 510 32.29 4.23 -17.41
N SER D 511 33.31 3.93 -18.20
CA SER D 511 33.11 3.45 -19.57
C SER D 511 34.36 2.77 -20.10
N ASP D 512 34.17 1.76 -20.94
CA ASP D 512 35.28 1.03 -21.53
C ASP D 512 36.00 1.88 -22.57
N PHE D 513 35.25 2.76 -23.23
CA PHE D 513 35.79 3.58 -24.32
C PHE D 513 36.61 4.76 -23.80
N GLY D 514 36.18 5.35 -22.68
CA GLY D 514 36.91 6.47 -22.10
C GLY D 514 36.28 6.97 -20.81
N LYS D 515 36.40 8.27 -20.58
CA LYS D 515 35.85 8.90 -19.37
C LYS D 515 34.67 9.82 -19.70
N ILE D 516 33.69 9.86 -18.81
CA ILE D 516 32.54 10.75 -18.93
C ILE D 516 32.70 11.92 -17.97
N THR D 517 32.39 13.13 -18.44
CA THR D 517 32.54 14.34 -17.62
C THR D 517 31.37 15.32 -17.85
N GLY D 518 31.40 16.43 -17.11
CA GLY D 518 30.38 17.47 -17.24
C GLY D 518 29.55 17.58 -15.99
N LYS D 519 28.84 18.69 -15.83
CA LYS D 519 28.01 18.91 -14.66
C LYS D 519 26.85 17.91 -14.61
N TYR D 520 26.33 17.57 -15.78
CA TYR D 520 25.24 16.59 -15.90
C TYR D 520 25.67 15.38 -16.72
N CYS D 521 26.97 15.07 -16.66
CA CYS D 521 27.55 13.96 -17.42
C CYS D 521 27.15 13.99 -18.89
N GLU D 522 27.13 15.19 -19.46
CA GLU D 522 26.69 15.39 -20.84
C GLU D 522 27.84 15.35 -21.83
N CYS D 523 29.06 15.52 -21.35
CA CYS D 523 30.24 15.50 -22.20
C CYS D 523 30.80 14.09 -22.32
N ASP D 524 31.15 13.70 -23.55
CA ASP D 524 31.76 12.43 -23.81
C ASP D 524 33.19 12.64 -24.29
N ASP D 525 34.03 11.62 -24.12
CA ASP D 525 35.42 11.69 -24.51
C ASP D 525 35.70 10.83 -25.74
N PHE D 526 34.67 10.15 -26.25
CA PHE D 526 34.86 9.10 -27.25
C PHE D 526 33.69 8.93 -28.24
N SER D 527 32.81 9.92 -28.33
CA SER D 527 31.68 9.85 -29.27
C SER D 527 31.90 10.78 -30.46
N CYS D 528 33.15 11.12 -30.73
CA CYS D 528 33.49 12.00 -31.84
C CYS D 528 33.37 11.28 -33.17
N VAL D 529 33.45 12.06 -34.25
CA VAL D 529 33.26 11.53 -35.60
C VAL D 529 34.51 10.80 -36.08
N ARG D 530 34.30 9.76 -36.89
CA ARG D 530 35.39 8.97 -37.45
C ARG D 530 35.53 9.18 -38.96
N TYR D 531 36.76 9.10 -39.45
CA TYR D 531 37.03 9.25 -40.88
C TYR D 531 37.20 7.87 -41.53
N LYS D 532 38.22 7.14 -41.11
CA LYS D 532 38.44 5.77 -41.59
C LYS D 532 38.87 4.89 -40.43
N GLY D 533 37.93 4.64 -39.51
CA GLY D 533 38.22 3.90 -38.28
C GLY D 533 39.12 4.67 -37.34
N GLU D 534 39.17 5.99 -37.52
CA GLU D 534 40.03 6.87 -36.75
C GLU D 534 39.23 8.04 -36.20
N MET D 535 39.16 8.15 -34.87
CA MET D 535 38.42 9.24 -34.24
C MET D 535 39.13 10.57 -34.50
N CYS D 536 38.38 11.53 -35.03
CA CYS D 536 38.92 12.80 -35.51
C CYS D 536 40.08 12.57 -36.50
N SER D 537 40.03 11.45 -37.22
CA SER D 537 41.05 11.10 -38.21
C SER D 537 42.45 10.92 -37.62
N GLY D 538 42.54 10.79 -36.30
CA GLY D 538 43.84 10.75 -35.62
C GLY D 538 44.64 12.04 -35.75
N HIS D 539 43.95 13.16 -35.97
CA HIS D 539 44.58 14.46 -36.09
C HIS D 539 43.93 15.47 -35.15
N GLY D 540 43.39 15.00 -34.04
CA GLY D 540 42.71 15.86 -33.08
C GLY D 540 42.23 15.09 -31.86
N GLN D 541 42.00 15.81 -30.77
CA GLN D 541 41.57 15.22 -29.53
C GLN D 541 40.05 15.38 -29.37
N CYS D 542 39.39 14.33 -28.93
CA CYS D 542 37.95 14.34 -28.75
C CYS D 542 37.56 14.99 -27.42
N SER D 543 36.68 15.98 -27.48
CA SER D 543 36.28 16.73 -26.29
C SER D 543 34.79 17.07 -26.32
N CYS D 544 34.04 16.42 -25.44
CA CYS D 544 32.61 16.67 -25.32
C CYS D 544 31.88 16.52 -26.65
N GLY D 545 32.21 15.48 -27.40
CA GLY D 545 31.59 15.21 -28.69
C GLY D 545 32.19 15.94 -29.87
N ASP D 546 33.02 16.97 -29.60
CA ASP D 546 33.59 17.80 -30.64
C ASP D 546 35.06 17.46 -30.88
N CYS D 547 35.48 17.50 -32.14
CA CYS D 547 36.89 17.30 -32.49
C CYS D 547 37.66 18.62 -32.45
N LEU D 548 38.64 18.69 -31.55
CA LEU D 548 39.55 19.83 -31.51
C LEU D 548 40.81 19.44 -32.30
N CYS D 549 40.97 20.04 -33.47
CA CYS D 549 42.04 19.63 -34.39
C CYS D 549 43.40 20.14 -33.96
N ASP D 550 44.44 19.49 -34.49
CA ASP D 550 45.80 19.97 -34.33
C ASP D 550 45.99 21.16 -35.27
N SER D 551 47.14 21.83 -35.16
CA SER D 551 47.39 23.03 -35.95
C SER D 551 47.51 22.73 -37.45
N ASP D 552 47.91 21.50 -37.77
CA ASP D 552 48.08 21.06 -39.17
C ASP D 552 46.77 20.83 -39.91
N TRP D 553 45.68 20.59 -39.18
CA TRP D 553 44.44 20.13 -39.79
C TRP D 553 43.23 20.95 -39.39
N THR D 554 42.23 20.97 -40.27
CA THR D 554 40.99 21.70 -40.04
C THR D 554 39.78 20.84 -40.40
N GLY D 555 38.59 21.36 -40.12
CA GLY D 555 37.35 20.70 -40.50
C GLY D 555 36.69 19.93 -39.37
N TYR D 556 35.44 19.53 -39.59
CA TYR D 556 34.65 18.81 -38.60
C TYR D 556 35.23 17.42 -38.31
N TYR D 557 35.96 16.86 -39.26
CA TYR D 557 36.59 15.54 -39.09
C TYR D 557 38.09 15.65 -38.79
N CYS D 558 38.62 16.88 -38.81
CA CYS D 558 40.06 17.11 -38.71
C CYS D 558 40.85 16.32 -39.76
N ASN D 559 40.34 16.28 -40.99
CA ASN D 559 41.04 15.59 -42.07
C ASN D 559 41.33 16.46 -43.28
N CYS D 560 41.10 17.77 -43.15
CA CYS D 560 41.45 18.72 -44.19
C CYS D 560 42.75 19.43 -43.79
N THR D 561 43.84 19.10 -44.48
CA THR D 561 45.15 19.65 -44.14
C THR D 561 45.21 21.16 -44.39
N THR D 562 46.05 21.85 -43.64
CA THR D 562 46.28 23.28 -43.83
C THR D 562 47.41 23.53 -44.81
N ARG D 563 48.17 22.48 -45.11
CA ARG D 563 49.29 22.58 -46.04
C ARG D 563 48.86 23.01 -47.43
N THR D 564 49.72 23.76 -48.11
CA THR D 564 49.50 24.14 -49.50
C THR D 564 50.76 23.82 -50.32
N ASP D 565 51.51 22.81 -49.89
CA ASP D 565 52.74 22.43 -50.55
C ASP D 565 52.45 21.75 -51.88
N THR D 566 51.51 20.81 -51.85
CA THR D 566 51.14 20.06 -53.05
C THR D 566 50.18 20.81 -53.97
N CYS D 567 49.66 21.94 -53.50
CA CYS D 567 48.78 22.77 -54.34
C CYS D 567 49.56 23.63 -55.32
N MET D 568 50.73 24.10 -54.91
CA MET D 568 51.53 24.99 -55.75
C MET D 568 52.27 24.20 -56.82
N SER D 569 52.46 24.83 -57.98
CA SER D 569 53.13 24.21 -59.12
C SER D 569 54.48 24.87 -59.37
N SER D 570 55.09 24.55 -60.50
CA SER D 570 56.37 25.15 -60.89
C SER D 570 56.24 26.65 -61.16
N ASN D 571 55.05 27.08 -61.57
CA ASN D 571 54.79 28.49 -61.84
C ASN D 571 55.26 29.42 -60.73
N GLY D 572 54.64 29.31 -59.56
CA GLY D 572 54.97 30.17 -58.43
C GLY D 572 53.80 30.40 -57.49
N LEU D 573 52.61 30.61 -58.06
CA LEU D 573 51.41 30.83 -57.27
C LEU D 573 50.67 29.52 -57.05
N LEU D 574 49.75 29.51 -56.10
CA LEU D 574 48.99 28.30 -55.76
C LEU D 574 48.03 27.92 -56.88
N CYS D 575 47.97 26.63 -57.20
CA CYS D 575 47.13 26.11 -58.27
C CYS D 575 47.38 26.85 -59.58
N SER D 576 48.65 26.90 -59.99
CA SER D 576 49.07 27.55 -61.23
C SER D 576 48.53 28.97 -61.34
N GLY D 577 47.48 29.15 -62.14
CA GLY D 577 46.88 30.46 -62.35
C GLY D 577 45.76 30.74 -61.38
N ARG D 578 44.63 30.08 -61.59
CA ARG D 578 43.42 30.34 -60.81
C ARG D 578 42.80 29.04 -60.31
N GLY D 579 42.58 28.98 -58.99
CA GLY D 579 42.01 27.80 -58.36
C GLY D 579 42.21 27.81 -56.86
N LYS D 580 41.14 27.51 -56.12
CA LYS D 580 41.20 27.50 -54.66
C LYS D 580 41.82 26.20 -54.16
N CYS D 581 42.84 26.32 -53.32
CA CYS D 581 43.46 25.16 -52.69
C CYS D 581 42.64 24.73 -51.48
N GLU D 582 42.32 23.43 -51.42
CA GLU D 582 41.52 22.88 -50.32
C GLU D 582 42.03 21.51 -49.91
N CYS D 583 42.49 21.42 -48.66
CA CYS D 583 42.94 20.16 -48.08
C CYS D 583 44.09 19.51 -48.86
N GLY D 584 44.94 20.35 -49.46
CA GLY D 584 46.07 19.87 -50.24
C GLY D 584 45.79 19.72 -51.72
N SER D 585 44.51 19.62 -52.08
CA SER D 585 44.11 19.46 -53.48
C SER D 585 43.49 20.73 -54.04
N CYS D 586 43.78 21.02 -55.29
CA CYS D 586 43.25 22.22 -55.95
C CYS D 586 41.82 22.00 -56.42
N VAL D 587 41.00 23.03 -56.25
CA VAL D 587 39.66 23.07 -56.82
C VAL D 587 39.66 24.17 -57.88
N CYS D 588 39.86 23.78 -59.13
CA CYS D 588 40.09 24.75 -60.21
C CYS D 588 38.85 25.60 -60.50
N ILE D 589 39.05 26.91 -60.57
CA ILE D 589 37.98 27.86 -60.82
C ILE D 589 37.94 28.27 -62.28
N GLN D 590 39.11 28.59 -62.84
CA GLN D 590 39.22 29.02 -64.22
C GLN D 590 38.53 28.03 -65.16
N PRO D 591 37.44 28.48 -65.82
CA PRO D 591 36.66 27.59 -66.69
C PRO D 591 37.53 26.80 -67.67
N GLY D 592 37.36 25.49 -67.68
CA GLY D 592 38.07 24.62 -68.62
C GLY D 592 39.38 24.04 -68.10
N SER D 593 39.94 24.65 -67.07
CA SER D 593 41.23 24.22 -66.54
C SER D 593 41.12 22.92 -65.75
N TYR D 594 42.20 22.14 -65.74
CA TYR D 594 42.23 20.87 -65.03
C TYR D 594 43.67 20.46 -64.69
N GLY D 595 43.81 19.35 -63.97
CA GLY D 595 45.12 18.86 -63.55
C GLY D 595 45.29 19.01 -62.05
N ASP D 596 46.37 18.44 -61.52
CA ASP D 596 46.63 18.47 -60.08
C ASP D 596 46.81 19.89 -59.55
N THR D 597 47.34 20.77 -60.38
CA THR D 597 47.56 22.16 -59.99
C THR D 597 46.93 23.14 -60.98
N CYS D 598 45.86 22.71 -61.65
CA CYS D 598 45.21 23.52 -62.68
C CYS D 598 46.20 24.04 -63.74
N GLU D 599 47.23 23.26 -64.02
CA GLU D 599 48.28 23.67 -64.96
C GLU D 599 47.83 23.48 -66.40
N LYS D 600 46.95 22.50 -66.64
CA LYS D 600 46.45 22.21 -67.98
C LYS D 600 45.16 22.99 -68.24
N CYS D 601 45.12 23.70 -69.37
CA CYS D 601 43.91 24.40 -69.78
C CYS D 601 43.97 24.74 -71.27
N PRO D 602 43.55 23.79 -72.12
CA PRO D 602 43.58 23.97 -73.57
C PRO D 602 42.71 25.14 -74.07
N THR D 603 41.54 25.31 -73.47
CA THR D 603 40.59 26.33 -73.93
C THR D 603 40.70 27.65 -73.16
N CYS D 604 41.82 27.86 -72.46
CA CYS D 604 42.07 29.13 -71.81
C CYS D 604 42.42 30.18 -72.86
N PRO D 605 42.10 31.46 -72.57
CA PRO D 605 42.49 32.51 -73.52
C PRO D 605 44.00 32.60 -73.67
N ASP D 606 44.45 33.09 -74.83
CA ASP D 606 45.88 33.25 -75.08
C ASP D 606 46.48 34.30 -74.14
N ALA D 607 47.80 34.40 -74.13
CA ALA D 607 48.49 35.38 -73.29
C ALA D 607 48.12 36.81 -73.66
N CYS D 608 47.75 37.02 -74.93
CA CYS D 608 47.30 38.33 -75.39
C CYS D 608 46.17 38.87 -74.52
N THR D 609 45.15 38.04 -74.32
CA THR D 609 44.00 38.41 -73.50
C THR D 609 44.32 38.28 -72.01
N PHE D 610 45.07 37.23 -71.65
CA PHE D 610 45.39 36.94 -70.26
C PHE D 610 46.38 37.97 -69.70
N LYS D 611 47.52 38.12 -70.36
CA LYS D 611 48.54 39.09 -69.95
C LYS D 611 48.29 40.43 -70.63
N LYS D 612 48.09 41.47 -69.84
CA LYS D 612 47.90 42.82 -70.36
C LYS D 612 48.20 43.87 -69.30
C1 NAG E . -52.66 26.73 32.99
C2 NAG E . -51.59 27.69 33.51
C3 NAG E . -52.03 29.15 33.55
C4 NAG E . -53.13 29.55 32.56
C5 NAG E . -54.06 28.40 32.18
C6 NAG E . -54.95 28.77 31.00
C7 NAG E . -50.36 26.25 35.07
C8 NAG E . -50.03 25.98 36.51
N2 NAG E . -51.18 27.28 34.85
O3 NAG E . -50.89 29.96 33.33
O4 NAG E . -53.92 30.59 33.09
O5 NAG E . -53.30 27.27 31.86
O6 NAG E . -56.20 29.22 31.47
O7 NAG E . -49.88 25.54 34.18
C1 NAG E . -53.36 31.91 32.92
C2 NAG E . -52.92 32.43 34.29
C3 NAG E . -51.99 33.65 34.26
C4 NAG E . -51.10 33.73 33.02
C5 NAG E . -51.86 33.28 31.77
C6 NAG E . -50.98 33.33 30.52
C7 NAG E . -54.31 32.34 36.33
C8 NAG E . -55.59 32.80 36.97
N2 NAG E . -54.11 32.76 35.07
O3 NAG E . -51.16 33.63 35.39
O4 NAG E . -50.67 35.06 32.85
O5 NAG E . -52.30 31.97 31.99
O6 NAG E . -49.88 32.46 30.67
O7 NAG E . -53.51 31.64 36.95
C1 NAG F . -55.50 -1.34 60.12
C2 NAG F . -55.17 -2.53 61.02
C3 NAG F . -54.15 -2.12 62.10
C4 NAG F . -52.95 -1.44 61.47
C5 NAG F . -53.42 -0.31 60.56
C6 NAG F . -52.28 0.40 59.84
C7 NAG F . -57.09 -4.05 61.10
C8 NAG F . -56.62 -4.64 59.80
N2 NAG F . -56.37 -3.07 61.63
O3 NAG F . -53.73 -3.27 62.81
O4 NAG F . -52.11 -0.95 62.49
O5 NAG F . -54.31 -0.81 59.58
O6 NAG F . -51.66 -0.49 58.94
O7 NAG F . -58.11 -4.50 61.65
C1 NAG F . -50.73 -1.37 62.29
C2 NAG F . -49.81 -0.52 63.16
C3 NAG F . -48.35 -0.97 63.03
C4 NAG F . -48.20 -2.49 63.06
C5 NAG F . -49.27 -3.19 62.22
C6 NAG F . -49.23 -4.71 62.38
C7 NAG F . -50.74 1.73 63.44
C8 NAG F . -50.72 3.15 62.96
N2 NAG F . -49.92 0.89 62.81
O3 NAG F . -47.60 -0.41 64.08
O4 NAG F . -46.91 -2.85 62.59
O5 NAG F . -50.55 -2.73 62.60
O6 NAG F . -49.47 -5.06 63.73
O7 NAG F . -51.47 1.39 64.36
C1 MAN F . -46.03 -3.25 63.67
C2 MAN F . -45.92 -4.76 63.69
C3 MAN F . -44.96 -5.24 64.78
C4 MAN F . -43.64 -4.47 64.70
C5 MAN F . -43.89 -2.97 64.62
C6 MAN F . -42.58 -2.21 64.44
O2 MAN F . -45.49 -5.24 62.43
O3 MAN F . -44.71 -6.63 64.62
O4 MAN F . -42.85 -4.77 65.83
O5 MAN F . -44.75 -2.68 63.52
O6 MAN F . -42.85 -0.86 64.10
C1 MAN F . -45.05 -7.43 65.79
C2 MAN F . -46.57 -7.61 65.85
C3 MAN F . -47.27 -6.86 66.97
C4 MAN F . -46.47 -7.02 68.25
C5 MAN F . -45.10 -6.39 68.04
C6 MAN F . -44.26 -6.53 69.32
O2 MAN F . -46.87 -8.99 65.98
O3 MAN F . -48.56 -7.38 67.16
O4 MAN F . -47.14 -6.37 69.31
O5 MAN F . -44.39 -6.98 66.97
O6 MAN F . -44.61 -5.53 70.25
C1 NAG G . -48.43 22.66 39.44
C2 NAG G . -48.24 22.94 37.95
C3 NAG G . -46.78 22.98 37.51
C4 NAG G . -45.89 23.69 38.52
C5 NAG G . -46.21 23.21 39.94
C6 NAG G . -45.36 23.90 40.99
C7 NAG G . -50.27 22.06 36.93
C8 NAG G . -50.90 20.94 36.15
N2 NAG G . -48.98 21.94 37.19
O3 NAG G . -46.68 23.66 36.27
O4 NAG G . -44.54 23.39 38.23
O5 NAG G . -47.57 23.48 40.19
O6 NAG G . -45.42 25.30 40.83
O7 NAG G . -50.96 23.01 37.30
C1 NAG G . -43.82 24.56 37.80
C2 NAG G . -42.32 24.28 37.80
C3 NAG G . -41.56 25.53 37.41
C4 NAG G . -42.07 26.07 36.08
C5 NAG G . -43.61 26.17 36.09
C6 NAG G . -44.15 26.54 34.72
C7 NAG G . -40.97 22.85 39.27
C8 NAG G . -40.33 22.25 38.05
N2 NAG G . -41.90 23.80 39.10
O3 NAG G . -40.17 25.23 37.33
O4 NAG G . -41.55 27.35 35.80
O5 NAG G . -44.20 24.95 36.49
O6 NAG G . -44.10 27.94 34.54
O7 NAG G . -40.63 22.47 40.39
C1 MAN G . -40.15 27.32 35.43
C2 MAN G . -39.92 28.21 34.22
C3 MAN G . -38.43 28.26 33.86
C4 MAN G . -37.57 28.54 35.09
C5 MAN G . -37.96 27.63 36.26
C6 MAN G . -37.19 27.99 37.53
O2 MAN G . -40.40 29.51 34.46
O3 MAN G . -38.22 29.28 32.90
O4 MAN G . -36.22 28.33 34.77
O5 MAN G . -39.34 27.76 36.51
O6 MAN G . -36.03 27.19 37.62
C1 NAG H . -34.19 7.80 -11.06
C2 NAG H . -35.05 7.01 -12.04
C3 NAG H . -34.23 6.25 -13.09
C4 NAG H . -32.98 6.99 -13.55
C5 NAG H . -32.27 7.61 -12.35
C6 NAG H . -31.02 8.38 -12.71
C7 NAG H . -37.20 6.00 -11.44
C8 NAG H . -37.89 4.97 -10.60
N2 NAG H . -35.88 6.07 -11.30
O3 NAG H . -35.05 5.99 -14.21
O4 NAG H . -32.10 6.12 -14.22
O5 NAG H . -33.19 8.49 -11.76
O6 NAG H . -31.37 9.51 -13.48
O7 NAG H . -37.84 6.71 -12.20
C1 NAG H . -32.24 6.20 -15.66
C2 NAG H . -30.86 6.33 -16.31
C3 NAG H . -30.99 6.36 -17.83
C4 NAG H . -31.86 5.21 -18.33
C5 NAG H . -33.18 5.15 -17.55
C6 NAG H . -34.02 3.96 -17.98
C7 NAG H . -28.91 7.65 -15.64
C8 NAG H . -28.41 9.00 -15.19
N2 NAG H . -30.22 7.56 -15.87
O3 NAG H . -29.71 6.26 -18.42
O4 NAG H . -32.12 5.39 -19.71
O5 NAG H . -32.91 5.06 -16.18
O6 NAG H . -35.18 3.90 -17.18
O7 NAG H . -28.13 6.72 -15.78
C1 NAG I . -35.59 5.92 41.67
C2 NAG I . -35.66 5.75 43.18
C3 NAG I . -34.37 6.13 43.88
C4 NAG I . -33.11 5.69 43.12
C5 NAG I . -33.26 5.78 41.61
C6 NAG I . -32.14 5.03 40.89
C7 NAG I . -38.01 6.07 43.81
C8 NAG I . -39.03 7.01 44.36
N2 NAG I . -36.77 6.54 43.70
O3 NAG I . -34.36 5.54 45.16
O4 NAG I . -32.03 6.51 43.52
O5 NAG I . -34.48 5.21 41.20
O6 NAG I . -32.42 3.65 40.90
O7 NAG I . -38.33 4.93 43.49
C1 NAG I . -31.20 5.91 44.55
C2 NAG I . -29.76 6.31 44.28
C3 NAG I . -28.81 5.87 45.39
C4 NAG I . -29.36 6.37 46.71
C5 NAG I . -30.78 5.82 46.88
C6 NAG I . -31.40 6.19 48.23
C7 NAG I . -28.81 6.55 42.04
C8 NAG I . -28.42 5.85 40.77
N2 NAG I . -29.32 5.78 42.99
O3 NAG I . -27.54 6.40 45.12
O4 NAG I . -28.55 6.05 47.83
O5 NAG I . -31.59 6.33 45.84
O6 NAG I . -31.54 7.59 48.34
O7 NAG I . -28.67 7.77 42.14
C1 MAN I . -27.50 7.02 48.09
C2 MAN I . -28.05 8.44 48.22
C3 MAN I . -26.93 9.43 48.52
C4 MAN I . -26.12 8.97 49.71
C5 MAN I . -25.64 7.55 49.47
C6 MAN I . -24.80 7.05 50.64
O2 MAN I . -29.06 8.51 49.20
O3 MAN I . -27.46 10.73 48.73
O4 MAN I . -25.00 9.81 49.90
O5 MAN I . -26.76 6.71 49.27
O6 MAN I . -23.49 7.55 50.53
C1 MAN I . -27.19 11.54 47.58
C2 MAN I . -27.50 13.01 47.90
C3 MAN I . -29.00 13.26 48.00
C4 MAN I . -29.71 12.69 46.77
C5 MAN I . -29.34 11.23 46.59
C6 MAN I . -30.02 10.62 45.37
O2 MAN I . -26.94 13.88 46.93
O3 MAN I . -29.25 14.64 48.10
O4 MAN I . -31.11 12.81 46.94
O5 MAN I . -27.94 11.13 46.43
O6 MAN I . -29.70 11.34 44.21
C1 MAN I . -25.50 13.93 47.01
C2 MAN I . -25.05 15.39 46.96
C3 MAN I . -25.27 15.99 45.56
C4 MAN I . -24.78 15.06 44.46
C5 MAN I . -25.25 13.63 44.68
C6 MAN I . -24.65 12.69 43.64
O2 MAN I . -23.70 15.49 47.32
O3 MAN I . -24.60 17.22 45.48
O4 MAN I . -25.24 15.52 43.21
O5 MAN I . -24.87 13.21 45.97
O6 MAN I . -25.63 12.30 42.71
C1 NAG J . 36.33 -27.18 -68.41
C2 NAG J . 35.10 -26.46 -68.96
C3 NAG J . 33.94 -27.43 -69.15
C4 NAG J . 34.43 -28.61 -69.99
C5 NAG J . 35.59 -29.28 -69.26
C6 NAG J . 36.14 -30.51 -69.98
C7 NAG J . 34.63 -25.33 -66.81
C8 NAG J . 34.21 -24.05 -66.15
N2 NAG J . 34.71 -25.31 -68.14
O3 NAG J . 32.88 -26.78 -69.81
O4 NAG J . 33.34 -29.44 -70.37
O5 NAG J . 36.64 -28.33 -69.15
O6 NAG J . 37.54 -30.42 -70.10
O7 NAG J . 34.86 -26.33 -66.11
C1 NAG J . 32.99 -30.55 -69.52
C2 NAG J . 31.48 -30.53 -69.30
C3 NAG J . 30.90 -31.86 -68.81
C4 NAG J . 31.62 -33.10 -69.36
C5 NAG J . 33.13 -32.90 -69.37
C6 NAG J . 33.85 -34.09 -70.01
C7 NAG J . 29.93 -28.91 -68.31
C8 NAG J . 29.73 -27.86 -67.27
N2 NAG J . 31.14 -29.49 -68.35
O3 NAG J . 29.55 -31.93 -69.19
O4 NAG J . 31.30 -34.21 -68.55
O5 NAG J . 33.40 -31.75 -70.14
O6 NAG J . 34.43 -33.73 -71.24
O7 NAG J . 29.02 -29.22 -69.08
C1 NAG K . 58.01 10.31 -63.82
C2 NAG K . 57.75 9.14 -64.76
C3 NAG K . 56.62 9.38 -65.76
C4 NAG K . 55.44 10.10 -65.12
C5 NAG K . 55.94 11.32 -64.35
C6 NAG K . 54.81 12.09 -63.69
C7 NAG K . 59.90 8.00 -64.99
C8 NAG K . 61.10 7.76 -65.86
N2 NAG K . 58.97 8.81 -65.49
O3 NAG K . 56.21 8.14 -66.29
O4 NAG K . 54.48 10.49 -66.08
O5 NAG K . 56.80 10.86 -63.34
O6 NAG K . 54.58 11.58 -62.39
O7 NAG K . 59.82 7.46 -63.89
C1 NAG K . 53.54 9.44 -66.37
C2 NAG K . 52.12 9.99 -66.45
C3 NAG K . 51.12 8.95 -66.94
C4 NAG K . 51.65 8.15 -68.12
C5 NAG K . 53.07 7.65 -67.82
C6 NAG K . 53.65 6.85 -68.97
C7 NAG K . 50.84 11.46 -64.97
C8 NAG K . 50.49 11.81 -63.55
N2 NAG K . 51.70 10.46 -65.13
O3 NAG K . 49.93 9.60 -67.33
O4 NAG K . 50.80 7.05 -68.35
O5 NAG K . 53.88 8.78 -67.57
O6 NAG K . 53.77 7.68 -70.11
O7 NAG K . 50.34 12.09 -65.90
C1 NAG L . 48.31 31.75 -41.37
C2 NAG L . 48.15 31.85 -39.86
C3 NAG L . 46.72 31.65 -39.40
C4 NAG L . 45.74 32.45 -40.26
C5 NAG L . 46.03 32.24 -41.74
C6 NAG L . 45.10 33.06 -42.61
C7 NAG L . 50.27 31.18 -38.83
C8 NAG L . 51.05 30.07 -38.20
N2 NAG L . 49.03 30.87 -39.22
O3 NAG L . 46.58 32.06 -38.06
O4 NAG L . 44.42 32.03 -39.97
O5 NAG L . 47.37 32.59 -42.01
O6 NAG L . 45.23 34.44 -42.31
O7 NAG L . 50.78 32.28 -38.96
C1 NAG L . 43.63 33.12 -39.49
C2 NAG L . 42.14 32.78 -39.63
C3 NAG L . 41.26 33.87 -39.04
C4 NAG L . 41.73 34.23 -37.64
C5 NAG L . 43.22 34.54 -37.65
C6 NAG L . 43.74 34.89 -36.26
C7 NAG L . 41.57 31.39 -41.58
C8 NAG L . 41.24 31.40 -43.05
N2 NAG L . 41.82 32.58 -41.03
O3 NAG L . 39.92 33.44 -39.01
O4 NAG L . 41.01 35.35 -37.17
O5 NAG L . 43.93 33.41 -38.14
O6 NAG L . 43.83 36.30 -36.14
O7 NAG L . 41.59 30.33 -40.95
C1 NAG M . 36.18 11.19 7.70
C2 NAG M . 37.05 10.21 8.49
C3 NAG M . 36.20 9.29 9.34
C4 NAG M . 35.11 10.04 10.11
C5 NAG M . 34.41 11.05 9.22
C6 NAG M . 33.44 11.94 10.00
C7 NAG M . 39.21 9.58 7.52
C8 NAG M . 39.93 8.68 6.57
N2 NAG M . 37.89 9.42 7.61
O3 NAG M . 37.04 8.61 10.25
O4 NAG M . 34.16 9.13 10.63
O5 NAG M . 35.38 11.89 8.63
O6 NAG M . 34.16 12.83 10.82
O7 NAG M . 39.84 10.41 8.18
C1 NAG M . 34.51 8.68 11.96
C2 NAG M . 33.34 8.88 12.90
C3 NAG M . 33.68 8.38 14.31
C4 NAG M . 34.38 7.02 14.28
C5 NAG M . 35.45 6.94 13.20
C6 NAG M . 36.00 5.52 13.08
C7 NAG M . 31.74 10.70 13.27
C8 NAG M . 31.53 12.18 13.29
N2 NAG M . 32.97 10.29 12.96
O3 NAG M . 32.50 8.27 15.08
O4 NAG M . 34.98 6.80 15.54
O5 NAG M . 34.89 7.32 11.97
O6 NAG M . 36.84 5.44 11.95
O7 NAG M . 30.82 9.94 13.53
C1 NAG N . 37.53 13.84 -45.06
C2 NAG N . 37.30 14.31 -46.49
C3 NAG N . 35.89 14.86 -46.66
C4 NAG N . 34.83 13.90 -46.11
C5 NAG N . 35.25 13.36 -44.74
C6 NAG N . 34.34 12.24 -44.23
C7 NAG N . 39.54 14.99 -47.20
C8 NAG N . 40.45 16.12 -47.56
N2 NAG N . 38.29 15.31 -46.86
O3 NAG N . 35.64 15.11 -48.02
O4 NAG N . 33.62 14.62 -45.98
O5 NAG N . 36.57 12.85 -44.79
O6 NAG N . 34.52 11.09 -45.03
O7 NAG N . 39.96 13.83 -47.23
C1 NAG N . 32.50 14.06 -46.70
C2 NAG N . 32.57 14.36 -48.20
C3 NAG N . 31.34 13.82 -48.90
C4 NAG N . 31.04 12.39 -48.49
C5 NAG N . 31.12 12.20 -46.99
C6 NAG N . 30.98 10.73 -46.58
C7 NAG N . 33.07 16.34 -49.55
C8 NAG N . 33.12 17.84 -49.60
N2 NAG N . 32.68 15.80 -48.40
O3 NAG N . 31.51 13.85 -50.31
O4 NAG N . 29.74 12.05 -48.94
O5 NAG N . 32.37 12.66 -46.53
O6 NAG N . 31.05 10.63 -45.18
O7 NAG N . 33.36 15.68 -50.54
CA CA O . -35.32 -30.12 57.95
CA CA P . -32.24 -20.92 46.83
CA CA Q . -33.89 -23.41 33.65
CA CA R . -40.69 -34.07 28.29
CA CA S . 4.62 0.09 14.58
C1 NAG T . -72.77 -28.68 29.52
C2 NAG T . -73.04 -28.25 28.07
C3 NAG T . -73.49 -26.80 28.00
C4 NAG T . -74.62 -26.51 28.99
C5 NAG T . -74.27 -27.06 30.38
C6 NAG T . -75.42 -26.87 31.37
C7 NAG T . -71.76 -29.43 26.35
C8 NAG T . -70.47 -29.50 25.59
N2 NAG T . -71.85 -28.46 27.25
O3 NAG T . -73.92 -26.49 26.69
O4 NAG T . -74.84 -25.13 29.07
O5 NAG T . -73.94 -28.43 30.28
O6 NAG T . -76.56 -27.60 30.94
O7 NAG T . -72.66 -30.24 26.13
C1 NAG U . -28.96 -14.01 9.12
C2 NAG U . -29.96 -15.06 8.58
C3 NAG U . -30.96 -14.53 7.55
C4 NAG U . -31.44 -13.14 7.92
C5 NAG U . -30.23 -12.24 8.03
C6 NAG U . -30.64 -10.80 8.32
C7 NAG U . -28.83 -17.24 8.72
C8 NAG U . -28.13 -18.32 7.95
N2 NAG U . -29.27 -16.21 8.00
O3 NAG U . -32.06 -15.40 7.46
O4 NAG U . -32.31 -12.68 6.92
O5 NAG U . -29.40 -12.66 9.08
O6 NAG U . -30.07 -10.38 9.53
O7 NAG U . -28.94 -17.33 9.94
N1 IMD V . -3.13 -10.09 4.82
C2 IMD V . -3.19 -9.00 4.01
N3 IMD V . -2.11 -8.24 4.22
C4 IMD V . -1.35 -8.84 5.18
C5 IMD V . -2.00 -10.01 5.54
MG MG W . -73.37 -11.55 62.79
CA CA X . -76.52 -5.93 69.05
CA CA Y . -71.57 -16.01 58.80
CA CA Z . 41.42 -20.18 -64.52
CA CA AA . 37.24 -12.87 -52.34
CA CA BA . 39.30 -16.03 -39.83
CA CA CA . 47.21 -26.37 -35.11
CA CA DA . -1.57 1.21 -18.85
C1 NAG EA . 78.46 -17.39 -35.21
C2 NAG EA . 78.71 -17.61 -33.71
C3 NAG EA . 79.36 -16.42 -33.01
C4 NAG EA . 80.35 -15.66 -33.90
C5 NAG EA . 79.77 -15.46 -35.30
C6 NAG EA . 80.69 -14.67 -36.21
C7 NAG EA . 77.25 -18.88 -32.19
C8 NAG EA . 75.86 -19.02 -31.65
N2 NAG EA . 77.42 -17.89 -33.07
O3 NAG EA . 80.02 -16.89 -31.85
O4 NAG EA . 80.64 -14.41 -33.31
O5 NAG EA . 79.54 -16.74 -35.84
O6 NAG EA . 81.91 -15.35 -36.41
O7 NAG EA . 78.15 -19.65 -31.83
C1 NAG FA . 34.58 -10.10 -15.08
C2 NAG FA . 35.35 -10.65 -13.88
C3 NAG FA . 35.82 -9.52 -12.98
C4 NAG FA . 36.50 -8.43 -13.78
C5 NAG FA . 35.65 -8.03 -14.99
C6 NAG FA . 36.36 -6.98 -15.84
C7 NAG FA . 34.06 -12.70 -13.67
C8 NAG FA . 33.21 -13.57 -12.80
N2 NAG FA . 34.50 -11.57 -13.13
O3 NAG FA . 36.73 -10.04 -12.03
O4 NAG FA . 36.70 -7.29 -12.96
O5 NAG FA . 35.38 -9.17 -15.76
O6 NAG FA . 35.52 -6.60 -16.90
O7 NAG FA . 34.33 -13.05 -14.83
N1 IMD GA . 48.29 2.98 -56.71
C2 IMD GA . 48.34 2.44 -57.95
N3 IMD GA . 47.86 1.17 -57.88
C4 IMD GA . 47.53 0.91 -56.60
C5 IMD GA . 47.81 2.06 -55.86
N1 IMD HA . 66.06 0.13 -61.52
C2 IMD HA . 66.98 -0.21 -60.58
N3 IMD HA . 67.29 -1.52 -60.74
C4 IMD HA . 66.57 -1.99 -61.77
C5 IMD HA . 65.79 -0.96 -62.26
N1 IMD IA . 7.47 -6.97 -9.45
C2 IMD IA . 7.40 -8.07 -8.67
N3 IMD IA . 6.64 -9.00 -9.31
C4 IMD IA . 6.24 -8.47 -10.49
C5 IMD IA . 6.77 -7.19 -10.57
N1 IMD JA . 47.83 -0.97 -39.98
C2 IMD JA . 48.00 -0.97 -38.64
N3 IMD JA . 49.28 -1.27 -38.36
C4 IMD JA . 49.94 -1.47 -39.52
C5 IMD JA . 49.02 -1.28 -40.54
N1 IMD KA . 66.91 -18.93 -29.23
C2 IMD KA . 66.75 -17.60 -29.41
N3 IMD KA . 65.70 -17.18 -28.67
C4 IMD KA . 65.19 -18.25 -28.01
C5 IMD KA . 65.96 -19.36 -28.37
MG MG LA . 76.82 2.53 -67.25
CA CA MA . 79.62 9.44 -73.25
CA CA NA . 75.41 -1.96 -63.66
C1 NAG OA . 51.21 35.75 -34.17
C2 NAG OA . 50.02 36.66 -34.50
C3 NAG OA . 50.42 38.12 -34.63
C4 NAG OA . 51.43 38.56 -33.58
C5 NAG OA . 52.56 37.54 -33.46
C6 NAG OA . 53.56 37.93 -32.38
C7 NAG OA . 48.62 35.12 -35.80
C8 NAG OA . 48.04 34.79 -37.15
N2 NAG OA . 49.39 36.20 -35.73
O3 NAG OA . 49.27 38.93 -34.54
O4 NAG OA . 51.95 39.83 -33.93
O5 NAG OA . 51.98 36.31 -33.12
O6 NAG OA . 54.69 37.08 -32.48
O7 NAG OA . 48.37 34.40 -34.82
#